data_2KNB
#
_entry.id   2KNB
#
loop_
_entity.id
_entity.type
_entity.pdbx_description
1 polymer 'E3 ubiquitin-protein ligase parkin'
2 polymer Endophilin-A1
#
loop_
_entity_poly.entity_id
_entity_poly.type
_entity_poly.pdbx_seq_one_letter_code
_entity_poly.pdbx_strand_id
1 'polypeptide(L)'
;GPLGSMIVFVRFNSSYGFPVEVDSDTSIFQLKEVVAKRQGVPADQLRVIFAGKELQNHLTVQNCDLEQQSIVHIVQRPQR
K
;
A
2 'polypeptide(L)' GSRRASVGSDQPCCRALYDFEPENEGELGFKEGDIITLTNQIDENWYEGMLHGQSGFFPINYVEILVALPH B
#
# COMPACT_ATOMS: atom_id res chain seq x y z
N MET A 6 -13.78 16.42 9.96
CA MET A 6 -12.61 15.70 10.53
C MET A 6 -11.46 15.74 9.54
N ILE A 7 -10.25 15.89 10.04
CA ILE A 7 -9.07 15.95 9.20
C ILE A 7 -8.32 14.63 9.21
N VAL A 8 -8.01 14.14 8.02
CA VAL A 8 -7.25 12.91 7.86
C VAL A 8 -6.10 13.16 6.90
N PHE A 9 -4.94 12.62 7.18
CA PHE A 9 -3.77 12.82 6.33
C PHE A 9 -3.60 11.68 5.35
N VAL A 10 -3.64 12.02 4.06
CA VAL A 10 -3.48 11.02 3.01
C VAL A 10 -2.05 11.03 2.48
N ARG A 11 -1.43 9.87 2.48
CA ARG A 11 -0.06 9.73 2.01
C ARG A 11 -0.01 8.78 0.81
N PHE A 12 0.44 9.29 -0.33
CA PHE A 12 0.54 8.48 -1.55
C PHE A 12 2.01 8.17 -1.86
N ASN A 13 2.50 7.07 -1.27
CA ASN A 13 3.89 6.61 -1.45
C ASN A 13 4.92 7.73 -1.21
N SER A 14 4.51 8.75 -0.49
CA SER A 14 5.37 9.87 -0.18
C SER A 14 5.77 9.84 1.28
N SER A 15 6.57 10.80 1.71
CA SER A 15 6.99 10.87 3.09
C SER A 15 5.94 11.57 3.95
N TYR A 16 5.34 12.62 3.40
CA TYR A 16 4.33 13.41 4.11
C TYR A 16 2.91 12.98 3.74
N GLY A 17 1.94 13.72 4.28
CA GLY A 17 0.55 13.43 4.03
C GLY A 17 -0.28 14.70 3.95
N PHE A 18 -1.15 14.81 2.95
CA PHE A 18 -1.98 15.99 2.80
C PHE A 18 -3.28 15.83 3.59
N PRO A 19 -3.71 16.87 4.33
CA PRO A 19 -4.92 16.81 5.14
C PRO A 19 -6.20 16.99 4.33
N VAL A 20 -7.10 16.03 4.47
CA VAL A 20 -8.38 16.06 3.79
C VAL A 20 -9.51 16.18 4.81
N GLU A 21 -10.45 17.08 4.56
CA GLU A 21 -11.58 17.27 5.47
C GLU A 21 -12.71 16.32 5.11
N VAL A 22 -12.96 15.37 5.98
CA VAL A 22 -14.01 14.38 5.79
C VAL A 22 -15.06 14.47 6.88
N ASP A 23 -16.05 13.60 6.82
CA ASP A 23 -17.11 13.58 7.81
C ASP A 23 -17.26 12.17 8.42
N SER A 24 -18.22 11.99 9.30
CA SER A 24 -18.43 10.71 9.97
C SER A 24 -18.94 9.62 9.03
N ASP A 25 -19.75 9.98 8.04
CA ASP A 25 -20.33 8.99 7.14
C ASP A 25 -19.52 8.82 5.85
N THR A 26 -18.37 9.48 5.75
CA THR A 26 -17.55 9.34 4.55
C THR A 26 -17.05 7.90 4.41
N SER A 27 -17.19 7.35 3.22
CA SER A 27 -16.76 5.99 2.96
C SER A 27 -15.35 5.98 2.39
N ILE A 28 -14.65 4.86 2.56
CA ILE A 28 -13.28 4.70 2.06
C ILE A 28 -13.22 5.01 0.56
N PHE A 29 -14.23 4.56 -0.16
CA PHE A 29 -14.33 4.79 -1.61
C PHE A 29 -14.14 6.27 -1.93
N GLN A 30 -14.83 7.14 -1.18
CA GLN A 30 -14.75 8.58 -1.39
C GLN A 30 -13.33 9.09 -1.19
N LEU A 31 -12.72 8.71 -0.06
CA LEU A 31 -11.35 9.12 0.23
C LEU A 31 -10.40 8.68 -0.88
N LYS A 32 -10.70 7.53 -1.47
CA LYS A 32 -9.88 6.99 -2.56
C LYS A 32 -10.03 7.88 -3.80
N GLU A 33 -11.29 8.25 -4.09
CA GLU A 33 -11.58 9.10 -5.24
C GLU A 33 -10.85 10.43 -5.14
N VAL A 34 -10.66 10.92 -3.92
CA VAL A 34 -9.95 12.18 -3.70
C VAL A 34 -8.55 12.10 -4.29
N VAL A 35 -7.91 10.95 -4.12
CA VAL A 35 -6.57 10.73 -4.65
C VAL A 35 -6.64 10.41 -6.13
N ALA A 36 -7.72 9.72 -6.51
CA ALA A 36 -7.94 9.32 -7.90
C ALA A 36 -7.98 10.53 -8.83
N LYS A 37 -8.74 11.55 -8.44
CA LYS A 37 -8.86 12.77 -9.24
C LYS A 37 -7.59 13.62 -9.16
N ARG A 38 -6.80 13.39 -8.12
CA ARG A 38 -5.58 14.15 -7.92
C ARG A 38 -4.40 13.59 -8.73
N GLN A 39 -4.30 12.28 -8.79
CA GLN A 39 -3.20 11.64 -9.51
C GLN A 39 -3.64 11.09 -10.86
N GLY A 40 -4.92 11.15 -11.15
CA GLY A 40 -5.42 10.62 -12.41
C GLY A 40 -5.24 9.11 -12.48
N VAL A 41 -5.61 8.46 -11.38
CA VAL A 41 -5.47 7.01 -11.27
C VAL A 41 -6.82 6.39 -10.90
N PRO A 42 -7.21 5.31 -11.60
CA PRO A 42 -8.48 4.61 -11.36
C PRO A 42 -8.71 4.30 -9.87
N ALA A 43 -9.90 4.64 -9.39
CA ALA A 43 -10.26 4.43 -7.99
C ALA A 43 -10.34 2.95 -7.63
N ASP A 44 -10.58 2.10 -8.62
CA ASP A 44 -10.70 0.67 -8.40
C ASP A 44 -9.33 0.02 -8.24
N GLN A 45 -8.28 0.80 -8.45
CA GLN A 45 -6.92 0.30 -8.33
C GLN A 45 -6.20 0.95 -7.15
N LEU A 46 -6.94 1.69 -6.34
CA LEU A 46 -6.37 2.36 -5.18
C LEU A 46 -6.76 1.64 -3.90
N ARG A 47 -5.81 1.52 -2.98
CA ARG A 47 -6.06 0.87 -1.70
C ARG A 47 -5.67 1.80 -0.56
N VAL A 48 -6.34 1.64 0.58
CA VAL A 48 -6.08 2.48 1.74
C VAL A 48 -5.58 1.63 2.90
N ILE A 49 -4.43 2.00 3.44
CA ILE A 49 -3.85 1.27 4.56
C ILE A 49 -3.73 2.18 5.77
N PHE A 50 -4.27 1.72 6.90
CA PHE A 50 -4.23 2.48 8.12
C PHE A 50 -3.81 1.58 9.29
N ALA A 51 -2.70 1.93 9.92
CA ALA A 51 -2.17 1.18 11.07
C ALA A 51 -1.89 -0.28 10.71
N GLY A 52 -1.23 -0.49 9.57
CA GLY A 52 -0.89 -1.83 9.13
C GLY A 52 -2.11 -2.65 8.75
N LYS A 53 -3.22 -1.97 8.50
CA LYS A 53 -4.46 -2.64 8.15
C LYS A 53 -5.06 -2.05 6.89
N GLU A 54 -5.36 -2.90 5.93
CA GLU A 54 -5.96 -2.45 4.68
C GLU A 54 -7.46 -2.22 4.91
N LEU A 55 -7.91 -1.00 4.69
CA LEU A 55 -9.30 -0.65 4.89
C LEU A 55 -10.16 -1.04 3.70
N GLN A 56 -11.34 -1.60 4.01
CA GLN A 56 -12.26 -2.03 2.98
C GLN A 56 -13.03 -0.85 2.39
N ASN A 57 -13.17 -0.87 1.08
CA ASN A 57 -13.85 0.17 0.31
C ASN A 57 -15.21 0.61 0.88
N HIS A 58 -16.02 -0.33 1.36
CA HIS A 58 -17.35 0.00 1.87
C HIS A 58 -17.33 0.41 3.35
N LEU A 59 -16.17 0.64 3.92
CA LEU A 59 -16.07 1.05 5.31
C LEU A 59 -16.18 2.57 5.43
N THR A 60 -16.77 3.03 6.51
CA THR A 60 -16.93 4.45 6.75
C THR A 60 -16.10 4.90 7.95
N VAL A 61 -15.91 6.20 8.07
CA VAL A 61 -15.13 6.80 9.15
C VAL A 61 -15.56 6.30 10.53
N GLN A 62 -16.85 6.41 10.83
CA GLN A 62 -17.37 6.00 12.14
C GLN A 62 -17.52 4.48 12.27
N ASN A 63 -16.94 3.73 11.34
CA ASN A 63 -17.03 2.27 11.39
C ASN A 63 -15.64 1.66 11.44
N CYS A 64 -14.63 2.50 11.65
CA CYS A 64 -13.25 2.04 11.73
C CYS A 64 -12.52 2.82 12.82
N ASP A 65 -11.25 2.51 13.03
CA ASP A 65 -10.46 3.20 14.05
C ASP A 65 -9.82 4.48 13.50
N LEU A 66 -10.53 5.12 12.58
CA LEU A 66 -10.06 6.36 11.98
C LEU A 66 -10.58 7.53 12.79
N GLU A 67 -9.67 8.27 13.42
CA GLU A 67 -10.07 9.39 14.25
C GLU A 67 -9.46 10.69 13.72
N GLN A 68 -9.68 11.77 14.47
CA GLN A 68 -9.15 13.08 14.10
C GLN A 68 -7.62 13.11 14.10
N GLN A 69 -7.07 13.68 13.02
CA GLN A 69 -5.61 13.82 12.85
C GLN A 69 -4.91 12.50 12.61
N SER A 70 -5.63 11.53 12.04
CA SER A 70 -5.05 10.24 11.74
C SER A 70 -4.45 10.25 10.34
N ILE A 71 -3.38 9.50 10.13
CA ILE A 71 -2.72 9.44 8.84
C ILE A 71 -2.96 8.08 8.19
N VAL A 72 -3.20 8.10 6.89
CA VAL A 72 -3.46 6.87 6.14
C VAL A 72 -2.55 6.80 4.92
N HIS A 73 -2.25 5.59 4.49
CA HIS A 73 -1.40 5.40 3.34
C HIS A 73 -2.23 4.88 2.17
N ILE A 74 -2.43 5.73 1.18
CA ILE A 74 -3.21 5.36 0.02
C ILE A 74 -2.31 5.23 -1.19
N VAL A 75 -2.28 4.05 -1.78
CA VAL A 75 -1.45 3.80 -2.93
C VAL A 75 -2.17 2.94 -3.95
N GLN A 76 -1.67 2.93 -5.16
CA GLN A 76 -2.23 2.13 -6.22
C GLN A 76 -1.70 0.71 -6.12
N ARG A 77 -2.58 -0.22 -5.81
CA ARG A 77 -2.20 -1.62 -5.68
C ARG A 77 -2.43 -2.34 -7.00
N PRO A 78 -1.35 -2.72 -7.68
CA PRO A 78 -1.45 -3.41 -8.96
C PRO A 78 -1.97 -4.83 -8.80
N GLN A 79 -2.62 -5.34 -9.82
CA GLN A 79 -3.16 -6.68 -9.79
C GLN A 79 -2.86 -7.38 -11.12
N ARG A 80 -2.37 -8.61 -11.05
CA ARG A 80 -2.02 -9.35 -12.26
C ARG A 80 -2.99 -10.52 -12.45
N LYS A 81 -3.89 -10.36 -13.42
CA LYS A 81 -4.87 -11.38 -13.73
C LYS A 81 -4.90 -11.62 -15.24
N ASP B 10 24.96 -6.71 1.70
CA ASP B 10 25.44 -6.85 0.30
C ASP B 10 24.30 -7.29 -0.61
N GLN B 11 23.53 -8.27 -0.16
CA GLN B 11 22.40 -8.77 -0.94
C GLN B 11 21.24 -7.78 -0.85
N PRO B 12 20.75 -7.30 -2.01
CA PRO B 12 19.61 -6.37 -2.06
C PRO B 12 18.39 -6.95 -1.35
N CYS B 13 17.99 -6.30 -0.27
CA CYS B 13 16.84 -6.76 0.50
C CYS B 13 15.87 -5.60 0.73
N CYS B 14 14.61 -5.93 0.89
CA CYS B 14 13.58 -4.93 1.11
C CYS B 14 12.85 -5.21 2.41
N ARG B 15 12.40 -4.15 3.06
CA ARG B 15 11.68 -4.26 4.32
C ARG B 15 10.19 -4.09 4.08
N ALA B 16 9.40 -5.05 4.52
CA ALA B 16 7.95 -4.98 4.36
C ALA B 16 7.38 -3.89 5.24
N LEU B 17 7.05 -2.77 4.62
CA LEU B 17 6.50 -1.63 5.34
C LEU B 17 5.03 -1.86 5.65
N TYR B 18 4.39 -2.76 4.92
CA TYR B 18 2.99 -3.05 5.13
C TYR B 18 2.68 -4.52 4.91
N ASP B 19 1.46 -4.89 5.27
CA ASP B 19 0.97 -6.25 5.14
C ASP B 19 0.53 -6.53 3.72
N PHE B 20 1.02 -7.62 3.13
CA PHE B 20 0.62 -7.97 1.78
C PHE B 20 0.14 -9.42 1.73
N GLU B 21 -1.14 -9.58 1.46
CA GLU B 21 -1.74 -10.90 1.37
C GLU B 21 -1.92 -11.29 -0.09
N PRO B 22 -1.45 -12.49 -0.47
CA PRO B 22 -1.55 -12.97 -1.84
C PRO B 22 -2.99 -13.34 -2.20
N GLU B 23 -3.53 -12.65 -3.19
CA GLU B 23 -4.89 -12.89 -3.64
C GLU B 23 -4.86 -13.58 -4.99
N ASN B 24 -3.74 -13.46 -5.68
CA ASN B 24 -3.56 -14.07 -6.99
C ASN B 24 -2.50 -15.16 -6.91
N GLU B 25 -2.32 -15.88 -8.01
CA GLU B 25 -1.35 -16.95 -8.05
C GLU B 25 0.02 -16.43 -8.47
N GLY B 26 0.98 -16.55 -7.56
CA GLY B 26 2.33 -16.09 -7.84
C GLY B 26 2.71 -14.91 -6.97
N GLU B 27 1.75 -14.38 -6.23
CA GLU B 27 2.01 -13.25 -5.34
C GLU B 27 2.72 -13.74 -4.09
N LEU B 28 3.71 -12.97 -3.65
CA LEU B 28 4.47 -13.33 -2.46
C LEU B 28 3.87 -12.65 -1.24
N GLY B 29 3.30 -13.45 -0.35
CA GLY B 29 2.69 -12.92 0.84
C GLY B 29 3.69 -12.68 1.96
N PHE B 30 3.50 -11.60 2.71
CA PHE B 30 4.39 -11.27 3.82
C PHE B 30 3.68 -10.37 4.81
N LYS B 31 4.23 -10.27 6.01
CA LYS B 31 3.65 -9.45 7.05
C LYS B 31 4.51 -8.21 7.27
N GLU B 32 3.93 -7.20 7.89
CA GLU B 32 4.65 -5.96 8.16
C GLU B 32 5.86 -6.23 9.06
N GLY B 33 7.03 -5.76 8.63
CA GLY B 33 8.23 -5.96 9.40
C GLY B 33 9.07 -7.13 8.91
N ASP B 34 8.61 -7.79 7.86
CA ASP B 34 9.34 -8.92 7.31
C ASP B 34 10.37 -8.47 6.29
N ILE B 35 11.53 -9.12 6.28
CA ILE B 35 12.59 -8.78 5.33
C ILE B 35 12.57 -9.76 4.16
N ILE B 36 12.32 -9.24 2.97
CA ILE B 36 12.24 -10.08 1.77
C ILE B 36 13.54 -10.00 0.97
N THR B 37 13.97 -11.15 0.47
CA THR B 37 15.18 -11.24 -0.33
C THR B 37 14.87 -10.81 -1.77
N LEU B 38 15.01 -9.52 -2.03
CA LEU B 38 14.75 -8.97 -3.36
C LEU B 38 15.77 -9.53 -4.35
N THR B 39 15.29 -10.04 -5.48
CA THR B 39 16.18 -10.62 -6.47
C THR B 39 15.99 -10.05 -7.87
N ASN B 40 14.79 -9.55 -8.18
CA ASN B 40 14.54 -9.04 -9.53
C ASN B 40 13.35 -8.07 -9.55
N GLN B 41 13.21 -7.35 -10.66
CA GLN B 41 12.12 -6.42 -10.85
C GLN B 41 11.32 -6.87 -12.07
N ILE B 42 10.00 -6.90 -11.95
CA ILE B 42 9.16 -7.34 -13.05
C ILE B 42 8.76 -6.15 -13.92
N ASP B 43 8.30 -5.09 -13.28
CA ASP B 43 7.88 -3.89 -13.98
C ASP B 43 8.08 -2.67 -13.09
N GLU B 44 7.34 -1.60 -13.36
CA GLU B 44 7.47 -0.37 -12.59
C GLU B 44 6.68 -0.42 -11.28
N ASN B 45 5.98 -1.51 -11.01
CA ASN B 45 5.20 -1.61 -9.79
C ASN B 45 5.33 -2.97 -9.12
N TRP B 46 5.77 -3.99 -9.87
CA TRP B 46 5.93 -5.33 -9.32
C TRP B 46 7.39 -5.70 -9.10
N TYR B 47 7.69 -6.16 -7.90
CA TYR B 47 9.03 -6.58 -7.52
C TYR B 47 9.05 -8.10 -7.32
N GLU B 48 10.17 -8.71 -7.63
CA GLU B 48 10.32 -10.16 -7.48
C GLU B 48 11.31 -10.47 -6.36
N GLY B 49 10.93 -11.38 -5.47
CA GLY B 49 11.80 -11.74 -4.37
C GLY B 49 11.45 -13.08 -3.76
N MET B 50 12.16 -13.44 -2.70
CA MET B 50 11.93 -14.70 -2.02
C MET B 50 11.77 -14.49 -0.51
N LEU B 51 10.87 -15.25 0.09
CA LEU B 51 10.64 -15.15 1.53
C LEU B 51 10.34 -16.53 2.11
N HIS B 52 11.21 -16.98 3.01
CA HIS B 52 11.07 -18.27 3.69
C HIS B 52 11.10 -19.43 2.68
N GLY B 53 11.74 -19.20 1.55
CA GLY B 53 11.83 -20.24 0.54
C GLY B 53 10.81 -20.05 -0.57
N GLN B 54 9.76 -19.30 -0.28
CA GLN B 54 8.71 -19.05 -1.25
C GLN B 54 9.11 -17.91 -2.18
N SER B 55 8.88 -18.09 -3.47
CA SER B 55 9.22 -17.07 -4.45
C SER B 55 7.95 -16.52 -5.09
N GLY B 56 7.95 -15.22 -5.36
CA GLY B 56 6.79 -14.59 -5.97
C GLY B 56 7.02 -13.12 -6.19
N PHE B 57 5.96 -12.41 -6.56
CA PHE B 57 6.06 -10.98 -6.81
C PHE B 57 5.18 -10.19 -5.84
N PHE B 58 5.56 -8.93 -5.61
CA PHE B 58 4.83 -8.04 -4.70
C PHE B 58 4.97 -6.59 -5.16
N PRO B 59 4.06 -5.70 -4.73
CA PRO B 59 4.09 -4.28 -5.12
C PRO B 59 5.30 -3.53 -4.54
N ILE B 60 5.88 -2.67 -5.36
CA ILE B 60 7.05 -1.87 -4.97
C ILE B 60 6.70 -0.82 -3.92
N ASN B 61 5.49 -0.28 -3.99
CA ASN B 61 5.06 0.76 -3.06
C ASN B 61 4.59 0.18 -1.72
N TYR B 62 4.85 -1.10 -1.51
CA TYR B 62 4.46 -1.75 -0.25
C TYR B 62 5.68 -2.06 0.61
N VAL B 63 6.88 -1.80 0.07
CA VAL B 63 8.10 -2.10 0.81
C VAL B 63 9.10 -0.94 0.79
N GLU B 64 10.11 -1.07 1.65
CA GLU B 64 11.19 -0.09 1.75
C GLU B 64 12.47 -0.68 1.18
N ILE B 65 13.29 0.16 0.57
CA ILE B 65 14.54 -0.28 -0.03
C ILE B 65 15.73 0.00 0.88
N LEU B 66 16.35 -1.06 1.38
CA LEU B 66 17.53 -0.92 2.23
C LEU B 66 18.76 -0.74 1.34
N VAL B 67 18.91 -1.67 0.41
CA VAL B 67 20.00 -1.65 -0.54
C VAL B 67 19.41 -1.56 -1.94
N ALA B 68 19.71 -0.48 -2.63
CA ALA B 68 19.17 -0.26 -3.97
C ALA B 68 19.78 -1.20 -4.99
N LEU B 69 19.09 -1.34 -6.12
CA LEU B 69 19.53 -2.21 -7.20
C LEU B 69 20.55 -1.49 -8.09
N PRO B 70 21.51 -2.24 -8.66
CA PRO B 70 22.53 -1.66 -9.54
C PRO B 70 21.91 -0.98 -10.75
N HIS B 71 22.08 0.33 -10.84
CA HIS B 71 21.53 1.10 -11.95
C HIS B 71 22.52 2.18 -12.35
N MET A 6 -13.61 16.28 9.71
CA MET A 6 -12.47 15.49 10.23
C MET A 6 -11.26 15.63 9.32
N ILE A 7 -10.11 15.93 9.90
CA ILE A 7 -8.88 16.09 9.15
C ILE A 7 -8.11 14.79 9.15
N VAL A 8 -7.89 14.23 7.98
CA VAL A 8 -7.14 13.00 7.86
C VAL A 8 -5.96 13.23 6.94
N PHE A 9 -4.83 12.62 7.24
CA PHE A 9 -3.63 12.80 6.43
C PHE A 9 -3.47 11.65 5.46
N VAL A 10 -3.52 11.97 4.17
CA VAL A 10 -3.38 10.98 3.13
C VAL A 10 -1.93 10.93 2.61
N ARG A 11 -1.34 9.76 2.69
CA ARG A 11 0.03 9.56 2.24
C ARG A 11 0.04 8.74 0.95
N PHE A 12 0.47 9.34 -0.14
CA PHE A 12 0.51 8.65 -1.42
C PHE A 12 1.94 8.36 -1.84
N ASN A 13 2.45 7.20 -1.40
CA ASN A 13 3.82 6.76 -1.70
C ASN A 13 4.82 7.91 -1.45
N SER A 14 4.58 8.64 -0.38
CA SER A 14 5.43 9.77 -0.03
C SER A 14 5.81 9.70 1.44
N SER A 15 6.56 10.69 1.91
CA SER A 15 6.99 10.72 3.30
C SER A 15 5.93 11.36 4.19
N TYR A 16 5.38 12.48 3.74
CA TYR A 16 4.36 13.19 4.51
C TYR A 16 2.96 12.87 3.99
N GLY A 17 1.99 13.68 4.40
CA GLY A 17 0.63 13.47 3.98
C GLY A 17 -0.14 14.77 3.91
N PHE A 18 -1.08 14.84 2.99
CA PHE A 18 -1.90 16.03 2.83
C PHE A 18 -3.19 15.89 3.60
N PRO A 19 -3.60 16.95 4.33
CA PRO A 19 -4.83 16.93 5.12
C PRO A 19 -6.09 17.07 4.27
N VAL A 20 -7.01 16.13 4.43
CA VAL A 20 -8.26 16.15 3.70
C VAL A 20 -9.41 16.20 4.69
N GLU A 21 -10.41 17.04 4.41
CA GLU A 21 -11.57 17.18 5.28
C GLU A 21 -12.64 16.17 4.91
N VAL A 22 -12.84 15.20 5.80
CA VAL A 22 -13.85 14.17 5.58
C VAL A 22 -14.86 14.17 6.73
N ASP A 23 -15.83 13.28 6.66
CA ASP A 23 -16.85 13.19 7.69
C ASP A 23 -16.93 11.75 8.18
N SER A 24 -17.64 11.53 9.28
CA SER A 24 -17.79 10.20 9.87
C SER A 24 -18.36 9.17 8.88
N ASP A 25 -19.28 9.59 8.01
CA ASP A 25 -19.91 8.67 7.05
C ASP A 25 -19.17 8.63 5.71
N THR A 26 -18.00 9.24 5.63
CA THR A 26 -17.22 9.22 4.41
C THR A 26 -16.71 7.81 4.15
N SER A 27 -16.91 7.33 2.93
CA SER A 27 -16.48 5.98 2.55
C SER A 27 -15.03 5.98 2.09
N ILE A 28 -14.36 4.87 2.35
CA ILE A 28 -12.95 4.69 1.97
C ILE A 28 -12.78 4.91 0.47
N PHE A 29 -13.69 4.35 -0.32
CA PHE A 29 -13.64 4.49 -1.77
C PHE A 29 -13.64 5.95 -2.20
N GLN A 30 -14.45 6.76 -1.53
CA GLN A 30 -14.56 8.18 -1.84
C GLN A 30 -13.25 8.90 -1.55
N LEU A 31 -12.66 8.61 -0.39
CA LEU A 31 -11.38 9.20 -0.01
C LEU A 31 -10.31 8.84 -1.03
N LYS A 32 -10.51 7.69 -1.68
CA LYS A 32 -9.57 7.22 -2.70
C LYS A 32 -9.70 8.06 -3.96
N GLU A 33 -10.96 8.36 -4.31
CA GLU A 33 -11.26 9.16 -5.49
C GLU A 33 -10.59 10.54 -5.42
N VAL A 34 -10.40 11.04 -4.20
CA VAL A 34 -9.74 12.33 -4.01
C VAL A 34 -8.32 12.30 -4.56
N VAL A 35 -7.63 11.21 -4.29
CA VAL A 35 -6.27 11.02 -4.75
C VAL A 35 -6.27 10.63 -6.22
N ALA A 36 -7.31 9.89 -6.62
CA ALA A 36 -7.45 9.44 -8.00
C ALA A 36 -7.54 10.62 -8.98
N LYS A 37 -8.35 11.59 -8.64
CA LYS A 37 -8.52 12.76 -9.51
C LYS A 37 -7.35 13.72 -9.36
N ARG A 38 -6.58 13.55 -8.31
CA ARG A 38 -5.40 14.39 -8.08
C ARG A 38 -4.18 13.87 -8.82
N GLN A 39 -4.00 12.55 -8.83
CA GLN A 39 -2.86 11.92 -9.49
C GLN A 39 -3.19 11.43 -10.89
N GLY A 40 -4.49 11.34 -11.21
CA GLY A 40 -4.89 10.86 -12.51
C GLY A 40 -4.65 9.37 -12.64
N VAL A 41 -4.93 8.67 -11.55
CA VAL A 41 -4.76 7.25 -11.48
C VAL A 41 -6.07 6.59 -11.07
N PRO A 42 -6.48 5.49 -11.76
CA PRO A 42 -7.71 4.76 -11.45
C PRO A 42 -7.92 4.51 -9.96
N ALA A 43 -9.07 4.95 -9.47
CA ALA A 43 -9.41 4.83 -8.06
C ALA A 43 -9.45 3.38 -7.58
N ASP A 44 -9.94 2.49 -8.43
CA ASP A 44 -10.05 1.07 -8.06
C ASP A 44 -8.68 0.46 -7.74
N GLN A 45 -7.65 0.88 -8.46
CA GLN A 45 -6.30 0.36 -8.22
C GLN A 45 -5.70 0.91 -6.93
N LEU A 46 -6.24 2.01 -6.44
CA LEU A 46 -5.75 2.62 -5.21
C LEU A 46 -6.20 1.80 -4.00
N ARG A 47 -5.33 1.66 -3.03
CA ARG A 47 -5.64 0.90 -1.83
C ARG A 47 -5.31 1.73 -0.58
N VAL A 48 -6.02 1.46 0.50
CA VAL A 48 -5.80 2.19 1.74
C VAL A 48 -5.40 1.25 2.87
N ILE A 49 -4.22 1.46 3.40
CA ILE A 49 -3.72 0.64 4.49
C ILE A 49 -3.64 1.48 5.76
N PHE A 50 -4.32 1.06 6.80
CA PHE A 50 -4.31 1.80 8.05
C PHE A 50 -4.00 0.87 9.22
N ALA A 51 -2.98 1.25 10.01
CA ALA A 51 -2.57 0.48 11.19
C ALA A 51 -2.28 -0.98 10.84
N GLY A 52 -1.80 -1.20 9.63
CA GLY A 52 -1.48 -2.55 9.18
C GLY A 52 -2.70 -3.34 8.72
N LYS A 53 -3.79 -2.64 8.42
CA LYS A 53 -5.00 -3.29 7.96
C LYS A 53 -5.51 -2.65 6.68
N GLU A 54 -5.75 -3.47 5.66
CA GLU A 54 -6.27 -2.97 4.40
C GLU A 54 -7.77 -2.69 4.57
N LEU A 55 -8.12 -1.42 4.49
CA LEU A 55 -9.51 -1.02 4.66
C LEU A 55 -10.32 -1.27 3.41
N GLN A 56 -11.39 -2.04 3.56
CA GLN A 56 -12.28 -2.33 2.45
C GLN A 56 -12.90 -1.04 1.95
N ASN A 57 -12.91 -0.89 0.63
CA ASN A 57 -13.43 0.30 -0.05
C ASN A 57 -14.85 0.68 0.37
N HIS A 58 -15.65 -0.30 0.78
CA HIS A 58 -17.03 -0.04 1.16
C HIS A 58 -17.17 0.30 2.65
N LEU A 59 -16.06 0.55 3.33
CA LEU A 59 -16.12 0.91 4.75
C LEU A 59 -16.16 2.42 4.92
N THR A 60 -16.75 2.87 6.01
CA THR A 60 -16.84 4.28 6.30
C THR A 60 -15.93 4.63 7.48
N VAL A 61 -15.61 5.91 7.64
CA VAL A 61 -14.75 6.37 8.73
C VAL A 61 -15.27 5.90 10.10
N GLN A 62 -16.57 6.08 10.33
CA GLN A 62 -17.18 5.69 11.60
C GLN A 62 -17.32 4.17 11.73
N ASN A 63 -17.09 3.43 10.65
CA ASN A 63 -17.22 1.98 10.70
C ASN A 63 -15.85 1.34 10.92
N CYS A 64 -14.84 2.18 11.13
CA CYS A 64 -13.49 1.70 11.37
C CYS A 64 -12.88 2.52 12.49
N ASP A 65 -11.71 2.11 12.94
CA ASP A 65 -11.01 2.78 14.03
C ASP A 65 -10.22 4.00 13.54
N LEU A 66 -10.82 4.76 12.64
CA LEU A 66 -10.18 5.97 12.12
C LEU A 66 -10.57 7.16 12.99
N GLU A 67 -9.60 7.96 13.42
CA GLU A 67 -9.87 9.10 14.27
C GLU A 67 -9.40 10.40 13.62
N GLN A 68 -9.50 11.48 14.38
CA GLN A 68 -9.07 12.79 13.92
C GLN A 68 -7.55 12.86 13.83
N GLN A 69 -7.06 13.41 12.73
CA GLN A 69 -5.62 13.57 12.48
C GLN A 69 -4.94 12.23 12.27
N SER A 70 -5.71 11.22 11.89
CA SER A 70 -5.15 9.90 11.62
C SER A 70 -4.53 9.89 10.23
N ILE A 71 -3.44 9.16 10.06
CA ILE A 71 -2.78 9.09 8.78
C ILE A 71 -3.06 7.75 8.10
N VAL A 72 -3.27 7.79 6.79
CA VAL A 72 -3.54 6.59 6.02
C VAL A 72 -2.59 6.50 4.85
N HIS A 73 -2.29 5.29 4.42
CA HIS A 73 -1.41 5.09 3.29
C HIS A 73 -2.22 4.67 2.08
N ILE A 74 -2.33 5.57 1.11
CA ILE A 74 -3.06 5.29 -0.11
C ILE A 74 -2.10 5.20 -1.27
N VAL A 75 -1.91 4.00 -1.77
CA VAL A 75 -1.01 3.77 -2.88
C VAL A 75 -1.68 2.94 -3.95
N GLN A 76 -1.16 3.00 -5.18
CA GLN A 76 -1.71 2.23 -6.27
C GLN A 76 -1.21 0.79 -6.20
N ARG A 77 -2.11 -0.12 -5.94
CA ARG A 77 -1.73 -1.51 -5.87
C ARG A 77 -2.06 -2.19 -7.20
N PRO A 78 -1.07 -2.80 -7.82
CA PRO A 78 -1.27 -3.49 -9.10
C PRO A 78 -2.05 -4.79 -8.92
N GLN A 79 -2.99 -5.03 -9.81
CA GLN A 79 -3.79 -6.23 -9.78
C GLN A 79 -3.41 -7.11 -10.96
N ARG A 80 -2.86 -8.28 -10.68
CA ARG A 80 -2.45 -9.18 -11.74
C ARG A 80 -3.41 -10.34 -11.85
N LYS A 81 -4.43 -10.16 -12.68
CA LYS A 81 -5.44 -11.18 -12.91
C LYS A 81 -5.53 -11.47 -14.40
N ASP B 10 26.27 -7.86 0.11
CA ASP B 10 25.18 -6.87 0.07
C ASP B 10 24.21 -7.17 -1.06
N GLN B 11 23.21 -7.96 -0.75
CA GLN B 11 22.20 -8.33 -1.71
C GLN B 11 20.96 -7.44 -1.52
N PRO B 12 20.40 -6.90 -2.61
CA PRO B 12 19.21 -6.05 -2.55
C PRO B 12 18.12 -6.65 -1.66
N CYS B 13 17.73 -5.91 -0.64
CA CYS B 13 16.69 -6.35 0.29
C CYS B 13 15.74 -5.21 0.60
N CYS B 14 14.52 -5.56 0.97
CA CYS B 14 13.51 -4.58 1.30
C CYS B 14 12.80 -4.93 2.61
N ARG B 15 12.33 -3.92 3.29
CA ARG B 15 11.63 -4.11 4.55
C ARG B 15 10.13 -3.86 4.34
N ALA B 16 9.32 -4.84 4.71
CA ALA B 16 7.88 -4.71 4.57
C ALA B 16 7.35 -3.60 5.45
N LEU B 17 6.76 -2.59 4.81
CA LEU B 17 6.21 -1.44 5.53
C LEU B 17 4.82 -1.78 6.05
N TYR B 18 4.15 -2.70 5.39
CA TYR B 18 2.82 -3.13 5.77
C TYR B 18 2.65 -4.60 5.46
N ASP B 19 1.61 -5.19 6.02
CA ASP B 19 1.33 -6.60 5.82
C ASP B 19 0.68 -6.81 4.46
N PHE B 20 1.12 -7.85 3.75
CA PHE B 20 0.58 -8.17 2.45
C PHE B 20 0.17 -9.63 2.38
N GLU B 21 -1.13 -9.85 2.26
CA GLU B 21 -1.68 -11.20 2.17
C GLU B 21 -1.91 -11.54 0.70
N PRO B 22 -1.47 -12.72 0.25
CA PRO B 22 -1.64 -13.14 -1.14
C PRO B 22 -3.10 -13.28 -1.54
N GLU B 23 -3.52 -12.47 -2.51
CA GLU B 23 -4.88 -12.48 -2.99
C GLU B 23 -4.93 -13.05 -4.40
N ASN B 24 -3.82 -12.92 -5.13
CA ASN B 24 -3.72 -13.42 -6.48
C ASN B 24 -2.75 -14.60 -6.55
N GLU B 25 -2.59 -15.17 -7.74
CA GLU B 25 -1.69 -16.30 -7.92
C GLU B 25 -0.29 -15.82 -8.26
N GLY B 26 0.68 -16.15 -7.40
CA GLY B 26 2.05 -15.75 -7.63
C GLY B 26 2.50 -14.63 -6.71
N GLU B 27 1.57 -14.16 -5.89
CA GLU B 27 1.86 -13.09 -4.96
C GLU B 27 2.63 -13.62 -3.75
N LEU B 28 3.61 -12.85 -3.30
CA LEU B 28 4.42 -13.23 -2.16
C LEU B 28 3.86 -12.59 -0.89
N GLY B 29 3.39 -13.43 0.03
CA GLY B 29 2.82 -12.94 1.28
C GLY B 29 3.89 -12.67 2.32
N PHE B 30 3.73 -11.58 3.05
CA PHE B 30 4.68 -11.20 4.08
C PHE B 30 3.99 -10.30 5.10
N LYS B 31 4.56 -10.23 6.29
CA LYS B 31 4.01 -9.42 7.36
C LYS B 31 4.86 -8.18 7.54
N GLU B 32 4.32 -7.19 8.23
CA GLU B 32 5.03 -5.96 8.48
C GLU B 32 6.31 -6.23 9.27
N GLY B 33 7.43 -5.70 8.78
CA GLY B 33 8.69 -5.90 9.46
C GLY B 33 9.55 -6.97 8.82
N ASP B 34 8.97 -7.74 7.93
CA ASP B 34 9.70 -8.81 7.27
C ASP B 34 10.69 -8.25 6.24
N ILE B 35 11.87 -8.85 6.18
CA ILE B 35 12.88 -8.44 5.23
C ILE B 35 12.86 -9.39 4.04
N ILE B 36 12.57 -8.86 2.85
CA ILE B 36 12.49 -9.67 1.64
C ILE B 36 13.74 -9.50 0.78
N THR B 37 14.20 -10.60 0.21
CA THR B 37 15.36 -10.58 -0.65
C THR B 37 14.96 -10.18 -2.07
N LEU B 38 15.10 -8.90 -2.36
CA LEU B 38 14.77 -8.37 -3.68
C LEU B 38 15.64 -9.05 -4.73
N THR B 39 15.00 -9.66 -5.72
CA THR B 39 15.75 -10.36 -6.75
C THR B 39 15.44 -9.87 -8.16
N ASN B 40 14.30 -9.21 -8.37
CA ASN B 40 13.94 -8.73 -9.70
C ASN B 40 12.75 -7.77 -9.65
N GLN B 41 12.47 -7.13 -10.78
CA GLN B 41 11.35 -6.22 -10.91
C GLN B 41 10.59 -6.55 -12.19
N ILE B 42 9.26 -6.50 -12.13
CA ILE B 42 8.45 -6.80 -13.29
C ILE B 42 8.09 -5.52 -14.03
N ASP B 43 7.26 -4.71 -13.39
CA ASP B 43 6.84 -3.45 -13.99
C ASP B 43 7.12 -2.30 -13.04
N GLU B 44 6.38 -1.22 -13.19
CA GLU B 44 6.57 -0.04 -12.35
C GLU B 44 5.87 -0.16 -10.98
N ASN B 45 5.14 -1.25 -10.76
CA ASN B 45 4.45 -1.44 -9.48
C ASN B 45 4.72 -2.81 -8.88
N TRP B 46 5.08 -3.78 -9.72
CA TRP B 46 5.34 -5.14 -9.24
C TRP B 46 6.84 -5.40 -8.98
N TYR B 47 7.15 -5.88 -7.79
CA TYR B 47 8.53 -6.20 -7.42
C TYR B 47 8.63 -7.69 -7.15
N GLU B 48 9.80 -8.27 -7.37
CA GLU B 48 10.00 -9.70 -7.13
C GLU B 48 11.02 -9.93 -6.03
N GLY B 49 10.73 -10.87 -5.14
CA GLY B 49 11.64 -11.16 -4.06
C GLY B 49 11.45 -12.56 -3.50
N MET B 50 12.26 -12.90 -2.51
CA MET B 50 12.19 -14.20 -1.86
C MET B 50 12.11 -14.03 -0.35
N LEU B 51 11.21 -14.77 0.29
CA LEU B 51 11.05 -14.69 1.73
C LEU B 51 10.82 -16.08 2.31
N HIS B 52 11.73 -16.50 3.18
CA HIS B 52 11.64 -17.81 3.84
C HIS B 52 11.66 -18.93 2.81
N GLY B 53 12.36 -18.68 1.71
CA GLY B 53 12.47 -19.67 0.65
C GLY B 53 11.44 -19.44 -0.44
N GLN B 54 10.25 -19.00 -0.05
CA GLN B 54 9.18 -18.75 -1.01
C GLN B 54 9.50 -17.55 -1.89
N SER B 55 9.17 -17.68 -3.17
CA SER B 55 9.41 -16.61 -4.13
C SER B 55 8.09 -16.19 -4.77
N GLY B 56 8.02 -14.93 -5.16
CA GLY B 56 6.83 -14.40 -5.77
C GLY B 56 6.96 -12.91 -6.03
N PHE B 57 5.86 -12.29 -6.45
CA PHE B 57 5.87 -10.86 -6.71
C PHE B 57 4.97 -10.14 -5.72
N PHE B 58 5.30 -8.89 -5.45
CA PHE B 58 4.56 -8.06 -4.52
C PHE B 58 4.65 -6.59 -4.93
N PRO B 59 3.69 -5.76 -4.52
CA PRO B 59 3.70 -4.32 -4.86
C PRO B 59 4.86 -3.58 -4.21
N ILE B 60 5.53 -2.74 -5.00
CA ILE B 60 6.68 -1.97 -4.53
C ILE B 60 6.30 -0.95 -3.46
N ASN B 61 5.09 -0.41 -3.56
CA ASN B 61 4.59 0.60 -2.62
C ASN B 61 4.23 0.00 -1.26
N TYR B 62 4.57 -1.26 -1.04
CA TYR B 62 4.28 -1.93 0.22
C TYR B 62 5.57 -2.22 0.99
N VAL B 63 6.70 -1.93 0.37
CA VAL B 63 7.99 -2.21 1.00
C VAL B 63 8.95 -1.01 0.93
N GLU B 64 9.88 -1.00 1.87
CA GLU B 64 10.90 0.03 1.94
C GLU B 64 12.21 -0.54 1.44
N ILE B 65 12.85 0.15 0.50
CA ILE B 65 14.10 -0.34 -0.08
C ILE B 65 15.28 -0.09 0.85
N LEU B 66 15.97 -1.17 1.21
CA LEU B 66 17.16 -1.08 2.06
C LEU B 66 18.39 -0.98 1.19
N VAL B 67 18.57 -1.99 0.35
CA VAL B 67 19.67 -2.03 -0.58
C VAL B 67 19.11 -1.96 -2.01
N ALA B 68 19.44 -0.87 -2.70
CA ALA B 68 18.95 -0.65 -4.05
C ALA B 68 19.44 -1.73 -5.02
N LEU B 69 18.54 -2.11 -5.94
CA LEU B 69 18.83 -3.11 -6.96
C LEU B 69 19.52 -2.43 -8.15
N PRO B 70 20.58 -3.04 -8.67
CA PRO B 70 21.32 -2.51 -9.83
C PRO B 70 20.40 -2.04 -10.94
N HIS B 71 20.44 -0.74 -11.19
CA HIS B 71 19.61 -0.11 -12.21
C HIS B 71 20.50 0.60 -13.23
N MET A 6 -13.94 16.38 10.08
CA MET A 6 -12.66 15.82 10.56
C MET A 6 -11.59 16.00 9.49
N ILE A 7 -10.34 16.13 9.93
CA ILE A 7 -9.23 16.32 9.01
C ILE A 7 -8.27 15.13 9.11
N VAL A 8 -7.92 14.60 7.95
CA VAL A 8 -7.01 13.47 7.87
C VAL A 8 -5.93 13.76 6.84
N PHE A 9 -4.77 13.16 7.01
CA PHE A 9 -3.66 13.37 6.08
C PHE A 9 -3.57 12.22 5.09
N VAL A 10 -3.77 12.52 3.82
CA VAL A 10 -3.70 11.51 2.78
C VAL A 10 -2.32 11.52 2.13
N ARG A 11 -1.73 10.33 2.03
CA ARG A 11 -0.42 10.19 1.43
C ARG A 11 -0.49 9.24 0.24
N PHE A 12 -0.15 9.74 -0.95
CA PHE A 12 -0.17 8.91 -2.15
C PHE A 12 1.26 8.58 -2.58
N ASN A 13 1.79 7.47 -2.05
CA ASN A 13 3.15 7.01 -2.36
C ASN A 13 4.16 8.15 -2.18
N SER A 14 3.91 9.00 -1.19
CA SER A 14 4.79 10.13 -0.91
C SER A 14 5.35 10.05 0.50
N SER A 15 5.95 11.14 0.95
CA SER A 15 6.52 11.20 2.28
C SER A 15 5.53 11.83 3.26
N TYR A 16 4.98 12.96 2.87
CA TYR A 16 4.01 13.66 3.70
C TYR A 16 2.58 13.41 3.21
N GLY A 17 1.64 14.18 3.72
CA GLY A 17 0.25 14.01 3.34
C GLY A 17 -0.50 15.31 3.28
N PHE A 18 -1.60 15.31 2.54
CA PHE A 18 -2.44 16.48 2.39
C PHE A 18 -3.71 16.31 3.23
N PRO A 19 -4.12 17.35 3.97
CA PRO A 19 -5.31 17.30 4.82
C PRO A 19 -6.61 17.30 4.00
N VAL A 20 -7.49 16.36 4.30
CA VAL A 20 -8.77 16.26 3.63
C VAL A 20 -9.91 16.33 4.65
N GLU A 21 -10.92 17.14 4.35
CA GLU A 21 -12.06 17.28 5.25
C GLU A 21 -13.06 16.15 5.02
N VAL A 22 -13.18 15.29 6.02
CA VAL A 22 -14.09 14.14 5.93
C VAL A 22 -15.05 14.17 7.12
N ASP A 23 -16.06 13.34 7.06
CA ASP A 23 -17.04 13.25 8.13
C ASP A 23 -17.05 11.84 8.70
N SER A 24 -17.77 11.64 9.80
CA SER A 24 -17.84 10.35 10.45
C SER A 24 -18.37 9.24 9.52
N ASP A 25 -19.28 9.58 8.63
CA ASP A 25 -19.85 8.58 7.73
C ASP A 25 -19.09 8.49 6.41
N THR A 26 -17.96 9.18 6.32
CA THR A 26 -17.16 9.12 5.12
C THR A 26 -16.58 7.72 4.98
N SER A 27 -16.86 7.08 3.85
CA SER A 27 -16.38 5.74 3.59
C SER A 27 -15.04 5.76 2.88
N ILE A 28 -14.28 4.68 3.02
CA ILE A 28 -12.98 4.55 2.38
C ILE A 28 -13.10 4.78 0.88
N PHE A 29 -14.17 4.24 0.30
CA PHE A 29 -14.44 4.39 -1.13
C PHE A 29 -14.36 5.87 -1.54
N GLN A 30 -15.02 6.73 -0.78
CA GLN A 30 -15.03 8.16 -1.07
C GLN A 30 -13.64 8.77 -1.00
N LEU A 31 -12.92 8.49 0.08
CA LEU A 31 -11.56 9.01 0.25
C LEU A 31 -10.67 8.57 -0.91
N LYS A 32 -10.94 7.39 -1.46
CA LYS A 32 -10.17 6.88 -2.58
C LYS A 32 -10.47 7.68 -3.84
N GLU A 33 -11.76 7.97 -4.06
CA GLU A 33 -12.18 8.76 -5.22
C GLU A 33 -11.53 10.13 -5.21
N VAL A 34 -11.27 10.65 -4.02
CA VAL A 34 -10.64 11.97 -3.86
C VAL A 34 -9.24 11.95 -4.48
N VAL A 35 -8.50 10.87 -4.24
CA VAL A 35 -7.15 10.73 -4.77
C VAL A 35 -7.20 10.33 -6.25
N ALA A 36 -8.21 9.54 -6.59
CA ALA A 36 -8.39 9.06 -7.96
C ALA A 36 -8.49 10.20 -8.96
N LYS A 37 -9.30 11.20 -8.65
CA LYS A 37 -9.48 12.35 -9.54
C LYS A 37 -8.31 13.33 -9.44
N ARG A 38 -7.51 13.19 -8.39
CA ARG A 38 -6.36 14.07 -8.19
C ARG A 38 -5.15 13.58 -8.97
N GLN A 39 -5.00 12.26 -9.06
CA GLN A 39 -3.86 11.68 -9.76
C GLN A 39 -4.24 11.11 -11.13
N GLY A 40 -5.53 10.86 -11.32
CA GLY A 40 -6.00 10.29 -12.57
C GLY A 40 -5.71 8.80 -12.61
N VAL A 41 -5.98 8.15 -11.48
CA VAL A 41 -5.73 6.72 -11.34
C VAL A 41 -7.02 6.00 -10.92
N PRO A 42 -7.31 4.84 -11.54
CA PRO A 42 -8.51 4.05 -11.21
C PRO A 42 -8.66 3.79 -9.72
N ALA A 43 -9.84 4.10 -9.18
CA ALA A 43 -10.12 3.90 -7.77
C ALA A 43 -10.20 2.42 -7.42
N ASP A 44 -10.31 1.58 -8.43
CA ASP A 44 -10.39 0.14 -8.22
C ASP A 44 -9.01 -0.45 -7.90
N GLN A 45 -7.96 0.32 -8.16
CA GLN A 45 -6.60 -0.14 -7.90
C GLN A 45 -6.02 0.48 -6.63
N LEU A 46 -6.54 1.65 -6.26
CA LEU A 46 -6.05 2.36 -5.07
C LEU A 46 -6.39 1.61 -3.79
N ARG A 47 -5.47 1.62 -2.84
CA ARG A 47 -5.66 0.95 -1.57
C ARG A 47 -5.38 1.93 -0.44
N VAL A 48 -6.06 1.77 0.68
CA VAL A 48 -5.87 2.65 1.83
C VAL A 48 -5.35 1.85 3.01
N ILE A 49 -4.16 2.20 3.49
CA ILE A 49 -3.55 1.50 4.60
C ILE A 49 -3.29 2.43 5.76
N PHE A 50 -3.65 2.00 6.96
CA PHE A 50 -3.45 2.79 8.17
C PHE A 50 -2.89 1.92 9.29
N ALA A 51 -1.80 2.39 9.90
CA ALA A 51 -1.15 1.67 11.01
C ALA A 51 -0.86 0.21 10.65
N GLY A 52 -0.45 0.00 9.41
CA GLY A 52 -0.13 -1.35 8.96
C GLY A 52 -1.37 -2.21 8.75
N LYS A 53 -2.53 -1.57 8.61
CA LYS A 53 -3.78 -2.30 8.41
C LYS A 53 -4.52 -1.77 7.19
N GLU A 54 -4.82 -2.65 6.25
CA GLU A 54 -5.54 -2.26 5.04
C GLU A 54 -7.00 -2.01 5.37
N LEU A 55 -7.51 -0.85 4.99
CA LEU A 55 -8.88 -0.49 5.26
C LEU A 55 -9.79 -0.88 4.10
N GLN A 56 -10.85 -1.62 4.41
CA GLN A 56 -11.80 -2.07 3.40
C GLN A 56 -12.65 -0.91 2.90
N ASN A 57 -12.90 -0.91 1.61
CA ASN A 57 -13.71 0.13 0.95
C ASN A 57 -15.04 0.40 1.66
N HIS A 58 -15.60 -0.62 2.31
CA HIS A 58 -16.88 -0.49 3.00
C HIS A 58 -16.76 0.10 4.40
N LEU A 59 -15.54 0.38 4.83
CA LEU A 59 -15.32 0.94 6.17
C LEU A 59 -15.55 2.45 6.18
N THR A 60 -16.11 2.94 7.27
CA THR A 60 -16.36 4.36 7.45
C THR A 60 -15.46 4.88 8.56
N VAL A 61 -15.28 6.19 8.62
CA VAL A 61 -14.45 6.80 9.65
C VAL A 61 -14.95 6.43 11.05
N GLN A 62 -16.26 6.48 11.26
CA GLN A 62 -16.84 6.16 12.55
C GLN A 62 -16.90 4.65 12.81
N ASN A 63 -16.13 3.88 12.04
CA ASN A 63 -16.11 2.43 12.19
C ASN A 63 -14.70 1.87 12.01
N CYS A 64 -13.70 2.71 12.20
CA CYS A 64 -12.30 2.29 12.07
C CYS A 64 -11.44 3.00 13.10
N ASP A 65 -10.14 2.89 12.97
CA ASP A 65 -9.21 3.53 13.91
C ASP A 65 -8.77 4.89 13.39
N LEU A 66 -9.62 5.53 12.61
CA LEU A 66 -9.31 6.84 12.05
C LEU A 66 -9.85 7.93 12.96
N GLU A 67 -9.02 8.89 13.27
CA GLU A 67 -9.42 9.99 14.13
C GLU A 67 -8.90 11.31 13.58
N GLN A 68 -9.10 12.38 14.33
CA GLN A 68 -8.65 13.70 13.94
C GLN A 68 -7.13 13.75 13.82
N GLN A 69 -6.66 14.24 12.67
CA GLN A 69 -5.23 14.40 12.38
C GLN A 69 -4.55 13.06 12.08
N SER A 70 -5.33 12.06 11.72
CA SER A 70 -4.76 10.75 11.38
C SER A 70 -4.18 10.76 9.97
N ILE A 71 -3.15 9.97 9.76
CA ILE A 71 -2.51 9.88 8.45
C ILE A 71 -2.78 8.51 7.82
N VAL A 72 -3.04 8.52 6.52
CA VAL A 72 -3.31 7.30 5.80
C VAL A 72 -2.43 7.21 4.56
N HIS A 73 -2.08 6.00 4.18
CA HIS A 73 -1.25 5.81 3.00
C HIS A 73 -2.06 5.17 1.89
N ILE A 74 -2.43 5.98 0.92
CA ILE A 74 -3.22 5.52 -0.21
C ILE A 74 -2.32 5.33 -1.41
N VAL A 75 -2.05 4.08 -1.75
CA VAL A 75 -1.18 3.77 -2.87
C VAL A 75 -1.93 3.01 -3.95
N GLN A 76 -1.38 3.05 -5.16
CA GLN A 76 -1.98 2.36 -6.29
C GLN A 76 -1.43 0.94 -6.38
N ARG A 77 -2.28 -0.05 -6.16
CA ARG A 77 -1.85 -1.43 -6.23
C ARG A 77 -2.06 -1.95 -7.65
N PRO A 78 -1.01 -2.49 -8.26
CA PRO A 78 -1.08 -3.04 -9.62
C PRO A 78 -1.70 -4.44 -9.63
N GLN A 79 -2.48 -4.75 -10.67
CA GLN A 79 -3.13 -6.07 -10.77
C GLN A 79 -2.48 -6.93 -11.85
N ARG A 80 -1.80 -7.99 -11.44
CA ARG A 80 -1.12 -8.88 -12.39
C ARG A 80 -1.73 -10.28 -12.45
N LYS A 81 -1.48 -10.97 -13.56
CA LYS A 81 -1.94 -12.33 -13.78
C LYS A 81 -0.93 -13.07 -14.65
N ASP B 10 25.54 -7.33 1.79
CA ASP B 10 25.13 -6.28 0.84
C ASP B 10 24.06 -6.79 -0.12
N GLN B 11 23.42 -7.89 0.25
CA GLN B 11 22.36 -8.47 -0.57
C GLN B 11 21.12 -7.60 -0.52
N PRO B 12 20.58 -7.21 -1.68
CA PRO B 12 19.36 -6.40 -1.77
C PRO B 12 18.22 -7.02 -0.97
N CYS B 13 17.64 -6.24 -0.08
CA CYS B 13 16.56 -6.71 0.75
C CYS B 13 15.53 -5.61 0.98
N CYS B 14 14.31 -6.01 1.31
CA CYS B 14 13.24 -5.07 1.55
C CYS B 14 12.45 -5.45 2.79
N ARG B 15 11.82 -4.47 3.42
CA ARG B 15 11.02 -4.70 4.61
C ARG B 15 9.54 -4.48 4.29
N ALA B 16 8.72 -5.48 4.55
CA ALA B 16 7.30 -5.38 4.30
C ALA B 16 6.66 -4.45 5.32
N LEU B 17 6.26 -3.27 4.87
CA LEU B 17 5.64 -2.28 5.74
C LEU B 17 4.14 -2.49 5.81
N TYR B 18 3.58 -3.05 4.75
CA TYR B 18 2.15 -3.29 4.69
C TYR B 18 1.87 -4.74 4.34
N ASP B 19 0.76 -5.26 4.81
CA ASP B 19 0.38 -6.64 4.56
C ASP B 19 -0.12 -6.85 3.14
N PHE B 20 0.21 -7.99 2.55
CA PHE B 20 -0.21 -8.31 1.20
C PHE B 20 -0.68 -9.75 1.11
N GLU B 21 -1.99 -9.91 0.93
CA GLU B 21 -2.59 -11.22 0.82
C GLU B 21 -2.63 -11.60 -0.66
N PRO B 22 -2.18 -12.81 -1.01
CA PRO B 22 -2.19 -13.27 -2.40
C PRO B 22 -3.61 -13.46 -2.92
N GLU B 23 -3.95 -12.69 -3.95
CA GLU B 23 -5.27 -12.75 -4.55
C GLU B 23 -5.18 -13.36 -5.94
N ASN B 24 -3.97 -13.44 -6.46
CA ASN B 24 -3.73 -14.01 -7.78
C ASN B 24 -2.67 -15.10 -7.70
N GLU B 25 -2.32 -15.66 -8.85
CA GLU B 25 -1.31 -16.70 -8.90
C GLU B 25 0.04 -16.09 -9.30
N GLY B 26 1.09 -16.48 -8.61
CA GLY B 26 2.41 -15.95 -8.89
C GLY B 26 2.81 -14.87 -7.91
N GLU B 27 1.84 -14.44 -7.12
CA GLU B 27 2.06 -13.40 -6.12
C GLU B 27 2.76 -13.95 -4.89
N LEU B 28 3.59 -13.13 -4.29
CA LEU B 28 4.31 -13.52 -3.09
C LEU B 28 3.63 -12.91 -1.87
N GLY B 29 2.97 -13.74 -1.07
CA GLY B 29 2.29 -13.26 0.10
C GLY B 29 3.23 -13.10 1.27
N PHE B 30 2.97 -12.12 2.11
CA PHE B 30 3.80 -11.86 3.27
C PHE B 30 3.04 -11.11 4.35
N LYS B 31 3.72 -10.83 5.46
CA LYS B 31 3.11 -10.11 6.57
C LYS B 31 3.92 -8.85 6.87
N GLU B 32 3.35 -7.96 7.67
CA GLU B 32 4.01 -6.71 8.04
C GLU B 32 5.19 -6.99 8.98
N GLY B 33 6.34 -6.43 8.65
CA GLY B 33 7.52 -6.63 9.47
C GLY B 33 8.43 -7.72 8.92
N ASP B 34 7.94 -8.41 7.89
CA ASP B 34 8.69 -9.49 7.26
C ASP B 34 9.75 -8.93 6.32
N ILE B 35 10.96 -9.47 6.40
CA ILE B 35 12.03 -9.02 5.54
C ILE B 35 12.11 -9.92 4.32
N ILE B 36 11.96 -9.34 3.14
CA ILE B 36 11.98 -10.09 1.90
C ILE B 36 13.28 -9.87 1.15
N THR B 37 13.87 -10.95 0.66
CA THR B 37 15.11 -10.87 -0.08
C THR B 37 14.82 -10.45 -1.52
N LEU B 38 15.16 -9.21 -1.85
CA LEU B 38 14.93 -8.66 -3.18
C LEU B 38 15.94 -9.25 -4.15
N THR B 39 15.46 -9.79 -5.26
CA THR B 39 16.35 -10.40 -6.24
C THR B 39 16.19 -9.79 -7.64
N ASN B 40 15.02 -9.30 -7.98
CA ASN B 40 14.80 -8.75 -9.32
C ASN B 40 13.62 -7.78 -9.36
N GLN B 41 13.65 -6.86 -10.30
CA GLN B 41 12.59 -5.90 -10.49
C GLN B 41 11.91 -6.18 -11.81
N ILE B 42 10.60 -6.40 -11.79
CA ILE B 42 9.87 -6.70 -13.00
C ILE B 42 9.55 -5.41 -13.77
N ASP B 43 8.87 -4.49 -13.11
CA ASP B 43 8.51 -3.24 -13.74
C ASP B 43 8.56 -2.08 -12.74
N GLU B 44 7.78 -1.04 -13.01
CA GLU B 44 7.76 0.15 -12.16
C GLU B 44 6.94 -0.03 -10.87
N ASN B 45 6.19 -1.11 -10.77
CA ASN B 45 5.38 -1.33 -9.56
C ASN B 45 5.48 -2.76 -9.05
N TRP B 46 5.93 -3.70 -9.87
CA TRP B 46 6.06 -5.09 -9.45
C TRP B 46 7.50 -5.45 -9.10
N TYR B 47 7.71 -5.88 -7.87
CA TYR B 47 9.02 -6.29 -7.40
C TYR B 47 9.04 -7.79 -7.20
N GLU B 48 10.16 -8.43 -7.49
CA GLU B 48 10.29 -9.86 -7.33
C GLU B 48 11.31 -10.17 -6.25
N GLY B 49 10.97 -11.13 -5.40
CA GLY B 49 11.86 -11.49 -4.33
C GLY B 49 11.56 -12.85 -3.77
N MET B 50 12.31 -13.23 -2.74
CA MET B 50 12.14 -14.53 -2.09
C MET B 50 11.92 -14.34 -0.59
N LEU B 51 11.01 -15.11 -0.03
CA LEU B 51 10.69 -15.03 1.37
C LEU B 51 10.58 -16.44 1.98
N HIS B 52 11.66 -16.88 2.60
CA HIS B 52 11.71 -18.19 3.26
C HIS B 52 11.45 -19.31 2.25
N GLY B 53 12.09 -19.22 1.09
CA GLY B 53 11.93 -20.23 0.06
C GLY B 53 10.95 -19.83 -1.02
N GLN B 54 9.82 -19.27 -0.60
CA GLN B 54 8.77 -18.85 -1.52
C GLN B 54 9.24 -17.67 -2.37
N SER B 55 8.99 -17.75 -3.67
CA SER B 55 9.38 -16.67 -4.59
C SER B 55 8.19 -16.23 -5.42
N GLY B 56 8.06 -14.92 -5.60
CA GLY B 56 6.98 -14.37 -6.38
C GLY B 56 7.10 -12.87 -6.51
N PHE B 57 6.07 -12.22 -7.04
CA PHE B 57 6.10 -10.79 -7.19
C PHE B 57 5.13 -10.11 -6.24
N PHE B 58 5.48 -8.88 -5.87
CA PHE B 58 4.67 -8.07 -4.97
C PHE B 58 4.82 -6.59 -5.32
N PRO B 59 3.87 -5.73 -4.89
CA PRO B 59 3.91 -4.29 -5.17
C PRO B 59 5.04 -3.58 -4.44
N ILE B 60 5.72 -2.69 -5.15
CA ILE B 60 6.85 -1.93 -4.61
C ILE B 60 6.42 -0.97 -3.50
N ASN B 61 5.26 -0.36 -3.65
CA ASN B 61 4.77 0.61 -2.68
C ASN B 61 4.29 -0.04 -1.37
N TYR B 62 4.50 -1.35 -1.25
CA TYR B 62 4.10 -2.07 -0.05
C TYR B 62 5.31 -2.39 0.83
N VAL B 63 6.51 -2.24 0.27
CA VAL B 63 7.72 -2.57 1.01
C VAL B 63 8.67 -1.37 1.12
N GLU B 64 9.55 -1.46 2.11
CA GLU B 64 10.56 -0.45 2.37
C GLU B 64 11.88 -0.96 1.84
N ILE B 65 12.59 -0.15 1.07
CA ILE B 65 13.84 -0.57 0.51
C ILE B 65 14.98 -0.40 1.51
N LEU B 66 15.57 -1.53 1.90
CA LEU B 66 16.68 -1.51 2.85
C LEU B 66 17.98 -1.41 2.07
N VAL B 67 18.13 -2.31 1.10
CA VAL B 67 19.29 -2.33 0.22
C VAL B 67 18.80 -2.33 -1.22
N ALA B 68 19.11 -1.28 -1.95
CA ALA B 68 18.68 -1.14 -3.33
C ALA B 68 19.44 -2.07 -4.26
N LEU B 69 18.84 -2.36 -5.39
CA LEU B 69 19.44 -3.22 -6.40
C LEU B 69 20.59 -2.47 -7.09
N PRO B 70 21.66 -3.16 -7.50
CA PRO B 70 22.79 -2.53 -8.18
C PRO B 70 22.35 -1.90 -9.50
N HIS B 71 22.18 -0.58 -9.49
CA HIS B 71 21.76 0.15 -10.66
C HIS B 71 22.74 1.29 -10.97
N MET A 6 -13.52 16.31 9.80
CA MET A 6 -12.42 15.42 10.27
C MET A 6 -11.24 15.50 9.31
N ILE A 7 -10.10 15.92 9.80
CA ILE A 7 -8.92 16.05 8.97
C ILE A 7 -8.09 14.77 9.01
N VAL A 8 -7.86 14.20 7.83
CA VAL A 8 -7.06 12.99 7.70
C VAL A 8 -5.88 13.27 6.80
N PHE A 9 -4.74 12.68 7.10
CA PHE A 9 -3.54 12.88 6.30
C PHE A 9 -3.35 11.73 5.34
N VAL A 10 -3.46 12.03 4.05
CA VAL A 10 -3.31 11.02 3.03
C VAL A 10 -1.88 11.01 2.50
N ARG A 11 -1.24 9.85 2.55
CA ARG A 11 0.13 9.70 2.07
C ARG A 11 0.14 8.84 0.81
N PHE A 12 0.54 9.43 -0.32
CA PHE A 12 0.58 8.71 -1.58
C PHE A 12 2.02 8.41 -1.99
N ASN A 13 2.53 7.27 -1.53
CA ASN A 13 3.89 6.81 -1.84
C ASN A 13 4.95 7.90 -1.61
N SER A 14 4.67 8.79 -0.67
CA SER A 14 5.58 9.88 -0.35
C SER A 14 6.01 9.80 1.11
N SER A 15 6.76 10.79 1.57
CA SER A 15 7.21 10.81 2.96
C SER A 15 6.12 11.31 3.90
N TYR A 16 5.53 12.46 3.58
CA TYR A 16 4.48 13.03 4.42
C TYR A 16 3.10 12.80 3.81
N GLY A 17 2.13 13.58 4.26
CA GLY A 17 0.77 13.45 3.78
C GLY A 17 0.05 14.78 3.76
N PHE A 18 -1.04 14.85 3.01
CA PHE A 18 -1.82 16.06 2.92
C PHE A 18 -3.13 15.91 3.68
N PRO A 19 -3.61 16.99 4.30
CA PRO A 19 -4.84 16.99 5.08
C PRO A 19 -6.11 17.11 4.23
N VAL A 20 -7.03 16.18 4.43
CA VAL A 20 -8.30 16.17 3.72
C VAL A 20 -9.44 16.21 4.74
N GLU A 21 -10.46 17.03 4.47
CA GLU A 21 -11.58 17.15 5.38
C GLU A 21 -12.71 16.18 5.01
N VAL A 22 -12.95 15.22 5.88
CA VAL A 22 -14.00 14.24 5.68
C VAL A 22 -14.93 14.21 6.89
N ASP A 23 -15.94 13.37 6.85
CA ASP A 23 -16.89 13.26 7.95
C ASP A 23 -17.01 11.81 8.39
N SER A 24 -17.75 11.56 9.45
CA SER A 24 -17.93 10.22 9.99
C SER A 24 -18.60 9.27 8.98
N ASP A 25 -19.47 9.81 8.13
CA ASP A 25 -20.18 9.00 7.14
C ASP A 25 -19.38 8.82 5.86
N THR A 26 -18.23 9.48 5.76
CA THR A 26 -17.40 9.37 4.58
C THR A 26 -16.91 7.93 4.41
N SER A 27 -17.05 7.40 3.21
CA SER A 27 -16.64 6.04 2.92
C SER A 27 -15.21 6.01 2.40
N ILE A 28 -14.54 4.89 2.64
CA ILE A 28 -13.16 4.70 2.21
C ILE A 28 -13.02 4.87 0.70
N PHE A 29 -13.94 4.29 -0.06
CA PHE A 29 -13.92 4.41 -1.52
C PHE A 29 -13.92 5.88 -1.95
N GLN A 30 -14.69 6.69 -1.24
CA GLN A 30 -14.78 8.11 -1.54
C GLN A 30 -13.44 8.81 -1.30
N LEU A 31 -12.79 8.48 -0.19
CA LEU A 31 -11.49 9.05 0.13
C LEU A 31 -10.46 8.71 -0.95
N LYS A 32 -10.66 7.55 -1.59
CA LYS A 32 -9.76 7.12 -2.65
C LYS A 32 -9.98 7.97 -3.88
N GLU A 33 -11.24 8.32 -4.14
CA GLU A 33 -11.60 9.15 -5.29
C GLU A 33 -10.85 10.48 -5.26
N VAL A 34 -10.59 10.99 -4.07
CA VAL A 34 -9.87 12.25 -3.91
C VAL A 34 -8.46 12.11 -4.47
N VAL A 35 -7.83 10.98 -4.21
CA VAL A 35 -6.49 10.72 -4.70
C VAL A 35 -6.53 10.34 -6.17
N ALA A 36 -7.59 9.62 -6.54
CA ALA A 36 -7.79 9.17 -7.92
C ALA A 36 -7.79 10.34 -8.89
N LYS A 37 -8.54 11.38 -8.55
CA LYS A 37 -8.64 12.56 -9.41
C LYS A 37 -7.45 13.49 -9.26
N ARG A 38 -6.72 13.37 -8.15
CA ARG A 38 -5.56 14.22 -7.91
C ARG A 38 -4.32 13.68 -8.63
N GLN A 39 -4.26 12.38 -8.83
CA GLN A 39 -3.11 11.77 -9.48
C GLN A 39 -3.46 11.27 -10.88
N GLY A 40 -4.74 11.10 -11.15
CA GLY A 40 -5.16 10.58 -12.45
C GLY A 40 -4.94 9.10 -12.51
N VAL A 41 -5.37 8.42 -11.45
CA VAL A 41 -5.23 6.97 -11.32
C VAL A 41 -6.57 6.35 -10.97
N PRO A 42 -6.95 5.26 -11.66
CA PRO A 42 -8.23 4.57 -11.42
C PRO A 42 -8.42 4.19 -9.95
N ALA A 43 -9.59 4.55 -9.42
CA ALA A 43 -9.92 4.29 -8.02
C ALA A 43 -10.04 2.79 -7.72
N ASP A 44 -10.23 1.97 -8.75
CA ASP A 44 -10.36 0.54 -8.55
C ASP A 44 -9.01 -0.12 -8.22
N GLN A 45 -7.94 0.65 -8.35
CA GLN A 45 -6.60 0.13 -8.06
C GLN A 45 -6.02 0.73 -6.79
N LEU A 46 -6.65 1.79 -6.29
CA LEU A 46 -6.17 2.45 -5.08
C LEU A 46 -6.55 1.68 -3.83
N ARG A 47 -5.64 1.62 -2.87
CA ARG A 47 -5.87 0.92 -1.60
C ARG A 47 -5.60 1.86 -0.44
N VAL A 48 -6.24 1.59 0.70
CA VAL A 48 -6.07 2.42 1.89
C VAL A 48 -5.60 1.57 3.05
N ILE A 49 -4.42 1.88 3.57
CA ILE A 49 -3.85 1.14 4.68
C ILE A 49 -3.72 2.03 5.91
N PHE A 50 -4.24 1.55 7.04
CA PHE A 50 -4.17 2.30 8.29
C PHE A 50 -3.82 1.37 9.44
N ALA A 51 -2.79 1.75 10.19
CA ALA A 51 -2.33 0.98 11.36
C ALA A 51 -2.00 -0.47 11.00
N GLY A 52 -1.45 -0.66 9.79
CA GLY A 52 -1.10 -2.00 9.34
C GLY A 52 -2.31 -2.81 8.94
N LYS A 53 -3.43 -2.13 8.72
CA LYS A 53 -4.66 -2.79 8.34
C LYS A 53 -5.24 -2.18 7.08
N GLU A 54 -5.50 -3.02 6.09
CA GLU A 54 -6.10 -2.56 4.84
C GLU A 54 -7.59 -2.32 5.08
N LEU A 55 -8.04 -1.10 4.78
CA LEU A 55 -9.43 -0.73 4.99
C LEU A 55 -10.29 -1.01 3.77
N GLN A 56 -11.39 -1.71 3.98
CA GLN A 56 -12.31 -2.01 2.90
C GLN A 56 -12.95 -0.72 2.40
N ASN A 57 -12.97 -0.54 1.09
CA ASN A 57 -13.51 0.66 0.47
C ASN A 57 -14.99 0.88 0.80
N HIS A 58 -15.67 -0.16 1.26
CA HIS A 58 -17.09 -0.05 1.60
C HIS A 58 -17.31 0.40 3.03
N LEU A 59 -16.24 0.56 3.79
CA LEU A 59 -16.36 0.99 5.18
C LEU A 59 -16.40 2.51 5.28
N THR A 60 -16.93 3.00 6.39
CA THR A 60 -17.02 4.42 6.64
C THR A 60 -16.06 4.82 7.75
N VAL A 61 -15.78 6.10 7.88
CA VAL A 61 -14.86 6.60 8.90
C VAL A 61 -15.29 6.19 10.31
N GLN A 62 -16.58 6.35 10.62
CA GLN A 62 -17.08 5.99 11.94
C GLN A 62 -17.24 4.48 12.10
N ASN A 63 -16.91 3.73 11.05
CA ASN A 63 -17.03 2.29 11.09
C ASN A 63 -15.65 1.63 11.20
N CYS A 64 -14.63 2.44 11.46
CA CYS A 64 -13.28 1.93 11.59
C CYS A 64 -12.50 2.69 12.66
N ASP A 65 -11.22 2.36 12.81
CA ASP A 65 -10.34 2.98 13.81
C ASP A 65 -9.87 4.37 13.39
N LEU A 66 -10.63 5.06 12.55
CA LEU A 66 -10.24 6.38 12.09
C LEU A 66 -10.79 7.46 13.02
N GLU A 67 -9.95 8.43 13.32
CA GLU A 67 -10.33 9.54 14.19
C GLU A 67 -9.70 10.84 13.69
N GLN A 68 -9.83 11.89 14.47
CA GLN A 68 -9.26 13.18 14.12
C GLN A 68 -7.73 13.12 14.14
N GLN A 69 -7.12 13.69 13.09
CA GLN A 69 -5.66 13.75 12.94
C GLN A 69 -5.05 12.38 12.63
N SER A 70 -5.83 11.50 12.02
CA SER A 70 -5.33 10.18 11.66
C SER A 70 -4.68 10.21 10.28
N ILE A 71 -3.54 9.57 10.14
CA ILE A 71 -2.84 9.51 8.87
C ILE A 71 -3.09 8.15 8.20
N VAL A 72 -3.36 8.18 6.92
CA VAL A 72 -3.62 6.95 6.18
C VAL A 72 -2.67 6.84 4.98
N HIS A 73 -2.32 5.61 4.64
CA HIS A 73 -1.42 5.37 3.53
C HIS A 73 -2.22 4.88 2.34
N ILE A 74 -2.42 5.75 1.36
CA ILE A 74 -3.17 5.39 0.17
C ILE A 74 -2.26 5.29 -1.03
N VAL A 75 -2.13 4.08 -1.56
CA VAL A 75 -1.29 3.83 -2.71
C VAL A 75 -2.01 2.98 -3.73
N GLN A 76 -1.48 2.92 -4.93
CA GLN A 76 -2.06 2.15 -6.00
C GLN A 76 -1.54 0.72 -5.96
N ARG A 77 -2.45 -0.23 -5.86
CA ARG A 77 -2.08 -1.64 -5.85
C ARG A 77 -2.29 -2.23 -7.23
N PRO A 78 -1.21 -2.69 -7.86
CA PRO A 78 -1.29 -3.27 -9.19
C PRO A 78 -1.92 -4.66 -9.18
N GLN A 79 -2.73 -4.94 -10.19
CA GLN A 79 -3.40 -6.23 -10.31
C GLN A 79 -3.10 -6.84 -11.67
N ARG A 80 -2.56 -8.04 -11.69
CA ARG A 80 -2.24 -8.71 -12.95
C ARG A 80 -3.26 -9.80 -13.26
N LYS A 81 -4.27 -9.44 -14.04
CA LYS A 81 -5.32 -10.36 -14.40
C LYS A 81 -5.20 -10.73 -15.88
N ASP B 10 25.05 -6.59 1.02
CA ASP B 10 25.20 -6.39 -0.45
C ASP B 10 23.97 -6.89 -1.19
N GLN B 11 23.30 -7.88 -0.61
CA GLN B 11 22.11 -8.47 -1.21
C GLN B 11 20.92 -7.53 -1.09
N PRO B 12 20.29 -7.18 -2.23
CA PRO B 12 19.12 -6.31 -2.25
C PRO B 12 18.01 -6.84 -1.35
N CYS B 13 17.53 -6.00 -0.44
CA CYS B 13 16.49 -6.41 0.48
C CYS B 13 15.57 -5.24 0.79
N CYS B 14 14.31 -5.56 1.08
CA CYS B 14 13.34 -4.54 1.40
C CYS B 14 12.68 -4.85 2.75
N ARG B 15 12.24 -3.79 3.42
CA ARG B 15 11.60 -3.92 4.72
C ARG B 15 10.10 -3.72 4.56
N ALA B 16 9.34 -4.77 4.76
CA ALA B 16 7.89 -4.70 4.65
C ALA B 16 7.34 -3.80 5.75
N LEU B 17 6.63 -2.76 5.35
CA LEU B 17 6.05 -1.83 6.31
C LEU B 17 4.56 -2.09 6.48
N TYR B 18 4.01 -2.95 5.62
CA TYR B 18 2.59 -3.28 5.67
C TYR B 18 2.37 -4.76 5.39
N ASP B 19 1.24 -5.28 5.84
CA ASP B 19 0.89 -6.67 5.63
C ASP B 19 0.37 -6.89 4.20
N PHE B 20 0.77 -7.99 3.58
CA PHE B 20 0.34 -8.29 2.23
C PHE B 20 -0.08 -9.74 2.10
N GLU B 21 -1.36 -9.95 1.90
CA GLU B 21 -1.91 -11.29 1.76
C GLU B 21 -1.96 -11.65 0.28
N PRO B 22 -1.39 -12.81 -0.10
CA PRO B 22 -1.39 -13.25 -1.50
C PRO B 22 -2.81 -13.60 -1.95
N GLU B 23 -3.27 -12.94 -3.00
CA GLU B 23 -4.61 -13.18 -3.52
C GLU B 23 -4.53 -13.78 -4.91
N ASN B 24 -3.40 -13.57 -5.57
CA ASN B 24 -3.18 -14.10 -6.89
C ASN B 24 -2.07 -15.13 -6.85
N GLU B 25 -2.16 -16.15 -7.68
CA GLU B 25 -1.15 -17.18 -7.72
C GLU B 25 0.14 -16.62 -8.32
N GLY B 26 1.20 -16.71 -7.55
CA GLY B 26 2.48 -16.18 -8.00
C GLY B 26 2.95 -15.02 -7.12
N GLU B 27 2.02 -14.51 -6.30
CA GLU B 27 2.31 -13.41 -5.41
C GLU B 27 3.03 -13.91 -4.17
N LEU B 28 3.88 -13.08 -3.60
CA LEU B 28 4.61 -13.45 -2.41
C LEU B 28 4.01 -12.75 -1.20
N GLY B 29 3.51 -13.54 -0.26
CA GLY B 29 2.90 -12.96 0.92
C GLY B 29 3.94 -12.60 1.98
N PHE B 30 3.68 -11.53 2.71
CA PHE B 30 4.60 -11.09 3.75
C PHE B 30 3.88 -10.27 4.82
N LYS B 31 4.52 -10.10 5.97
CA LYS B 31 3.95 -9.35 7.07
C LYS B 31 4.80 -8.12 7.38
N GLU B 32 4.21 -7.16 8.09
CA GLU B 32 4.94 -5.95 8.46
C GLU B 32 6.17 -6.30 9.30
N GLY B 33 7.33 -5.87 8.83
CA GLY B 33 8.56 -6.15 9.54
C GLY B 33 9.35 -7.28 8.93
N ASP B 34 8.84 -7.84 7.84
CA ASP B 34 9.52 -8.94 7.18
C ASP B 34 10.55 -8.42 6.19
N ILE B 35 11.77 -8.93 6.30
CA ILE B 35 12.83 -8.53 5.39
C ILE B 35 12.78 -9.43 4.17
N ILE B 36 12.44 -8.84 3.03
CA ILE B 36 12.32 -9.60 1.79
C ILE B 36 13.54 -9.42 0.90
N THR B 37 14.05 -10.52 0.40
CA THR B 37 15.21 -10.50 -0.48
C THR B 37 14.81 -10.16 -1.92
N LEU B 38 15.13 -8.95 -2.33
CA LEU B 38 14.84 -8.47 -3.67
C LEU B 38 15.60 -9.29 -4.71
N THR B 39 14.86 -10.06 -5.50
CA THR B 39 15.45 -10.91 -6.50
C THR B 39 15.54 -10.21 -7.86
N ASN B 40 14.43 -9.65 -8.33
CA ASN B 40 14.40 -8.97 -9.62
C ASN B 40 13.22 -8.00 -9.69
N GLN B 41 13.22 -7.13 -10.69
CA GLN B 41 12.14 -6.16 -10.86
C GLN B 41 11.41 -6.44 -12.18
N ILE B 42 10.10 -6.62 -12.10
CA ILE B 42 9.30 -6.89 -13.28
C ILE B 42 9.02 -5.62 -14.05
N ASP B 43 8.21 -4.75 -13.48
CA ASP B 43 7.86 -3.50 -14.10
C ASP B 43 8.06 -2.35 -13.11
N GLU B 44 7.26 -1.30 -13.23
CA GLU B 44 7.39 -0.15 -12.36
C GLU B 44 6.45 -0.23 -11.16
N ASN B 45 5.72 -1.33 -11.04
CA ASN B 45 4.79 -1.50 -9.94
C ASN B 45 5.01 -2.84 -9.23
N TRP B 46 5.51 -3.83 -9.96
CA TRP B 46 5.75 -5.16 -9.40
C TRP B 46 7.23 -5.44 -9.14
N TYR B 47 7.52 -5.99 -7.97
CA TYR B 47 8.87 -6.36 -7.58
C TYR B 47 8.90 -7.85 -7.24
N GLU B 48 10.00 -8.51 -7.57
CA GLU B 48 10.14 -9.93 -7.28
C GLU B 48 11.05 -10.12 -6.07
N GLY B 49 10.64 -10.98 -5.15
CA GLY B 49 11.43 -11.21 -3.97
C GLY B 49 11.30 -12.62 -3.46
N MET B 50 12.14 -12.96 -2.49
CA MET B 50 12.14 -14.28 -1.89
C MET B 50 11.99 -14.17 -0.38
N LEU B 51 11.06 -14.93 0.18
CA LEU B 51 10.82 -14.91 1.61
C LEU B 51 10.49 -16.32 2.09
N HIS B 52 11.23 -16.79 3.11
CA HIS B 52 11.02 -18.13 3.67
C HIS B 52 11.34 -19.20 2.63
N GLY B 53 12.18 -18.83 1.65
CA GLY B 53 12.55 -19.74 0.60
C GLY B 53 11.69 -19.55 -0.64
N GLN B 54 10.41 -19.33 -0.41
CA GLN B 54 9.44 -19.13 -1.49
C GLN B 54 9.74 -17.84 -2.26
N SER B 55 9.38 -17.83 -3.53
CA SER B 55 9.62 -16.67 -4.38
C SER B 55 8.32 -16.23 -5.06
N GLY B 56 8.17 -14.92 -5.24
CA GLY B 56 6.99 -14.40 -5.88
C GLY B 56 7.12 -12.92 -6.15
N PHE B 57 6.04 -12.30 -6.62
CA PHE B 57 6.05 -10.88 -6.90
C PHE B 57 5.11 -10.13 -5.96
N PHE B 58 5.39 -8.85 -5.76
CA PHE B 58 4.60 -8.00 -4.88
C PHE B 58 4.74 -6.54 -5.31
N PRO B 59 3.82 -5.66 -4.88
CA PRO B 59 3.88 -4.22 -5.23
C PRO B 59 5.09 -3.53 -4.60
N ILE B 60 5.77 -2.72 -5.40
CA ILE B 60 6.95 -1.99 -4.93
C ILE B 60 6.57 -0.97 -3.85
N ASN B 61 5.45 -0.30 -4.06
CA ASN B 61 4.96 0.73 -3.14
C ASN B 61 4.29 0.15 -1.90
N TYR B 62 4.75 -1.01 -1.48
CA TYR B 62 4.21 -1.68 -0.31
C TYR B 62 5.33 -1.97 0.69
N VAL B 63 6.57 -1.76 0.26
CA VAL B 63 7.72 -2.03 1.12
C VAL B 63 8.74 -0.89 1.07
N GLU B 64 9.64 -0.88 2.06
CA GLU B 64 10.69 0.12 2.14
C GLU B 64 11.98 -0.49 1.60
N ILE B 65 12.58 0.15 0.62
CA ILE B 65 13.81 -0.35 0.02
C ILE B 65 15.03 -0.07 0.90
N LEU B 66 15.71 -1.13 1.31
CA LEU B 66 16.91 -1.01 2.12
C LEU B 66 18.11 -1.01 1.18
N VAL B 67 18.26 -2.10 0.45
CA VAL B 67 19.31 -2.25 -0.53
C VAL B 67 18.65 -2.44 -1.90
N ALA B 68 18.82 -1.44 -2.76
CA ALA B 68 18.22 -1.46 -4.08
C ALA B 68 18.98 -2.34 -5.06
N LEU B 69 18.33 -2.63 -6.18
CA LEU B 69 18.92 -3.44 -7.23
C LEU B 69 19.90 -2.60 -8.05
N PRO B 70 20.97 -3.23 -8.58
CA PRO B 70 21.96 -2.52 -9.40
C PRO B 70 21.33 -1.93 -10.66
N HIS B 71 21.70 -0.71 -11.00
CA HIS B 71 21.17 -0.06 -12.19
C HIS B 71 22.30 0.48 -13.04
N MET A 6 -13.67 16.58 10.10
CA MET A 6 -12.55 15.73 10.56
C MET A 6 -11.37 15.85 9.60
N ILE A 7 -10.17 15.89 10.16
CA ILE A 7 -8.97 16.01 9.35
C ILE A 7 -8.23 14.69 9.28
N VAL A 8 -7.90 14.29 8.05
CA VAL A 8 -7.17 13.06 7.83
C VAL A 8 -5.97 13.33 6.94
N PHE A 9 -4.85 12.69 7.23
CA PHE A 9 -3.64 12.87 6.46
C PHE A 9 -3.48 11.73 5.46
N VAL A 10 -3.59 12.05 4.19
CA VAL A 10 -3.47 11.07 3.14
C VAL A 10 -2.07 11.08 2.55
N ARG A 11 -1.43 9.92 2.53
CA ARG A 11 -0.09 9.79 1.99
C ARG A 11 -0.12 8.89 0.75
N PHE A 12 0.20 9.46 -0.40
CA PHE A 12 0.20 8.72 -1.65
C PHE A 12 1.62 8.44 -2.11
N ASN A 13 2.17 7.32 -1.66
CA ASN A 13 3.54 6.90 -2.02
C ASN A 13 4.50 8.10 -1.90
N SER A 14 4.59 8.67 -0.72
CA SER A 14 5.44 9.83 -0.51
C SER A 14 5.97 9.89 0.92
N SER A 15 6.80 10.88 1.19
CA SER A 15 7.37 11.07 2.53
C SER A 15 6.57 12.12 3.31
N TYR A 16 5.40 12.46 2.81
CA TYR A 16 4.55 13.46 3.45
C TYR A 16 3.08 13.17 3.13
N GLY A 17 2.19 13.91 3.75
CA GLY A 17 0.77 13.71 3.52
C GLY A 17 0.01 15.02 3.48
N PHE A 18 -1.18 15.00 2.91
CA PHE A 18 -2.00 16.19 2.82
C PHE A 18 -3.30 16.00 3.61
N PRO A 19 -3.72 17.01 4.41
CA PRO A 19 -4.93 16.94 5.20
C PRO A 19 -6.20 17.13 4.38
N VAL A 20 -7.12 16.17 4.50
CA VAL A 20 -8.39 16.20 3.80
C VAL A 20 -9.52 16.36 4.81
N GLU A 21 -10.53 17.14 4.46
CA GLU A 21 -11.67 17.36 5.33
C GLU A 21 -12.78 16.35 5.04
N VAL A 22 -13.05 15.49 6.01
CA VAL A 22 -14.08 14.48 5.87
C VAL A 22 -14.97 14.45 7.10
N ASP A 23 -15.97 13.59 7.09
CA ASP A 23 -16.88 13.47 8.21
C ASP A 23 -16.97 12.00 8.62
N SER A 24 -17.69 11.73 9.70
CA SER A 24 -17.83 10.37 10.20
C SER A 24 -18.57 9.45 9.22
N ASP A 25 -19.45 10.03 8.41
CA ASP A 25 -20.23 9.25 7.44
C ASP A 25 -19.51 9.08 6.12
N THR A 26 -18.31 9.64 6.00
CA THR A 26 -17.55 9.52 4.78
C THR A 26 -17.10 8.07 4.55
N SER A 27 -17.29 7.59 3.33
CA SER A 27 -16.91 6.22 2.98
C SER A 27 -15.45 6.16 2.55
N ILE A 28 -14.81 5.02 2.80
CA ILE A 28 -13.41 4.83 2.44
C ILE A 28 -13.20 4.99 0.94
N PHE A 29 -14.11 4.42 0.14
CA PHE A 29 -14.04 4.52 -1.31
C PHE A 29 -14.03 5.98 -1.77
N GLN A 30 -14.84 6.82 -1.12
CA GLN A 30 -14.92 8.23 -1.47
C GLN A 30 -13.58 8.91 -1.25
N LEU A 31 -12.97 8.64 -0.10
CA LEU A 31 -11.65 9.18 0.24
C LEU A 31 -10.62 8.80 -0.83
N LYS A 32 -10.81 7.63 -1.43
CA LYS A 32 -9.91 7.14 -2.46
C LYS A 32 -10.08 7.98 -3.73
N GLU A 33 -11.33 8.25 -4.09
CA GLU A 33 -11.64 9.06 -5.27
C GLU A 33 -11.02 10.44 -5.18
N VAL A 34 -10.87 10.94 -3.96
CA VAL A 34 -10.28 12.25 -3.73
C VAL A 34 -8.86 12.30 -4.30
N VAL A 35 -8.11 11.22 -4.08
CA VAL A 35 -6.75 11.13 -4.58
C VAL A 35 -6.74 10.65 -6.03
N ALA A 36 -7.74 9.85 -6.37
CA ALA A 36 -7.87 9.30 -7.72
C ALA A 36 -7.91 10.42 -8.76
N LYS A 37 -8.69 11.47 -8.49
CA LYS A 37 -8.82 12.59 -9.41
C LYS A 37 -7.58 13.48 -9.37
N ARG A 38 -6.77 13.35 -8.32
CA ARG A 38 -5.57 14.16 -8.19
C ARG A 38 -4.38 13.58 -8.95
N GLN A 39 -4.28 12.25 -8.96
CA GLN A 39 -3.17 11.57 -9.63
C GLN A 39 -3.56 11.01 -10.99
N GLY A 40 -4.87 10.91 -11.24
CA GLY A 40 -5.33 10.36 -12.50
C GLY A 40 -5.21 8.85 -12.54
N VAL A 41 -5.57 8.23 -11.42
CA VAL A 41 -5.50 6.79 -11.30
C VAL A 41 -6.83 6.27 -10.77
N PRO A 42 -7.44 5.30 -11.48
CA PRO A 42 -8.72 4.70 -11.09
C PRO A 42 -8.79 4.37 -9.61
N ALA A 43 -9.82 4.90 -8.94
CA ALA A 43 -10.02 4.70 -7.52
C ALA A 43 -10.15 3.23 -7.15
N ASP A 44 -10.52 2.42 -8.12
CA ASP A 44 -10.69 0.98 -7.91
C ASP A 44 -9.36 0.32 -7.57
N GLN A 45 -8.29 0.79 -8.20
CA GLN A 45 -6.96 0.21 -7.98
C GLN A 45 -6.29 0.77 -6.73
N LEU A 46 -6.79 1.89 -6.23
CA LEU A 46 -6.21 2.50 -5.04
C LEU A 46 -6.64 1.76 -3.78
N ARG A 47 -5.72 1.64 -2.82
CA ARG A 47 -6.00 0.96 -1.56
C ARG A 47 -5.68 1.90 -0.40
N VAL A 48 -6.36 1.72 0.72
CA VAL A 48 -6.14 2.55 1.90
C VAL A 48 -5.63 1.71 3.06
N ILE A 49 -4.44 2.03 3.55
CA ILE A 49 -3.85 1.28 4.65
C ILE A 49 -3.66 2.18 5.88
N PHE A 50 -4.22 1.77 6.99
CA PHE A 50 -4.10 2.51 8.23
C PHE A 50 -3.42 1.65 9.28
N ALA A 51 -2.20 2.04 9.66
CA ALA A 51 -1.43 1.31 10.67
C ALA A 51 -1.27 -0.17 10.31
N GLY A 52 -1.04 -0.44 9.03
CA GLY A 52 -0.87 -1.81 8.58
C GLY A 52 -2.20 -2.52 8.35
N LYS A 53 -3.29 -1.82 8.55
CA LYS A 53 -4.62 -2.38 8.35
C LYS A 53 -5.26 -1.86 7.08
N GLU A 54 -5.53 -2.74 6.13
CA GLU A 54 -6.19 -2.33 4.90
C GLU A 54 -7.67 -2.14 5.17
N LEU A 55 -8.14 -0.91 5.03
CA LEU A 55 -9.53 -0.59 5.32
C LEU A 55 -10.43 -0.93 4.15
N GLN A 56 -11.54 -1.61 4.46
CA GLN A 56 -12.52 -1.99 3.45
C GLN A 56 -13.10 -0.75 2.80
N ASN A 57 -13.01 -0.69 1.49
CA ASN A 57 -13.48 0.45 0.71
C ASN A 57 -14.96 0.77 0.92
N HIS A 58 -15.74 -0.19 1.41
CA HIS A 58 -17.15 0.03 1.61
C HIS A 58 -17.48 0.50 3.02
N LEU A 59 -16.47 0.59 3.87
CA LEU A 59 -16.69 1.03 5.25
C LEU A 59 -16.67 2.55 5.37
N THR A 60 -17.05 3.05 6.54
CA THR A 60 -17.07 4.48 6.79
C THR A 60 -16.06 4.83 7.88
N VAL A 61 -15.77 6.11 8.02
CA VAL A 61 -14.83 6.60 9.03
C VAL A 61 -15.22 6.13 10.44
N GLN A 62 -16.50 6.25 10.78
CA GLN A 62 -17.00 5.84 12.09
C GLN A 62 -17.12 4.33 12.22
N ASN A 63 -16.85 3.62 11.12
CA ASN A 63 -16.99 2.17 11.11
C ASN A 63 -15.62 1.50 10.93
N CYS A 64 -14.56 2.18 11.33
CA CYS A 64 -13.22 1.63 11.22
C CYS A 64 -12.34 2.13 12.36
N ASP A 65 -11.04 2.26 12.09
CA ASP A 65 -10.08 2.69 13.11
C ASP A 65 -9.60 4.13 12.85
N LEU A 66 -10.42 4.91 12.14
CA LEU A 66 -10.04 6.28 11.83
C LEU A 66 -10.59 7.27 12.85
N GLU A 67 -9.77 8.25 13.24
CA GLU A 67 -10.17 9.27 14.19
C GLU A 67 -9.65 10.63 13.74
N GLN A 68 -9.87 11.67 14.54
CA GLN A 68 -9.41 13.01 14.21
C GLN A 68 -7.87 13.06 14.13
N GLN A 69 -7.37 13.60 13.03
CA GLN A 69 -5.93 13.74 12.79
C GLN A 69 -5.27 12.38 12.57
N SER A 70 -5.96 11.50 11.85
CA SER A 70 -5.45 10.17 11.54
C SER A 70 -4.66 10.21 10.24
N ILE A 71 -3.63 9.39 10.15
CA ILE A 71 -2.80 9.32 8.95
C ILE A 71 -3.04 8.00 8.24
N VAL A 72 -3.22 8.05 6.93
CA VAL A 72 -3.45 6.86 6.15
C VAL A 72 -2.54 6.83 4.93
N HIS A 73 -2.24 5.63 4.46
CA HIS A 73 -1.39 5.46 3.30
C HIS A 73 -2.22 4.92 2.15
N ILE A 74 -2.29 5.69 1.08
CA ILE A 74 -3.07 5.29 -0.09
C ILE A 74 -2.14 5.06 -1.27
N VAL A 75 -2.10 3.83 -1.75
CA VAL A 75 -1.26 3.48 -2.88
C VAL A 75 -2.05 2.63 -3.85
N GLN A 76 -1.60 2.60 -5.08
CA GLN A 76 -2.26 1.82 -6.12
C GLN A 76 -1.71 0.40 -6.15
N ARG A 77 -2.60 -0.57 -6.03
CA ARG A 77 -2.22 -1.97 -6.08
C ARG A 77 -2.40 -2.46 -7.50
N PRO A 78 -1.31 -2.83 -8.16
CA PRO A 78 -1.34 -3.29 -9.55
C PRO A 78 -1.99 -4.66 -9.69
N GLN A 79 -2.74 -4.83 -10.76
CA GLN A 79 -3.39 -6.10 -11.04
C GLN A 79 -2.65 -6.77 -12.18
N ARG A 80 -2.05 -7.91 -11.89
CA ARG A 80 -1.28 -8.63 -12.88
C ARG A 80 -2.01 -9.90 -13.28
N LYS A 81 -2.54 -9.91 -14.49
CA LYS A 81 -3.27 -11.05 -15.01
C LYS A 81 -3.45 -10.89 -16.52
N ASP B 10 25.23 -7.28 1.24
CA ASP B 10 25.53 -7.06 -0.19
C ASP B 10 24.33 -7.43 -1.06
N GLN B 11 23.56 -8.42 -0.63
CA GLN B 11 22.40 -8.87 -1.38
C GLN B 11 21.22 -7.92 -1.18
N PRO B 12 20.65 -7.39 -2.28
CA PRO B 12 19.50 -6.48 -2.23
C PRO B 12 18.34 -7.07 -1.42
N CYS B 13 17.80 -6.27 -0.53
CA CYS B 13 16.71 -6.69 0.34
C CYS B 13 15.82 -5.50 0.70
N CYS B 14 14.58 -5.79 1.00
CA CYS B 14 13.64 -4.75 1.37
C CYS B 14 12.88 -5.14 2.63
N ARG B 15 12.30 -4.15 3.28
CA ARG B 15 11.55 -4.35 4.51
C ARG B 15 10.06 -4.13 4.24
N ALA B 16 9.26 -5.13 4.53
CA ALA B 16 7.82 -5.05 4.35
C ALA B 16 7.23 -3.99 5.26
N LEU B 17 6.68 -2.94 4.67
CA LEU B 17 6.10 -1.86 5.44
C LEU B 17 4.68 -2.17 5.88
N TYR B 18 3.98 -2.98 5.10
CA TYR B 18 2.61 -3.33 5.43
C TYR B 18 2.35 -4.81 5.19
N ASP B 19 1.20 -5.28 5.66
CA ASP B 19 0.81 -6.67 5.51
C ASP B 19 0.28 -6.96 4.11
N PHE B 20 0.81 -7.98 3.46
CA PHE B 20 0.38 -8.34 2.12
C PHE B 20 0.04 -9.82 2.05
N GLU B 21 -1.23 -10.10 1.81
CA GLU B 21 -1.71 -11.46 1.70
C GLU B 21 -1.83 -11.86 0.23
N PRO B 22 -1.35 -13.05 -0.12
CA PRO B 22 -1.40 -13.56 -1.50
C PRO B 22 -2.84 -13.71 -1.98
N GLU B 23 -3.21 -12.93 -2.96
CA GLU B 23 -4.55 -12.95 -3.51
C GLU B 23 -4.52 -13.43 -4.96
N ASN B 24 -3.44 -13.15 -5.66
CA ASN B 24 -3.28 -13.56 -7.04
C ASN B 24 -2.26 -14.68 -7.11
N GLU B 25 -2.15 -15.34 -8.25
CA GLU B 25 -1.21 -16.42 -8.42
C GLU B 25 0.20 -15.88 -8.67
N GLY B 26 1.12 -16.25 -7.79
CA GLY B 26 2.50 -15.81 -7.92
C GLY B 26 2.84 -14.68 -6.97
N GLU B 27 1.85 -14.22 -6.21
CA GLU B 27 2.08 -13.15 -5.24
C GLU B 27 2.79 -13.68 -4.01
N LEU B 28 3.81 -12.95 -3.57
CA LEU B 28 4.56 -13.33 -2.39
C LEU B 28 3.94 -12.74 -1.13
N GLY B 29 3.45 -13.60 -0.26
CA GLY B 29 2.83 -13.14 0.97
C GLY B 29 3.87 -12.79 2.02
N PHE B 30 3.67 -11.67 2.69
CA PHE B 30 4.59 -11.23 3.73
C PHE B 30 3.87 -10.40 4.78
N LYS B 31 4.47 -10.26 5.94
CA LYS B 31 3.87 -9.50 7.02
C LYS B 31 4.66 -8.24 7.31
N GLU B 32 4.00 -7.27 7.92
CA GLU B 32 4.63 -6.01 8.28
C GLU B 32 5.87 -6.25 9.14
N GLY B 33 7.03 -5.82 8.65
CA GLY B 33 8.27 -6.00 9.39
C GLY B 33 9.15 -7.10 8.83
N ASP B 34 8.65 -7.82 7.83
CA ASP B 34 9.41 -8.92 7.23
C ASP B 34 10.46 -8.41 6.26
N ILE B 35 11.64 -9.03 6.30
CA ILE B 35 12.73 -8.68 5.41
C ILE B 35 12.73 -9.62 4.21
N ILE B 36 12.51 -9.07 3.03
CA ILE B 36 12.44 -9.89 1.81
C ILE B 36 13.69 -9.76 0.96
N THR B 37 14.16 -10.88 0.43
CA THR B 37 15.34 -10.90 -0.42
C THR B 37 14.95 -10.50 -1.84
N LEU B 38 15.33 -9.29 -2.22
CA LEU B 38 15.03 -8.77 -3.55
C LEU B 38 15.84 -9.50 -4.61
N THR B 39 15.17 -10.07 -5.61
CA THR B 39 15.86 -10.79 -6.65
C THR B 39 15.79 -10.08 -8.00
N ASN B 40 14.65 -9.50 -8.34
CA ASN B 40 14.49 -8.83 -9.63
C ASN B 40 13.25 -7.93 -9.64
N GLN B 41 13.14 -7.10 -10.67
CA GLN B 41 12.00 -6.21 -10.82
C GLN B 41 11.33 -6.49 -12.17
N ILE B 42 10.01 -6.57 -12.18
CA ILE B 42 9.29 -6.85 -13.42
C ILE B 42 8.96 -5.57 -14.15
N ASP B 43 8.09 -4.76 -13.55
CA ASP B 43 7.69 -3.49 -14.13
C ASP B 43 7.87 -2.37 -13.12
N GLU B 44 7.19 -1.26 -13.33
CA GLU B 44 7.30 -0.10 -12.45
C GLU B 44 6.60 -0.30 -11.11
N ASN B 45 5.84 -1.38 -10.94
CA ASN B 45 5.13 -1.57 -9.68
C ASN B 45 5.24 -2.99 -9.12
N TRP B 46 5.85 -3.91 -9.85
CA TRP B 46 6.01 -5.29 -9.37
C TRP B 46 7.47 -5.64 -9.10
N TYR B 47 7.75 -6.09 -7.88
CA TYR B 47 9.09 -6.50 -7.48
C TYR B 47 9.10 -7.99 -7.16
N GLU B 48 10.17 -8.67 -7.53
CA GLU B 48 10.30 -10.10 -7.27
C GLU B 48 11.25 -10.33 -6.11
N GLY B 49 10.90 -11.27 -5.24
CA GLY B 49 11.74 -11.55 -4.10
C GLY B 49 11.47 -12.90 -3.47
N MET B 50 12.25 -13.23 -2.45
CA MET B 50 12.09 -14.50 -1.74
C MET B 50 12.01 -14.26 -0.24
N LEU B 51 11.02 -14.88 0.40
CA LEU B 51 10.85 -14.78 1.83
C LEU B 51 10.74 -16.15 2.46
N HIS B 52 11.74 -16.50 3.27
CA HIS B 52 11.81 -17.79 3.96
C HIS B 52 11.82 -18.96 2.98
N GLY B 53 12.30 -18.70 1.77
CA GLY B 53 12.36 -19.75 0.77
C GLY B 53 11.25 -19.62 -0.27
N GLN B 54 10.18 -18.93 0.10
CA GLN B 54 9.06 -18.74 -0.80
C GLN B 54 9.37 -17.60 -1.79
N SER B 55 9.14 -17.86 -3.07
CA SER B 55 9.42 -16.86 -4.09
C SER B 55 8.14 -16.38 -4.76
N GLY B 56 8.15 -15.12 -5.17
CA GLY B 56 6.99 -14.54 -5.84
C GLY B 56 7.18 -13.06 -6.06
N PHE B 57 6.15 -12.40 -6.57
CA PHE B 57 6.23 -10.96 -6.82
C PHE B 57 5.28 -10.20 -5.90
N PHE B 58 5.58 -8.94 -5.67
CA PHE B 58 4.78 -8.08 -4.82
C PHE B 58 4.91 -6.62 -5.25
N PRO B 59 3.94 -5.76 -4.91
CA PRO B 59 3.97 -4.34 -5.27
C PRO B 59 5.12 -3.59 -4.61
N ILE B 60 5.80 -2.77 -5.41
CA ILE B 60 6.95 -1.99 -4.95
C ILE B 60 6.54 -0.94 -3.92
N ASN B 61 5.39 -0.32 -4.14
CA ASN B 61 4.89 0.73 -3.24
C ASN B 61 4.26 0.13 -1.98
N TYR B 62 4.75 -1.03 -1.56
CA TYR B 62 4.27 -1.69 -0.36
C TYR B 62 5.44 -2.05 0.56
N VAL B 63 6.66 -1.78 0.10
CA VAL B 63 7.86 -2.12 0.88
C VAL B 63 8.84 -0.97 0.96
N GLU B 64 9.74 -1.06 1.95
CA GLU B 64 10.78 -0.08 2.16
C GLU B 64 12.08 -0.66 1.64
N ILE B 65 12.71 0.03 0.71
CA ILE B 65 13.94 -0.47 0.12
C ILE B 65 15.14 -0.20 1.03
N LEU B 66 15.76 -1.28 1.48
CA LEU B 66 16.93 -1.19 2.34
C LEU B 66 18.18 -1.19 1.48
N VAL B 67 18.30 -2.21 0.65
CA VAL B 67 19.41 -2.33 -0.28
C VAL B 67 18.85 -2.40 -1.70
N ALA B 68 19.06 -1.32 -2.44
CA ALA B 68 18.54 -1.19 -3.80
C ALA B 68 19.16 -2.19 -4.77
N LEU B 69 18.38 -2.52 -5.80
CA LEU B 69 18.82 -3.43 -6.85
C LEU B 69 19.72 -2.66 -7.81
N PRO B 70 20.91 -3.22 -8.13
CA PRO B 70 21.88 -2.58 -9.03
C PRO B 70 21.25 -2.04 -10.31
N HIS B 71 21.30 -0.72 -10.46
CA HIS B 71 20.76 -0.05 -11.63
C HIS B 71 21.76 0.97 -12.16
N MET A 6 -14.14 16.30 9.85
CA MET A 6 -12.96 15.61 10.42
C MET A 6 -11.80 15.67 9.44
N ILE A 7 -10.62 16.00 9.94
CA ILE A 7 -9.45 16.11 9.10
C ILE A 7 -8.62 14.83 9.16
N VAL A 8 -8.26 14.32 8.00
CA VAL A 8 -7.44 13.13 7.90
C VAL A 8 -6.24 13.43 7.01
N PHE A 9 -5.12 12.80 7.27
CA PHE A 9 -3.92 13.04 6.48
C PHE A 9 -3.71 11.92 5.48
N VAL A 10 -3.78 12.25 4.20
CA VAL A 10 -3.62 11.27 3.15
C VAL A 10 -2.20 11.29 2.59
N ARG A 11 -1.57 10.13 2.62
CA ARG A 11 -0.21 9.98 2.11
C ARG A 11 -0.23 9.04 0.92
N PHE A 12 0.26 9.51 -0.22
CA PHE A 12 0.28 8.69 -1.43
C PHE A 12 1.71 8.37 -1.87
N ASN A 13 2.24 7.25 -1.36
CA ASN A 13 3.59 6.78 -1.68
C ASN A 13 4.62 7.92 -1.61
N SER A 14 4.50 8.77 -0.60
CA SER A 14 5.42 9.90 -0.48
C SER A 14 5.79 10.14 0.98
N SER A 15 6.71 11.07 1.18
CA SER A 15 7.18 11.43 2.51
C SER A 15 6.34 12.53 3.15
N TYR A 16 5.15 12.78 2.62
CA TYR A 16 4.27 13.83 3.15
C TYR A 16 2.81 13.40 3.07
N GLY A 17 1.94 14.21 3.68
CA GLY A 17 0.52 13.92 3.67
C GLY A 17 -0.29 15.21 3.66
N PHE A 18 -1.42 15.18 2.96
CA PHE A 18 -2.29 16.36 2.88
C PHE A 18 -3.56 16.15 3.69
N PRO A 19 -3.99 17.18 4.43
CA PRO A 19 -5.20 17.10 5.25
C PRO A 19 -6.47 17.21 4.42
N VAL A 20 -7.34 16.22 4.58
CA VAL A 20 -8.60 16.17 3.86
C VAL A 20 -9.76 16.21 4.85
N GLU A 21 -10.79 16.99 4.55
CA GLU A 21 -11.95 17.11 5.41
C GLU A 21 -13.01 16.08 5.04
N VAL A 22 -13.23 15.12 5.93
CA VAL A 22 -14.22 14.08 5.72
C VAL A 22 -15.24 14.08 6.84
N ASP A 23 -16.25 13.23 6.73
CA ASP A 23 -17.29 13.14 7.75
C ASP A 23 -17.37 11.71 8.27
N SER A 24 -18.23 11.48 9.25
CA SER A 24 -18.38 10.17 9.87
C SER A 24 -18.92 9.11 8.89
N ASP A 25 -19.78 9.53 7.98
CA ASP A 25 -20.38 8.60 7.04
C ASP A 25 -19.54 8.46 5.77
N THR A 26 -18.38 9.10 5.75
CA THR A 26 -17.50 9.02 4.59
C THR A 26 -16.99 7.59 4.44
N SER A 27 -17.20 7.02 3.27
CA SER A 27 -16.76 5.67 2.99
C SER A 27 -15.31 5.70 2.48
N ILE A 28 -14.57 4.64 2.78
CA ILE A 28 -13.18 4.54 2.36
C ILE A 28 -13.05 4.69 0.85
N PHE A 29 -13.97 4.08 0.11
CA PHE A 29 -13.95 4.17 -1.36
C PHE A 29 -14.00 5.62 -1.82
N GLN A 30 -14.76 6.45 -1.11
CA GLN A 30 -14.90 7.86 -1.46
C GLN A 30 -13.58 8.58 -1.24
N LEU A 31 -12.92 8.28 -0.12
CA LEU A 31 -11.63 8.89 0.20
C LEU A 31 -10.59 8.50 -0.84
N LYS A 32 -10.80 7.36 -1.46
CA LYS A 32 -9.89 6.86 -2.49
C LYS A 32 -10.02 7.73 -3.74
N GLU A 33 -11.25 8.09 -4.06
CA GLU A 33 -11.54 8.94 -5.22
C GLU A 33 -10.79 10.26 -5.11
N VAL A 34 -10.59 10.72 -3.89
CA VAL A 34 -9.88 11.98 -3.63
C VAL A 34 -8.48 11.95 -4.26
N VAL A 35 -7.79 10.84 -4.12
CA VAL A 35 -6.45 10.68 -4.68
C VAL A 35 -6.54 10.29 -6.14
N ALA A 36 -7.54 9.47 -6.46
CA ALA A 36 -7.78 8.98 -7.81
C ALA A 36 -7.91 10.13 -8.81
N LYS A 37 -8.80 11.08 -8.53
CA LYS A 37 -9.02 12.20 -9.44
C LYS A 37 -7.90 13.23 -9.33
N ARG A 38 -7.10 13.14 -8.28
CA ARG A 38 -6.00 14.09 -8.08
C ARG A 38 -4.76 13.67 -8.87
N GLN A 39 -4.36 12.41 -8.70
CA GLN A 39 -3.16 11.91 -9.37
C GLN A 39 -3.47 11.25 -10.71
N GLY A 40 -4.75 11.05 -11.02
CA GLY A 40 -5.11 10.42 -12.28
C GLY A 40 -4.82 8.93 -12.24
N VAL A 41 -5.31 8.28 -11.18
CA VAL A 41 -5.12 6.85 -10.98
C VAL A 41 -6.46 6.16 -10.76
N PRO A 42 -6.69 5.01 -11.43
CA PRO A 42 -7.93 4.24 -11.28
C PRO A 42 -8.19 3.88 -9.81
N ALA A 43 -9.35 4.28 -9.31
CA ALA A 43 -9.74 4.02 -7.92
C ALA A 43 -9.74 2.54 -7.60
N ASP A 44 -9.99 1.69 -8.59
CA ASP A 44 -10.04 0.25 -8.40
C ASP A 44 -8.65 -0.33 -8.15
N GLN A 45 -7.61 0.47 -8.40
CA GLN A 45 -6.24 0.01 -8.20
C GLN A 45 -5.63 0.64 -6.94
N LEU A 46 -6.38 1.54 -6.32
CA LEU A 46 -5.90 2.22 -5.11
C LEU A 46 -6.31 1.47 -3.84
N ARG A 47 -5.42 1.42 -2.86
CA ARG A 47 -5.68 0.76 -1.58
C ARG A 47 -5.47 1.74 -0.44
N VAL A 48 -6.12 1.51 0.68
CA VAL A 48 -5.99 2.40 1.83
C VAL A 48 -5.50 1.63 3.05
N ILE A 49 -4.35 2.03 3.57
CA ILE A 49 -3.75 1.37 4.72
C ILE A 49 -3.63 2.34 5.89
N PHE A 50 -4.08 1.89 7.05
CA PHE A 50 -4.01 2.71 8.26
C PHE A 50 -3.43 1.90 9.41
N ALA A 51 -2.34 2.41 9.98
CA ALA A 51 -1.67 1.77 11.10
C ALA A 51 -1.33 0.30 10.83
N GLY A 52 -0.78 0.04 9.65
CA GLY A 52 -0.42 -1.32 9.27
C GLY A 52 -1.61 -2.23 9.05
N LYS A 53 -2.77 -1.64 8.81
CA LYS A 53 -3.99 -2.40 8.59
C LYS A 53 -4.72 -1.88 7.36
N GLU A 54 -5.07 -2.77 6.45
CA GLU A 54 -5.78 -2.38 5.25
C GLU A 54 -7.26 -2.14 5.57
N LEU A 55 -7.76 -0.98 5.18
CA LEU A 55 -9.14 -0.61 5.45
C LEU A 55 -10.06 -1.05 4.31
N GLN A 56 -11.15 -1.72 4.66
CA GLN A 56 -12.11 -2.16 3.68
C GLN A 56 -12.76 -0.97 3.00
N ASN A 57 -12.73 -0.97 1.68
CA ASN A 57 -13.29 0.11 0.87
C ASN A 57 -14.77 0.38 1.18
N HIS A 58 -15.46 -0.61 1.71
CA HIS A 58 -16.89 -0.46 2.02
C HIS A 58 -17.11 0.02 3.45
N LEU A 59 -16.04 0.31 4.17
CA LEU A 59 -16.15 0.77 5.54
C LEU A 59 -16.23 2.30 5.58
N THR A 60 -16.62 2.82 6.74
CA THR A 60 -16.74 4.26 6.91
C THR A 60 -15.86 4.73 8.07
N VAL A 61 -15.66 6.04 8.16
CA VAL A 61 -14.82 6.64 9.20
C VAL A 61 -15.30 6.26 10.61
N GLN A 62 -16.61 6.34 10.85
CA GLN A 62 -17.15 6.00 12.16
C GLN A 62 -17.30 4.49 12.34
N ASN A 63 -16.86 3.71 11.36
CA ASN A 63 -16.94 2.26 11.45
C ASN A 63 -15.54 1.66 11.49
N CYS A 64 -14.58 2.48 11.87
CA CYS A 64 -13.20 2.04 11.98
C CYS A 64 -12.47 2.86 13.04
N ASP A 65 -11.22 2.52 13.29
CA ASP A 65 -10.40 3.20 14.29
C ASP A 65 -9.79 4.49 13.75
N LEU A 66 -10.53 5.19 12.91
CA LEU A 66 -10.06 6.44 12.35
C LEU A 66 -10.56 7.60 13.20
N GLU A 67 -9.69 8.54 13.51
CA GLU A 67 -10.05 9.69 14.31
C GLU A 67 -9.52 10.97 13.68
N GLN A 68 -9.67 12.08 14.39
CA GLN A 68 -9.21 13.37 13.91
C GLN A 68 -7.69 13.42 13.78
N GLN A 69 -7.22 13.93 12.64
CA GLN A 69 -5.79 14.10 12.36
C GLN A 69 -5.09 12.75 12.17
N SER A 70 -5.87 11.73 11.82
CA SER A 70 -5.31 10.40 11.60
C SER A 70 -4.58 10.35 10.27
N ILE A 71 -3.40 9.74 10.28
CA ILE A 71 -2.60 9.61 9.07
C ILE A 71 -2.89 8.27 8.41
N VAL A 72 -3.14 8.31 7.11
CA VAL A 72 -3.43 7.10 6.35
C VAL A 72 -2.54 7.04 5.12
N HIS A 73 -2.24 5.84 4.66
CA HIS A 73 -1.39 5.68 3.50
C HIS A 73 -2.18 5.06 2.37
N ILE A 74 -2.38 5.83 1.32
CA ILE A 74 -3.13 5.37 0.17
C ILE A 74 -2.17 5.13 -0.99
N VAL A 75 -1.93 3.87 -1.29
CA VAL A 75 -1.04 3.50 -2.37
C VAL A 75 -1.76 2.66 -3.40
N GLN A 76 -1.25 2.68 -4.62
CA GLN A 76 -1.85 1.93 -5.71
C GLN A 76 -1.25 0.55 -5.82
N ARG A 77 -2.03 -0.47 -5.47
CA ARG A 77 -1.57 -1.85 -5.56
C ARG A 77 -1.89 -2.38 -6.94
N PRO A 78 -0.87 -2.73 -7.72
CA PRO A 78 -1.04 -3.26 -9.07
C PRO A 78 -1.77 -4.59 -9.06
N GLN A 79 -2.72 -4.75 -9.97
CA GLN A 79 -3.48 -5.99 -10.07
C GLN A 79 -3.13 -6.71 -11.37
N ARG A 80 -2.29 -7.72 -11.28
CA ARG A 80 -1.87 -8.48 -12.45
C ARG A 80 -2.45 -9.90 -12.38
N LYS A 81 -2.80 -10.44 -13.54
CA LYS A 81 -3.35 -11.78 -13.62
C LYS A 81 -3.04 -12.36 -15.00
N ASP B 10 25.16 -6.37 1.52
CA ASP B 10 25.63 -6.64 0.14
C ASP B 10 24.50 -7.24 -0.69
N GLN B 11 23.66 -8.04 -0.07
CA GLN B 11 22.54 -8.67 -0.76
C GLN B 11 21.31 -7.76 -0.73
N PRO B 12 20.74 -7.45 -1.90
CA PRO B 12 19.54 -6.60 -2.01
C PRO B 12 18.38 -7.13 -1.19
N CYS B 13 17.83 -6.28 -0.34
CA CYS B 13 16.72 -6.66 0.51
C CYS B 13 15.79 -5.48 0.74
N CYS B 14 14.53 -5.78 1.02
CA CYS B 14 13.53 -4.74 1.26
C CYS B 14 12.78 -5.02 2.56
N ARG B 15 12.25 -3.96 3.14
CA ARG B 15 11.51 -4.04 4.39
C ARG B 15 10.01 -3.86 4.14
N ALA B 16 9.23 -4.89 4.48
CA ALA B 16 7.79 -4.82 4.31
C ALA B 16 7.18 -3.83 5.28
N LEU B 17 6.62 -2.75 4.75
CA LEU B 17 6.03 -1.73 5.60
C LEU B 17 4.55 -1.98 5.81
N TYR B 18 3.97 -2.89 5.03
CA TYR B 18 2.55 -3.20 5.14
C TYR B 18 2.29 -4.68 4.94
N ASP B 19 1.06 -5.09 5.19
CA ASP B 19 0.64 -6.48 5.05
C ASP B 19 0.25 -6.74 3.60
N PHE B 20 0.66 -7.88 3.06
CA PHE B 20 0.34 -8.21 1.68
C PHE B 20 -0.38 -9.56 1.58
N GLU B 21 -1.69 -9.50 1.43
CA GLU B 21 -2.51 -10.69 1.30
C GLU B 21 -2.56 -11.15 -0.15
N PRO B 22 -2.11 -12.39 -0.44
CA PRO B 22 -2.14 -12.93 -1.80
C PRO B 22 -3.57 -13.03 -2.35
N GLU B 23 -3.84 -12.27 -3.40
CA GLU B 23 -5.16 -12.28 -4.01
C GLU B 23 -5.10 -12.96 -5.37
N ASN B 24 -3.94 -12.87 -6.01
CA ASN B 24 -3.75 -13.48 -7.32
C ASN B 24 -2.65 -14.54 -7.24
N GLU B 25 -2.59 -15.39 -8.26
CA GLU B 25 -1.59 -16.45 -8.31
C GLU B 25 -0.23 -15.89 -8.73
N GLY B 26 0.76 -16.05 -7.86
CA GLY B 26 2.08 -15.55 -8.15
C GLY B 26 2.51 -14.44 -7.19
N GLU B 27 1.55 -13.95 -6.42
CA GLU B 27 1.81 -12.89 -5.46
C GLU B 27 2.54 -13.44 -4.24
N LEU B 28 3.62 -12.78 -3.85
CA LEU B 28 4.39 -13.20 -2.69
C LEU B 28 3.78 -12.60 -1.43
N GLY B 29 3.16 -13.44 -0.63
CA GLY B 29 2.53 -12.98 0.58
C GLY B 29 3.52 -12.73 1.70
N PHE B 30 3.35 -11.61 2.39
CA PHE B 30 4.23 -11.24 3.49
C PHE B 30 3.48 -10.31 4.43
N LYS B 31 4.02 -10.12 5.63
CA LYS B 31 3.39 -9.26 6.60
C LYS B 31 4.31 -8.09 6.99
N GLU B 32 3.73 -7.14 7.70
CA GLU B 32 4.46 -5.97 8.16
C GLU B 32 5.68 -6.37 9.00
N GLY B 33 6.83 -5.86 8.61
CA GLY B 33 8.06 -6.16 9.34
C GLY B 33 8.85 -7.31 8.74
N ASP B 34 8.38 -7.85 7.62
CA ASP B 34 9.07 -8.96 6.98
C ASP B 34 10.14 -8.45 6.02
N ILE B 35 11.32 -9.05 6.06
CA ILE B 35 12.40 -8.66 5.17
C ILE B 35 12.42 -9.58 3.97
N ILE B 36 12.23 -9.02 2.78
CA ILE B 36 12.19 -9.81 1.57
C ILE B 36 13.47 -9.60 0.76
N THR B 37 14.07 -10.70 0.33
CA THR B 37 15.28 -10.65 -0.48
C THR B 37 14.94 -10.23 -1.90
N LEU B 38 15.19 -8.96 -2.20
CA LEU B 38 14.91 -8.41 -3.52
C LEU B 38 15.71 -9.16 -4.58
N THR B 39 15.00 -9.82 -5.49
CA THR B 39 15.65 -10.60 -6.52
C THR B 39 15.68 -9.88 -7.87
N ASN B 40 14.60 -9.18 -8.24
CA ASN B 40 14.54 -8.50 -9.53
C ASN B 40 13.30 -7.61 -9.61
N GLN B 41 13.10 -6.97 -10.76
CA GLN B 41 11.96 -6.10 -10.99
C GLN B 41 11.27 -6.46 -12.30
N ILE B 42 9.97 -6.74 -12.26
CA ILE B 42 9.23 -7.10 -13.46
C ILE B 42 8.95 -5.87 -14.30
N ASP B 43 8.03 -5.04 -13.84
CA ASP B 43 7.67 -3.82 -14.54
C ASP B 43 7.95 -2.61 -13.66
N GLU B 44 7.14 -1.57 -13.79
CA GLU B 44 7.34 -0.35 -13.01
C GLU B 44 6.58 -0.39 -11.67
N ASN B 45 6.00 -1.53 -11.34
CA ASN B 45 5.25 -1.62 -10.09
C ASN B 45 5.46 -2.96 -9.38
N TRP B 46 5.79 -4.00 -10.14
CA TRP B 46 6.01 -5.32 -9.58
C TRP B 46 7.48 -5.59 -9.26
N TYR B 47 7.73 -6.02 -8.04
CA TYR B 47 9.06 -6.35 -7.59
C TYR B 47 9.15 -7.85 -7.32
N GLU B 48 10.27 -8.46 -7.66
CA GLU B 48 10.47 -9.89 -7.46
C GLU B 48 11.34 -10.12 -6.23
N GLY B 49 10.93 -11.03 -5.38
CA GLY B 49 11.71 -11.32 -4.19
C GLY B 49 11.44 -12.70 -3.64
N MET B 50 12.20 -13.10 -2.63
CA MET B 50 12.04 -14.41 -2.02
C MET B 50 11.86 -14.28 -0.51
N LEU B 51 10.89 -15.01 0.02
CA LEU B 51 10.63 -15.00 1.46
C LEU B 51 10.19 -16.39 1.91
N HIS B 52 10.83 -16.91 2.95
CA HIS B 52 10.52 -18.24 3.49
C HIS B 52 10.72 -19.33 2.44
N GLY B 53 11.54 -19.04 1.43
CA GLY B 53 11.81 -19.99 0.38
C GLY B 53 10.82 -19.89 -0.76
N GLN B 54 9.84 -19.00 -0.62
CA GLN B 54 8.83 -18.82 -1.66
C GLN B 54 9.21 -17.65 -2.55
N SER B 55 9.01 -17.82 -3.85
CA SER B 55 9.32 -16.78 -4.82
C SER B 55 8.04 -16.25 -5.45
N GLY B 56 7.89 -14.93 -5.45
CA GLY B 56 6.71 -14.32 -6.02
C GLY B 56 6.91 -12.85 -6.26
N PHE B 57 5.90 -12.19 -6.79
CA PHE B 57 6.00 -10.76 -7.07
C PHE B 57 5.12 -9.96 -6.12
N PHE B 58 5.52 -8.73 -5.84
CA PHE B 58 4.79 -7.84 -4.95
C PHE B 58 4.99 -6.39 -5.38
N PRO B 59 4.13 -5.46 -4.93
CA PRO B 59 4.22 -4.05 -5.30
C PRO B 59 5.42 -3.33 -4.67
N ILE B 60 6.06 -2.47 -5.44
CA ILE B 60 7.21 -1.69 -4.98
C ILE B 60 6.81 -0.67 -3.92
N ASN B 61 5.58 -0.17 -4.02
CA ASN B 61 5.10 0.84 -3.07
C ASN B 61 4.59 0.20 -1.78
N TYR B 62 4.91 -1.08 -1.59
CA TYR B 62 4.49 -1.80 -0.39
C TYR B 62 5.71 -2.15 0.48
N VAL B 63 6.89 -1.82 -0.03
CA VAL B 63 8.12 -2.13 0.68
C VAL B 63 9.09 -0.95 0.72
N GLU B 64 10.01 -1.01 1.66
CA GLU B 64 11.04 0.02 1.82
C GLU B 64 12.37 -0.56 1.37
N ILE B 65 13.10 0.18 0.55
CA ILE B 65 14.36 -0.30 0.02
C ILE B 65 15.49 -0.15 1.03
N LEU B 66 16.08 -1.29 1.42
CA LEU B 66 17.19 -1.29 2.36
C LEU B 66 18.50 -1.35 1.57
N VAL B 67 18.67 -2.44 0.85
CA VAL B 67 19.85 -2.61 0.00
C VAL B 67 19.38 -2.59 -1.45
N ALA B 68 19.76 -1.54 -2.18
CA ALA B 68 19.36 -1.36 -3.56
C ALA B 68 19.88 -2.47 -4.48
N LEU B 69 19.04 -2.81 -5.44
CA LEU B 69 19.38 -3.81 -6.45
C LEU B 69 20.27 -3.17 -7.50
N PRO B 70 21.32 -3.89 -7.95
CA PRO B 70 22.26 -3.38 -8.97
C PRO B 70 21.55 -2.88 -10.23
N HIS B 71 21.70 -1.60 -10.50
CA HIS B 71 21.10 -0.98 -11.66
C HIS B 71 22.13 -0.17 -12.42
N MET A 6 -14.28 16.42 9.80
CA MET A 6 -13.16 15.60 10.33
C MET A 6 -11.98 15.68 9.37
N ILE A 7 -10.81 16.00 9.91
CA ILE A 7 -9.61 16.11 9.09
C ILE A 7 -8.79 14.83 9.13
N VAL A 8 -8.48 14.33 7.95
CA VAL A 8 -7.68 13.12 7.81
C VAL A 8 -6.47 13.42 6.94
N PHE A 9 -5.33 12.87 7.30
CA PHE A 9 -4.10 13.10 6.54
C PHE A 9 -3.91 11.99 5.51
N VAL A 10 -4.01 12.35 4.24
CA VAL A 10 -3.86 11.38 3.16
C VAL A 10 -2.43 11.41 2.63
N ARG A 11 -1.80 10.25 2.62
CA ARG A 11 -0.44 10.11 2.15
C ARG A 11 -0.39 9.22 0.91
N PHE A 12 0.17 9.73 -0.18
CA PHE A 12 0.27 8.96 -1.42
C PHE A 12 1.73 8.73 -1.80
N ASN A 13 2.28 7.61 -1.32
CA ASN A 13 3.68 7.21 -1.63
C ASN A 13 4.66 8.35 -1.29
N SER A 14 4.31 9.14 -0.30
CA SER A 14 5.14 10.27 0.12
C SER A 14 5.49 10.15 1.60
N SER A 15 6.10 11.19 2.15
CA SER A 15 6.49 11.19 3.55
C SER A 15 5.38 11.73 4.44
N TYR A 16 4.80 12.86 4.03
CA TYR A 16 3.74 13.49 4.81
C TYR A 16 2.36 13.18 4.23
N GLY A 17 1.36 13.91 4.72
CA GLY A 17 0.01 13.71 4.27
C GLY A 17 -0.74 15.02 4.18
N PHE A 18 -1.60 15.13 3.17
CA PHE A 18 -2.39 16.35 2.98
C PHE A 18 -3.68 16.25 3.77
N PRO A 19 -4.07 17.31 4.50
CA PRO A 19 -5.30 17.30 5.28
C PRO A 19 -6.53 17.36 4.39
N VAL A 20 -7.41 16.39 4.55
CA VAL A 20 -8.63 16.32 3.78
C VAL A 20 -9.84 16.40 4.71
N GLU A 21 -10.83 17.19 4.32
CA GLU A 21 -12.03 17.37 5.13
C GLU A 21 -13.08 16.35 4.74
N VAL A 22 -13.41 15.47 5.67
CA VAL A 22 -14.43 14.45 5.45
C VAL A 22 -15.40 14.42 6.62
N ASP A 23 -16.44 13.61 6.51
CA ASP A 23 -17.41 13.49 7.57
C ASP A 23 -17.50 12.03 8.02
N SER A 24 -18.25 11.77 9.08
CA SER A 24 -18.37 10.42 9.61
C SER A 24 -19.07 9.46 8.64
N ASP A 25 -19.95 9.99 7.80
CA ASP A 25 -20.67 9.16 6.83
C ASP A 25 -19.83 8.89 5.59
N THR A 26 -18.69 9.55 5.48
CA THR A 26 -17.81 9.40 4.33
C THR A 26 -17.30 7.96 4.22
N SER A 27 -17.30 7.42 3.01
CA SER A 27 -16.83 6.07 2.75
C SER A 27 -15.41 6.08 2.24
N ILE A 28 -14.68 5.01 2.48
CA ILE A 28 -13.30 4.87 2.03
C ILE A 28 -13.19 5.11 0.52
N PHE A 29 -14.14 4.53 -0.22
CA PHE A 29 -14.19 4.67 -1.67
C PHE A 29 -14.12 6.14 -2.09
N GLN A 30 -14.91 6.97 -1.43
CA GLN A 30 -14.96 8.40 -1.73
C GLN A 30 -13.62 9.07 -1.42
N LEU A 31 -13.07 8.79 -0.24
CA LEU A 31 -11.78 9.34 0.17
C LEU A 31 -10.68 8.97 -0.84
N LYS A 32 -10.81 7.80 -1.45
CA LYS A 32 -9.86 7.33 -2.43
C LYS A 32 -9.97 8.15 -3.71
N GLU A 33 -11.22 8.44 -4.10
CA GLU A 33 -11.48 9.23 -5.28
C GLU A 33 -10.81 10.60 -5.20
N VAL A 34 -10.67 11.12 -3.99
CA VAL A 34 -10.01 12.40 -3.78
C VAL A 34 -8.58 12.36 -4.31
N VAL A 35 -7.92 11.23 -4.07
CA VAL A 35 -6.56 11.04 -4.53
C VAL A 35 -6.56 10.65 -6.01
N ALA A 36 -7.57 9.87 -6.39
CA ALA A 36 -7.73 9.41 -7.77
C ALA A 36 -7.77 10.57 -8.75
N LYS A 37 -8.66 11.52 -8.49
CA LYS A 37 -8.81 12.69 -9.37
C LYS A 37 -7.64 13.66 -9.22
N ARG A 38 -6.84 13.49 -8.17
CA ARG A 38 -5.72 14.38 -7.94
C ARG A 38 -4.48 13.94 -8.70
N GLN A 39 -4.16 12.66 -8.65
CA GLN A 39 -2.97 12.14 -9.32
C GLN A 39 -3.30 11.57 -10.69
N GLY A 40 -4.57 11.27 -10.93
CA GLY A 40 -4.95 10.69 -12.20
C GLY A 40 -4.75 9.19 -12.19
N VAL A 41 -5.32 8.54 -11.20
CA VAL A 41 -5.21 7.11 -11.03
C VAL A 41 -6.58 6.51 -10.70
N PRO A 42 -6.98 5.41 -11.37
CA PRO A 42 -8.26 4.76 -11.10
C PRO A 42 -8.43 4.41 -9.63
N ALA A 43 -9.58 4.74 -9.07
CA ALA A 43 -9.87 4.47 -7.66
C ALA A 43 -9.80 2.99 -7.32
N ASP A 44 -10.04 2.13 -8.31
CA ASP A 44 -10.01 0.68 -8.08
C ASP A 44 -8.57 0.18 -7.87
N GLN A 45 -7.60 1.01 -8.20
CA GLN A 45 -6.20 0.63 -8.04
C GLN A 45 -5.59 1.26 -6.79
N LEU A 46 -6.40 1.99 -6.04
CA LEU A 46 -5.92 2.63 -4.83
C LEU A 46 -6.33 1.86 -3.57
N ARG A 47 -5.44 1.83 -2.59
CA ARG A 47 -5.69 1.13 -1.33
C ARG A 47 -5.42 2.08 -0.18
N VAL A 48 -6.09 1.86 0.95
CA VAL A 48 -5.90 2.70 2.12
C VAL A 48 -5.42 1.87 3.28
N ILE A 49 -4.21 2.16 3.76
CA ILE A 49 -3.63 1.42 4.87
C ILE A 49 -3.57 2.29 6.11
N PHE A 50 -4.26 1.86 7.16
CA PHE A 50 -4.28 2.59 8.42
C PHE A 50 -3.84 1.67 9.55
N ALA A 51 -2.74 2.04 10.22
CA ALA A 51 -2.20 1.27 11.33
C ALA A 51 -1.88 -0.17 10.91
N GLY A 52 -1.46 -0.33 9.66
CA GLY A 52 -1.12 -1.65 9.16
C GLY A 52 -2.35 -2.45 8.78
N LYS A 53 -3.47 -1.78 8.62
CA LYS A 53 -4.72 -2.43 8.25
C LYS A 53 -5.33 -1.75 7.04
N GLU A 54 -5.54 -2.51 5.98
CA GLU A 54 -6.14 -1.97 4.77
C GLU A 54 -7.66 -1.87 4.94
N LEU A 55 -8.17 -0.65 4.82
CA LEU A 55 -9.59 -0.40 4.98
C LEU A 55 -10.33 -0.71 3.68
N GLN A 56 -11.43 -1.41 3.81
CA GLN A 56 -12.24 -1.80 2.66
C GLN A 56 -12.97 -0.61 2.05
N ASN A 57 -13.06 -0.63 0.72
CA ASN A 57 -13.74 0.41 -0.07
C ASN A 57 -15.12 0.79 0.48
N HIS A 58 -15.88 -0.20 0.94
CA HIS A 58 -17.25 0.04 1.43
C HIS A 58 -17.30 0.42 2.91
N LEU A 59 -16.14 0.59 3.53
CA LEU A 59 -16.10 0.94 4.95
C LEU A 59 -16.31 2.44 5.13
N THR A 60 -16.95 2.81 6.23
CA THR A 60 -17.20 4.21 6.55
C THR A 60 -16.30 4.67 7.67
N VAL A 61 -16.06 5.97 7.76
CA VAL A 61 -15.21 6.54 8.79
C VAL A 61 -15.68 6.13 10.19
N GLN A 62 -16.97 6.28 10.44
CA GLN A 62 -17.56 5.94 11.75
C GLN A 62 -17.54 4.43 12.03
N ASN A 63 -17.19 3.64 11.02
CA ASN A 63 -17.16 2.19 11.20
C ASN A 63 -15.71 1.70 11.30
N CYS A 64 -14.77 2.61 11.10
CA CYS A 64 -13.37 2.26 11.16
C CYS A 64 -12.68 2.92 12.35
N ASP A 65 -11.38 2.66 12.48
CA ASP A 65 -10.58 3.22 13.56
C ASP A 65 -10.15 4.64 13.23
N LEU A 66 -10.95 5.33 12.42
CA LEU A 66 -10.62 6.68 12.01
C LEU A 66 -11.24 7.70 12.95
N GLU A 67 -10.41 8.57 13.49
CA GLU A 67 -10.87 9.60 14.39
C GLU A 67 -10.36 10.95 13.91
N GLN A 68 -10.66 12.01 14.64
CA GLN A 68 -10.19 13.33 14.27
C GLN A 68 -8.66 13.36 14.21
N GLN A 69 -8.14 13.73 13.05
CA GLN A 69 -6.70 13.83 12.82
C GLN A 69 -6.03 12.45 12.78
N SER A 70 -6.38 11.68 11.76
CA SER A 70 -5.79 10.35 11.57
C SER A 70 -4.99 10.34 10.28
N ILE A 71 -3.85 9.66 10.27
CA ILE A 71 -3.02 9.59 9.08
C ILE A 71 -3.21 8.24 8.39
N VAL A 72 -3.44 8.28 7.09
CA VAL A 72 -3.64 7.08 6.31
C VAL A 72 -2.71 7.04 5.11
N HIS A 73 -2.35 5.86 4.67
CA HIS A 73 -1.48 5.72 3.53
C HIS A 73 -2.27 5.16 2.35
N ILE A 74 -2.47 6.00 1.35
CA ILE A 74 -3.21 5.60 0.17
C ILE A 74 -2.23 5.43 -0.99
N VAL A 75 -1.90 4.18 -1.28
CA VAL A 75 -0.97 3.87 -2.35
C VAL A 75 -1.64 3.02 -3.42
N GLN A 76 -1.04 3.01 -4.60
CA GLN A 76 -1.57 2.24 -5.71
C GLN A 76 -1.13 0.79 -5.59
N ARG A 77 -2.08 -0.13 -5.64
CA ARG A 77 -1.76 -1.54 -5.57
C ARG A 77 -2.02 -2.18 -6.93
N PRO A 78 -0.95 -2.63 -7.60
CA PRO A 78 -1.07 -3.24 -8.91
C PRO A 78 -1.83 -4.56 -8.86
N GLN A 79 -2.82 -4.70 -9.73
CA GLN A 79 -3.61 -5.92 -9.79
C GLN A 79 -3.14 -6.72 -10.99
N ARG A 80 -2.49 -7.85 -10.73
CA ARG A 80 -1.98 -8.68 -11.80
C ARG A 80 -3.12 -9.48 -12.44
N LYS A 81 -3.73 -8.88 -13.45
CA LYS A 81 -4.84 -9.50 -14.17
C LYS A 81 -4.79 -9.03 -15.62
N ASP B 10 25.78 -6.69 0.70
CA ASP B 10 25.75 -6.66 -0.79
C ASP B 10 24.52 -7.38 -1.34
N GLN B 11 23.93 -8.26 -0.53
CA GLN B 11 22.76 -9.02 -0.95
C GLN B 11 21.52 -8.14 -1.00
N PRO B 12 20.90 -8.01 -2.19
CA PRO B 12 19.69 -7.20 -2.36
C PRO B 12 18.55 -7.66 -1.46
N CYS B 13 18.05 -6.76 -0.64
CA CYS B 13 16.96 -7.08 0.29
C CYS B 13 16.08 -5.86 0.53
N CYS B 14 14.83 -6.12 0.90
CA CYS B 14 13.88 -5.05 1.17
C CYS B 14 13.20 -5.27 2.52
N ARG B 15 12.73 -4.19 3.11
CA ARG B 15 12.05 -4.23 4.40
C ARG B 15 10.53 -4.07 4.22
N ALA B 16 9.78 -5.04 4.75
CA ALA B 16 8.33 -4.99 4.66
C ALA B 16 7.77 -3.92 5.57
N LEU B 17 7.20 -2.87 4.98
CA LEU B 17 6.62 -1.78 5.74
C LEU B 17 5.17 -2.06 6.10
N TYR B 18 4.53 -2.88 5.27
CA TYR B 18 3.13 -3.24 5.48
C TYR B 18 2.92 -4.72 5.24
N ASP B 19 1.81 -5.24 5.74
CA ASP B 19 1.47 -6.64 5.59
C ASP B 19 0.84 -6.91 4.23
N PHE B 20 1.28 -7.96 3.57
CA PHE B 20 0.76 -8.31 2.27
C PHE B 20 0.33 -9.76 2.23
N GLU B 21 -0.96 -9.98 2.03
CA GLU B 21 -1.52 -11.33 1.97
C GLU B 21 -1.75 -11.71 0.51
N PRO B 22 -1.28 -12.89 0.10
CA PRO B 22 -1.45 -13.37 -1.29
C PRO B 22 -2.91 -13.60 -1.63
N GLU B 23 -3.38 -12.92 -2.66
CA GLU B 23 -4.75 -13.06 -3.11
C GLU B 23 -4.79 -13.90 -4.38
N ASN B 24 -3.68 -13.90 -5.10
CA ASN B 24 -3.57 -14.66 -6.34
C ASN B 24 -2.40 -15.64 -6.25
N GLU B 25 -2.10 -16.29 -7.36
CA GLU B 25 -1.00 -17.23 -7.41
C GLU B 25 0.25 -16.55 -7.94
N GLY B 26 1.39 -16.92 -7.38
CA GLY B 26 2.64 -16.34 -7.82
C GLY B 26 3.03 -15.15 -6.96
N GLU B 27 2.10 -14.70 -6.13
CA GLU B 27 2.34 -13.57 -5.25
C GLU B 27 3.09 -14.02 -4.00
N LEU B 28 3.95 -13.15 -3.48
CA LEU B 28 4.71 -13.48 -2.29
C LEU B 28 4.11 -12.78 -1.06
N GLY B 29 3.66 -13.57 -0.12
CA GLY B 29 3.09 -13.01 1.09
C GLY B 29 4.12 -12.79 2.18
N PHE B 30 3.99 -11.69 2.90
CA PHE B 30 4.92 -11.35 3.96
C PHE B 30 4.23 -10.47 5.00
N LYS B 31 4.81 -10.42 6.18
CA LYS B 31 4.27 -9.62 7.27
C LYS B 31 5.13 -8.39 7.51
N GLU B 32 4.56 -7.41 8.18
CA GLU B 32 5.27 -6.18 8.48
C GLU B 32 6.50 -6.47 9.33
N GLY B 33 7.67 -6.14 8.80
CA GLY B 33 8.91 -6.37 9.52
C GLY B 33 9.79 -7.42 8.85
N ASP B 34 9.20 -8.22 7.97
CA ASP B 34 9.94 -9.25 7.26
C ASP B 34 10.94 -8.68 6.26
N ILE B 35 12.10 -9.29 6.18
CA ILE B 35 13.11 -8.86 5.22
C ILE B 35 13.05 -9.80 4.02
N ILE B 36 12.71 -9.28 2.86
CA ILE B 36 12.58 -10.09 1.67
C ILE B 36 13.82 -10.02 0.80
N THR B 37 14.18 -11.15 0.21
CA THR B 37 15.34 -11.24 -0.67
C THR B 37 14.98 -10.78 -2.08
N LEU B 38 15.35 -9.56 -2.41
CA LEU B 38 15.06 -8.98 -3.73
C LEU B 38 15.91 -9.67 -4.79
N THR B 39 15.26 -10.25 -5.80
CA THR B 39 15.99 -10.95 -6.84
C THR B 39 15.84 -10.31 -8.22
N ASN B 40 14.65 -9.79 -8.53
CA ASN B 40 14.41 -9.22 -9.85
C ASN B 40 13.20 -8.27 -9.82
N GLN B 41 12.98 -7.55 -10.90
CA GLN B 41 11.86 -6.63 -11.00
C GLN B 41 10.99 -7.01 -12.20
N ILE B 42 9.68 -6.93 -12.04
CA ILE B 42 8.77 -7.29 -13.11
C ILE B 42 8.42 -6.08 -13.96
N ASP B 43 7.92 -5.03 -13.31
CA ASP B 43 7.56 -3.81 -14.01
C ASP B 43 7.71 -2.60 -13.10
N GLU B 44 6.99 -1.53 -13.40
CA GLU B 44 7.07 -0.30 -12.63
C GLU B 44 6.26 -0.37 -11.34
N ASN B 45 5.68 -1.53 -11.03
CA ASN B 45 4.90 -1.67 -9.82
C ASN B 45 5.10 -3.02 -9.13
N TRP B 46 5.46 -4.04 -9.91
CA TRP B 46 5.68 -5.38 -9.36
C TRP B 46 7.16 -5.68 -9.16
N TYR B 47 7.49 -6.18 -7.98
CA TYR B 47 8.85 -6.56 -7.63
C TYR B 47 8.91 -8.06 -7.38
N GLU B 48 10.01 -8.69 -7.77
CA GLU B 48 10.19 -10.13 -7.59
C GLU B 48 11.17 -10.39 -6.45
N GLY B 49 10.83 -11.32 -5.57
CA GLY B 49 11.70 -11.63 -4.45
C GLY B 49 11.48 -13.01 -3.88
N MET B 50 12.29 -13.35 -2.90
CA MET B 50 12.20 -14.65 -2.26
C MET B 50 12.15 -14.50 -0.74
N LEU B 51 11.28 -15.26 -0.09
CA LEU B 51 11.13 -15.23 1.35
C LEU B 51 10.97 -16.64 1.89
N HIS B 52 12.02 -17.14 2.53
CA HIS B 52 12.02 -18.48 3.11
C HIS B 52 11.75 -19.53 2.03
N GLY B 53 12.49 -19.45 0.94
CA GLY B 53 12.33 -20.38 -0.16
C GLY B 53 11.23 -19.95 -1.12
N GLN B 54 10.12 -19.48 -0.55
CA GLN B 54 8.99 -19.05 -1.37
C GLN B 54 9.37 -17.88 -2.24
N SER B 55 9.15 -18.02 -3.54
CA SER B 55 9.48 -16.96 -4.48
C SER B 55 8.21 -16.43 -5.15
N GLY B 56 8.06 -15.12 -5.18
CA GLY B 56 6.89 -14.53 -5.79
C GLY B 56 7.05 -13.04 -6.02
N PHE B 57 6.00 -12.41 -6.51
CA PHE B 57 6.05 -10.98 -6.75
C PHE B 57 5.19 -10.23 -5.75
N PHE B 58 5.56 -8.97 -5.53
CA PHE B 58 4.86 -8.11 -4.59
C PHE B 58 4.96 -6.65 -5.06
N PRO B 59 4.07 -5.77 -4.59
CA PRO B 59 4.09 -4.35 -4.98
C PRO B 59 5.31 -3.62 -4.43
N ILE B 60 5.92 -2.80 -5.28
CA ILE B 60 7.12 -2.03 -4.91
C ILE B 60 6.82 -1.02 -3.80
N ASN B 61 5.69 -0.31 -3.93
CA ASN B 61 5.32 0.71 -2.94
C ASN B 61 4.68 0.12 -1.70
N TYR B 62 5.14 -1.07 -1.32
CA TYR B 62 4.65 -1.75 -0.14
C TYR B 62 5.81 -2.06 0.80
N VAL B 63 7.03 -1.90 0.29
CA VAL B 63 8.22 -2.19 1.07
C VAL B 63 9.26 -1.08 0.92
N GLU B 64 10.27 -1.14 1.78
CA GLU B 64 11.36 -0.18 1.78
C GLU B 64 12.61 -0.84 1.22
N ILE B 65 13.22 -0.22 0.22
CA ILE B 65 14.41 -0.78 -0.40
C ILE B 65 15.68 -0.36 0.35
N LEU B 66 16.44 -1.35 0.76
CA LEU B 66 17.70 -1.11 1.47
C LEU B 66 18.85 -1.25 0.49
N VAL B 67 18.82 -2.36 -0.25
CA VAL B 67 19.83 -2.64 -1.26
C VAL B 67 19.12 -2.79 -2.60
N ALA B 68 19.23 -1.78 -3.44
CA ALA B 68 18.59 -1.78 -4.74
C ALA B 68 19.30 -2.68 -5.74
N LEU B 69 18.58 -3.05 -6.80
CA LEU B 69 19.13 -3.89 -7.85
C LEU B 69 20.07 -3.08 -8.72
N PRO B 70 21.25 -3.63 -9.05
CA PRO B 70 22.25 -2.97 -9.89
C PRO B 70 21.65 -2.40 -11.17
N HIS B 71 21.80 -1.10 -11.36
CA HIS B 71 21.27 -0.44 -12.55
C HIS B 71 22.34 0.45 -13.16
N MET A 6 -13.98 16.49 9.86
CA MET A 6 -12.86 15.68 10.39
C MET A 6 -11.70 15.73 9.41
N ILE A 7 -10.54 16.15 9.90
CA ILE A 7 -9.35 16.26 9.07
C ILE A 7 -8.54 14.98 9.13
N VAL A 8 -8.24 14.43 7.96
CA VAL A 8 -7.44 13.23 7.86
C VAL A 8 -6.24 13.50 6.94
N PHE A 9 -5.11 12.88 7.23
CA PHE A 9 -3.92 13.09 6.43
C PHE A 9 -3.71 11.94 5.47
N VAL A 10 -3.77 12.23 4.18
CA VAL A 10 -3.61 11.21 3.16
C VAL A 10 -2.17 11.21 2.64
N ARG A 11 -1.52 10.06 2.70
CA ARG A 11 -0.16 9.91 2.22
C ARG A 11 -0.12 8.97 1.02
N PHE A 12 0.24 9.51 -0.14
CA PHE A 12 0.29 8.72 -1.37
C PHE A 12 1.74 8.48 -1.79
N ASN A 13 2.32 7.40 -1.29
CA ASN A 13 3.71 7.01 -1.59
C ASN A 13 4.66 8.20 -1.42
N SER A 14 4.67 8.78 -0.23
CA SER A 14 5.51 9.92 0.07
C SER A 14 5.87 9.92 1.55
N SER A 15 6.48 11.00 2.01
CA SER A 15 6.87 11.12 3.39
C SER A 15 5.78 11.82 4.21
N TYR A 16 5.25 12.91 3.66
CA TYR A 16 4.23 13.70 4.33
C TYR A 16 2.83 13.34 3.83
N GLY A 17 1.85 14.14 4.22
CA GLY A 17 0.48 13.89 3.83
C GLY A 17 -0.33 15.17 3.78
N PHE A 18 -1.39 15.17 2.98
CA PHE A 18 -2.24 16.34 2.86
C PHE A 18 -3.54 16.12 3.62
N PRO A 19 -4.02 17.16 4.33
CA PRO A 19 -5.24 17.08 5.12
C PRO A 19 -6.52 17.23 4.28
N VAL A 20 -7.40 16.27 4.40
CA VAL A 20 -8.66 16.29 3.67
C VAL A 20 -9.82 16.41 4.67
N GLU A 21 -10.76 17.30 4.37
CA GLU A 21 -11.90 17.51 5.25
C GLU A 21 -13.01 16.52 4.93
N VAL A 22 -13.11 15.49 5.74
CA VAL A 22 -14.13 14.47 5.56
C VAL A 22 -15.06 14.45 6.76
N ASP A 23 -16.11 13.68 6.68
CA ASP A 23 -17.06 13.58 7.78
C ASP A 23 -17.17 12.13 8.23
N SER A 24 -17.81 11.90 9.37
CA SER A 24 -17.96 10.56 9.91
C SER A 24 -18.71 9.61 8.97
N ASP A 25 -19.60 10.16 8.16
CA ASP A 25 -20.39 9.36 7.23
C ASP A 25 -19.66 9.13 5.90
N THR A 26 -18.49 9.76 5.74
CA THR A 26 -17.70 9.61 4.51
C THR A 26 -17.24 8.15 4.35
N SER A 27 -17.33 7.65 3.13
CA SER A 27 -16.92 6.28 2.84
C SER A 27 -15.46 6.21 2.41
N ILE A 28 -14.80 5.10 2.73
CA ILE A 28 -13.41 4.90 2.37
C ILE A 28 -13.17 5.08 0.88
N PHE A 29 -14.07 4.52 0.08
CA PHE A 29 -13.98 4.62 -1.39
C PHE A 29 -13.92 6.08 -1.84
N GLN A 30 -14.68 6.94 -1.18
CA GLN A 30 -14.72 8.36 -1.52
C GLN A 30 -13.34 9.00 -1.35
N LEU A 31 -12.70 8.70 -0.21
CA LEU A 31 -11.37 9.22 0.08
C LEU A 31 -10.36 8.82 -1.00
N LYS A 32 -10.60 7.66 -1.62
CA LYS A 32 -9.72 7.18 -2.68
C LYS A 32 -9.90 8.00 -3.95
N GLU A 33 -11.15 8.32 -4.26
CA GLU A 33 -11.47 9.10 -5.46
C GLU A 33 -10.74 10.45 -5.43
N VAL A 34 -10.56 10.99 -4.23
CA VAL A 34 -9.86 12.26 -4.07
C VAL A 34 -8.42 12.15 -4.58
N VAL A 35 -7.79 11.03 -4.28
CA VAL A 35 -6.42 10.78 -4.70
C VAL A 35 -6.39 10.38 -6.17
N ALA A 36 -7.40 9.61 -6.57
CA ALA A 36 -7.54 9.14 -7.93
C ALA A 36 -7.56 10.28 -8.93
N LYS A 37 -8.40 11.28 -8.67
CA LYS A 37 -8.52 12.42 -9.56
C LYS A 37 -7.34 13.38 -9.43
N ARG A 38 -6.57 13.24 -8.36
CA ARG A 38 -5.41 14.10 -8.15
C ARG A 38 -4.18 13.56 -8.90
N GLN A 39 -4.01 12.25 -8.84
CA GLN A 39 -2.86 11.60 -9.48
C GLN A 39 -3.19 11.07 -10.88
N GLY A 40 -4.47 10.94 -11.17
CA GLY A 40 -4.87 10.41 -12.47
C GLY A 40 -4.69 8.91 -12.52
N VAL A 41 -5.07 8.25 -11.43
CA VAL A 41 -4.94 6.81 -11.30
C VAL A 41 -6.28 6.19 -10.90
N PRO A 42 -6.67 5.07 -11.54
CA PRO A 42 -7.93 4.37 -11.22
C PRO A 42 -8.14 4.21 -9.72
N ALA A 43 -9.28 4.70 -9.23
CA ALA A 43 -9.61 4.62 -7.81
C ALA A 43 -9.67 3.19 -7.29
N ASP A 44 -9.98 2.25 -8.17
CA ASP A 44 -10.08 0.85 -7.77
C ASP A 44 -8.70 0.22 -7.59
N GLN A 45 -7.66 0.88 -8.10
CA GLN A 45 -6.30 0.37 -7.97
C GLN A 45 -5.63 0.92 -6.72
N LEU A 46 -6.34 1.76 -5.99
CA LEU A 46 -5.81 2.35 -4.77
C LEU A 46 -6.38 1.67 -3.54
N ARG A 47 -5.55 1.53 -2.52
CA ARG A 47 -5.95 0.90 -1.27
C ARG A 47 -5.66 1.85 -0.10
N VAL A 48 -6.38 1.69 0.99
CA VAL A 48 -6.19 2.56 2.15
C VAL A 48 -5.76 1.72 3.35
N ILE A 49 -4.60 2.04 3.89
CA ILE A 49 -4.06 1.31 5.03
C ILE A 49 -3.89 2.24 6.22
N PHE A 50 -4.46 1.84 7.36
CA PHE A 50 -4.38 2.62 8.58
C PHE A 50 -4.05 1.71 9.76
N ALA A 51 -2.95 2.02 10.43
CA ALA A 51 -2.49 1.26 11.60
C ALA A 51 -2.21 -0.20 11.25
N GLY A 52 -1.71 -0.43 10.04
CA GLY A 52 -1.41 -1.78 9.59
C GLY A 52 -2.65 -2.55 9.21
N LYS A 53 -3.75 -1.84 9.02
CA LYS A 53 -5.02 -2.46 8.66
C LYS A 53 -5.57 -1.83 7.37
N GLU A 54 -5.77 -2.66 6.36
CA GLU A 54 -6.33 -2.18 5.09
C GLU A 54 -7.84 -1.98 5.25
N LEU A 55 -8.27 -0.73 5.11
CA LEU A 55 -9.67 -0.40 5.27
C LEU A 55 -10.50 -0.75 4.05
N GLN A 56 -11.62 -1.42 4.29
CA GLN A 56 -12.52 -1.82 3.22
C GLN A 56 -13.14 -0.58 2.59
N ASN A 57 -13.13 -0.53 1.27
CA ASN A 57 -13.65 0.62 0.53
C ASN A 57 -15.14 0.87 0.79
N HIS A 58 -15.85 -0.13 1.31
CA HIS A 58 -17.28 0.01 1.58
C HIS A 58 -17.56 0.50 3.00
N LEU A 59 -16.52 0.68 3.80
CA LEU A 59 -16.70 1.14 5.18
C LEU A 59 -16.69 2.66 5.26
N THR A 60 -17.22 3.19 6.35
CA THR A 60 -17.26 4.62 6.57
C THR A 60 -16.30 5.00 7.70
N VAL A 61 -16.04 6.30 7.84
CA VAL A 61 -15.16 6.80 8.89
C VAL A 61 -15.61 6.33 10.27
N GLN A 62 -16.90 6.48 10.55
CA GLN A 62 -17.46 6.09 11.84
C GLN A 62 -17.60 4.57 11.96
N ASN A 63 -17.21 3.84 10.92
CA ASN A 63 -17.31 2.39 10.95
C ASN A 63 -15.93 1.75 10.99
N CYS A 64 -14.93 2.53 11.38
CA CYS A 64 -13.57 2.04 11.48
C CYS A 64 -12.84 2.73 12.65
N ASP A 65 -11.52 2.73 12.61
CA ASP A 65 -10.73 3.34 13.68
C ASP A 65 -10.47 4.82 13.41
N LEU A 66 -10.77 5.27 12.20
CA LEU A 66 -10.57 6.67 11.82
C LEU A 66 -11.20 7.65 12.80
N GLU A 67 -10.39 8.59 13.25
CA GLU A 67 -10.82 9.62 14.18
C GLU A 67 -10.21 10.96 13.75
N GLN A 68 -10.49 12.01 14.51
CA GLN A 68 -9.96 13.33 14.19
C GLN A 68 -8.43 13.32 14.17
N GLN A 69 -7.86 13.80 13.06
CA GLN A 69 -6.41 13.88 12.86
C GLN A 69 -5.77 12.50 12.73
N SER A 70 -6.27 11.71 11.80
CA SER A 70 -5.72 10.38 11.57
C SER A 70 -5.03 10.33 10.22
N ILE A 71 -3.81 9.80 10.20
CA ILE A 71 -3.05 9.69 8.97
C ILE A 71 -3.32 8.34 8.31
N VAL A 72 -3.59 8.36 7.03
CA VAL A 72 -3.87 7.15 6.29
C VAL A 72 -2.92 6.99 5.11
N HIS A 73 -2.58 5.76 4.81
CA HIS A 73 -1.67 5.50 3.71
C HIS A 73 -2.43 4.93 2.52
N ILE A 74 -2.57 5.74 1.49
CA ILE A 74 -3.26 5.31 0.28
C ILE A 74 -2.24 5.07 -0.81
N VAL A 75 -2.00 3.80 -1.09
CA VAL A 75 -1.04 3.41 -2.11
C VAL A 75 -1.68 2.54 -3.18
N GLN A 76 -1.01 2.43 -4.30
CA GLN A 76 -1.51 1.64 -5.42
C GLN A 76 -1.22 0.17 -5.23
N ARG A 77 -2.25 -0.65 -5.29
CA ARG A 77 -2.14 -2.09 -5.18
C ARG A 77 -2.90 -2.72 -6.34
N PRO A 78 -2.24 -2.85 -7.49
CA PRO A 78 -2.86 -3.40 -8.69
C PRO A 78 -3.16 -4.89 -8.55
N GLN A 79 -4.08 -5.37 -9.37
CA GLN A 79 -4.45 -6.77 -9.35
C GLN A 79 -4.03 -7.41 -10.66
N ARG A 80 -3.40 -8.57 -10.61
CA ARG A 80 -2.99 -9.24 -11.82
C ARG A 80 -3.95 -10.39 -12.08
N LYS A 81 -5.06 -10.05 -12.70
CA LYS A 81 -6.10 -11.02 -13.02
C LYS A 81 -6.46 -10.91 -14.49
N ASP B 10 24.98 -6.33 1.18
CA ASP B 10 25.43 -6.37 -0.24
C ASP B 10 24.35 -6.96 -1.14
N GLN B 11 23.60 -7.92 -0.63
CA GLN B 11 22.53 -8.55 -1.39
C GLN B 11 21.26 -7.73 -1.30
N PRO B 12 20.71 -7.30 -2.46
CA PRO B 12 19.47 -6.52 -2.51
C PRO B 12 18.36 -7.11 -1.64
N CYS B 13 17.76 -6.27 -0.81
CA CYS B 13 16.71 -6.71 0.10
C CYS B 13 15.72 -5.58 0.37
N CYS B 14 14.55 -5.94 0.83
CA CYS B 14 13.51 -4.96 1.14
C CYS B 14 12.79 -5.31 2.43
N ARG B 15 12.28 -4.29 3.11
CA ARG B 15 11.56 -4.45 4.36
C ARG B 15 10.06 -4.28 4.12
N ALA B 16 9.28 -5.27 4.54
CA ALA B 16 7.84 -5.22 4.40
C ALA B 16 7.25 -4.09 5.22
N LEU B 17 6.67 -3.09 4.56
CA LEU B 17 6.09 -1.95 5.24
C LEU B 17 4.67 -2.24 5.70
N TYR B 18 3.99 -3.16 5.02
CA TYR B 18 2.62 -3.52 5.36
C TYR B 18 2.43 -5.04 5.29
N ASP B 19 1.18 -5.45 5.38
CA ASP B 19 0.81 -6.85 5.31
C ASP B 19 0.40 -7.18 3.89
N PHE B 20 1.03 -8.18 3.30
CA PHE B 20 0.71 -8.55 1.93
C PHE B 20 0.26 -10.00 1.84
N GLU B 21 -1.02 -10.17 1.54
CA GLU B 21 -1.62 -11.48 1.39
C GLU B 21 -1.69 -11.84 -0.08
N PRO B 22 -1.22 -13.03 -0.47
CA PRO B 22 -1.26 -13.47 -1.87
C PRO B 22 -2.69 -13.54 -2.39
N GLU B 23 -3.01 -12.67 -3.32
CA GLU B 23 -4.33 -12.63 -3.91
C GLU B 23 -4.33 -13.40 -5.21
N ASN B 24 -3.19 -13.37 -5.88
CA ASN B 24 -3.01 -14.06 -7.13
C ASN B 24 -1.87 -15.04 -7.03
N GLU B 25 -1.96 -16.12 -7.79
CA GLU B 25 -0.90 -17.12 -7.78
C GLU B 25 0.36 -16.52 -8.38
N GLY B 26 1.42 -16.51 -7.60
CA GLY B 26 2.67 -15.95 -8.05
C GLY B 26 3.10 -14.81 -7.15
N GLU B 27 2.15 -14.29 -6.38
CA GLU B 27 2.40 -13.20 -5.46
C GLU B 27 3.09 -13.72 -4.20
N LEU B 28 4.07 -12.97 -3.72
CA LEU B 28 4.81 -13.36 -2.53
C LEU B 28 4.22 -12.72 -1.28
N GLY B 29 3.64 -13.55 -0.42
CA GLY B 29 3.04 -13.05 0.80
C GLY B 29 4.04 -12.88 1.92
N PHE B 30 3.84 -11.86 2.74
CA PHE B 30 4.73 -11.57 3.86
C PHE B 30 4.03 -10.65 4.86
N LYS B 31 4.64 -10.48 6.02
CA LYS B 31 4.08 -9.62 7.06
C LYS B 31 5.01 -8.45 7.36
N GLU B 32 4.42 -7.36 7.82
CA GLU B 32 5.16 -6.14 8.14
C GLU B 32 6.37 -6.43 9.04
N GLY B 33 7.55 -6.02 8.58
CA GLY B 33 8.76 -6.25 9.33
C GLY B 33 9.61 -7.35 8.74
N ASP B 34 9.05 -8.12 7.81
CA ASP B 34 9.78 -9.21 7.19
C ASP B 34 10.74 -8.68 6.13
N ILE B 35 11.88 -9.32 6.02
CA ILE B 35 12.88 -8.93 5.05
C ILE B 35 12.80 -9.82 3.81
N ILE B 36 12.56 -9.21 2.67
CA ILE B 36 12.45 -9.95 1.41
C ILE B 36 13.72 -9.78 0.58
N THR B 37 14.24 -10.88 0.08
CA THR B 37 15.45 -10.85 -0.73
C THR B 37 15.12 -10.45 -2.17
N LEU B 38 15.43 -9.20 -2.52
CA LEU B 38 15.15 -8.69 -3.86
C LEU B 38 16.03 -9.41 -4.88
N THR B 39 15.41 -9.94 -5.93
CA THR B 39 16.16 -10.67 -6.95
C THR B 39 15.83 -10.21 -8.37
N ASN B 40 14.63 -9.70 -8.60
CA ASN B 40 14.25 -9.26 -9.95
C ASN B 40 13.17 -8.18 -9.88
N GLN B 41 12.85 -7.59 -11.04
CA GLN B 41 11.84 -6.56 -11.13
C GLN B 41 10.94 -6.85 -12.34
N ILE B 42 9.63 -6.75 -12.16
CA ILE B 42 8.70 -7.02 -13.25
C ILE B 42 8.49 -5.75 -14.07
N ASP B 43 8.05 -4.70 -13.41
CA ASP B 43 7.80 -3.43 -14.06
C ASP B 43 8.08 -2.27 -13.10
N GLU B 44 7.41 -1.16 -13.29
CA GLU B 44 7.60 -0.01 -12.43
C GLU B 44 6.75 -0.07 -11.16
N ASN B 45 6.06 -1.18 -10.94
CA ASN B 45 5.23 -1.31 -9.76
C ASN B 45 5.40 -2.66 -9.05
N TRP B 46 5.83 -3.68 -9.77
CA TRP B 46 6.00 -4.99 -9.18
C TRP B 46 7.47 -5.41 -9.10
N TYR B 47 7.86 -5.85 -7.92
CA TYR B 47 9.22 -6.32 -7.67
C TYR B 47 9.19 -7.82 -7.40
N GLU B 48 10.29 -8.50 -7.69
CA GLU B 48 10.37 -9.94 -7.47
C GLU B 48 11.45 -10.26 -6.46
N GLY B 49 11.18 -11.23 -5.59
CA GLY B 49 12.15 -11.59 -4.60
C GLY B 49 11.86 -12.93 -3.96
N MET B 50 12.67 -13.28 -3.00
CA MET B 50 12.53 -14.55 -2.29
C MET B 50 12.47 -14.32 -0.79
N LEU B 51 11.49 -14.96 -0.16
CA LEU B 51 11.31 -14.85 1.27
C LEU B 51 11.07 -16.23 1.86
N HIS B 52 12.02 -16.70 2.68
CA HIS B 52 11.93 -18.01 3.31
C HIS B 52 11.77 -19.11 2.25
N GLY B 53 12.52 -18.99 1.16
CA GLY B 53 12.46 -19.98 0.11
C GLY B 53 11.38 -19.70 -0.92
N GLN B 54 10.35 -18.97 -0.52
CA GLN B 54 9.25 -18.65 -1.42
C GLN B 54 9.65 -17.58 -2.43
N SER B 55 9.44 -17.85 -3.71
CA SER B 55 9.77 -16.91 -4.76
C SER B 55 8.49 -16.38 -5.43
N GLY B 56 8.37 -15.07 -5.50
CA GLY B 56 7.20 -14.47 -6.12
C GLY B 56 7.36 -12.98 -6.30
N PHE B 57 6.28 -12.32 -6.74
CA PHE B 57 6.32 -10.89 -6.95
C PHE B 57 5.44 -10.15 -5.94
N PHE B 58 5.78 -8.89 -5.71
CA PHE B 58 5.07 -8.04 -4.76
C PHE B 58 5.17 -6.58 -5.21
N PRO B 59 4.29 -5.70 -4.73
CA PRO B 59 4.31 -4.28 -5.11
C PRO B 59 5.50 -3.51 -4.53
N ILE B 60 6.08 -2.64 -5.35
CA ILE B 60 7.24 -1.84 -4.97
C ILE B 60 6.87 -0.84 -3.87
N ASN B 61 5.72 -0.19 -4.03
CA ASN B 61 5.27 0.82 -3.07
C ASN B 61 4.66 0.20 -1.81
N TYR B 62 5.04 -1.04 -1.53
CA TYR B 62 4.54 -1.75 -0.35
C TYR B 62 5.70 -2.19 0.52
N VAL B 63 6.93 -1.98 0.05
CA VAL B 63 8.11 -2.38 0.78
C VAL B 63 9.16 -1.26 0.76
N GLU B 64 10.08 -1.32 1.72
CA GLU B 64 11.15 -0.34 1.82
C GLU B 64 12.46 -0.97 1.33
N ILE B 65 13.09 -0.32 0.36
CA ILE B 65 14.34 -0.83 -0.20
C ILE B 65 15.52 -0.59 0.74
N LEU B 66 16.12 -1.68 1.21
CA LEU B 66 17.28 -1.58 2.09
C LEU B 66 18.54 -1.48 1.23
N VAL B 67 18.72 -2.50 0.40
CA VAL B 67 19.83 -2.56 -0.53
C VAL B 67 19.28 -2.53 -1.95
N ALA B 68 19.60 -1.50 -2.70
CA ALA B 68 19.09 -1.34 -4.03
C ALA B 68 19.67 -2.33 -5.02
N LEU B 69 18.92 -2.57 -6.10
CA LEU B 69 19.33 -3.47 -7.16
C LEU B 69 20.33 -2.76 -8.08
N PRO B 70 21.44 -3.43 -8.44
CA PRO B 70 22.46 -2.84 -9.31
C PRO B 70 21.89 -2.42 -10.66
N HIS B 71 21.95 -1.13 -10.93
CA HIS B 71 21.46 -0.58 -12.19
C HIS B 71 22.37 0.55 -12.67
N MET A 6 -14.05 16.31 10.11
CA MET A 6 -12.86 15.59 10.61
C MET A 6 -11.72 15.72 9.62
N ILE A 7 -10.51 15.95 10.12
CA ILE A 7 -9.35 16.10 9.28
C ILE A 7 -8.53 14.82 9.25
N VAL A 8 -8.25 14.35 8.03
CA VAL A 8 -7.46 13.15 7.83
C VAL A 8 -6.31 13.47 6.90
N PHE A 9 -5.14 12.91 7.17
CA PHE A 9 -3.98 13.16 6.34
C PHE A 9 -3.80 12.04 5.33
N VAL A 10 -3.90 12.39 4.06
CA VAL A 10 -3.77 11.42 2.99
C VAL A 10 -2.35 11.43 2.44
N ARG A 11 -1.73 10.27 2.43
CA ARG A 11 -0.38 10.13 1.94
C ARG A 11 -0.36 9.20 0.72
N PHE A 12 0.03 9.72 -0.43
CA PHE A 12 0.08 8.93 -1.65
C PHE A 12 1.53 8.57 -2.00
N ASN A 13 2.01 7.46 -1.44
CA ASN A 13 3.39 6.98 -1.67
C ASN A 13 4.44 8.07 -1.40
N SER A 14 4.05 9.06 -0.62
CA SER A 14 4.93 10.17 -0.31
C SER A 14 5.42 10.09 1.14
N SER A 15 6.10 11.14 1.58
CA SER A 15 6.61 11.20 2.93
C SER A 15 5.57 11.83 3.86
N TYR A 16 5.01 12.96 3.44
CA TYR A 16 4.01 13.68 4.23
C TYR A 16 2.59 13.33 3.80
N GLY A 17 1.63 14.15 4.21
CA GLY A 17 0.25 13.89 3.86
C GLY A 17 -0.55 15.16 3.68
N PHE A 18 -1.57 15.11 2.84
CA PHE A 18 -2.42 16.27 2.58
C PHE A 18 -3.69 16.14 3.42
N PRO A 19 -4.03 17.18 4.19
CA PRO A 19 -5.22 17.17 5.06
C PRO A 19 -6.53 17.31 4.28
N VAL A 20 -7.42 16.35 4.47
CA VAL A 20 -8.72 16.37 3.79
C VAL A 20 -9.83 16.44 4.82
N GLU A 21 -10.86 17.22 4.52
CA GLU A 21 -11.99 17.38 5.43
C GLU A 21 -13.09 16.37 5.09
N VAL A 22 -13.22 15.36 5.94
CA VAL A 22 -14.22 14.33 5.77
C VAL A 22 -15.13 14.28 6.98
N ASP A 23 -16.11 13.39 6.95
CA ASP A 23 -17.02 13.25 8.08
C ASP A 23 -17.17 11.79 8.45
N SER A 24 -17.89 11.53 9.54
CA SER A 24 -18.09 10.18 10.04
C SER A 24 -18.83 9.29 9.03
N ASP A 25 -19.68 9.89 8.21
CA ASP A 25 -20.45 9.15 7.21
C ASP A 25 -19.65 8.90 5.95
N THR A 26 -18.46 9.49 5.86
CA THR A 26 -17.61 9.32 4.69
C THR A 26 -17.04 7.89 4.63
N SER A 27 -17.19 7.27 3.48
CA SER A 27 -16.70 5.92 3.26
C SER A 27 -15.32 5.96 2.61
N ILE A 28 -14.57 4.87 2.76
CA ILE A 28 -13.23 4.76 2.19
C ILE A 28 -13.25 5.00 0.69
N PHE A 29 -14.27 4.46 0.00
CA PHE A 29 -14.39 4.63 -1.43
C PHE A 29 -14.38 6.11 -1.82
N GLN A 30 -15.08 6.93 -1.04
CA GLN A 30 -15.15 8.36 -1.31
C GLN A 30 -13.75 8.99 -1.24
N LEU A 31 -13.03 8.71 -0.15
CA LEU A 31 -11.68 9.24 0.02
C LEU A 31 -10.76 8.73 -1.09
N LYS A 32 -11.02 7.52 -1.56
CA LYS A 32 -10.23 6.94 -2.65
C LYS A 32 -10.42 7.76 -3.92
N GLU A 33 -11.68 8.12 -4.21
CA GLU A 33 -12.00 8.91 -5.37
C GLU A 33 -11.29 10.27 -5.32
N VAL A 34 -11.06 10.78 -4.11
CA VAL A 34 -10.38 12.06 -3.93
C VAL A 34 -8.96 11.99 -4.51
N VAL A 35 -8.30 10.88 -4.27
CA VAL A 35 -6.94 10.67 -4.78
C VAL A 35 -7.00 10.32 -6.26
N ALA A 36 -8.05 9.61 -6.63
CA ALA A 36 -8.25 9.19 -8.02
C ALA A 36 -8.31 10.40 -8.96
N LYS A 37 -9.16 11.37 -8.64
CA LYS A 37 -9.31 12.57 -9.46
C LYS A 37 -8.06 13.45 -9.39
N ARG A 38 -7.21 13.21 -8.40
CA ARG A 38 -6.00 14.00 -8.23
C ARG A 38 -4.84 13.44 -9.07
N GLN A 39 -4.59 12.14 -8.95
CA GLN A 39 -3.47 11.52 -9.67
C GLN A 39 -3.88 10.92 -11.01
N GLY A 40 -5.18 10.92 -11.31
CA GLY A 40 -5.63 10.33 -12.56
C GLY A 40 -5.44 8.83 -12.55
N VAL A 41 -5.79 8.22 -11.43
CA VAL A 41 -5.65 6.79 -11.25
C VAL A 41 -7.00 6.17 -10.91
N PRO A 42 -7.36 5.05 -11.56
CA PRO A 42 -8.64 4.37 -11.29
C PRO A 42 -8.84 4.11 -9.79
N ALA A 43 -10.02 4.48 -9.29
CA ALA A 43 -10.35 4.31 -7.88
C ALA A 43 -10.23 2.86 -7.42
N ASP A 44 -10.51 1.92 -8.31
CA ASP A 44 -10.44 0.50 -7.96
C ASP A 44 -9.00 0.01 -7.86
N GLN A 45 -8.05 0.84 -8.27
CA GLN A 45 -6.64 0.47 -8.23
C GLN A 45 -5.94 1.16 -7.06
N LEU A 46 -6.70 1.72 -6.13
CA LEU A 46 -6.13 2.41 -4.99
C LEU A 46 -6.43 1.66 -3.69
N ARG A 47 -5.44 1.61 -2.80
CA ARG A 47 -5.59 0.95 -1.51
C ARG A 47 -5.34 1.94 -0.39
N VAL A 48 -6.02 1.76 0.73
CA VAL A 48 -5.88 2.65 1.87
C VAL A 48 -5.39 1.87 3.09
N ILE A 49 -4.24 2.25 3.61
CA ILE A 49 -3.67 1.56 4.76
C ILE A 49 -3.57 2.50 5.97
N PHE A 50 -4.11 2.04 7.09
CA PHE A 50 -4.07 2.80 8.33
C PHE A 50 -3.77 1.87 9.49
N ALA A 51 -2.80 2.24 10.32
CA ALA A 51 -2.39 1.45 11.48
C ALA A 51 -1.96 0.04 11.05
N GLY A 52 -1.33 -0.05 9.89
CA GLY A 52 -0.87 -1.32 9.38
C GLY A 52 -2.03 -2.23 8.97
N LYS A 53 -3.13 -1.62 8.56
CA LYS A 53 -4.31 -2.38 8.15
C LYS A 53 -4.95 -1.76 6.91
N GLU A 54 -5.28 -2.62 5.95
CA GLU A 54 -5.91 -2.17 4.72
C GLU A 54 -7.41 -1.94 4.97
N LEU A 55 -7.84 -0.69 4.82
CA LEU A 55 -9.23 -0.33 5.05
C LEU A 55 -10.12 -0.79 3.90
N GLN A 56 -11.20 -1.47 4.25
CA GLN A 56 -12.16 -1.99 3.28
C GLN A 56 -12.88 -0.84 2.57
N ASN A 57 -13.01 -0.98 1.26
CA ASN A 57 -13.68 0.02 0.43
C ASN A 57 -15.06 0.43 0.98
N HIS A 58 -15.80 -0.53 1.51
CA HIS A 58 -17.14 -0.27 2.04
C HIS A 58 -17.10 0.13 3.52
N LEU A 59 -15.91 0.37 4.06
CA LEU A 59 -15.80 0.76 5.45
C LEU A 59 -16.08 2.25 5.60
N THR A 60 -16.73 2.60 6.69
CA THR A 60 -17.08 3.99 6.96
C THR A 60 -16.25 4.50 8.14
N VAL A 61 -16.01 5.81 8.18
CA VAL A 61 -15.21 6.42 9.25
C VAL A 61 -15.72 5.99 10.62
N GLN A 62 -17.02 6.12 10.85
CA GLN A 62 -17.64 5.76 12.12
C GLN A 62 -17.57 4.25 12.41
N ASN A 63 -17.14 3.46 11.44
CA ASN A 63 -17.05 2.02 11.60
C ASN A 63 -15.60 1.56 11.69
N CYS A 64 -14.67 2.43 11.32
CA CYS A 64 -13.26 2.08 11.35
C CYS A 64 -12.56 2.69 12.57
N ASP A 65 -11.24 2.55 12.61
CA ASP A 65 -10.44 3.06 13.73
C ASP A 65 -10.08 4.53 13.55
N LEU A 66 -10.25 5.04 12.34
CA LEU A 66 -9.93 6.43 12.01
C LEU A 66 -10.57 7.42 12.99
N GLU A 67 -9.75 8.31 13.50
CA GLU A 67 -10.19 9.34 14.43
C GLU A 67 -9.66 10.70 13.98
N GLN A 68 -9.91 11.75 14.73
CA GLN A 68 -9.42 13.08 14.39
C GLN A 68 -7.90 13.12 14.35
N GLN A 69 -7.37 13.69 13.26
CA GLN A 69 -5.92 13.83 13.06
C GLN A 69 -5.25 12.51 12.69
N SER A 70 -6.00 11.61 12.06
CA SER A 70 -5.46 10.32 11.65
C SER A 70 -4.87 10.41 10.25
N ILE A 71 -3.78 9.69 10.02
CA ILE A 71 -3.12 9.68 8.73
C ILE A 71 -3.31 8.33 8.04
N VAL A 72 -3.52 8.37 6.74
CA VAL A 72 -3.73 7.15 5.97
C VAL A 72 -2.77 7.10 4.79
N HIS A 73 -2.36 5.90 4.41
CA HIS A 73 -1.46 5.74 3.30
C HIS A 73 -2.22 5.15 2.13
N ILE A 74 -2.50 5.97 1.14
CA ILE A 74 -3.20 5.52 -0.05
C ILE A 74 -2.20 5.30 -1.17
N VAL A 75 -1.98 4.04 -1.51
CA VAL A 75 -1.04 3.67 -2.55
C VAL A 75 -1.74 2.97 -3.70
N GLN A 76 -1.15 3.07 -4.87
CA GLN A 76 -1.68 2.45 -6.07
C GLN A 76 -1.31 0.98 -6.12
N ARG A 77 -2.32 0.13 -6.26
CA ARG A 77 -2.11 -1.30 -6.33
C ARG A 77 -2.14 -1.73 -7.79
N PRO A 78 -1.04 -2.29 -8.29
CA PRO A 78 -0.96 -2.74 -9.67
C PRO A 78 -1.70 -4.05 -9.90
N GLN A 79 -2.62 -4.05 -10.84
CA GLN A 79 -3.37 -5.26 -11.14
C GLN A 79 -2.62 -6.05 -12.20
N ARG A 80 -2.32 -7.30 -11.90
CA ARG A 80 -1.59 -8.14 -12.82
C ARG A 80 -2.51 -8.63 -13.94
N LYS A 81 -2.58 -7.85 -15.01
CA LYS A 81 -3.40 -8.19 -16.15
C LYS A 81 -2.62 -7.94 -17.43
N ASP B 10 25.75 -7.33 0.51
CA ASP B 10 25.43 -6.58 -0.73
C ASP B 10 24.23 -7.21 -1.44
N GLN B 11 23.66 -8.25 -0.84
CA GLN B 11 22.50 -8.93 -1.41
C GLN B 11 21.25 -8.07 -1.25
N PRO B 12 20.59 -7.75 -2.38
CA PRO B 12 19.36 -6.95 -2.38
C PRO B 12 18.32 -7.47 -1.40
N CYS B 13 17.74 -6.57 -0.63
CA CYS B 13 16.72 -6.91 0.35
C CYS B 13 15.85 -5.70 0.67
N CYS B 14 14.64 -5.95 1.11
CA CYS B 14 13.72 -4.87 1.44
C CYS B 14 13.04 -5.11 2.79
N ARG B 15 12.55 -4.05 3.39
CA ARG B 15 11.88 -4.10 4.67
C ARG B 15 10.39 -3.85 4.46
N ALA B 16 9.58 -4.87 4.68
CA ALA B 16 8.14 -4.74 4.52
C ALA B 16 7.58 -3.74 5.52
N LEU B 17 6.95 -2.70 5.01
CA LEU B 17 6.38 -1.67 5.87
C LEU B 17 4.90 -1.90 6.10
N TYR B 18 4.30 -2.79 5.31
CA TYR B 18 2.88 -3.08 5.44
C TYR B 18 2.61 -4.55 5.18
N ASP B 19 1.50 -5.04 5.72
CA ASP B 19 1.11 -6.45 5.56
C ASP B 19 0.60 -6.66 4.15
N PHE B 20 1.02 -7.76 3.53
CA PHE B 20 0.58 -8.07 2.17
C PHE B 20 0.00 -9.48 2.10
N GLU B 21 -1.29 -9.56 1.82
CA GLU B 21 -1.97 -10.83 1.72
C GLU B 21 -2.05 -11.27 0.26
N PRO B 22 -1.61 -12.50 -0.04
CA PRO B 22 -1.65 -13.03 -1.40
C PRO B 22 -3.09 -13.27 -1.86
N GLU B 23 -3.50 -12.51 -2.86
CA GLU B 23 -4.86 -12.63 -3.38
C GLU B 23 -4.86 -13.28 -4.75
N ASN B 24 -3.76 -13.12 -5.47
CA ASN B 24 -3.61 -13.68 -6.81
C ASN B 24 -2.54 -14.76 -6.81
N GLU B 25 -2.33 -15.40 -7.95
CA GLU B 25 -1.34 -16.47 -8.06
C GLU B 25 0.02 -15.89 -8.41
N GLY B 26 1.06 -16.38 -7.74
CA GLY B 26 2.40 -15.91 -8.00
C GLY B 26 2.82 -14.80 -7.06
N GLU B 27 1.89 -14.36 -6.23
CA GLU B 27 2.17 -13.29 -5.28
C GLU B 27 2.87 -13.82 -4.03
N LEU B 28 3.79 -13.02 -3.51
CA LEU B 28 4.54 -13.39 -2.32
C LEU B 28 3.95 -12.69 -1.09
N GLY B 29 3.38 -13.47 -0.18
CA GLY B 29 2.78 -12.90 1.01
C GLY B 29 3.79 -12.68 2.11
N PHE B 30 3.65 -11.58 2.82
CA PHE B 30 4.56 -11.25 3.91
C PHE B 30 3.87 -10.37 4.94
N LYS B 31 4.54 -10.17 6.07
CA LYS B 31 4.00 -9.36 7.14
C LYS B 31 4.88 -8.13 7.36
N GLU B 32 4.35 -7.14 8.06
CA GLU B 32 5.09 -5.93 8.36
C GLU B 32 6.35 -6.26 9.17
N GLY B 33 7.47 -5.65 8.81
CA GLY B 33 8.70 -5.89 9.51
C GLY B 33 9.46 -7.09 8.98
N ASP B 34 8.99 -7.65 7.88
CA ASP B 34 9.64 -8.80 7.27
C ASP B 34 10.68 -8.37 6.25
N ILE B 35 11.83 -9.02 6.26
CA ILE B 35 12.89 -8.71 5.33
C ILE B 35 12.85 -9.68 4.15
N ILE B 36 12.58 -9.15 2.96
CA ILE B 36 12.49 -9.98 1.77
C ILE B 36 13.79 -9.90 0.96
N THR B 37 14.19 -11.03 0.39
CA THR B 37 15.40 -11.09 -0.41
C THR B 37 15.07 -10.74 -1.86
N LEU B 38 15.38 -9.50 -2.26
CA LEU B 38 15.11 -9.03 -3.62
C LEU B 38 15.90 -9.85 -4.63
N THR B 39 15.20 -10.47 -5.56
CA THR B 39 15.85 -11.30 -6.57
C THR B 39 15.85 -10.63 -7.94
N ASN B 40 14.71 -10.08 -8.34
CA ASN B 40 14.58 -9.45 -9.65
C ASN B 40 13.42 -8.46 -9.65
N GLN B 41 13.22 -7.76 -10.77
CA GLN B 41 12.15 -6.79 -10.90
C GLN B 41 11.42 -6.99 -12.21
N ILE B 42 10.09 -6.99 -12.17
CA ILE B 42 9.30 -7.15 -13.37
C ILE B 42 9.15 -5.81 -14.08
N ASP B 43 8.31 -4.96 -13.52
CA ASP B 43 8.07 -3.63 -14.06
C ASP B 43 8.37 -2.60 -12.98
N GLU B 44 7.78 -1.41 -13.10
CA GLU B 44 8.02 -0.36 -12.13
C GLU B 44 7.06 -0.46 -10.95
N ASN B 45 6.33 -1.55 -10.85
CA ASN B 45 5.38 -1.73 -9.76
C ASN B 45 5.56 -3.09 -9.07
N TRP B 46 5.85 -4.12 -9.85
CA TRP B 46 6.03 -5.46 -9.30
C TRP B 46 7.51 -5.82 -9.10
N TYR B 47 7.83 -6.26 -7.90
CA TYR B 47 9.19 -6.67 -7.54
C TYR B 47 9.21 -8.17 -7.23
N GLU B 48 10.26 -8.86 -7.65
CA GLU B 48 10.40 -10.29 -7.38
C GLU B 48 11.32 -10.50 -6.19
N GLY B 49 10.91 -11.33 -5.25
CA GLY B 49 11.71 -11.58 -4.08
C GLY B 49 11.51 -12.96 -3.49
N MET B 50 12.40 -13.32 -2.57
CA MET B 50 12.35 -14.60 -1.90
C MET B 50 12.16 -14.41 -0.40
N LEU B 51 11.26 -15.19 0.18
CA LEU B 51 10.99 -15.12 1.60
C LEU B 51 10.66 -16.50 2.15
N HIS B 52 11.56 -17.03 2.98
CA HIS B 52 11.39 -18.36 3.61
C HIS B 52 11.31 -19.45 2.55
N GLY B 53 12.12 -19.30 1.50
CA GLY B 53 12.13 -20.27 0.43
C GLY B 53 11.14 -19.93 -0.66
N GLN B 54 9.97 -19.47 -0.26
CA GLN B 54 8.93 -19.10 -1.21
C GLN B 54 9.34 -17.85 -1.98
N SER B 55 9.05 -17.85 -3.27
CA SER B 55 9.40 -16.72 -4.12
C SER B 55 8.18 -16.27 -4.91
N GLY B 56 8.11 -14.98 -5.19
CA GLY B 56 7.00 -14.44 -5.95
C GLY B 56 7.15 -12.95 -6.15
N PHE B 57 6.12 -12.31 -6.68
CA PHE B 57 6.16 -10.88 -6.91
C PHE B 57 5.25 -10.13 -5.94
N PHE B 58 5.62 -8.88 -5.68
CA PHE B 58 4.88 -8.02 -4.77
C PHE B 58 5.05 -6.55 -5.18
N PRO B 59 4.17 -5.65 -4.72
CA PRO B 59 4.26 -4.21 -5.04
C PRO B 59 5.45 -3.54 -4.36
N ILE B 60 6.15 -2.69 -5.11
CA ILE B 60 7.33 -1.98 -4.60
C ILE B 60 6.94 -0.90 -3.59
N ASN B 61 5.78 -0.29 -3.76
CA ASN B 61 5.34 0.78 -2.86
C ASN B 61 4.79 0.24 -1.53
N TYR B 62 5.05 -1.03 -1.27
CA TYR B 62 4.60 -1.66 -0.03
C TYR B 62 5.80 -2.03 0.84
N VAL B 63 7.00 -1.92 0.25
CA VAL B 63 8.22 -2.29 0.95
C VAL B 63 9.26 -1.18 0.88
N GLU B 64 10.10 -1.13 1.91
CA GLU B 64 11.17 -0.14 1.97
C GLU B 64 12.48 -0.79 1.54
N ILE B 65 13.06 -0.30 0.46
CA ILE B 65 14.28 -0.87 -0.07
C ILE B 65 15.49 -0.60 0.82
N LEU B 66 16.15 -1.68 1.23
CA LEU B 66 17.35 -1.57 2.06
C LEU B 66 18.55 -1.64 1.12
N VAL B 67 18.57 -2.70 0.32
CA VAL B 67 19.61 -2.92 -0.67
C VAL B 67 18.92 -3.19 -2.01
N ALA B 68 19.09 -2.29 -2.96
CA ALA B 68 18.44 -2.42 -4.26
C ALA B 68 19.25 -3.27 -5.24
N LEU B 69 18.65 -3.49 -6.40
CA LEU B 69 19.28 -4.26 -7.47
C LEU B 69 20.35 -3.42 -8.15
N PRO B 70 21.53 -4.00 -8.44
CA PRO B 70 22.63 -3.28 -9.09
C PRO B 70 22.22 -2.79 -10.47
N HIS B 71 21.94 -1.49 -10.58
CA HIS B 71 21.53 -0.89 -11.83
C HIS B 71 22.70 -0.82 -12.80
N MET A 6 -14.01 16.32 9.95
CA MET A 6 -12.94 15.38 10.37
C MET A 6 -11.77 15.46 9.40
N ILE A 7 -10.61 15.81 9.91
CA ILE A 7 -9.43 15.94 9.09
C ILE A 7 -8.58 14.68 9.10
N VAL A 8 -8.24 14.20 7.92
CA VAL A 8 -7.42 13.01 7.77
C VAL A 8 -6.24 13.34 6.87
N PHE A 9 -5.09 12.74 7.16
CA PHE A 9 -3.89 12.99 6.39
C PHE A 9 -3.70 11.87 5.38
N VAL A 10 -3.78 12.20 4.10
CA VAL A 10 -3.61 11.20 3.05
C VAL A 10 -2.18 11.20 2.52
N ARG A 11 -1.55 10.03 2.57
CA ARG A 11 -0.18 9.87 2.11
C ARG A 11 -0.13 8.98 0.88
N PHE A 12 0.31 9.52 -0.25
CA PHE A 12 0.40 8.76 -1.50
C PHE A 12 1.85 8.52 -1.90
N ASN A 13 2.42 7.44 -1.38
CA ASN A 13 3.81 7.05 -1.65
C ASN A 13 4.80 8.19 -1.36
N SER A 14 4.40 9.14 -0.53
CA SER A 14 5.26 10.26 -0.18
C SER A 14 5.61 10.19 1.31
N SER A 15 6.44 11.11 1.77
CA SER A 15 6.82 11.16 3.17
C SER A 15 5.72 11.80 4.02
N TYR A 16 5.13 12.88 3.52
CA TYR A 16 4.09 13.60 4.23
C TYR A 16 2.69 13.23 3.73
N GLY A 17 1.71 13.95 4.24
CA GLY A 17 0.33 13.70 3.87
C GLY A 17 -0.49 14.99 3.86
N PHE A 18 -1.36 15.12 2.88
CA PHE A 18 -2.20 16.32 2.77
C PHE A 18 -3.47 16.15 3.59
N PRO A 19 -3.85 17.19 4.35
CA PRO A 19 -5.05 17.14 5.19
C PRO A 19 -6.33 17.28 4.38
N VAL A 20 -7.22 16.32 4.52
CA VAL A 20 -8.49 16.33 3.81
C VAL A 20 -9.65 16.38 4.80
N GLU A 21 -10.58 17.29 4.57
CA GLU A 21 -11.73 17.44 5.44
C GLU A 21 -12.84 16.47 5.02
N VAL A 22 -13.04 15.45 5.83
CA VAL A 22 -14.07 14.45 5.57
C VAL A 22 -15.07 14.43 6.72
N ASP A 23 -16.04 13.54 6.65
CA ASP A 23 -17.04 13.43 7.69
C ASP A 23 -17.11 11.99 8.19
N SER A 24 -17.78 11.78 9.32
CA SER A 24 -17.91 10.46 9.92
C SER A 24 -18.59 9.44 8.98
N ASP A 25 -19.49 9.93 8.13
CA ASP A 25 -20.22 9.05 7.21
C ASP A 25 -19.51 8.94 5.87
N THR A 26 -18.31 9.50 5.78
CA THR A 26 -17.54 9.41 4.54
C THR A 26 -17.00 7.99 4.36
N SER A 27 -17.25 7.43 3.19
CA SER A 27 -16.81 6.08 2.88
C SER A 27 -15.36 6.07 2.41
N ILE A 28 -14.67 4.96 2.67
CA ILE A 28 -13.27 4.81 2.28
C ILE A 28 -13.09 5.01 0.77
N PHE A 29 -14.00 4.45 -0.02
CA PHE A 29 -13.94 4.59 -1.47
C PHE A 29 -13.91 6.06 -1.88
N GLN A 30 -14.67 6.89 -1.18
CA GLN A 30 -14.73 8.33 -1.47
C GLN A 30 -13.37 8.96 -1.23
N LEU A 31 -12.74 8.61 -0.11
CA LEU A 31 -11.42 9.13 0.22
C LEU A 31 -10.39 8.73 -0.85
N LYS A 32 -10.62 7.58 -1.49
CA LYS A 32 -9.73 7.10 -2.54
C LYS A 32 -9.90 7.97 -3.77
N GLU A 33 -11.15 8.32 -4.06
CA GLU A 33 -11.46 9.16 -5.21
C GLU A 33 -10.71 10.48 -5.15
N VAL A 34 -10.50 10.98 -3.94
CA VAL A 34 -9.78 12.25 -3.74
C VAL A 34 -8.39 12.16 -4.38
N VAL A 35 -7.75 11.01 -4.21
CA VAL A 35 -6.42 10.79 -4.76
C VAL A 35 -6.53 10.44 -6.25
N ALA A 36 -7.58 9.70 -6.58
CA ALA A 36 -7.83 9.26 -7.95
C ALA A 36 -7.92 10.45 -8.92
N LYS A 37 -8.71 11.45 -8.54
CA LYS A 37 -8.89 12.63 -9.39
C LYS A 37 -7.71 13.60 -9.29
N ARG A 38 -6.89 13.43 -8.25
CA ARG A 38 -5.74 14.31 -8.05
C ARG A 38 -4.54 13.82 -8.84
N GLN A 39 -4.31 12.51 -8.83
CA GLN A 39 -3.17 11.93 -9.54
C GLN A 39 -3.58 11.33 -10.88
N GLY A 40 -4.88 11.28 -11.14
CA GLY A 40 -5.36 10.70 -12.38
C GLY A 40 -5.10 9.21 -12.41
N VAL A 41 -5.45 8.54 -11.34
CA VAL A 41 -5.25 7.11 -11.20
C VAL A 41 -6.56 6.41 -10.87
N PRO A 42 -6.86 5.28 -11.53
CA PRO A 42 -8.09 4.53 -11.29
C PRO A 42 -8.29 4.20 -9.83
N ALA A 43 -9.46 4.59 -9.29
CA ALA A 43 -9.79 4.33 -7.90
C ALA A 43 -9.87 2.84 -7.61
N ASP A 44 -10.06 2.07 -8.69
CA ASP A 44 -10.16 0.61 -8.60
C ASP A 44 -8.80 -0.01 -8.30
N GLN A 45 -7.74 0.78 -8.46
CA GLN A 45 -6.38 0.29 -8.22
C GLN A 45 -5.76 0.95 -6.98
N LEU A 46 -6.52 1.80 -6.32
CA LEU A 46 -6.02 2.47 -5.13
C LEU A 46 -6.42 1.71 -3.87
N ARG A 47 -5.48 1.56 -2.96
CA ARG A 47 -5.72 0.85 -1.71
C ARG A 47 -5.45 1.77 -0.53
N VAL A 48 -6.18 1.56 0.56
CA VAL A 48 -6.02 2.39 1.75
C VAL A 48 -5.56 1.53 2.92
N ILE A 49 -4.42 1.88 3.48
CA ILE A 49 -3.87 1.15 4.61
C ILE A 49 -3.78 2.06 5.82
N PHE A 50 -4.37 1.63 6.93
CA PHE A 50 -4.33 2.41 8.17
C PHE A 50 -3.96 1.51 9.34
N ALA A 51 -2.91 1.89 10.07
CA ALA A 51 -2.44 1.14 11.22
C ALA A 51 -2.05 -0.29 10.84
N GLY A 52 -1.58 -0.44 9.60
CA GLY A 52 -1.19 -1.75 9.11
C GLY A 52 -2.40 -2.61 8.78
N LYS A 53 -3.53 -1.97 8.51
CA LYS A 53 -4.75 -2.68 8.18
C LYS A 53 -5.38 -2.11 6.93
N GLU A 54 -5.66 -2.96 5.95
CA GLU A 54 -6.30 -2.51 4.72
C GLU A 54 -7.75 -2.18 5.00
N LEU A 55 -8.16 -0.96 4.67
CA LEU A 55 -9.52 -0.51 4.92
C LEU A 55 -10.46 -0.92 3.79
N GLN A 56 -11.58 -1.52 4.16
CA GLN A 56 -12.57 -1.96 3.20
C GLN A 56 -13.25 -0.76 2.55
N ASN A 57 -13.30 -0.77 1.22
CA ASN A 57 -13.89 0.32 0.44
C ASN A 57 -15.33 0.63 0.86
N HIS A 58 -16.03 -0.34 1.42
CA HIS A 58 -17.42 -0.16 1.83
C HIS A 58 -17.54 0.31 3.27
N LEU A 59 -16.41 0.59 3.92
CA LEU A 59 -16.44 1.06 5.30
C LEU A 59 -16.46 2.57 5.36
N THR A 60 -16.80 3.10 6.53
CA THR A 60 -16.86 4.54 6.73
C THR A 60 -15.96 4.95 7.90
N VAL A 61 -15.76 6.25 8.08
CA VAL A 61 -14.92 6.76 9.15
C VAL A 61 -15.43 6.32 10.52
N GLN A 62 -16.72 6.50 10.77
CA GLN A 62 -17.32 6.12 12.06
C GLN A 62 -17.51 4.62 12.18
N ASN A 63 -17.04 3.87 11.19
CA ASN A 63 -17.16 2.42 11.19
C ASN A 63 -15.79 1.76 11.30
N CYS A 64 -14.78 2.56 11.61
CA CYS A 64 -13.43 2.04 11.74
C CYS A 64 -12.65 2.77 12.84
N ASP A 65 -11.32 2.68 12.78
CA ASP A 65 -10.47 3.32 13.78
C ASP A 65 -9.97 4.68 13.32
N LEU A 66 -10.74 5.36 12.49
CA LEU A 66 -10.33 6.66 11.99
C LEU A 66 -10.88 7.78 12.86
N GLU A 67 -10.00 8.64 13.33
CA GLU A 67 -10.38 9.75 14.17
C GLU A 67 -9.81 11.06 13.62
N GLN A 68 -9.97 12.14 14.37
CA GLN A 68 -9.47 13.44 13.97
C GLN A 68 -7.95 13.46 13.88
N GLN A 69 -7.44 13.98 12.77
CA GLN A 69 -5.99 14.10 12.52
C GLN A 69 -5.31 12.75 12.37
N SER A 70 -6.01 11.80 11.76
CA SER A 70 -5.44 10.48 11.54
C SER A 70 -4.85 10.39 10.14
N ILE A 71 -3.66 9.84 10.03
CA ILE A 71 -3.00 9.69 8.74
C ILE A 71 -3.23 8.30 8.17
N VAL A 72 -3.45 8.24 6.87
CA VAL A 72 -3.68 6.98 6.18
C VAL A 72 -2.76 6.89 4.97
N HIS A 73 -2.38 5.67 4.62
CA HIS A 73 -1.50 5.46 3.48
C HIS A 73 -2.31 4.95 2.31
N ILE A 74 -2.45 5.78 1.29
CA ILE A 74 -3.19 5.42 0.10
C ILE A 74 -2.24 5.27 -1.06
N VAL A 75 -2.03 4.03 -1.49
CA VAL A 75 -1.12 3.74 -2.58
C VAL A 75 -1.81 2.92 -3.66
N GLN A 76 -1.20 2.88 -4.83
CA GLN A 76 -1.75 2.14 -5.95
C GLN A 76 -1.29 0.69 -5.93
N ARG A 77 -2.21 -0.23 -5.72
CA ARG A 77 -1.89 -1.64 -5.71
C ARG A 77 -2.43 -2.27 -6.99
N PRO A 78 -1.53 -2.75 -7.84
CA PRO A 78 -1.91 -3.35 -9.11
C PRO A 78 -2.33 -4.81 -8.98
N GLN A 79 -3.13 -5.26 -9.93
CA GLN A 79 -3.60 -6.63 -9.98
C GLN A 79 -2.97 -7.30 -11.19
N ARG A 80 -2.20 -8.34 -10.95
CA ARG A 80 -1.53 -9.04 -12.03
C ARG A 80 -2.14 -10.41 -12.28
N LYS A 81 -3.00 -10.48 -13.28
CA LYS A 81 -3.67 -11.71 -13.66
C LYS A 81 -4.29 -11.53 -15.05
N ASP B 10 24.84 -7.06 1.55
CA ASP B 10 25.40 -6.91 0.18
C ASP B 10 24.39 -7.30 -0.87
N GLN B 11 23.53 -8.26 -0.54
CA GLN B 11 22.50 -8.71 -1.46
C GLN B 11 21.25 -7.86 -1.29
N PRO B 12 20.73 -7.30 -2.41
CA PRO B 12 19.51 -6.48 -2.40
C PRO B 12 18.41 -7.07 -1.53
N CYS B 13 17.89 -6.27 -0.61
CA CYS B 13 16.86 -6.71 0.30
C CYS B 13 15.89 -5.57 0.58
N CYS B 14 14.69 -5.92 1.03
CA CYS B 14 13.69 -4.93 1.35
C CYS B 14 12.98 -5.27 2.65
N ARG B 15 12.46 -4.25 3.31
CA ARG B 15 11.76 -4.41 4.58
C ARG B 15 10.27 -4.18 4.36
N ALA B 16 9.46 -5.16 4.72
CA ALA B 16 8.02 -5.04 4.57
C ALA B 16 7.46 -3.95 5.47
N LEU B 17 6.94 -2.89 4.87
CA LEU B 17 6.39 -1.77 5.63
C LEU B 17 4.97 -2.09 6.07
N TYR B 18 4.32 -2.96 5.31
CA TYR B 18 2.95 -3.36 5.60
C TYR B 18 2.77 -4.83 5.28
N ASP B 19 1.75 -5.44 5.88
CA ASP B 19 1.48 -6.86 5.64
C ASP B 19 0.83 -7.03 4.28
N PHE B 20 1.24 -8.05 3.56
CA PHE B 20 0.68 -8.31 2.25
C PHE B 20 0.20 -9.74 2.14
N GLU B 21 -1.08 -9.90 1.87
CA GLU B 21 -1.68 -11.21 1.74
C GLU B 21 -1.81 -11.59 0.27
N PRO B 22 -1.38 -12.79 -0.10
CA PRO B 22 -1.47 -13.27 -1.48
C PRO B 22 -2.93 -13.50 -1.87
N GLU B 23 -3.40 -12.75 -2.84
CA GLU B 23 -4.78 -12.87 -3.28
C GLU B 23 -4.85 -13.55 -4.63
N ASN B 24 -3.72 -13.59 -5.32
CA ASN B 24 -3.62 -14.20 -6.63
C ASN B 24 -2.43 -15.16 -6.69
N GLU B 25 -2.51 -16.15 -7.56
CA GLU B 25 -1.43 -17.12 -7.72
C GLU B 25 -0.18 -16.43 -8.26
N GLY B 26 0.93 -16.54 -7.53
CA GLY B 26 2.16 -15.91 -7.96
C GLY B 26 2.56 -14.76 -7.05
N GLU B 27 1.59 -14.25 -6.29
CA GLU B 27 1.86 -13.15 -5.38
C GLU B 27 2.62 -13.65 -4.15
N LEU B 28 3.69 -12.96 -3.80
CA LEU B 28 4.47 -13.34 -2.65
C LEU B 28 3.90 -12.70 -1.39
N GLY B 29 3.49 -13.54 -0.45
CA GLY B 29 2.92 -13.04 0.78
C GLY B 29 3.96 -12.83 1.85
N PHE B 30 3.76 -11.81 2.67
CA PHE B 30 4.70 -11.50 3.74
C PHE B 30 4.02 -10.62 4.79
N LYS B 31 4.61 -10.55 5.97
CA LYS B 31 4.07 -9.74 7.05
C LYS B 31 4.96 -8.52 7.27
N GLU B 32 4.43 -7.53 7.97
CA GLU B 32 5.17 -6.31 8.26
C GLU B 32 6.43 -6.61 9.07
N GLY B 33 7.53 -5.95 8.71
CA GLY B 33 8.77 -6.15 9.43
C GLY B 33 9.59 -7.29 8.86
N ASP B 34 9.02 -8.03 7.91
CA ASP B 34 9.71 -9.14 7.30
C ASP B 34 10.69 -8.66 6.25
N ILE B 35 11.89 -9.23 6.27
CA ILE B 35 12.93 -8.86 5.32
C ILE B 35 12.85 -9.78 4.11
N ILE B 36 12.53 -9.21 2.96
CA ILE B 36 12.42 -9.98 1.74
C ILE B 36 13.65 -9.78 0.87
N THR B 37 14.19 -10.88 0.35
CA THR B 37 15.35 -10.81 -0.51
C THR B 37 14.93 -10.37 -1.90
N LEU B 38 15.51 -9.28 -2.39
CA LEU B 38 15.16 -8.74 -3.69
C LEU B 38 15.93 -9.47 -4.78
N THR B 39 15.22 -10.04 -5.75
CA THR B 39 15.87 -10.76 -6.83
C THR B 39 15.75 -10.03 -8.17
N ASN B 40 14.59 -9.42 -8.45
CA ASN B 40 14.39 -8.74 -9.73
C ASN B 40 13.20 -7.79 -9.67
N GLN B 41 12.94 -7.10 -10.77
CA GLN B 41 11.83 -6.18 -10.89
C GLN B 41 11.13 -6.39 -12.22
N ILE B 42 9.81 -6.43 -12.22
CA ILE B 42 9.06 -6.64 -13.45
C ILE B 42 8.80 -5.31 -14.16
N ASP B 43 7.93 -4.51 -13.57
CA ASP B 43 7.56 -3.22 -14.12
C ASP B 43 7.78 -2.12 -13.09
N GLU B 44 7.07 -1.01 -13.25
CA GLU B 44 7.21 0.12 -12.35
C GLU B 44 6.39 -0.03 -11.06
N ASN B 45 5.78 -1.19 -10.86
CA ASN B 45 4.98 -1.40 -9.65
C ASN B 45 5.22 -2.79 -9.03
N TRP B 46 5.61 -3.75 -9.84
CA TRP B 46 5.85 -5.10 -9.34
C TRP B 46 7.33 -5.40 -9.12
N TYR B 47 7.64 -5.89 -7.93
CA TYR B 47 9.00 -6.26 -7.56
C TYR B 47 9.04 -7.77 -7.32
N GLU B 48 10.15 -8.40 -7.63
CA GLU B 48 10.30 -9.84 -7.44
C GLU B 48 11.29 -10.14 -6.33
N GLY B 49 10.96 -11.09 -5.48
CA GLY B 49 11.85 -11.43 -4.40
C GLY B 49 11.59 -12.80 -3.84
N MET B 50 12.37 -13.16 -2.83
CA MET B 50 12.25 -14.46 -2.18
C MET B 50 12.18 -14.30 -0.67
N LEU B 51 11.27 -15.05 -0.06
CA LEU B 51 11.11 -15.03 1.38
C LEU B 51 10.89 -16.46 1.87
N HIS B 52 11.82 -16.95 2.70
CA HIS B 52 11.75 -18.31 3.23
C HIS B 52 11.77 -19.33 2.10
N GLY B 53 12.47 -18.98 1.02
CA GLY B 53 12.56 -19.87 -0.13
C GLY B 53 11.46 -19.59 -1.14
N GLN B 54 10.33 -19.11 -0.67
CA GLN B 54 9.20 -18.80 -1.52
C GLN B 54 9.53 -17.63 -2.44
N SER B 55 9.29 -17.81 -3.72
CA SER B 55 9.57 -16.77 -4.70
C SER B 55 8.27 -16.28 -5.34
N GLY B 56 8.19 -14.97 -5.57
CA GLY B 56 7.01 -14.41 -6.17
C GLY B 56 7.15 -12.92 -6.38
N PHE B 57 6.06 -12.28 -6.80
CA PHE B 57 6.09 -10.85 -7.03
C PHE B 57 5.18 -10.11 -6.04
N PHE B 58 5.54 -8.87 -5.76
CA PHE B 58 4.79 -8.03 -4.84
C PHE B 58 4.92 -6.57 -5.23
N PRO B 59 3.97 -5.70 -4.82
CA PRO B 59 4.01 -4.27 -5.15
C PRO B 59 5.14 -3.55 -4.43
N ILE B 60 5.83 -2.69 -5.16
CA ILE B 60 6.98 -1.94 -4.64
C ILE B 60 6.59 -0.97 -3.52
N ASN B 61 5.43 -0.34 -3.64
CA ASN B 61 4.98 0.64 -2.65
C ASN B 61 4.53 0.01 -1.33
N TYR B 62 4.70 -1.29 -1.19
CA TYR B 62 4.32 -1.99 0.03
C TYR B 62 5.54 -2.30 0.89
N VAL B 63 6.73 -2.13 0.31
CA VAL B 63 7.97 -2.42 1.04
C VAL B 63 8.97 -1.27 0.95
N GLU B 64 9.95 -1.30 1.84
CA GLU B 64 11.00 -0.29 1.88
C GLU B 64 12.31 -0.93 1.43
N ILE B 65 12.89 -0.40 0.36
CA ILE B 65 14.14 -0.93 -0.17
C ILE B 65 15.32 -0.62 0.74
N LEU B 66 15.96 -1.66 1.25
CA LEU B 66 17.13 -1.50 2.11
C LEU B 66 18.35 -1.34 1.21
N VAL B 67 18.68 -2.43 0.52
CA VAL B 67 19.78 -2.43 -0.42
C VAL B 67 19.18 -2.48 -1.82
N ALA B 68 19.35 -1.40 -2.56
CA ALA B 68 18.79 -1.27 -3.90
C ALA B 68 19.38 -2.26 -4.89
N LEU B 69 18.53 -2.66 -5.83
CA LEU B 69 18.91 -3.59 -6.89
C LEU B 69 19.80 -2.85 -7.90
N PRO B 70 20.89 -3.49 -8.35
CA PRO B 70 21.83 -2.91 -9.32
C PRO B 70 21.12 -2.31 -10.54
N HIS B 71 21.38 -1.05 -10.79
CA HIS B 71 20.79 -0.34 -11.92
C HIS B 71 21.87 0.47 -12.63
N MET A 6 -13.62 16.31 10.00
CA MET A 6 -12.40 15.67 10.55
C MET A 6 -11.29 15.74 9.50
N ILE A 7 -10.09 16.11 9.93
CA ILE A 7 -8.96 16.23 9.04
C ILE A 7 -8.06 15.00 9.12
N VAL A 8 -7.72 14.47 7.96
CA VAL A 8 -6.84 13.32 7.86
C VAL A 8 -5.76 13.63 6.83
N PHE A 9 -4.63 12.95 6.94
CA PHE A 9 -3.54 13.18 6.01
C PHE A 9 -3.39 12.01 5.05
N VAL A 10 -3.56 12.29 3.77
CA VAL A 10 -3.45 11.26 2.75
C VAL A 10 -2.06 11.24 2.15
N ARG A 11 -1.42 10.08 2.17
CA ARG A 11 -0.08 9.91 1.62
C ARG A 11 -0.13 9.06 0.37
N PHE A 12 0.20 9.65 -0.77
CA PHE A 12 0.16 8.93 -2.05
C PHE A 12 1.56 8.72 -2.61
N ASN A 13 2.17 7.60 -2.23
CA ASN A 13 3.51 7.22 -2.70
C ASN A 13 4.54 8.33 -2.39
N SER A 14 4.24 9.16 -1.40
CA SER A 14 5.13 10.25 -1.02
C SER A 14 5.56 10.12 0.44
N SER A 15 6.27 11.12 0.94
CA SER A 15 6.74 11.12 2.32
C SER A 15 5.73 11.77 3.25
N TYR A 16 5.17 12.90 2.83
CA TYR A 16 4.21 13.63 3.65
C TYR A 16 2.79 13.31 3.21
N GLY A 17 1.84 14.05 3.75
CA GLY A 17 0.45 13.84 3.41
C GLY A 17 -0.31 15.14 3.37
N PHE A 18 -1.41 15.15 2.64
CA PHE A 18 -2.22 16.35 2.53
C PHE A 18 -3.51 16.19 3.33
N PRO A 19 -3.96 17.26 4.00
CA PRO A 19 -5.16 17.24 4.83
C PRO A 19 -6.46 17.24 4.03
N VAL A 20 -7.35 16.32 4.37
CA VAL A 20 -8.65 16.20 3.72
C VAL A 20 -9.75 16.24 4.77
N GLU A 21 -10.82 17.00 4.50
CA GLU A 21 -11.94 17.13 5.41
C GLU A 21 -12.95 16.01 5.16
N VAL A 22 -13.01 15.08 6.09
CA VAL A 22 -13.93 13.96 5.99
C VAL A 22 -14.88 13.95 7.18
N ASP A 23 -15.94 13.17 7.08
CA ASP A 23 -16.91 13.08 8.16
C ASP A 23 -16.97 11.65 8.68
N SER A 24 -17.66 11.44 9.79
CA SER A 24 -17.77 10.12 10.39
C SER A 24 -18.45 9.13 9.45
N ASP A 25 -19.40 9.61 8.66
CA ASP A 25 -20.13 8.76 7.73
C ASP A 25 -19.33 8.48 6.46
N THR A 26 -18.28 9.26 6.24
CA THR A 26 -17.43 9.09 5.09
C THR A 26 -16.84 7.69 5.06
N SER A 27 -16.94 7.05 3.90
CA SER A 27 -16.44 5.71 3.73
C SER A 27 -15.15 5.72 2.91
N ILE A 28 -14.39 4.64 3.02
CA ILE A 28 -13.13 4.48 2.30
C ILE A 28 -13.32 4.71 0.80
N PHE A 29 -14.41 4.18 0.26
CA PHE A 29 -14.76 4.35 -1.16
C PHE A 29 -14.61 5.80 -1.59
N GLN A 30 -15.27 6.69 -0.87
CA GLN A 30 -15.24 8.12 -1.17
C GLN A 30 -13.82 8.67 -1.03
N LEU A 31 -13.16 8.32 0.07
CA LEU A 31 -11.80 8.77 0.33
C LEU A 31 -10.85 8.36 -0.79
N LYS A 32 -11.07 7.18 -1.35
CA LYS A 32 -10.24 6.68 -2.44
C LYS A 32 -10.46 7.53 -3.67
N GLU A 33 -11.72 7.87 -3.93
CA GLU A 33 -12.10 8.70 -5.08
C GLU A 33 -11.43 10.07 -5.01
N VAL A 34 -11.18 10.55 -3.80
CA VAL A 34 -10.54 11.84 -3.60
C VAL A 34 -9.16 11.89 -4.27
N VAL A 35 -8.43 10.79 -4.15
CA VAL A 35 -7.10 10.70 -4.74
C VAL A 35 -7.20 10.28 -6.21
N ALA A 36 -8.22 9.49 -6.52
CA ALA A 36 -8.46 9.00 -7.87
C ALA A 36 -8.55 10.16 -8.86
N LYS A 37 -9.34 11.17 -8.50
CA LYS A 37 -9.53 12.31 -9.39
C LYS A 37 -8.36 13.30 -9.29
N ARG A 38 -7.49 13.10 -8.31
CA ARG A 38 -6.34 13.97 -8.13
C ARG A 38 -5.17 13.54 -9.03
N GLN A 39 -4.96 12.23 -9.18
CA GLN A 39 -3.83 11.74 -9.98
C GLN A 39 -4.27 11.05 -11.27
N GLY A 40 -5.57 10.84 -11.42
CA GLY A 40 -6.08 10.16 -12.60
C GLY A 40 -5.81 8.68 -12.52
N VAL A 41 -6.13 8.11 -11.37
CA VAL A 41 -5.91 6.69 -11.14
C VAL A 41 -7.23 6.01 -10.77
N PRO A 42 -7.55 4.87 -11.41
CA PRO A 42 -8.77 4.11 -11.12
C PRO A 42 -8.89 3.77 -9.64
N ALA A 43 -10.03 4.13 -9.04
CA ALA A 43 -10.28 3.89 -7.62
C ALA A 43 -10.26 2.42 -7.26
N ASP A 44 -10.54 1.55 -8.23
CA ASP A 44 -10.56 0.11 -8.00
C ASP A 44 -9.16 -0.46 -7.75
N GLN A 45 -8.15 0.28 -8.17
CA GLN A 45 -6.77 -0.16 -7.97
C GLN A 45 -6.17 0.49 -6.73
N LEU A 46 -6.85 1.50 -6.19
CA LEU A 46 -6.36 2.20 -5.01
C LEU A 46 -6.71 1.44 -3.73
N ARG A 47 -5.78 1.39 -2.80
CA ARG A 47 -5.98 0.73 -1.53
C ARG A 47 -5.60 1.69 -0.40
N VAL A 48 -6.28 1.60 0.72
CA VAL A 48 -6.02 2.47 1.85
C VAL A 48 -5.47 1.68 3.02
N ILE A 49 -4.31 2.09 3.53
CA ILE A 49 -3.68 1.39 4.63
C ILE A 49 -3.42 2.34 5.80
N PHE A 50 -3.92 1.96 6.97
CA PHE A 50 -3.74 2.76 8.17
C PHE A 50 -3.28 1.87 9.33
N ALA A 51 -2.17 2.24 9.95
CA ALA A 51 -1.62 1.50 11.09
C ALA A 51 -1.36 0.03 10.74
N GLY A 52 -0.92 -0.21 9.51
CA GLY A 52 -0.64 -1.57 9.08
C GLY A 52 -1.90 -2.39 8.86
N LYS A 53 -3.00 -1.73 8.50
CA LYS A 53 -4.26 -2.42 8.24
C LYS A 53 -4.94 -1.85 7.01
N GLU A 54 -5.25 -2.70 6.04
CA GLU A 54 -5.92 -2.27 4.84
C GLU A 54 -7.40 -1.99 5.13
N LEU A 55 -7.82 -0.76 4.86
CA LEU A 55 -9.19 -0.36 5.12
C LEU A 55 -10.07 -0.71 3.92
N GLN A 56 -11.04 -1.57 4.16
CA GLN A 56 -11.95 -2.01 3.11
C GLN A 56 -12.85 -0.87 2.63
N ASN A 57 -13.08 -0.86 1.34
CA ASN A 57 -13.89 0.15 0.64
C ASN A 57 -15.21 0.53 1.33
N HIS A 58 -15.84 -0.40 2.04
CA HIS A 58 -17.12 -0.12 2.68
C HIS A 58 -17.01 0.38 4.11
N LEU A 59 -15.80 0.41 4.66
CA LEU A 59 -15.61 0.86 6.04
C LEU A 59 -15.80 2.37 6.14
N THR A 60 -16.48 2.82 7.18
CA THR A 60 -16.71 4.24 7.39
C THR A 60 -15.74 4.75 8.46
N VAL A 61 -15.50 6.05 8.48
CA VAL A 61 -14.61 6.67 9.44
C VAL A 61 -14.99 6.33 10.88
N GLN A 62 -16.28 6.39 11.19
CA GLN A 62 -16.75 6.08 12.54
C GLN A 62 -16.70 4.58 12.84
N ASN A 63 -16.37 3.77 11.84
CA ASN A 63 -16.30 2.33 12.04
C ASN A 63 -14.87 1.81 11.94
N CYS A 64 -13.90 2.72 11.96
CA CYS A 64 -12.50 2.33 11.89
C CYS A 64 -11.68 3.09 12.92
N ASP A 65 -10.40 2.77 13.02
CA ASP A 65 -9.50 3.43 13.99
C ASP A 65 -9.05 4.81 13.50
N LEU A 66 -9.88 5.49 12.73
CA LEU A 66 -9.52 6.80 12.22
C LEU A 66 -10.04 7.90 13.13
N GLU A 67 -9.16 8.80 13.53
CA GLU A 67 -9.53 9.90 14.39
C GLU A 67 -8.97 11.20 13.83
N GLN A 68 -9.23 12.29 14.55
CA GLN A 68 -8.77 13.61 14.14
C GLN A 68 -7.24 13.68 14.03
N GLN A 69 -6.77 14.19 12.88
CA GLN A 69 -5.34 14.36 12.62
C GLN A 69 -4.59 13.04 12.45
N SER A 70 -5.20 12.10 11.76
CA SER A 70 -4.57 10.81 11.52
C SER A 70 -4.04 10.74 10.08
N ILE A 71 -2.94 10.03 9.88
CA ILE A 71 -2.35 9.90 8.55
C ILE A 71 -2.67 8.52 7.97
N VAL A 72 -2.99 8.49 6.69
CA VAL A 72 -3.32 7.26 6.00
C VAL A 72 -2.47 7.10 4.75
N HIS A 73 -2.24 5.87 4.35
CA HIS A 73 -1.43 5.58 3.17
C HIS A 73 -2.33 5.07 2.04
N ILE A 74 -2.34 5.79 0.94
CA ILE A 74 -3.15 5.40 -0.21
C ILE A 74 -2.28 5.27 -1.43
N VAL A 75 -2.19 4.06 -1.97
CA VAL A 75 -1.38 3.81 -3.14
C VAL A 75 -2.15 2.97 -4.16
N GLN A 76 -1.65 2.98 -5.37
CA GLN A 76 -2.26 2.23 -6.45
C GLN A 76 -1.66 0.83 -6.53
N ARG A 77 -2.46 -0.17 -6.22
CA ARG A 77 -2.00 -1.55 -6.30
C ARG A 77 -2.15 -2.02 -7.73
N PRO A 78 -1.06 -2.44 -8.35
CA PRO A 78 -1.10 -2.90 -9.73
C PRO A 78 -1.62 -4.32 -9.82
N GLN A 79 -2.48 -4.58 -10.81
CA GLN A 79 -3.05 -5.90 -11.01
C GLN A 79 -2.54 -6.50 -12.31
N ARG A 80 -1.97 -7.69 -12.23
CA ARG A 80 -1.46 -8.37 -13.40
C ARG A 80 -2.33 -9.58 -13.74
N LYS A 81 -3.31 -9.35 -14.62
CA LYS A 81 -4.21 -10.41 -15.04
C LYS A 81 -4.15 -10.58 -16.55
N ASP B 10 24.79 -5.82 2.06
CA ASP B 10 25.31 -6.26 0.75
C ASP B 10 24.22 -6.94 -0.07
N GLN B 11 23.53 -7.90 0.53
CA GLN B 11 22.46 -8.62 -0.15
C GLN B 11 21.21 -7.74 -0.24
N PRO B 12 20.67 -7.56 -1.46
CA PRO B 12 19.47 -6.76 -1.66
C PRO B 12 18.29 -7.32 -0.85
N CYS B 13 17.65 -6.46 -0.09
CA CYS B 13 16.51 -6.85 0.74
C CYS B 13 15.60 -5.66 1.02
N CYS B 14 14.34 -5.94 1.31
CA CYS B 14 13.38 -4.90 1.59
C CYS B 14 12.58 -5.23 2.86
N ARG B 15 11.98 -4.20 3.45
CA ARG B 15 11.19 -4.35 4.65
C ARG B 15 9.71 -4.14 4.32
N ALA B 16 8.90 -5.17 4.52
CA ALA B 16 7.47 -5.06 4.26
C ALA B 16 6.83 -4.03 5.16
N LEU B 17 6.34 -2.94 4.57
CA LEU B 17 5.72 -1.88 5.34
C LEU B 17 4.26 -2.18 5.62
N TYR B 18 3.65 -2.99 4.78
CA TYR B 18 2.25 -3.34 4.94
C TYR B 18 2.04 -4.80 4.60
N ASP B 19 1.01 -5.42 5.16
CA ASP B 19 0.72 -6.82 4.88
C ASP B 19 0.19 -6.98 3.47
N PHE B 20 0.62 -8.04 2.81
CA PHE B 20 0.19 -8.30 1.45
C PHE B 20 -0.33 -9.72 1.36
N GLU B 21 -1.64 -9.86 1.38
CA GLU B 21 -2.28 -11.15 1.28
C GLU B 21 -2.34 -11.56 -0.19
N PRO B 22 -1.85 -12.76 -0.52
CA PRO B 22 -1.85 -13.26 -1.90
C PRO B 22 -3.26 -13.33 -2.46
N GLU B 23 -3.52 -12.54 -3.49
CA GLU B 23 -4.83 -12.48 -4.11
C GLU B 23 -4.78 -13.09 -5.51
N ASN B 24 -3.67 -12.90 -6.20
CA ASN B 24 -3.49 -13.43 -7.54
C ASN B 24 -2.43 -14.53 -7.53
N GLU B 25 -2.28 -15.22 -8.64
CA GLU B 25 -1.30 -16.30 -8.73
C GLU B 25 0.08 -15.75 -9.04
N GLY B 26 1.10 -16.28 -8.37
CA GLY B 26 2.46 -15.83 -8.61
C GLY B 26 2.89 -14.76 -7.62
N GLU B 27 1.94 -14.31 -6.81
CA GLU B 27 2.21 -13.27 -5.83
C GLU B 27 2.89 -13.86 -4.60
N LEU B 28 3.73 -13.06 -3.97
CA LEU B 28 4.44 -13.48 -2.78
C LEU B 28 3.79 -12.83 -1.56
N GLY B 29 3.18 -13.65 -0.71
CA GLY B 29 2.52 -13.14 0.47
C GLY B 29 3.48 -12.87 1.61
N PHE B 30 3.24 -11.80 2.35
CA PHE B 30 4.08 -11.43 3.48
C PHE B 30 3.30 -10.58 4.46
N LYS B 31 3.85 -10.43 5.66
CA LYS B 31 3.20 -9.64 6.69
C LYS B 31 3.97 -8.36 6.95
N GLU B 32 3.35 -7.44 7.67
CA GLU B 32 3.98 -6.18 8.01
C GLU B 32 5.19 -6.41 8.90
N GLY B 33 6.34 -5.92 8.48
CA GLY B 33 7.56 -6.07 9.26
C GLY B 33 8.44 -7.21 8.77
N ASP B 34 8.02 -7.89 7.73
CA ASP B 34 8.78 -9.01 7.19
C ASP B 34 9.91 -8.52 6.29
N ILE B 35 11.10 -9.07 6.47
CA ILE B 35 12.24 -8.71 5.64
C ILE B 35 12.32 -9.68 4.48
N ILE B 36 12.18 -9.15 3.27
CA ILE B 36 12.21 -9.96 2.06
C ILE B 36 13.51 -9.79 1.32
N THR B 37 14.02 -10.88 0.75
CA THR B 37 15.24 -10.83 -0.02
C THR B 37 14.93 -10.38 -1.44
N LEU B 38 15.42 -9.20 -1.81
CA LEU B 38 15.20 -8.65 -3.13
C LEU B 38 16.10 -9.34 -4.16
N THR B 39 15.49 -9.98 -5.15
CA THR B 39 16.25 -10.71 -6.14
C THR B 39 16.30 -9.98 -7.49
N ASN B 40 15.18 -9.43 -7.94
CA ASN B 40 15.14 -8.74 -9.23
C ASN B 40 13.96 -7.79 -9.31
N GLN B 41 13.89 -7.02 -10.39
CA GLN B 41 12.81 -6.07 -10.59
C GLN B 41 12.11 -6.35 -11.92
N ILE B 42 10.78 -6.47 -11.88
CA ILE B 42 10.03 -6.75 -13.09
C ILE B 42 9.82 -5.48 -13.90
N ASP B 43 9.14 -4.52 -13.32
CA ASP B 43 8.86 -3.26 -14.01
C ASP B 43 8.98 -2.08 -13.05
N GLU B 44 8.07 -1.12 -13.17
CA GLU B 44 8.10 0.07 -12.32
C GLU B 44 7.24 -0.06 -11.08
N ASN B 45 6.50 -1.16 -10.95
CA ASN B 45 5.63 -1.34 -9.81
C ASN B 45 5.72 -2.74 -9.21
N TRP B 46 6.28 -3.68 -9.96
CA TRP B 46 6.41 -5.05 -9.49
C TRP B 46 7.86 -5.40 -9.17
N TYR B 47 8.07 -5.96 -7.99
CA TYR B 47 9.39 -6.38 -7.54
C TYR B 47 9.43 -7.90 -7.35
N GLU B 48 10.59 -8.50 -7.60
CA GLU B 48 10.77 -9.94 -7.42
C GLU B 48 11.60 -10.21 -6.17
N GLY B 49 11.19 -11.18 -5.39
CA GLY B 49 11.93 -11.49 -4.19
C GLY B 49 11.65 -12.88 -3.67
N MET B 50 12.35 -13.24 -2.61
CA MET B 50 12.20 -14.55 -1.98
C MET B 50 11.97 -14.39 -0.48
N LEU B 51 11.08 -15.20 0.07
CA LEU B 51 10.77 -15.15 1.48
C LEU B 51 10.45 -16.55 2.02
N HIS B 52 11.25 -16.98 3.00
CA HIS B 52 11.08 -18.30 3.63
C HIS B 52 11.18 -19.43 2.61
N GLY B 53 11.90 -19.16 1.52
CA GLY B 53 12.05 -20.16 0.48
C GLY B 53 11.02 -20.01 -0.61
N GLN B 54 10.00 -19.21 -0.36
CA GLN B 54 8.95 -18.96 -1.34
C GLN B 54 9.29 -17.76 -2.20
N SER B 55 9.10 -17.90 -3.51
CA SER B 55 9.40 -16.80 -4.43
C SER B 55 8.14 -16.34 -5.17
N GLY B 56 8.05 -15.05 -5.42
CA GLY B 56 6.92 -14.49 -6.12
C GLY B 56 7.08 -13.00 -6.34
N PHE B 57 6.10 -12.36 -6.95
CA PHE B 57 6.17 -10.93 -7.20
C PHE B 57 5.26 -10.16 -6.25
N PHE B 58 5.62 -8.90 -5.99
CA PHE B 58 4.87 -8.03 -5.11
C PHE B 58 5.06 -6.57 -5.51
N PRO B 59 4.09 -5.69 -5.18
CA PRO B 59 4.18 -4.25 -5.51
C PRO B 59 5.28 -3.53 -4.74
N ILE B 60 5.98 -2.64 -5.44
CA ILE B 60 7.07 -1.87 -4.85
C ILE B 60 6.57 -0.89 -3.79
N ASN B 61 5.39 -0.32 -4.02
CA ASN B 61 4.81 0.65 -3.09
C ASN B 61 4.27 0.00 -1.82
N TYR B 62 4.58 -1.28 -1.62
CA TYR B 62 4.13 -2.00 -0.44
C TYR B 62 5.32 -2.38 0.43
N VAL B 63 6.52 -2.05 -0.01
CA VAL B 63 7.73 -2.40 0.73
C VAL B 63 8.71 -1.24 0.84
N GLU B 64 9.52 -1.27 1.90
CA GLU B 64 10.55 -0.27 2.13
C GLU B 64 11.89 -0.86 1.73
N ILE B 65 12.56 -0.24 0.77
CA ILE B 65 13.84 -0.76 0.30
C ILE B 65 14.97 -0.49 1.28
N LEU B 66 15.63 -1.57 1.72
CA LEU B 66 16.75 -1.46 2.63
C LEU B 66 18.02 -1.46 1.81
N VAL B 67 18.19 -2.53 1.03
CA VAL B 67 19.33 -2.69 0.14
C VAL B 67 18.79 -2.90 -1.26
N ALA B 68 18.92 -1.89 -2.10
CA ALA B 68 18.38 -1.96 -3.45
C ALA B 68 19.22 -2.83 -4.40
N LEU B 69 18.63 -3.11 -5.55
CA LEU B 69 19.29 -3.92 -6.58
C LEU B 69 20.39 -3.10 -7.26
N PRO B 70 21.35 -3.73 -7.93
CA PRO B 70 22.43 -3.02 -8.60
C PRO B 70 21.94 -2.11 -9.72
N HIS B 71 22.17 -0.83 -9.55
CA HIS B 71 21.77 0.16 -10.54
C HIS B 71 22.92 1.10 -10.82
N MET A 6 -13.89 16.22 10.08
CA MET A 6 -12.71 15.48 10.58
C MET A 6 -11.54 15.67 9.63
N ILE A 7 -10.34 15.73 10.17
CA ILE A 7 -9.13 15.90 9.38
C ILE A 7 -8.28 14.64 9.39
N VAL A 8 -7.93 14.19 8.20
CA VAL A 8 -7.09 13.02 8.03
C VAL A 8 -5.98 13.34 7.03
N PHE A 9 -4.81 12.77 7.24
CA PHE A 9 -3.68 13.01 6.35
C PHE A 9 -3.55 11.88 5.34
N VAL A 10 -3.71 12.21 4.07
CA VAL A 10 -3.62 11.22 3.01
C VAL A 10 -2.21 11.17 2.45
N ARG A 11 -1.58 10.02 2.57
CA ARG A 11 -0.22 9.83 2.08
C ARG A 11 -0.26 9.07 0.76
N PHE A 12 0.19 9.71 -0.31
CA PHE A 12 0.18 9.07 -1.62
C PHE A 12 1.59 8.78 -2.12
N ASN A 13 2.09 7.59 -1.79
CA ASN A 13 3.41 7.13 -2.23
C ASN A 13 4.51 8.13 -1.85
N SER A 14 4.33 8.80 -0.73
CA SER A 14 5.29 9.79 -0.27
C SER A 14 5.55 9.66 1.23
N SER A 15 6.28 10.61 1.79
CA SER A 15 6.60 10.61 3.21
C SER A 15 5.56 11.37 4.02
N TYR A 16 5.07 12.47 3.48
CA TYR A 16 4.09 13.31 4.17
C TYR A 16 2.69 13.01 3.70
N GLY A 17 1.75 13.81 4.16
CA GLY A 17 0.37 13.61 3.79
C GLY A 17 -0.43 14.89 3.84
N PHE A 18 -1.39 15.02 2.95
CA PHE A 18 -2.22 16.21 2.92
C PHE A 18 -3.51 15.98 3.69
N PRO A 19 -3.89 16.94 4.55
CA PRO A 19 -5.11 16.83 5.36
C PRO A 19 -6.39 17.08 4.56
N VAL A 20 -7.29 16.12 4.61
CA VAL A 20 -8.56 16.22 3.91
C VAL A 20 -9.70 16.24 4.92
N GLU A 21 -10.68 17.10 4.68
CA GLU A 21 -11.83 17.21 5.57
C GLU A 21 -12.90 16.19 5.20
N VAL A 22 -13.07 15.21 6.06
CA VAL A 22 -14.06 14.16 5.85
C VAL A 22 -15.03 14.14 7.03
N ASP A 23 -16.07 13.34 6.93
CA ASP A 23 -17.04 13.22 8.00
C ASP A 23 -17.07 11.78 8.48
N SER A 24 -17.68 11.56 9.63
CA SER A 24 -17.77 10.23 10.22
C SER A 24 -18.47 9.21 9.30
N ASP A 25 -19.40 9.69 8.47
CA ASP A 25 -20.13 8.79 7.59
C ASP A 25 -19.45 8.66 6.22
N THR A 26 -18.30 9.29 6.06
CA THR A 26 -17.58 9.21 4.80
C THR A 26 -17.06 7.78 4.60
N SER A 27 -17.33 7.23 3.44
CA SER A 27 -16.89 5.88 3.13
C SER A 27 -15.46 5.94 2.57
N ILE A 28 -14.67 4.91 2.84
CA ILE A 28 -13.29 4.84 2.35
C ILE A 28 -13.24 5.04 0.85
N PHE A 29 -14.23 4.51 0.14
CA PHE A 29 -14.30 4.67 -1.31
C PHE A 29 -14.23 6.14 -1.70
N GLN A 30 -14.98 6.99 -0.98
CA GLN A 30 -15.01 8.43 -1.25
C GLN A 30 -13.63 9.05 -1.08
N LEU A 31 -13.01 8.77 0.06
CA LEU A 31 -11.67 9.28 0.35
C LEU A 31 -10.67 8.88 -0.73
N LYS A 32 -10.89 7.70 -1.31
CA LYS A 32 -10.03 7.20 -2.36
C LYS A 32 -10.25 8.00 -3.64
N GLU A 33 -11.52 8.33 -3.89
CA GLU A 33 -11.92 9.11 -5.05
C GLU A 33 -11.21 10.46 -5.06
N VAL A 34 -10.95 10.99 -3.87
CA VAL A 34 -10.28 12.28 -3.73
C VAL A 34 -8.90 12.26 -4.39
N VAL A 35 -8.18 11.17 -4.21
CA VAL A 35 -6.85 11.03 -4.79
C VAL A 35 -6.94 10.57 -6.25
N ALA A 36 -7.96 9.76 -6.52
CA ALA A 36 -8.20 9.24 -7.86
C ALA A 36 -8.33 10.35 -8.88
N LYS A 37 -9.23 11.30 -8.61
CA LYS A 37 -9.46 12.42 -9.52
C LYS A 37 -8.29 13.39 -9.52
N ARG A 38 -7.51 13.37 -8.46
CA ARG A 38 -6.39 14.29 -8.32
C ARG A 38 -5.17 13.83 -9.12
N GLN A 39 -4.84 12.55 -9.01
CA GLN A 39 -3.66 12.01 -9.70
C GLN A 39 -4.01 11.38 -11.05
N GLY A 40 -5.29 11.19 -11.31
CA GLY A 40 -5.70 10.58 -12.54
C GLY A 40 -5.42 9.10 -12.55
N VAL A 41 -5.67 8.48 -11.41
CA VAL A 41 -5.44 7.06 -11.25
C VAL A 41 -6.76 6.38 -10.90
N PRO A 42 -7.13 5.34 -11.66
CA PRO A 42 -8.38 4.59 -11.43
C PRO A 42 -8.55 4.19 -9.98
N ALA A 43 -9.67 4.61 -9.40
CA ALA A 43 -9.97 4.32 -8.01
C ALA A 43 -10.00 2.82 -7.75
N ASP A 44 -10.31 2.05 -8.79
CA ASP A 44 -10.40 0.61 -8.66
C ASP A 44 -9.03 -0.05 -8.44
N GLN A 45 -7.95 0.70 -8.65
CA GLN A 45 -6.61 0.16 -8.45
C GLN A 45 -5.93 0.79 -7.23
N LEU A 46 -6.60 1.73 -6.59
CA LEU A 46 -6.03 2.38 -5.42
C LEU A 46 -6.42 1.62 -4.15
N ARG A 47 -5.48 1.52 -3.23
CA ARG A 47 -5.72 0.83 -1.96
C ARG A 47 -5.44 1.76 -0.79
N VAL A 48 -6.14 1.54 0.32
CA VAL A 48 -5.98 2.38 1.50
C VAL A 48 -5.48 1.55 2.68
N ILE A 49 -4.28 1.83 3.14
CA ILE A 49 -3.69 1.11 4.27
C ILE A 49 -3.52 2.03 5.47
N PHE A 50 -4.08 1.62 6.60
CA PHE A 50 -3.99 2.40 7.82
C PHE A 50 -3.44 1.53 8.94
N ALA A 51 -2.28 1.93 9.47
CA ALA A 51 -1.62 1.22 10.57
C ALA A 51 -1.44 -0.26 10.25
N GLY A 52 -0.96 -0.56 9.05
CA GLY A 52 -0.73 -1.93 8.64
C GLY A 52 -2.00 -2.68 8.31
N LYS A 53 -3.12 -1.98 8.22
CA LYS A 53 -4.40 -2.60 7.93
C LYS A 53 -5.09 -1.95 6.73
N GLU A 54 -5.35 -2.74 5.69
CA GLU A 54 -6.03 -2.23 4.51
C GLU A 54 -7.52 -2.07 4.81
N LEU A 55 -8.03 -0.86 4.65
CA LEU A 55 -9.41 -0.57 4.94
C LEU A 55 -10.31 -0.87 3.75
N GLN A 56 -11.40 -1.58 4.00
CA GLN A 56 -12.36 -1.93 2.96
C GLN A 56 -13.09 -0.67 2.48
N ASN A 57 -13.21 -0.54 1.17
CA ASN A 57 -13.85 0.62 0.57
C ASN A 57 -15.29 0.83 1.07
N HIS A 58 -15.93 -0.23 1.55
CA HIS A 58 -17.31 -0.12 2.03
C HIS A 58 -17.39 0.30 3.49
N LEU A 59 -16.24 0.46 4.12
CA LEU A 59 -16.21 0.88 5.51
C LEU A 59 -16.30 2.39 5.63
N THR A 60 -16.86 2.86 6.72
CA THR A 60 -16.99 4.28 6.96
C THR A 60 -16.00 4.71 8.03
N VAL A 61 -15.73 6.00 8.10
CA VAL A 61 -14.79 6.54 9.08
C VAL A 61 -15.18 6.13 10.50
N GLN A 62 -16.46 6.30 10.85
CA GLN A 62 -16.93 5.96 12.19
C GLN A 62 -17.16 4.46 12.35
N ASN A 63 -16.62 3.67 11.44
CA ASN A 63 -16.77 2.22 11.48
C ASN A 63 -15.41 1.53 11.42
N CYS A 64 -14.35 2.29 11.64
CA CYS A 64 -13.00 1.74 11.63
C CYS A 64 -12.13 2.48 12.64
N ASP A 65 -10.82 2.24 12.59
CA ASP A 65 -9.89 2.87 13.54
C ASP A 65 -9.51 4.29 13.12
N LEU A 66 -10.39 4.98 12.43
CA LEU A 66 -10.10 6.34 12.00
C LEU A 66 -10.62 7.36 13.00
N GLU A 67 -9.81 8.37 13.26
CA GLU A 67 -10.18 9.43 14.19
C GLU A 67 -9.56 10.75 13.74
N GLN A 68 -9.78 11.80 14.52
CA GLN A 68 -9.21 13.10 14.20
C GLN A 68 -7.68 13.04 14.17
N GLN A 69 -7.10 13.59 13.11
CA GLN A 69 -5.65 13.61 12.93
C GLN A 69 -5.08 12.20 12.76
N SER A 70 -5.54 11.53 11.73
CA SER A 70 -5.09 10.18 11.43
C SER A 70 -4.36 10.17 10.09
N ILE A 71 -3.33 9.36 9.99
CA ILE A 71 -2.58 9.27 8.75
C ILE A 71 -2.91 7.97 8.01
N VAL A 72 -3.25 8.08 6.74
CA VAL A 72 -3.60 6.93 5.92
C VAL A 72 -2.72 6.88 4.69
N HIS A 73 -2.34 5.69 4.28
CA HIS A 73 -1.49 5.51 3.13
C HIS A 73 -2.30 4.98 1.96
N ILE A 74 -2.45 5.80 0.93
CA ILE A 74 -3.20 5.40 -0.26
C ILE A 74 -2.25 5.22 -1.43
N VAL A 75 -2.00 3.97 -1.80
CA VAL A 75 -1.10 3.68 -2.90
C VAL A 75 -1.82 2.84 -3.96
N GLN A 76 -1.31 2.90 -5.17
CA GLN A 76 -1.89 2.16 -6.27
C GLN A 76 -1.32 0.74 -6.32
N ARG A 77 -2.19 -0.25 -6.24
CA ARG A 77 -1.77 -1.63 -6.29
C ARG A 77 -1.85 -2.14 -7.72
N PRO A 78 -0.74 -2.63 -8.27
CA PRO A 78 -0.69 -3.14 -9.63
C PRO A 78 -1.41 -4.47 -9.77
N GLN A 79 -2.26 -4.58 -10.77
CA GLN A 79 -2.98 -5.82 -11.02
C GLN A 79 -2.69 -6.34 -12.43
N ARG A 80 -2.10 -7.52 -12.51
CA ARG A 80 -1.76 -8.13 -13.79
C ARG A 80 -2.73 -9.24 -14.13
N LYS A 81 -2.84 -9.54 -15.42
CA LYS A 81 -3.74 -10.58 -15.89
C LYS A 81 -2.92 -11.75 -16.43
N ASP B 10 25.12 -7.47 1.79
CA ASP B 10 25.25 -6.81 0.47
C ASP B 10 24.13 -7.26 -0.45
N GLN B 11 23.55 -8.41 -0.16
CA GLN B 11 22.46 -8.95 -0.97
C GLN B 11 21.25 -8.03 -0.92
N PRO B 12 20.72 -7.65 -2.08
CA PRO B 12 19.54 -6.78 -2.16
C PRO B 12 18.39 -7.29 -1.28
N CYS B 13 17.91 -6.44 -0.39
CA CYS B 13 16.82 -6.81 0.52
C CYS B 13 15.92 -5.63 0.79
N CYS B 14 14.66 -5.90 1.09
CA CYS B 14 13.69 -4.86 1.37
C CYS B 14 12.98 -5.10 2.70
N ARG B 15 12.48 -4.03 3.29
CA ARG B 15 11.78 -4.12 4.56
C ARG B 15 10.29 -3.91 4.36
N ALA B 16 9.50 -4.91 4.69
CA ALA B 16 8.05 -4.82 4.56
C ALA B 16 7.49 -3.79 5.53
N LEU B 17 6.81 -2.78 5.01
CA LEU B 17 6.24 -1.72 5.83
C LEU B 17 4.76 -1.98 6.14
N TYR B 18 4.10 -2.73 5.29
CA TYR B 18 2.69 -3.02 5.48
C TYR B 18 2.40 -4.50 5.27
N ASP B 19 1.30 -4.95 5.84
CA ASP B 19 0.90 -6.35 5.74
C ASP B 19 0.31 -6.62 4.36
N PHE B 20 0.83 -7.62 3.66
CA PHE B 20 0.34 -7.93 2.33
C PHE B 20 -0.19 -9.34 2.26
N GLU B 21 -1.49 -9.45 2.03
CA GLU B 21 -2.15 -10.73 1.94
C GLU B 21 -2.30 -11.12 0.47
N PRO B 22 -1.84 -12.31 0.08
CA PRO B 22 -1.94 -12.78 -1.30
C PRO B 22 -3.38 -13.04 -1.73
N GLU B 23 -3.77 -12.47 -2.84
CA GLU B 23 -5.12 -12.62 -3.37
C GLU B 23 -5.07 -13.30 -4.73
N ASN B 24 -3.95 -13.12 -5.42
CA ASN B 24 -3.77 -13.70 -6.75
C ASN B 24 -2.73 -14.81 -6.70
N GLU B 25 -2.52 -15.45 -7.84
CA GLU B 25 -1.56 -16.53 -7.95
C GLU B 25 -0.17 -16.00 -8.28
N GLY B 26 0.77 -16.25 -7.38
CA GLY B 26 2.14 -15.79 -7.60
C GLY B 26 2.50 -14.66 -6.68
N GLU B 27 1.51 -14.13 -5.96
CA GLU B 27 1.75 -13.02 -5.04
C GLU B 27 2.44 -13.52 -3.78
N LEU B 28 3.53 -12.87 -3.41
CA LEU B 28 4.28 -13.24 -2.22
C LEU B 28 3.68 -12.56 -0.99
N GLY B 29 3.16 -13.38 -0.08
CA GLY B 29 2.55 -12.84 1.12
C GLY B 29 3.58 -12.61 2.22
N PHE B 30 3.41 -11.52 2.96
CA PHE B 30 4.32 -11.17 4.02
C PHE B 30 3.64 -10.24 5.03
N LYS B 31 4.35 -9.92 6.10
CA LYS B 31 3.82 -9.04 7.13
C LYS B 31 4.79 -7.90 7.37
N GLU B 32 4.33 -6.89 8.09
CA GLU B 32 5.15 -5.72 8.39
C GLU B 32 6.31 -6.12 9.31
N GLY B 33 7.52 -5.72 8.92
CA GLY B 33 8.69 -6.02 9.72
C GLY B 33 9.51 -7.17 9.17
N ASP B 34 9.02 -7.76 8.09
CA ASP B 34 9.72 -8.89 7.47
C ASP B 34 10.68 -8.40 6.39
N ILE B 35 11.86 -8.99 6.37
CA ILE B 35 12.87 -8.62 5.38
C ILE B 35 12.83 -9.62 4.23
N ILE B 36 12.54 -9.11 3.05
CA ILE B 36 12.43 -9.96 1.87
C ILE B 36 13.69 -9.85 1.00
N THR B 37 14.11 -10.98 0.45
CA THR B 37 15.29 -11.02 -0.41
C THR B 37 14.92 -10.52 -1.80
N LEU B 38 15.46 -9.37 -2.18
CA LEU B 38 15.19 -8.78 -3.49
C LEU B 38 16.03 -9.48 -4.55
N THR B 39 15.37 -10.10 -5.52
CA THR B 39 16.06 -10.84 -6.56
C THR B 39 15.99 -10.16 -7.93
N ASN B 40 14.83 -9.56 -8.27
CA ASN B 40 14.68 -8.93 -9.57
C ASN B 40 13.48 -7.98 -9.59
N GLN B 41 13.40 -7.15 -10.62
CA GLN B 41 12.30 -6.21 -10.76
C GLN B 41 11.59 -6.46 -12.08
N ILE B 42 10.27 -6.64 -12.03
CA ILE B 42 9.50 -6.90 -13.22
C ILE B 42 9.24 -5.61 -13.98
N ASP B 43 8.58 -4.69 -13.32
CA ASP B 43 8.29 -3.39 -13.92
C ASP B 43 8.39 -2.29 -12.87
N GLU B 44 7.69 -1.20 -13.11
CA GLU B 44 7.73 -0.05 -12.21
C GLU B 44 6.91 -0.26 -10.93
N ASN B 45 6.03 -1.24 -10.93
CA ASN B 45 5.19 -1.47 -9.75
C ASN B 45 5.33 -2.89 -9.19
N TRP B 46 6.09 -3.76 -9.84
CA TRP B 46 6.23 -5.13 -9.36
C TRP B 46 7.69 -5.48 -9.03
N TYR B 47 7.90 -6.04 -7.85
CA TYR B 47 9.22 -6.45 -7.40
C TYR B 47 9.21 -7.95 -7.12
N GLU B 48 10.29 -8.63 -7.49
CA GLU B 48 10.40 -10.06 -7.26
C GLU B 48 11.25 -10.31 -6.04
N GLY B 49 10.85 -11.26 -5.20
CA GLY B 49 11.61 -11.53 -4.02
C GLY B 49 11.36 -12.91 -3.43
N MET B 50 12.18 -13.26 -2.45
CA MET B 50 12.05 -14.55 -1.77
C MET B 50 11.91 -14.33 -0.27
N LEU B 51 10.98 -15.03 0.34
CA LEU B 51 10.74 -14.94 1.78
C LEU B 51 10.52 -16.34 2.34
N HIS B 52 11.43 -16.76 3.22
CA HIS B 52 11.36 -18.07 3.85
C HIS B 52 11.39 -19.18 2.79
N GLY B 53 12.12 -18.93 1.71
CA GLY B 53 12.25 -19.89 0.63
C GLY B 53 11.20 -19.68 -0.44
N GLN B 54 10.05 -19.14 -0.06
CA GLN B 54 8.96 -18.89 -0.99
C GLN B 54 9.30 -17.70 -1.89
N SER B 55 9.16 -17.91 -3.19
CA SER B 55 9.46 -16.86 -4.17
C SER B 55 8.20 -16.44 -4.90
N GLY B 56 8.04 -15.13 -5.06
CA GLY B 56 6.89 -14.60 -5.75
C GLY B 56 7.06 -13.13 -6.04
N PHE B 57 6.02 -12.52 -6.57
CA PHE B 57 6.07 -11.09 -6.89
C PHE B 57 5.15 -10.31 -5.96
N PHE B 58 5.55 -9.08 -5.67
CA PHE B 58 4.77 -8.20 -4.80
C PHE B 58 4.96 -6.76 -5.22
N PRO B 59 3.97 -5.89 -4.93
CA PRO B 59 4.05 -4.46 -5.28
C PRO B 59 5.25 -3.77 -4.62
N ILE B 60 5.89 -2.88 -5.39
CA ILE B 60 7.06 -2.15 -4.90
C ILE B 60 6.67 -1.11 -3.86
N ASN B 61 5.55 -0.45 -4.10
CA ASN B 61 5.08 0.61 -3.20
C ASN B 61 4.37 0.04 -1.96
N TYR B 62 4.87 -1.08 -1.46
CA TYR B 62 4.30 -1.72 -0.29
C TYR B 62 5.41 -2.02 0.73
N VAL B 63 6.65 -1.85 0.29
CA VAL B 63 7.81 -2.11 1.14
C VAL B 63 8.87 -1.02 1.00
N GLU B 64 9.84 -1.05 1.90
CA GLU B 64 10.93 -0.08 1.90
C GLU B 64 12.18 -0.74 1.34
N ILE B 65 12.86 -0.06 0.44
CA ILE B 65 14.06 -0.60 -0.19
C ILE B 65 15.30 -0.30 0.63
N LEU B 66 15.96 -1.35 1.13
CA LEU B 66 17.17 -1.19 1.92
C LEU B 66 18.37 -1.23 0.97
N VAL B 67 18.56 -2.39 0.36
CA VAL B 67 19.62 -2.58 -0.61
C VAL B 67 18.96 -2.76 -1.97
N ALA B 68 19.03 -1.71 -2.78
CA ALA B 68 18.40 -1.73 -4.10
C ALA B 68 19.13 -2.64 -5.08
N LEU B 69 18.47 -2.94 -6.19
CA LEU B 69 19.08 -3.79 -7.21
C LEU B 69 20.03 -2.97 -8.07
N PRO B 70 21.15 -3.56 -8.52
CA PRO B 70 22.12 -2.88 -9.37
C PRO B 70 21.43 -2.32 -10.61
N HIS B 71 21.63 -1.05 -10.88
CA HIS B 71 21.00 -0.39 -12.01
C HIS B 71 22.02 0.35 -12.85
N MET A 6 -13.54 16.66 9.56
CA MET A 6 -12.50 15.85 10.22
C MET A 6 -11.24 15.81 9.36
N ILE A 7 -10.11 16.17 9.97
CA ILE A 7 -8.84 16.20 9.26
C ILE A 7 -8.12 14.86 9.33
N VAL A 8 -7.80 14.32 8.16
CA VAL A 8 -7.08 13.07 8.06
C VAL A 8 -5.85 13.26 7.17
N PHE A 9 -4.76 12.58 7.49
CA PHE A 9 -3.53 12.70 6.71
C PHE A 9 -3.42 11.57 5.70
N VAL A 10 -3.54 11.93 4.44
CA VAL A 10 -3.46 10.95 3.36
C VAL A 10 -2.07 10.89 2.77
N ARG A 11 -1.49 9.71 2.78
CA ARG A 11 -0.16 9.47 2.26
C ARG A 11 -0.23 8.57 1.03
N PHE A 12 0.25 9.07 -0.10
CA PHE A 12 0.23 8.30 -1.34
C PHE A 12 1.64 8.00 -1.82
N ASN A 13 2.17 6.85 -1.39
CA ASN A 13 3.52 6.39 -1.77
C ASN A 13 4.53 7.52 -1.55
N SER A 14 4.56 8.05 -0.34
CA SER A 14 5.46 9.13 0.00
C SER A 14 5.85 9.03 1.47
N SER A 15 6.65 9.98 1.94
CA SER A 15 7.10 9.99 3.32
C SER A 15 6.09 10.68 4.22
N TYR A 16 5.56 11.81 3.75
CA TYR A 16 4.58 12.58 4.50
C TYR A 16 3.18 12.33 3.98
N GLY A 17 2.26 13.20 4.37
CA GLY A 17 0.88 13.08 3.96
C GLY A 17 0.20 14.43 3.89
N PHE A 18 -0.90 14.51 3.15
CA PHE A 18 -1.64 15.75 3.03
C PHE A 18 -2.98 15.64 3.75
N PRO A 19 -3.40 16.71 4.44
CA PRO A 19 -4.66 16.72 5.20
C PRO A 19 -5.89 16.85 4.30
N VAL A 20 -6.83 15.94 4.48
CA VAL A 20 -8.07 15.95 3.73
C VAL A 20 -9.25 16.13 4.68
N GLU A 21 -10.16 17.03 4.33
CA GLU A 21 -11.33 17.29 5.17
C GLU A 21 -12.46 16.33 4.83
N VAL A 22 -12.68 15.36 5.70
CA VAL A 22 -13.74 14.37 5.49
C VAL A 22 -14.75 14.41 6.65
N ASP A 23 -15.84 13.69 6.49
CA ASP A 23 -16.86 13.63 7.52
C ASP A 23 -16.97 12.21 8.06
N SER A 24 -17.70 12.03 9.15
CA SER A 24 -17.87 10.73 9.79
C SER A 24 -18.57 9.72 8.87
N ASP A 25 -19.44 10.21 7.99
CA ASP A 25 -20.17 9.34 7.09
C ASP A 25 -19.39 9.10 5.79
N THR A 26 -18.19 9.67 5.70
CA THR A 26 -17.36 9.51 4.52
C THR A 26 -16.91 8.07 4.36
N SER A 27 -17.08 7.54 3.16
CA SER A 27 -16.72 6.17 2.86
C SER A 27 -15.32 6.11 2.28
N ILE A 28 -14.70 4.94 2.39
CA ILE A 28 -13.36 4.72 1.87
C ILE A 28 -13.30 5.07 0.39
N PHE A 29 -14.35 4.69 -0.34
CA PHE A 29 -14.45 5.00 -1.77
C PHE A 29 -14.19 6.49 -2.01
N GLN A 30 -14.89 7.34 -1.25
CA GLN A 30 -14.76 8.78 -1.38
C GLN A 30 -13.33 9.23 -1.10
N LEU A 31 -12.78 8.75 0.01
CA LEU A 31 -11.40 9.06 0.40
C LEU A 31 -10.43 8.71 -0.73
N LYS A 32 -10.75 7.63 -1.45
CA LYS A 32 -9.92 7.18 -2.56
C LYS A 32 -10.08 8.10 -3.76
N GLU A 33 -11.31 8.53 -4.02
CA GLU A 33 -11.62 9.43 -5.13
C GLU A 33 -10.78 10.70 -5.05
N VAL A 34 -10.45 11.11 -3.82
CA VAL A 34 -9.64 12.30 -3.61
C VAL A 34 -8.28 12.16 -4.28
N VAL A 35 -7.68 10.99 -4.15
CA VAL A 35 -6.39 10.72 -4.74
C VAL A 35 -6.55 10.35 -6.21
N ALA A 36 -7.66 9.71 -6.51
CA ALA A 36 -7.98 9.29 -7.85
C ALA A 36 -7.99 10.46 -8.82
N LYS A 37 -8.71 11.51 -8.47
CA LYS A 37 -8.79 12.67 -9.34
C LYS A 37 -7.56 13.56 -9.19
N ARG A 38 -6.76 13.31 -8.16
CA ARG A 38 -5.55 14.09 -7.92
C ARG A 38 -4.37 13.59 -8.76
N GLN A 39 -4.20 12.27 -8.84
CA GLN A 39 -3.08 11.70 -9.60
C GLN A 39 -3.53 11.04 -10.89
N GLY A 40 -4.83 11.07 -11.17
CA GLY A 40 -5.35 10.46 -12.38
C GLY A 40 -5.20 8.95 -12.36
N VAL A 41 -5.60 8.34 -11.26
CA VAL A 41 -5.50 6.89 -11.11
C VAL A 41 -6.86 6.28 -10.78
N PRO A 42 -7.26 5.21 -11.51
CA PRO A 42 -8.53 4.51 -11.28
C PRO A 42 -8.72 4.12 -9.82
N ALA A 43 -9.93 4.35 -9.32
CA ALA A 43 -10.25 4.07 -7.93
C ALA A 43 -10.34 2.56 -7.65
N ASP A 44 -10.40 1.76 -8.70
CA ASP A 44 -10.49 0.32 -8.54
C ASP A 44 -9.12 -0.28 -8.22
N GLN A 45 -8.07 0.50 -8.45
CA GLN A 45 -6.71 0.04 -8.21
C GLN A 45 -6.11 0.73 -6.98
N LEU A 46 -6.89 1.53 -6.28
CA LEU A 46 -6.39 2.23 -5.10
C LEU A 46 -6.76 1.49 -3.82
N ARG A 47 -5.78 1.32 -2.94
CA ARG A 47 -5.98 0.63 -1.68
C ARG A 47 -5.66 1.56 -0.52
N VAL A 48 -6.36 1.41 0.59
CA VAL A 48 -6.15 2.26 1.76
C VAL A 48 -5.74 1.40 2.95
N ILE A 49 -4.56 1.64 3.48
CA ILE A 49 -4.06 0.87 4.61
C ILE A 49 -3.96 1.77 5.83
N PHE A 50 -4.63 1.37 6.90
CA PHE A 50 -4.64 2.15 8.13
C PHE A 50 -4.36 1.24 9.33
N ALA A 51 -3.34 1.60 10.12
CA ALA A 51 -2.97 0.85 11.31
C ALA A 51 -2.67 -0.62 10.99
N GLY A 52 -2.15 -0.86 9.79
CA GLY A 52 -1.81 -2.21 9.38
C GLY A 52 -3.04 -2.99 8.95
N LYS A 53 -4.12 -2.28 8.67
CA LYS A 53 -5.36 -2.91 8.24
C LYS A 53 -5.84 -2.28 6.94
N GLU A 54 -6.08 -3.11 5.93
CA GLU A 54 -6.59 -2.61 4.66
C GLU A 54 -8.08 -2.26 4.80
N LEU A 55 -8.39 -0.99 4.64
CA LEU A 55 -9.77 -0.53 4.76
C LEU A 55 -10.56 -0.88 3.50
N GLN A 56 -11.72 -1.50 3.71
CA GLN A 56 -12.57 -1.93 2.61
C GLN A 56 -13.34 -0.74 2.02
N ASN A 57 -13.47 -0.77 0.70
CA ASN A 57 -14.15 0.26 -0.09
C ASN A 57 -15.52 0.69 0.47
N HIS A 58 -16.24 -0.25 1.05
CA HIS A 58 -17.59 0.03 1.57
C HIS A 58 -17.58 0.52 3.03
N LEU A 59 -16.41 0.65 3.62
CA LEU A 59 -16.33 1.09 5.02
C LEU A 59 -16.40 2.62 5.12
N THR A 60 -16.79 3.10 6.29
CA THR A 60 -16.89 4.54 6.53
C THR A 60 -16.05 4.94 7.75
N VAL A 61 -15.86 6.25 7.91
CA VAL A 61 -15.07 6.78 9.03
C VAL A 61 -15.60 6.32 10.40
N GLN A 62 -16.89 6.50 10.64
CA GLN A 62 -17.49 6.11 11.92
C GLN A 62 -17.60 4.60 12.08
N ASN A 63 -17.33 3.84 11.01
CA ASN A 63 -17.43 2.39 11.10
C ASN A 63 -16.04 1.77 11.19
N CYS A 64 -15.07 2.58 11.58
CA CYS A 64 -13.69 2.13 11.76
C CYS A 64 -13.02 2.97 12.83
N ASP A 65 -11.81 2.59 13.22
CA ASP A 65 -11.07 3.32 14.25
C ASP A 65 -10.30 4.50 13.67
N LEU A 66 -10.86 5.11 12.62
CA LEU A 66 -10.24 6.26 11.99
C LEU A 66 -10.68 7.52 12.70
N GLU A 67 -9.84 7.99 13.60
CA GLU A 67 -10.13 9.20 14.36
C GLU A 67 -9.50 10.44 13.75
N GLN A 68 -9.64 11.55 14.45
CA GLN A 68 -9.09 12.83 14.03
C GLN A 68 -7.56 12.84 13.99
N GLN A 69 -7.00 13.44 12.94
CA GLN A 69 -5.55 13.59 12.77
C GLN A 69 -4.86 12.25 12.58
N SER A 70 -5.56 11.27 12.03
CA SER A 70 -4.98 9.97 11.79
C SER A 70 -4.36 9.92 10.39
N ILE A 71 -3.32 9.13 10.22
CA ILE A 71 -2.67 9.02 8.93
C ILE A 71 -3.06 7.71 8.24
N VAL A 72 -3.28 7.79 6.94
CA VAL A 72 -3.64 6.63 6.15
C VAL A 72 -2.71 6.52 4.94
N HIS A 73 -2.37 5.30 4.55
CA HIS A 73 -1.49 5.12 3.40
C HIS A 73 -2.30 4.57 2.24
N ILE A 74 -2.50 5.39 1.24
CA ILE A 74 -3.25 5.00 0.06
C ILE A 74 -2.28 4.73 -1.08
N VAL A 75 -2.21 3.48 -1.50
CA VAL A 75 -1.32 3.09 -2.57
C VAL A 75 -2.08 2.32 -3.63
N GLN A 76 -1.56 2.34 -4.84
CA GLN A 76 -2.19 1.65 -5.96
C GLN A 76 -1.74 0.20 -6.02
N ARG A 77 -2.70 -0.70 -6.12
CA ARG A 77 -2.42 -2.13 -6.22
C ARG A 77 -2.29 -2.51 -7.69
N PRO A 78 -1.07 -2.85 -8.13
CA PRO A 78 -0.81 -3.21 -9.51
C PRO A 78 -1.47 -4.53 -9.88
N GLN A 79 -2.23 -4.51 -10.96
CA GLN A 79 -2.90 -5.70 -11.44
C GLN A 79 -2.75 -5.78 -12.95
N ARG A 80 -2.25 -6.91 -13.42
CA ARG A 80 -2.05 -7.11 -14.85
C ARG A 80 -3.39 -7.35 -15.53
N LYS A 81 -4.01 -6.26 -15.98
CA LYS A 81 -5.30 -6.34 -16.65
C LYS A 81 -5.11 -6.70 -18.12
N ASP B 10 24.83 -4.53 0.72
CA ASP B 10 25.28 -4.96 -0.62
C ASP B 10 24.23 -5.86 -1.29
N GLN B 11 23.79 -6.89 -0.58
CA GLN B 11 22.79 -7.80 -1.11
C GLN B 11 21.42 -7.14 -1.08
N PRO B 12 20.73 -7.09 -2.23
CA PRO B 12 19.40 -6.47 -2.36
C PRO B 12 18.41 -7.00 -1.32
N CYS B 13 17.76 -6.08 -0.62
CA CYS B 13 16.79 -6.42 0.40
C CYS B 13 15.84 -5.25 0.63
N CYS B 14 14.65 -5.56 1.14
CA CYS B 14 13.65 -4.54 1.40
C CYS B 14 12.93 -4.80 2.70
N ARG B 15 12.41 -3.75 3.32
CA ARG B 15 11.69 -3.86 4.58
C ARG B 15 10.19 -3.67 4.34
N ALA B 16 9.41 -4.63 4.81
CA ALA B 16 7.96 -4.56 4.65
C ALA B 16 7.37 -3.44 5.49
N LEU B 17 6.68 -2.53 4.83
CA LEU B 17 6.09 -1.39 5.52
C LEU B 17 4.69 -1.73 6.03
N TYR B 18 4.05 -2.70 5.42
CA TYR B 18 2.71 -3.11 5.82
C TYR B 18 2.53 -4.61 5.62
N ASP B 19 1.48 -5.14 6.22
CA ASP B 19 1.16 -6.56 6.10
C ASP B 19 0.60 -6.85 4.72
N PHE B 20 1.16 -7.85 4.05
CA PHE B 20 0.72 -8.22 2.72
C PHE B 20 0.30 -9.66 2.67
N GLU B 21 -0.98 -9.88 2.37
CA GLU B 21 -1.53 -11.22 2.30
C GLU B 21 -1.67 -11.64 0.82
N PRO B 22 -1.38 -12.91 0.50
CA PRO B 22 -1.49 -13.40 -0.87
C PRO B 22 -2.95 -13.59 -1.29
N GLU B 23 -3.35 -12.86 -2.31
CA GLU B 23 -4.73 -12.92 -2.81
C GLU B 23 -4.76 -13.64 -4.15
N ASN B 24 -3.63 -13.58 -4.86
CA ASN B 24 -3.50 -14.21 -6.17
C ASN B 24 -2.34 -15.19 -6.17
N GLU B 25 -2.29 -16.04 -7.17
CA GLU B 25 -1.22 -17.01 -7.31
C GLU B 25 0.08 -16.34 -7.74
N GLY B 26 1.12 -16.48 -6.91
CA GLY B 26 2.40 -15.89 -7.23
C GLY B 26 2.75 -14.72 -6.33
N GLU B 27 1.77 -14.20 -5.62
CA GLU B 27 1.98 -13.08 -4.73
C GLU B 27 2.71 -13.55 -3.46
N LEU B 28 3.83 -12.91 -3.17
CA LEU B 28 4.62 -13.26 -2.00
C LEU B 28 4.09 -12.55 -0.76
N GLY B 29 3.56 -13.32 0.18
CA GLY B 29 3.02 -12.74 1.39
C GLY B 29 4.09 -12.52 2.43
N PHE B 30 3.95 -11.43 3.19
CA PHE B 30 4.90 -11.09 4.23
C PHE B 30 4.24 -10.21 5.29
N LYS B 31 4.91 -10.11 6.44
CA LYS B 31 4.41 -9.30 7.55
C LYS B 31 5.23 -8.03 7.66
N GLU B 32 4.65 -7.00 8.29
CA GLU B 32 5.34 -5.73 8.46
C GLU B 32 6.62 -5.94 9.26
N GLY B 33 7.74 -5.45 8.74
CA GLY B 33 9.01 -5.59 9.43
C GLY B 33 9.85 -6.72 8.86
N ASP B 34 9.25 -7.54 8.02
CA ASP B 34 9.94 -8.66 7.41
C ASP B 34 10.92 -8.17 6.34
N ILE B 35 12.07 -8.82 6.28
CA ILE B 35 13.09 -8.47 5.30
C ILE B 35 13.00 -9.44 4.13
N ILE B 36 12.70 -8.91 2.96
CA ILE B 36 12.56 -9.74 1.78
C ILE B 36 13.81 -9.64 0.91
N THR B 37 14.29 -10.78 0.44
CA THR B 37 15.47 -10.82 -0.41
C THR B 37 15.08 -10.46 -1.85
N LEU B 38 15.31 -9.21 -2.20
CA LEU B 38 14.99 -8.71 -3.54
C LEU B 38 15.78 -9.47 -4.60
N THR B 39 15.07 -10.08 -5.53
CA THR B 39 15.73 -10.88 -6.56
C THR B 39 15.68 -10.22 -7.94
N ASN B 40 14.53 -9.64 -8.31
CA ASN B 40 14.39 -9.02 -9.62
C ASN B 40 13.19 -8.08 -9.64
N GLN B 41 12.98 -7.41 -10.78
CA GLN B 41 11.88 -6.48 -10.93
C GLN B 41 11.06 -6.85 -12.16
N ILE B 42 9.75 -6.98 -12.00
CA ILE B 42 8.88 -7.34 -13.11
C ILE B 42 8.63 -6.12 -14.00
N ASP B 43 8.22 -5.03 -13.37
CA ASP B 43 7.93 -3.79 -14.09
C ASP B 43 8.02 -2.57 -13.16
N GLU B 44 7.19 -1.57 -13.42
CA GLU B 44 7.19 -0.33 -12.64
C GLU B 44 6.52 -0.48 -11.27
N ASN B 45 5.78 -1.56 -11.04
CA ASN B 45 5.09 -1.69 -9.76
C ASN B 45 5.25 -3.08 -9.14
N TRP B 46 5.77 -4.04 -9.90
CA TRP B 46 5.95 -5.40 -9.39
C TRP B 46 7.42 -5.73 -9.12
N TYR B 47 7.68 -6.25 -7.92
CA TYR B 47 9.02 -6.64 -7.52
C TYR B 47 9.06 -8.13 -7.20
N GLU B 48 10.11 -8.80 -7.66
CA GLU B 48 10.28 -10.23 -7.41
C GLU B 48 11.25 -10.44 -6.25
N GLY B 49 10.86 -11.27 -5.29
CA GLY B 49 11.73 -11.51 -4.15
C GLY B 49 11.52 -12.87 -3.54
N MET B 50 12.33 -13.18 -2.54
CA MET B 50 12.26 -14.44 -1.83
C MET B 50 12.15 -14.23 -0.32
N LEU B 51 11.36 -15.05 0.34
CA LEU B 51 11.18 -14.95 1.78
C LEU B 51 11.12 -16.35 2.40
N HIS B 52 12.20 -16.73 3.07
CA HIS B 52 12.32 -18.03 3.73
C HIS B 52 12.18 -19.17 2.72
N GLY B 53 12.60 -18.91 1.48
CA GLY B 53 12.54 -19.93 0.46
C GLY B 53 11.44 -19.67 -0.56
N GLN B 54 10.32 -19.11 -0.09
CA GLN B 54 9.20 -18.83 -0.96
C GLN B 54 9.54 -17.69 -1.92
N SER B 55 9.37 -17.95 -3.20
CA SER B 55 9.66 -16.95 -4.23
C SER B 55 8.37 -16.47 -4.87
N GLY B 56 8.26 -15.16 -5.02
CA GLY B 56 7.08 -14.58 -5.62
C GLY B 56 7.25 -13.10 -5.87
N PHE B 57 6.17 -12.44 -6.25
CA PHE B 57 6.22 -11.02 -6.51
C PHE B 57 5.31 -10.23 -5.57
N PHE B 58 5.67 -8.98 -5.35
CA PHE B 58 4.94 -8.08 -4.48
C PHE B 58 5.02 -6.65 -5.01
N PRO B 59 4.11 -5.75 -4.59
CA PRO B 59 4.12 -4.36 -5.05
C PRO B 59 5.27 -3.56 -4.46
N ILE B 60 5.94 -2.80 -5.31
CA ILE B 60 7.08 -1.97 -4.90
C ILE B 60 6.65 -0.87 -3.93
N ASN B 61 5.42 -0.41 -4.08
CA ASN B 61 4.88 0.67 -3.25
C ASN B 61 4.32 0.15 -1.92
N TYR B 62 4.67 -1.07 -1.58
CA TYR B 62 4.21 -1.67 -0.32
C TYR B 62 5.41 -1.94 0.59
N VAL B 63 6.61 -1.76 0.05
CA VAL B 63 7.83 -2.03 0.79
C VAL B 63 8.81 -0.87 0.75
N GLU B 64 9.74 -0.89 1.69
CA GLU B 64 10.79 0.12 1.79
C GLU B 64 12.08 -0.49 1.29
N ILE B 65 12.62 0.05 0.21
CA ILE B 65 13.83 -0.50 -0.37
C ILE B 65 15.07 -0.08 0.40
N LEU B 66 15.78 -1.06 0.94
CA LEU B 66 17.00 -0.80 1.68
C LEU B 66 18.17 -0.93 0.72
N VAL B 67 18.16 -2.00 -0.05
CA VAL B 67 19.18 -2.25 -1.07
C VAL B 67 18.48 -2.65 -2.35
N ALA B 68 18.64 -1.84 -3.39
CA ALA B 68 17.99 -2.09 -4.66
C ALA B 68 18.84 -2.95 -5.58
N LEU B 69 18.29 -3.23 -6.76
CA LEU B 69 18.97 -4.01 -7.76
C LEU B 69 19.94 -3.13 -8.52
N PRO B 70 21.12 -3.65 -8.88
CA PRO B 70 22.14 -2.89 -9.62
C PRO B 70 21.59 -2.30 -10.91
N HIS B 71 21.66 -0.98 -11.03
CA HIS B 71 21.18 -0.27 -12.21
C HIS B 71 22.15 0.85 -12.55
N MET A 6 -14.05 16.51 9.96
CA MET A 6 -12.87 15.81 10.52
C MET A 6 -11.71 15.87 9.53
N ILE A 7 -10.53 16.21 10.02
CA ILE A 7 -9.36 16.30 9.17
C ILE A 7 -8.52 15.04 9.26
N VAL A 8 -8.23 14.48 8.10
CA VAL A 8 -7.41 13.27 8.01
C VAL A 8 -6.24 13.52 7.08
N PHE A 9 -5.12 12.88 7.36
CA PHE A 9 -3.94 13.06 6.52
C PHE A 9 -3.80 11.93 5.51
N VAL A 10 -3.88 12.27 4.24
CA VAL A 10 -3.76 11.28 3.19
C VAL A 10 -2.35 11.27 2.61
N ARG A 11 -1.71 10.12 2.68
CA ARG A 11 -0.36 9.96 2.15
C ARG A 11 -0.42 9.08 0.91
N PHE A 12 -0.08 9.65 -0.24
CA PHE A 12 -0.12 8.90 -1.49
C PHE A 12 1.28 8.60 -2.01
N ASN A 13 1.80 7.44 -1.64
CA ASN A 13 3.13 6.97 -2.08
C ASN A 13 4.21 8.02 -1.84
N SER A 14 4.06 8.80 -0.78
CA SER A 14 5.02 9.85 -0.47
C SER A 14 5.42 9.76 1.00
N SER A 15 6.13 10.75 1.49
CA SER A 15 6.58 10.78 2.87
C SER A 15 5.56 11.46 3.79
N TYR A 16 5.01 12.58 3.35
CA TYR A 16 4.04 13.31 4.16
C TYR A 16 2.61 13.03 3.72
N GLY A 17 1.66 13.80 4.25
CA GLY A 17 0.26 13.63 3.92
C GLY A 17 -0.46 14.94 3.80
N PHE A 18 -1.50 14.98 2.99
CA PHE A 18 -2.29 16.18 2.81
C PHE A 18 -3.58 16.09 3.60
N PRO A 19 -3.96 17.15 4.31
CA PRO A 19 -5.19 17.18 5.13
C PRO A 19 -6.46 17.25 4.29
N VAL A 20 -7.36 16.30 4.54
CA VAL A 20 -8.63 16.24 3.85
C VAL A 20 -9.77 16.32 4.87
N GLU A 21 -10.77 17.13 4.57
CA GLU A 21 -11.91 17.29 5.46
C GLU A 21 -12.97 16.25 5.11
N VAL A 22 -13.20 15.32 6.02
CA VAL A 22 -14.19 14.27 5.83
C VAL A 22 -15.19 14.27 6.97
N ASP A 23 -16.26 13.52 6.81
CA ASP A 23 -17.29 13.43 7.84
C ASP A 23 -17.32 12.04 8.44
N SER A 24 -18.04 11.88 9.53
CA SER A 24 -18.13 10.60 10.23
C SER A 24 -18.61 9.46 9.34
N ASP A 25 -19.46 9.77 8.38
CA ASP A 25 -19.99 8.73 7.50
C ASP A 25 -19.35 8.77 6.11
N THR A 26 -18.16 9.36 5.99
CA THR A 26 -17.46 9.39 4.72
C THR A 26 -16.95 7.99 4.43
N SER A 27 -17.20 7.51 3.23
CA SER A 27 -16.78 6.17 2.85
C SER A 27 -15.37 6.19 2.29
N ILE A 28 -14.66 5.07 2.49
CA ILE A 28 -13.30 4.93 2.00
C ILE A 28 -13.22 5.18 0.50
N PHE A 29 -14.21 4.66 -0.23
CA PHE A 29 -14.28 4.85 -1.68
C PHE A 29 -14.16 6.33 -2.03
N GLN A 30 -14.82 7.17 -1.27
CA GLN A 30 -14.80 8.61 -1.49
C GLN A 30 -13.40 9.17 -1.25
N LEU A 31 -12.81 8.81 -0.11
CA LEU A 31 -11.47 9.26 0.23
C LEU A 31 -10.47 8.85 -0.86
N LYS A 32 -10.76 7.71 -1.49
CA LYS A 32 -9.93 7.21 -2.58
C LYS A 32 -10.11 8.10 -3.81
N GLU A 33 -11.36 8.45 -4.09
CA GLU A 33 -11.70 9.30 -5.24
C GLU A 33 -10.97 10.63 -5.17
N VAL A 34 -10.80 11.17 -3.95
CA VAL A 34 -10.12 12.45 -3.75
C VAL A 34 -8.70 12.39 -4.32
N VAL A 35 -8.05 11.25 -4.14
CA VAL A 35 -6.70 11.07 -4.65
C VAL A 35 -6.74 10.70 -6.12
N ALA A 36 -7.74 9.91 -6.49
CA ALA A 36 -7.92 9.45 -7.86
C ALA A 36 -8.08 10.63 -8.83
N LYS A 37 -8.83 11.64 -8.41
CA LYS A 37 -9.04 12.81 -9.27
C LYS A 37 -7.83 13.76 -9.21
N ARG A 38 -7.01 13.59 -8.19
CA ARG A 38 -5.83 14.43 -8.02
C ARG A 38 -4.65 13.91 -8.83
N GLN A 39 -4.52 12.60 -8.88
CA GLN A 39 -3.41 11.98 -9.59
C GLN A 39 -3.80 11.49 -10.98
N GLY A 40 -5.10 11.35 -11.23
CA GLY A 40 -5.53 10.86 -12.53
C GLY A 40 -5.29 9.37 -12.65
N VAL A 41 -5.65 8.65 -11.60
CA VAL A 41 -5.46 7.20 -11.55
C VAL A 41 -6.77 6.52 -11.17
N PRO A 42 -7.14 5.42 -11.85
CA PRO A 42 -8.38 4.69 -11.55
C PRO A 42 -8.53 4.38 -10.07
N ALA A 43 -9.62 4.85 -9.47
CA ALA A 43 -9.90 4.64 -8.05
C ALA A 43 -9.94 3.15 -7.70
N ASP A 44 -10.21 2.32 -8.70
CA ASP A 44 -10.28 0.87 -8.50
C ASP A 44 -8.92 0.28 -8.18
N GLN A 45 -7.86 0.96 -8.62
CA GLN A 45 -6.50 0.49 -8.39
C GLN A 45 -5.85 1.18 -7.20
N LEU A 46 -6.67 1.75 -6.32
CA LEU A 46 -6.13 2.43 -5.15
C LEU A 46 -6.54 1.72 -3.87
N ARG A 47 -5.60 1.56 -2.96
CA ARG A 47 -5.86 0.89 -1.69
C ARG A 47 -5.54 1.83 -0.54
N VAL A 48 -6.21 1.64 0.59
CA VAL A 48 -5.99 2.50 1.75
C VAL A 48 -5.47 1.67 2.92
N ILE A 49 -4.28 2.01 3.39
CA ILE A 49 -3.68 1.31 4.51
C ILE A 49 -3.59 2.24 5.71
N PHE A 50 -4.19 1.82 6.81
CA PHE A 50 -4.18 2.60 8.03
C PHE A 50 -3.80 1.74 9.23
N ALA A 51 -2.79 2.18 9.97
CA ALA A 51 -2.31 1.46 11.15
C ALA A 51 -1.97 0.01 10.82
N GLY A 52 -1.50 -0.21 9.60
CA GLY A 52 -1.14 -1.55 9.18
C GLY A 52 -2.34 -2.39 8.79
N LYS A 53 -3.46 -1.74 8.49
CA LYS A 53 -4.67 -2.43 8.09
C LYS A 53 -5.24 -1.84 6.81
N GLU A 54 -5.50 -2.69 5.83
CA GLU A 54 -6.09 -2.23 4.57
C GLU A 54 -7.59 -2.02 4.80
N LEU A 55 -8.03 -0.77 4.64
CA LEU A 55 -9.43 -0.42 4.85
C LEU A 55 -10.30 -0.84 3.66
N GLN A 56 -11.45 -1.41 3.98
CA GLN A 56 -12.39 -1.84 2.96
C GLN A 56 -13.02 -0.64 2.27
N ASN A 57 -13.08 -0.71 0.94
CA ASN A 57 -13.66 0.35 0.11
C ASN A 57 -15.06 0.77 0.59
N HIS A 58 -15.81 -0.17 1.13
CA HIS A 58 -17.18 0.10 1.58
C HIS A 58 -17.27 0.48 3.06
N LEU A 59 -16.14 0.75 3.72
CA LEU A 59 -16.17 1.13 5.13
C LEU A 59 -16.27 2.65 5.29
N THR A 60 -16.75 3.08 6.45
CA THR A 60 -16.90 4.49 6.75
C THR A 60 -16.02 4.90 7.93
N VAL A 61 -15.80 6.20 8.10
CA VAL A 61 -14.96 6.73 9.17
C VAL A 61 -15.42 6.26 10.55
N GLN A 62 -16.71 6.43 10.85
CA GLN A 62 -17.25 6.01 12.15
C GLN A 62 -17.39 4.50 12.27
N ASN A 63 -16.90 3.77 11.27
CA ASN A 63 -16.97 2.32 11.31
C ASN A 63 -15.57 1.71 11.34
N CYS A 64 -14.59 2.53 11.66
CA CYS A 64 -13.21 2.07 11.72
C CYS A 64 -12.41 2.86 12.75
N ASP A 65 -11.11 2.64 12.78
CA ASP A 65 -10.22 3.30 13.73
C ASP A 65 -9.80 4.68 13.24
N LEU A 66 -10.62 5.33 12.43
CA LEU A 66 -10.27 6.64 11.90
C LEU A 66 -10.87 7.77 12.74
N GLU A 67 -10.02 8.72 13.14
CA GLU A 67 -10.44 9.85 13.95
C GLU A 67 -9.73 11.12 13.48
N GLN A 68 -9.86 12.18 14.27
CA GLN A 68 -9.24 13.46 13.96
C GLN A 68 -7.71 13.33 13.90
N GLN A 69 -7.13 13.92 12.84
CA GLN A 69 -5.67 13.93 12.64
C GLN A 69 -5.10 12.53 12.37
N SER A 70 -5.94 11.63 11.88
CA SER A 70 -5.49 10.28 11.55
C SER A 70 -4.84 10.27 10.17
N ILE A 71 -3.69 9.62 10.06
CA ILE A 71 -2.99 9.55 8.78
C ILE A 71 -3.16 8.20 8.12
N VAL A 72 -3.39 8.19 6.82
CA VAL A 72 -3.59 6.97 6.06
C VAL A 72 -2.64 6.93 4.87
N HIS A 73 -2.36 5.74 4.38
CA HIS A 73 -1.48 5.61 3.23
C HIS A 73 -2.25 5.00 2.06
N ILE A 74 -2.52 5.83 1.07
CA ILE A 74 -3.24 5.38 -0.11
C ILE A 74 -2.24 5.12 -1.22
N VAL A 75 -2.15 3.87 -1.65
CA VAL A 75 -1.21 3.52 -2.71
C VAL A 75 -1.90 2.75 -3.83
N GLN A 76 -1.27 2.79 -4.99
CA GLN A 76 -1.79 2.12 -6.18
C GLN A 76 -1.49 0.62 -6.12
N ARG A 77 -2.55 -0.18 -6.24
CA ARG A 77 -2.45 -1.62 -6.21
C ARG A 77 -2.56 -2.15 -7.64
N PRO A 78 -1.44 -2.64 -8.18
CA PRO A 78 -1.41 -3.16 -9.55
C PRO A 78 -2.19 -4.46 -9.73
N GLN A 79 -3.10 -4.45 -10.68
CA GLN A 79 -3.89 -5.63 -10.99
C GLN A 79 -3.23 -6.33 -12.18
N ARG A 80 -2.50 -7.40 -11.91
CA ARG A 80 -1.81 -8.12 -12.96
C ARG A 80 -2.56 -9.40 -13.28
N LYS A 81 -3.46 -9.29 -14.24
CA LYS A 81 -4.25 -10.41 -14.67
C LYS A 81 -4.72 -10.20 -16.10
N ASP B 10 25.91 -6.84 1.07
CA ASP B 10 25.38 -5.99 -0.02
C ASP B 10 24.29 -6.71 -0.81
N GLN B 11 23.70 -7.74 -0.21
CA GLN B 11 22.64 -8.49 -0.85
C GLN B 11 21.35 -7.66 -0.91
N PRO B 12 20.87 -7.36 -2.14
CA PRO B 12 19.65 -6.58 -2.34
C PRO B 12 18.49 -7.14 -1.52
N CYS B 13 17.87 -6.28 -0.71
CA CYS B 13 16.76 -6.71 0.13
C CYS B 13 15.86 -5.54 0.49
N CYS B 14 14.63 -5.86 0.89
CA CYS B 14 13.66 -4.85 1.26
C CYS B 14 13.05 -5.17 2.62
N ARG B 15 12.47 -4.15 3.23
CA ARG B 15 11.81 -4.28 4.52
C ARG B 15 10.30 -4.11 4.36
N ALA B 16 9.56 -5.16 4.66
CA ALA B 16 8.10 -5.11 4.55
C ALA B 16 7.53 -4.15 5.59
N LEU B 17 6.95 -3.06 5.13
CA LEU B 17 6.38 -2.06 6.03
C LEU B 17 4.90 -2.29 6.24
N TYR B 18 4.33 -3.25 5.52
CA TYR B 18 2.91 -3.56 5.65
C TYR B 18 2.69 -5.07 5.56
N ASP B 19 1.46 -5.49 5.82
CA ASP B 19 1.09 -6.90 5.75
C ASP B 19 0.56 -7.21 4.36
N PHE B 20 1.14 -8.21 3.70
CA PHE B 20 0.69 -8.57 2.37
C PHE B 20 0.32 -10.04 2.32
N GLU B 21 -0.96 -10.28 2.14
CA GLU B 21 -1.49 -11.63 2.05
C GLU B 21 -1.66 -12.05 0.60
N PRO B 22 -1.25 -13.28 0.26
CA PRO B 22 -1.39 -13.79 -1.10
C PRO B 22 -2.86 -14.00 -1.46
N GLU B 23 -3.35 -13.22 -2.41
CA GLU B 23 -4.74 -13.31 -2.81
C GLU B 23 -4.84 -13.84 -4.23
N ASN B 24 -3.76 -13.69 -4.98
CA ASN B 24 -3.68 -14.17 -6.35
C ASN B 24 -2.62 -15.26 -6.43
N GLU B 25 -2.43 -15.83 -7.62
CA GLU B 25 -1.44 -16.88 -7.79
C GLU B 25 -0.11 -16.28 -8.23
N GLY B 26 0.93 -16.52 -7.46
CA GLY B 26 2.24 -15.99 -7.80
C GLY B 26 2.68 -14.91 -6.84
N GLU B 27 1.78 -14.46 -5.98
CA GLU B 27 2.09 -13.41 -5.02
C GLU B 27 2.82 -14.00 -3.81
N LEU B 28 3.80 -13.27 -3.33
CA LEU B 28 4.58 -13.69 -2.17
C LEU B 28 3.99 -13.12 -0.89
N GLY B 29 3.63 -14.00 0.04
CA GLY B 29 3.06 -13.56 1.29
C GLY B 29 4.11 -13.23 2.32
N PHE B 30 3.97 -12.08 2.97
CA PHE B 30 4.91 -11.65 3.99
C PHE B 30 4.22 -10.75 5.01
N LYS B 31 4.83 -10.59 6.17
CA LYS B 31 4.25 -9.78 7.23
C LYS B 31 5.09 -8.54 7.47
N GLU B 32 4.52 -7.57 8.18
CA GLU B 32 5.22 -6.33 8.49
C GLU B 32 6.46 -6.61 9.34
N GLY B 33 7.60 -6.20 8.84
CA GLY B 33 8.85 -6.42 9.54
C GLY B 33 9.63 -7.57 8.96
N ASP B 34 9.15 -8.13 7.86
CA ASP B 34 9.84 -9.25 7.22
C ASP B 34 10.86 -8.73 6.22
N ILE B 35 12.08 -9.27 6.28
CA ILE B 35 13.12 -8.89 5.34
C ILE B 35 13.04 -9.78 4.12
N ILE B 36 12.71 -9.20 2.99
CA ILE B 36 12.59 -9.95 1.76
C ILE B 36 13.79 -9.75 0.87
N THR B 37 14.23 -10.82 0.23
CA THR B 37 15.39 -10.76 -0.66
C THR B 37 14.96 -10.29 -2.05
N LEU B 38 15.62 -9.27 -2.55
CA LEU B 38 15.32 -8.72 -3.87
C LEU B 38 16.05 -9.49 -4.95
N THR B 39 15.31 -10.21 -5.78
CA THR B 39 15.92 -10.99 -6.85
C THR B 39 15.76 -10.34 -8.22
N ASN B 40 14.60 -9.76 -8.49
CA ASN B 40 14.36 -9.14 -9.79
C ASN B 40 13.21 -8.12 -9.72
N GLN B 41 13.05 -7.37 -10.79
CA GLN B 41 12.00 -6.37 -10.89
C GLN B 41 11.28 -6.56 -12.23
N ILE B 42 9.97 -6.65 -12.18
CA ILE B 42 9.20 -6.84 -13.40
C ILE B 42 8.92 -5.51 -14.07
N ASP B 43 8.30 -4.61 -13.32
CA ASP B 43 7.96 -3.30 -13.82
C ASP B 43 8.06 -2.26 -12.71
N GLU B 44 7.46 -1.09 -12.92
CA GLU B 44 7.51 -0.01 -11.94
C GLU B 44 6.59 -0.25 -10.75
N ASN B 45 5.83 -1.33 -10.77
CA ASN B 45 4.90 -1.61 -9.68
C ASN B 45 5.16 -2.97 -9.02
N TRP B 46 5.62 -3.96 -9.79
CA TRP B 46 5.87 -5.29 -9.26
C TRP B 46 7.36 -5.57 -9.02
N TYR B 47 7.65 -6.09 -7.83
CA TYR B 47 9.01 -6.45 -7.45
C TYR B 47 9.05 -7.94 -7.14
N GLU B 48 10.08 -8.63 -7.64
CA GLU B 48 10.23 -10.06 -7.39
C GLU B 48 11.14 -10.28 -6.19
N GLY B 49 10.79 -11.24 -5.36
CA GLY B 49 11.60 -11.51 -4.20
C GLY B 49 11.49 -12.93 -3.71
N MET B 50 12.33 -13.28 -2.75
CA MET B 50 12.35 -14.61 -2.17
C MET B 50 12.28 -14.52 -0.66
N LEU B 51 11.51 -15.40 -0.05
CA LEU B 51 11.37 -15.43 1.39
C LEU B 51 11.06 -16.84 1.86
N HIS B 52 11.92 -17.37 2.73
CA HIS B 52 11.76 -18.72 3.29
C HIS B 52 11.79 -19.76 2.17
N GLY B 53 12.63 -19.53 1.18
CA GLY B 53 12.76 -20.44 0.06
C GLY B 53 11.74 -20.20 -1.03
N GLN B 54 10.58 -19.67 -0.64
CA GLN B 54 9.52 -19.39 -1.58
C GLN B 54 9.79 -18.10 -2.33
N SER B 55 9.45 -18.08 -3.61
CA SER B 55 9.67 -16.92 -4.45
C SER B 55 8.35 -16.43 -5.03
N GLY B 56 8.27 -15.13 -5.31
CA GLY B 56 7.07 -14.56 -5.87
C GLY B 56 7.22 -13.08 -6.13
N PHE B 57 6.15 -12.43 -6.51
CA PHE B 57 6.18 -11.00 -6.77
C PHE B 57 5.24 -10.26 -5.84
N PHE B 58 5.59 -9.01 -5.54
CA PHE B 58 4.80 -8.17 -4.67
C PHE B 58 4.94 -6.71 -5.09
N PRO B 59 4.02 -5.83 -4.67
CA PRO B 59 4.07 -4.41 -5.03
C PRO B 59 5.24 -3.68 -4.38
N ILE B 60 5.89 -2.82 -5.17
CA ILE B 60 7.04 -2.02 -4.71
C ILE B 60 6.64 -1.06 -3.60
N ASN B 61 5.45 -0.49 -3.72
CA ASN B 61 4.96 0.49 -2.75
C ASN B 61 4.40 -0.17 -1.49
N TYR B 62 4.76 -1.42 -1.26
CA TYR B 62 4.32 -2.15 -0.07
C TYR B 62 5.53 -2.48 0.80
N VAL B 63 6.71 -2.14 0.29
CA VAL B 63 7.95 -2.42 1.01
C VAL B 63 8.90 -1.23 0.97
N GLU B 64 9.99 -1.34 1.72
CA GLU B 64 11.02 -0.30 1.78
C GLU B 64 12.33 -0.89 1.29
N ILE B 65 13.05 -0.17 0.46
CA ILE B 65 14.30 -0.66 -0.09
C ILE B 65 15.48 -0.42 0.84
N LEU B 66 16.05 -1.51 1.38
CA LEU B 66 17.21 -1.41 2.27
C LEU B 66 18.45 -1.35 1.41
N VAL B 67 18.55 -2.32 0.52
CA VAL B 67 19.65 -2.42 -0.43
C VAL B 67 19.05 -2.50 -1.83
N ALA B 68 19.21 -1.42 -2.59
CA ALA B 68 18.65 -1.35 -3.92
C ALA B 68 19.32 -2.28 -4.93
N LEU B 69 18.54 -2.68 -5.92
CA LEU B 69 19.00 -3.56 -6.99
C LEU B 69 19.96 -2.79 -7.90
N PRO B 70 21.07 -3.42 -8.33
CA PRO B 70 22.06 -2.78 -9.21
C PRO B 70 21.41 -2.13 -10.43
N HIS B 71 21.31 -0.81 -10.38
CA HIS B 71 20.70 -0.03 -11.46
C HIS B 71 21.78 0.62 -12.32
N MET A 6 -14.17 16.70 9.66
CA MET A 6 -13.02 16.01 10.26
C MET A 6 -11.86 15.96 9.27
N ILE A 7 -10.75 16.57 9.65
CA ILE A 7 -9.57 16.62 8.80
C ILE A 7 -8.70 15.38 8.98
N VAL A 8 -8.41 14.71 7.88
CA VAL A 8 -7.56 13.53 7.88
C VAL A 8 -6.36 13.79 6.97
N PHE A 9 -5.22 13.19 7.27
CA PHE A 9 -4.03 13.39 6.46
C PHE A 9 -3.88 12.24 5.48
N VAL A 10 -3.99 12.55 4.20
CA VAL A 10 -3.89 11.56 3.15
C VAL A 10 -2.50 11.57 2.51
N ARG A 11 -1.87 10.42 2.45
CA ARG A 11 -0.54 10.29 1.87
C ARG A 11 -0.56 9.31 0.71
N PHE A 12 -0.07 9.74 -0.45
CA PHE A 12 -0.04 8.88 -1.63
C PHE A 12 1.39 8.58 -2.06
N ASN A 13 1.94 7.48 -1.56
CA ASN A 13 3.31 7.05 -1.90
C ASN A 13 4.33 8.17 -1.65
N SER A 14 4.02 9.06 -0.71
CA SER A 14 4.89 10.18 -0.41
C SER A 14 5.40 10.08 1.03
N SER A 15 6.09 11.12 1.48
CA SER A 15 6.62 11.17 2.83
C SER A 15 5.58 11.78 3.77
N TYR A 16 5.04 12.92 3.37
CA TYR A 16 4.04 13.64 4.15
C TYR A 16 2.64 13.36 3.61
N GLY A 17 1.69 14.21 3.95
CA GLY A 17 0.33 14.03 3.50
C GLY A 17 -0.44 15.33 3.43
N PHE A 18 -1.58 15.30 2.74
CA PHE A 18 -2.42 16.48 2.60
C PHE A 18 -3.71 16.29 3.39
N PRO A 19 -4.17 17.35 4.09
CA PRO A 19 -5.39 17.29 4.90
C PRO A 19 -6.66 17.32 4.05
N VAL A 20 -7.50 16.33 4.22
CA VAL A 20 -8.77 16.24 3.49
C VAL A 20 -9.92 16.31 4.48
N GLU A 21 -10.96 17.07 4.13
CA GLU A 21 -12.12 17.22 4.99
C GLU A 21 -13.15 16.15 4.71
N VAL A 22 -13.32 15.25 5.67
CA VAL A 22 -14.29 14.17 5.54
C VAL A 22 -15.27 14.19 6.70
N ASP A 23 -16.30 13.39 6.59
CA ASP A 23 -17.31 13.31 7.63
C ASP A 23 -17.28 11.92 8.27
N SER A 24 -17.87 11.76 9.44
CA SER A 24 -17.88 10.49 10.15
C SER A 24 -18.52 9.37 9.34
N ASP A 25 -19.46 9.72 8.48
CA ASP A 25 -20.16 8.72 7.69
C ASP A 25 -19.54 8.58 6.30
N THR A 26 -18.31 9.05 6.16
CA THR A 26 -17.61 8.94 4.89
C THR A 26 -17.00 7.54 4.74
N SER A 27 -17.19 6.95 3.56
CA SER A 27 -16.67 5.61 3.30
C SER A 27 -15.25 5.68 2.74
N ILE A 28 -14.48 4.64 2.99
CA ILE A 28 -13.10 4.56 2.53
C ILE A 28 -13.00 4.72 1.02
N PHE A 29 -13.95 4.12 0.28
CA PHE A 29 -13.94 4.23 -1.18
C PHE A 29 -14.04 5.67 -1.64
N GLN A 30 -14.81 6.48 -0.90
CA GLN A 30 -14.98 7.89 -1.24
C GLN A 30 -13.62 8.60 -1.17
N LEU A 31 -12.92 8.36 -0.07
CA LEU A 31 -11.59 8.95 0.14
C LEU A 31 -10.62 8.50 -0.95
N LYS A 32 -10.84 7.29 -1.46
CA LYS A 32 -9.99 6.74 -2.52
C LYS A 32 -10.18 7.55 -3.79
N GLU A 33 -11.43 7.88 -4.09
CA GLU A 33 -11.76 8.66 -5.27
C GLU A 33 -11.10 10.04 -5.25
N VAL A 34 -10.90 10.58 -4.06
CA VAL A 34 -10.26 11.90 -3.93
C VAL A 34 -8.85 11.85 -4.49
N VAL A 35 -8.15 10.74 -4.22
CA VAL A 35 -6.78 10.57 -4.71
C VAL A 35 -6.82 10.11 -6.17
N ALA A 36 -7.83 9.33 -6.50
CA ALA A 36 -7.99 8.81 -7.86
C ALA A 36 -8.10 9.94 -8.87
N LYS A 37 -8.89 10.95 -8.55
CA LYS A 37 -9.07 12.09 -9.45
C LYS A 37 -7.91 13.07 -9.34
N ARG A 38 -7.08 12.90 -8.32
CA ARG A 38 -5.95 13.78 -8.11
C ARG A 38 -4.74 13.32 -8.93
N GLN A 39 -4.41 12.04 -8.82
CA GLN A 39 -3.25 11.51 -9.53
C GLN A 39 -3.60 10.86 -10.86
N GLY A 40 -4.89 10.65 -11.11
CA GLY A 40 -5.30 10.03 -12.36
C GLY A 40 -5.06 8.54 -12.35
N VAL A 41 -5.45 7.91 -11.25
CA VAL A 41 -5.28 6.47 -11.07
C VAL A 41 -6.62 5.87 -10.69
N PRO A 42 -7.00 4.73 -11.32
CA PRO A 42 -8.26 4.03 -11.03
C PRO A 42 -8.52 3.87 -9.53
N ALA A 43 -9.69 4.34 -9.10
CA ALA A 43 -10.09 4.30 -7.69
C ALA A 43 -10.19 2.88 -7.14
N ASP A 44 -10.37 1.91 -8.03
CA ASP A 44 -10.49 0.52 -7.62
C ASP A 44 -9.13 -0.12 -7.41
N GLN A 45 -8.10 0.47 -8.01
CA GLN A 45 -6.75 -0.05 -7.89
C GLN A 45 -6.04 0.56 -6.68
N LEU A 46 -6.63 1.60 -6.12
CA LEU A 46 -6.08 2.27 -4.97
C LEU A 46 -6.48 1.59 -3.67
N ARG A 47 -5.54 1.46 -2.76
CA ARG A 47 -5.78 0.82 -1.47
C ARG A 47 -5.49 1.80 -0.34
N VAL A 48 -6.17 1.63 0.79
CA VAL A 48 -5.98 2.51 1.93
C VAL A 48 -5.45 1.73 3.11
N ILE A 49 -4.27 2.09 3.58
CA ILE A 49 -3.65 1.42 4.71
C ILE A 49 -3.41 2.39 5.86
N PHE A 50 -3.90 2.01 7.04
CA PHE A 50 -3.77 2.84 8.23
C PHE A 50 -3.30 2.01 9.41
N ALA A 51 -2.18 2.42 10.00
CA ALA A 51 -1.60 1.75 11.17
C ALA A 51 -1.36 0.27 10.90
N GLY A 52 -0.84 -0.05 9.72
CA GLY A 52 -0.55 -1.42 9.36
C GLY A 52 -1.79 -2.24 9.04
N LYS A 53 -2.91 -1.56 8.83
CA LYS A 53 -4.16 -2.25 8.53
C LYS A 53 -4.81 -1.68 7.27
N GLU A 54 -5.09 -2.55 6.32
CA GLU A 54 -5.74 -2.15 5.07
C GLU A 54 -7.24 -2.07 5.32
N LEU A 55 -7.80 -0.88 5.17
CA LEU A 55 -9.22 -0.65 5.42
C LEU A 55 -10.09 -1.09 4.25
N GLN A 56 -11.21 -1.73 4.58
CA GLN A 56 -12.16 -2.19 3.57
C GLN A 56 -12.82 -0.99 2.90
N ASN A 57 -12.90 -1.04 1.57
CA ASN A 57 -13.48 0.03 0.76
C ASN A 57 -14.85 0.51 1.25
N HIS A 58 -15.64 -0.40 1.82
CA HIS A 58 -16.98 -0.06 2.30
C HIS A 58 -17.01 0.34 3.77
N LEU A 59 -15.85 0.49 4.39
CA LEU A 59 -15.82 0.88 5.79
C LEU A 59 -15.93 2.40 5.92
N THR A 60 -16.59 2.84 6.97
CA THR A 60 -16.76 4.27 7.21
C THR A 60 -15.82 4.74 8.31
N VAL A 61 -15.59 6.05 8.35
CA VAL A 61 -14.71 6.65 9.36
C VAL A 61 -15.14 6.30 10.78
N GLN A 62 -16.43 6.48 11.08
CA GLN A 62 -16.96 6.19 12.42
C GLN A 62 -17.08 4.70 12.69
N ASN A 63 -16.76 3.86 11.71
CA ASN A 63 -16.86 2.42 11.90
C ASN A 63 -15.48 1.80 12.03
N CYS A 64 -14.47 2.65 12.17
CA CYS A 64 -13.10 2.20 12.35
C CYS A 64 -12.40 3.11 13.34
N ASP A 65 -11.14 2.82 13.64
CA ASP A 65 -10.38 3.60 14.60
C ASP A 65 -9.77 4.84 13.94
N LEU A 66 -10.52 5.47 13.06
CA LEU A 66 -10.08 6.67 12.38
C LEU A 66 -10.67 7.89 13.05
N GLU A 67 -9.85 8.90 13.30
CA GLU A 67 -10.31 10.12 13.93
C GLU A 67 -9.69 11.32 13.25
N GLN A 68 -9.78 12.49 13.87
CA GLN A 68 -9.24 13.70 13.30
C GLN A 68 -7.71 13.73 13.46
N GLN A 69 -7.03 14.24 12.44
CA GLN A 69 -5.57 14.35 12.41
C GLN A 69 -4.91 13.00 12.19
N SER A 70 -5.70 11.99 11.84
CA SER A 70 -5.15 10.67 11.59
C SER A 70 -4.48 10.64 10.22
N ILE A 71 -3.31 10.02 10.14
CA ILE A 71 -2.58 9.92 8.88
C ILE A 71 -2.81 8.56 8.24
N VAL A 72 -3.13 8.56 6.97
CA VAL A 72 -3.39 7.33 6.23
C VAL A 72 -2.50 7.26 5.01
N HIS A 73 -2.18 6.05 4.57
CA HIS A 73 -1.36 5.89 3.39
C HIS A 73 -2.15 5.20 2.31
N ILE A 74 -2.51 5.95 1.29
CA ILE A 74 -3.27 5.42 0.17
C ILE A 74 -2.33 5.18 -1.00
N VAL A 75 -2.08 3.92 -1.28
CA VAL A 75 -1.19 3.55 -2.35
C VAL A 75 -1.91 2.65 -3.36
N GLN A 76 -1.47 2.73 -4.60
CA GLN A 76 -2.05 1.93 -5.66
C GLN A 76 -1.45 0.53 -5.68
N ARG A 77 -2.31 -0.48 -5.62
CA ARG A 77 -1.86 -1.85 -5.67
C ARG A 77 -2.07 -2.38 -7.07
N PRO A 78 -0.98 -2.61 -7.81
CA PRO A 78 -1.04 -3.09 -9.18
C PRO A 78 -1.57 -4.51 -9.27
N GLN A 79 -2.18 -4.82 -10.40
CA GLN A 79 -2.69 -6.15 -10.65
C GLN A 79 -2.23 -6.60 -12.02
N ARG A 80 -1.67 -7.81 -12.08
CA ARG A 80 -1.17 -8.36 -13.33
C ARG A 80 -2.31 -8.68 -14.28
N LYS A 81 -2.67 -7.71 -15.12
CA LYS A 81 -3.74 -7.89 -16.08
C LYS A 81 -3.15 -8.36 -17.40
N ASP B 10 25.13 -7.24 1.38
CA ASP B 10 25.56 -7.12 -0.04
C ASP B 10 24.44 -7.55 -0.98
N GLN B 11 23.57 -8.42 -0.51
CA GLN B 11 22.46 -8.91 -1.31
C GLN B 11 21.23 -8.02 -1.14
N PRO B 12 20.59 -7.62 -2.26
CA PRO B 12 19.38 -6.80 -2.24
C PRO B 12 18.30 -7.36 -1.33
N CYS B 13 17.68 -6.50 -0.54
CA CYS B 13 16.63 -6.90 0.38
C CYS B 13 15.72 -5.71 0.70
N CYS B 14 14.49 -6.01 1.10
CA CYS B 14 13.52 -4.97 1.42
C CYS B 14 12.78 -5.29 2.71
N ARG B 15 12.26 -4.26 3.34
CA ARG B 15 11.53 -4.40 4.59
C ARG B 15 10.04 -4.26 4.31
N ALA B 16 9.26 -5.27 4.68
CA ALA B 16 7.82 -5.24 4.47
C ALA B 16 7.16 -4.29 5.45
N LEU B 17 6.67 -3.17 4.97
CA LEU B 17 6.03 -2.19 5.83
C LEU B 17 4.51 -2.30 5.76
N TYR B 18 4.01 -3.11 4.85
CA TYR B 18 2.58 -3.28 4.70
C TYR B 18 2.21 -4.75 4.58
N ASP B 19 0.99 -5.08 4.98
CA ASP B 19 0.50 -6.46 4.94
C ASP B 19 -0.02 -6.80 3.55
N PHE B 20 0.52 -7.85 2.95
CA PHE B 20 0.10 -8.26 1.62
C PHE B 20 -0.25 -9.75 1.61
N GLU B 21 -1.51 -10.03 1.32
CA GLU B 21 -1.98 -11.41 1.25
C GLU B 21 -1.99 -11.87 -0.20
N PRO B 22 -1.56 -13.11 -0.47
CA PRO B 22 -1.55 -13.63 -1.82
C PRO B 22 -2.97 -13.85 -2.35
N GLU B 23 -3.34 -13.10 -3.37
CA GLU B 23 -4.68 -13.19 -3.95
C GLU B 23 -4.61 -13.82 -5.33
N ASN B 24 -3.48 -13.65 -5.99
CA ASN B 24 -3.26 -14.20 -7.32
C ASN B 24 -2.12 -15.21 -7.30
N GLU B 25 -1.94 -15.89 -8.41
CA GLU B 25 -0.88 -16.88 -8.53
C GLU B 25 0.44 -16.21 -8.84
N GLY B 26 1.42 -16.42 -7.97
CA GLY B 26 2.73 -15.83 -8.16
C GLY B 26 2.96 -14.66 -7.22
N GLU B 27 1.91 -14.23 -6.54
CA GLU B 27 2.01 -13.12 -5.61
C GLU B 27 2.69 -13.58 -4.32
N LEU B 28 3.72 -12.86 -3.91
CA LEU B 28 4.44 -13.20 -2.70
C LEU B 28 3.79 -12.52 -1.50
N GLY B 29 3.18 -13.31 -0.63
CA GLY B 29 2.53 -12.77 0.54
C GLY B 29 3.52 -12.51 1.65
N PHE B 30 3.32 -11.42 2.38
CA PHE B 30 4.20 -11.05 3.47
C PHE B 30 3.46 -10.20 4.50
N LYS B 31 4.03 -10.14 5.69
CA LYS B 31 3.45 -9.36 6.77
C LYS B 31 4.38 -8.21 7.16
N GLU B 32 3.79 -7.13 7.65
CA GLU B 32 4.56 -5.96 8.07
C GLU B 32 5.59 -6.34 9.14
N GLY B 33 6.86 -6.14 8.82
CA GLY B 33 7.92 -6.45 9.76
C GLY B 33 8.87 -7.51 9.25
N ASP B 34 8.53 -8.16 8.15
CA ASP B 34 9.37 -9.22 7.58
C ASP B 34 10.35 -8.63 6.56
N ILE B 35 11.49 -9.29 6.40
CA ILE B 35 12.50 -8.84 5.44
C ILE B 35 12.50 -9.77 4.23
N ILE B 36 12.27 -9.21 3.07
CA ILE B 36 12.22 -9.98 1.83
C ILE B 36 13.51 -9.82 1.04
N THR B 37 13.99 -10.92 0.48
CA THR B 37 15.19 -10.89 -0.34
C THR B 37 14.84 -10.49 -1.76
N LEU B 38 15.14 -9.24 -2.11
CA LEU B 38 14.87 -8.72 -3.44
C LEU B 38 15.78 -9.40 -4.45
N THR B 39 15.21 -9.92 -5.52
CA THR B 39 15.99 -10.62 -6.52
C THR B 39 15.94 -9.96 -7.90
N ASN B 40 14.82 -9.33 -8.24
CA ASN B 40 14.70 -8.71 -9.55
C ASN B 40 13.51 -7.75 -9.60
N GLN B 41 13.50 -6.90 -10.61
CA GLN B 41 12.43 -5.94 -10.81
C GLN B 41 11.67 -6.28 -12.09
N ILE B 42 10.36 -6.46 -11.99
CA ILE B 42 9.56 -6.78 -13.16
C ILE B 42 9.29 -5.52 -13.97
N ASP B 43 8.59 -4.59 -13.36
CA ASP B 43 8.25 -3.34 -14.00
C ASP B 43 8.39 -2.20 -13.01
N GLU B 44 7.69 -1.11 -13.23
CA GLU B 44 7.76 0.06 -12.36
C GLU B 44 6.91 -0.10 -11.09
N ASN B 45 6.18 -1.20 -10.97
CA ASN B 45 5.37 -1.38 -9.78
C ASN B 45 5.47 -2.80 -9.20
N TRP B 46 5.94 -3.75 -9.99
CA TRP B 46 6.10 -5.13 -9.51
C TRP B 46 7.55 -5.47 -9.21
N TYR B 47 7.80 -5.99 -8.01
CA TYR B 47 9.12 -6.39 -7.58
C TYR B 47 9.16 -7.89 -7.27
N GLU B 48 10.25 -8.55 -7.63
CA GLU B 48 10.40 -9.99 -7.37
C GLU B 48 11.26 -10.22 -6.14
N GLY B 49 10.91 -11.22 -5.36
CA GLY B 49 11.68 -11.51 -4.17
C GLY B 49 11.42 -12.90 -3.63
N MET B 50 12.20 -13.27 -2.63
CA MET B 50 12.06 -14.56 -1.98
C MET B 50 11.79 -14.38 -0.49
N LEU B 51 10.87 -15.18 0.03
CA LEU B 51 10.52 -15.12 1.44
C LEU B 51 10.16 -16.52 1.93
N HIS B 52 10.85 -16.97 2.97
CA HIS B 52 10.61 -18.29 3.56
C HIS B 52 10.85 -19.41 2.53
N GLY B 53 11.75 -19.15 1.59
CA GLY B 53 12.05 -20.13 0.57
C GLY B 53 11.07 -20.11 -0.58
N GLN B 54 10.13 -19.17 -0.54
CA GLN B 54 9.13 -19.04 -1.59
C GLN B 54 9.40 -17.80 -2.43
N SER B 55 9.33 -17.96 -3.74
CA SER B 55 9.57 -16.86 -4.65
C SER B 55 8.27 -16.35 -5.27
N GLY B 56 8.21 -15.05 -5.52
CA GLY B 56 7.03 -14.45 -6.10
C GLY B 56 7.20 -12.97 -6.32
N PHE B 57 6.15 -12.30 -6.78
CA PHE B 57 6.22 -10.87 -7.02
C PHE B 57 5.29 -10.12 -6.08
N PHE B 58 5.66 -8.87 -5.81
CA PHE B 58 4.89 -8.02 -4.92
C PHE B 58 5.04 -6.56 -5.34
N PRO B 59 4.09 -5.68 -4.96
CA PRO B 59 4.15 -4.26 -5.31
C PRO B 59 5.34 -3.55 -4.64
N ILE B 60 6.04 -2.73 -5.42
CA ILE B 60 7.19 -1.98 -4.95
C ILE B 60 6.82 -0.99 -3.85
N ASN B 61 5.67 -0.34 -4.00
CA ASN B 61 5.21 0.66 -3.03
C ASN B 61 4.59 -0.01 -1.79
N TYR B 62 4.96 -1.25 -1.55
CA TYR B 62 4.45 -2.00 -0.40
C TYR B 62 5.61 -2.36 0.53
N VAL B 63 6.84 -2.04 0.12
CA VAL B 63 8.01 -2.37 0.92
C VAL B 63 9.00 -1.21 0.98
N GLU B 64 9.90 -1.29 1.94
CA GLU B 64 10.95 -0.29 2.12
C GLU B 64 12.26 -0.88 1.61
N ILE B 65 12.88 -0.23 0.64
CA ILE B 65 14.11 -0.74 0.06
C ILE B 65 15.30 -0.57 0.99
N LEU B 66 15.86 -1.68 1.44
CA LEU B 66 17.02 -1.65 2.30
C LEU B 66 18.26 -1.66 1.41
N VAL B 67 18.23 -2.57 0.43
CA VAL B 67 19.30 -2.72 -0.56
C VAL B 67 18.64 -2.94 -1.93
N ALA B 68 18.85 -2.03 -2.85
CA ALA B 68 18.24 -2.10 -4.17
C ALA B 68 19.03 -2.99 -5.15
N LEU B 69 18.44 -3.16 -6.33
CA LEU B 69 19.06 -3.95 -7.39
C LEU B 69 20.13 -3.11 -8.07
N PRO B 70 21.34 -3.67 -8.26
CA PRO B 70 22.46 -2.97 -8.91
C PRO B 70 22.07 -2.36 -10.26
N HIS B 71 22.30 -1.06 -10.37
CA HIS B 71 22.01 -0.33 -11.60
C HIS B 71 23.03 0.78 -11.79
N MET A 6 -14.14 16.56 9.69
CA MET A 6 -13.01 15.82 10.28
C MET A 6 -11.82 15.85 9.33
N ILE A 7 -10.65 16.13 9.88
CA ILE A 7 -9.42 16.22 9.10
C ILE A 7 -8.60 14.96 9.21
N VAL A 8 -8.26 14.39 8.08
CA VAL A 8 -7.44 13.19 8.02
C VAL A 8 -6.24 13.44 7.10
N PHE A 9 -5.07 12.97 7.50
CA PHE A 9 -3.86 13.16 6.72
C PHE A 9 -3.72 12.02 5.72
N VAL A 10 -3.87 12.35 4.45
CA VAL A 10 -3.77 11.36 3.39
C VAL A 10 -2.40 11.40 2.74
N ARG A 11 -1.72 10.28 2.75
CA ARG A 11 -0.39 10.16 2.17
C ARG A 11 -0.44 9.25 0.94
N PHE A 12 0.02 9.76 -0.21
CA PHE A 12 -0.01 8.98 -1.43
C PHE A 12 1.41 8.66 -1.92
N ASN A 13 1.93 7.49 -1.52
CA ASN A 13 3.27 7.04 -1.94
C ASN A 13 4.37 8.07 -1.61
N SER A 14 4.10 8.96 -0.66
CA SER A 14 5.06 9.99 -0.30
C SER A 14 5.44 9.87 1.18
N SER A 15 6.14 10.88 1.70
CA SER A 15 6.57 10.86 3.08
C SER A 15 5.56 11.55 4.00
N TYR A 16 4.98 12.64 3.53
CA TYR A 16 4.01 13.39 4.30
C TYR A 16 2.58 13.09 3.87
N GLY A 17 1.65 13.80 4.47
CA GLY A 17 0.25 13.62 4.16
C GLY A 17 -0.49 14.92 4.07
N PHE A 18 -1.43 15.00 3.15
CA PHE A 18 -2.23 16.19 2.97
C PHE A 18 -3.55 16.05 3.70
N PRO A 19 -3.91 17.06 4.51
CA PRO A 19 -5.16 17.05 5.27
C PRO A 19 -6.40 17.18 4.38
N VAL A 20 -7.34 16.25 4.53
CA VAL A 20 -8.57 16.26 3.75
C VAL A 20 -9.78 16.39 4.68
N GLU A 21 -10.74 17.22 4.29
CA GLU A 21 -11.94 17.44 5.11
C GLU A 21 -13.01 16.40 4.76
N VAL A 22 -13.28 15.51 5.70
CA VAL A 22 -14.29 14.46 5.52
C VAL A 22 -15.29 14.49 6.66
N ASP A 23 -16.26 13.58 6.63
CA ASP A 23 -17.27 13.50 7.67
C ASP A 23 -17.32 12.10 8.27
N SER A 24 -18.08 11.94 9.35
CA SER A 24 -18.19 10.66 10.04
C SER A 24 -18.72 9.54 9.13
N ASP A 25 -19.60 9.87 8.20
CA ASP A 25 -20.19 8.86 7.33
C ASP A 25 -19.49 8.75 5.98
N THR A 26 -18.34 9.41 5.83
CA THR A 26 -17.61 9.34 4.57
C THR A 26 -17.06 7.94 4.38
N SER A 27 -17.29 7.38 3.20
CA SER A 27 -16.83 6.04 2.88
C SER A 27 -15.42 6.07 2.32
N ILE A 28 -14.68 4.97 2.52
CA ILE A 28 -13.32 4.85 2.01
C ILE A 28 -13.27 5.10 0.51
N PHE A 29 -14.28 4.60 -0.22
CA PHE A 29 -14.36 4.81 -1.66
C PHE A 29 -14.22 6.28 -2.03
N GLN A 30 -14.98 7.13 -1.35
CA GLN A 30 -14.95 8.56 -1.61
C GLN A 30 -13.57 9.14 -1.30
N LEU A 31 -13.04 8.76 -0.13
CA LEU A 31 -11.71 9.20 0.30
C LEU A 31 -10.65 8.83 -0.75
N LYS A 32 -10.83 7.67 -1.36
CA LYS A 32 -9.92 7.20 -2.39
C LYS A 32 -10.07 8.02 -3.65
N GLU A 33 -11.32 8.30 -4.00
CA GLU A 33 -11.64 9.09 -5.17
C GLU A 33 -10.94 10.45 -5.13
N VAL A 34 -10.75 10.99 -3.93
CA VAL A 34 -10.10 12.27 -3.75
C VAL A 34 -8.68 12.24 -4.34
N VAL A 35 -8.00 11.12 -4.13
CA VAL A 35 -6.64 10.94 -4.62
C VAL A 35 -6.67 10.48 -6.08
N ALA A 36 -7.67 9.67 -6.42
CA ALA A 36 -7.84 9.14 -7.76
C ALA A 36 -7.94 10.26 -8.79
N LYS A 37 -8.81 11.23 -8.50
CA LYS A 37 -9.02 12.35 -9.40
C LYS A 37 -7.82 13.30 -9.41
N ARG A 38 -6.98 13.19 -8.39
CA ARG A 38 -5.81 14.06 -8.27
C ARG A 38 -4.64 13.53 -9.09
N GLN A 39 -4.47 12.21 -9.13
CA GLN A 39 -3.37 11.61 -9.84
C GLN A 39 -3.80 11.03 -11.19
N GLY A 40 -5.09 10.91 -11.41
CA GLY A 40 -5.58 10.33 -12.65
C GLY A 40 -5.34 8.83 -12.65
N VAL A 41 -5.61 8.22 -11.51
CA VAL A 41 -5.42 6.80 -11.33
C VAL A 41 -6.75 6.14 -10.93
N PRO A 42 -7.09 5.00 -11.54
CA PRO A 42 -8.32 4.28 -11.23
C PRO A 42 -8.50 4.03 -9.74
N ALA A 43 -9.65 4.41 -9.20
CA ALA A 43 -9.94 4.24 -7.78
C ALA A 43 -10.03 2.77 -7.38
N ASP A 44 -10.13 1.89 -8.37
CA ASP A 44 -10.22 0.46 -8.11
C ASP A 44 -8.83 -0.12 -7.90
N GLN A 45 -7.81 0.65 -8.26
CA GLN A 45 -6.43 0.23 -8.10
C GLN A 45 -5.78 0.91 -6.90
N LEU A 46 -6.58 1.69 -6.18
CA LEU A 46 -6.09 2.41 -5.01
C LEU A 46 -6.49 1.68 -3.72
N ARG A 47 -5.57 1.64 -2.78
CA ARG A 47 -5.79 0.98 -1.50
C ARG A 47 -5.47 1.93 -0.35
N VAL A 48 -6.11 1.72 0.79
CA VAL A 48 -5.88 2.57 1.95
C VAL A 48 -5.38 1.73 3.13
N ILE A 49 -4.19 2.04 3.59
CA ILE A 49 -3.61 1.33 4.71
C ILE A 49 -3.48 2.26 5.91
N PHE A 50 -4.17 1.93 6.98
CA PHE A 50 -4.15 2.75 8.18
C PHE A 50 -3.70 1.91 9.38
N ALA A 51 -2.63 2.33 10.04
CA ALA A 51 -2.10 1.65 11.20
C ALA A 51 -1.75 0.20 10.89
N GLY A 52 -1.17 -0.02 9.71
CA GLY A 52 -0.78 -1.36 9.31
C GLY A 52 -1.98 -2.24 8.97
N LYS A 53 -3.12 -1.62 8.71
CA LYS A 53 -4.34 -2.36 8.39
C LYS A 53 -4.99 -1.77 7.16
N GLU A 54 -5.18 -2.60 6.15
CA GLU A 54 -5.82 -2.16 4.91
C GLU A 54 -7.33 -2.05 5.12
N LEU A 55 -7.86 -0.87 4.88
CA LEU A 55 -9.29 -0.61 5.06
C LEU A 55 -10.09 -0.97 3.82
N GLN A 56 -11.27 -1.56 4.04
CA GLN A 56 -12.16 -1.95 2.97
C GLN A 56 -12.85 -0.73 2.36
N ASN A 57 -12.94 -0.73 1.04
CA ASN A 57 -13.56 0.35 0.27
C ASN A 57 -14.97 0.71 0.76
N HIS A 58 -15.67 -0.25 1.35
CA HIS A 58 -17.04 -0.02 1.82
C HIS A 58 -17.12 0.39 3.29
N LEU A 59 -16.00 0.69 3.91
CA LEU A 59 -16.01 1.11 5.30
C LEU A 59 -16.15 2.62 5.42
N THR A 60 -16.74 3.06 6.52
CA THR A 60 -16.90 4.49 6.74
C THR A 60 -15.99 4.92 7.90
N VAL A 61 -15.80 6.24 8.02
CA VAL A 61 -14.93 6.80 9.06
C VAL A 61 -15.35 6.35 10.47
N GLN A 62 -16.62 6.51 10.80
CA GLN A 62 -17.11 6.13 12.12
C GLN A 62 -17.22 4.61 12.29
N ASN A 63 -17.16 3.88 11.18
CA ASN A 63 -17.29 2.43 11.23
C ASN A 63 -15.92 1.76 11.35
N CYS A 64 -14.90 2.56 11.62
CA CYS A 64 -13.55 2.07 11.78
C CYS A 64 -12.86 2.82 12.91
N ASP A 65 -11.64 2.45 13.21
CA ASP A 65 -10.87 3.09 14.27
C ASP A 65 -10.20 4.36 13.81
N LEU A 66 -10.87 5.08 12.90
CA LEU A 66 -10.34 6.34 12.40
C LEU A 66 -10.89 7.49 13.22
N GLU A 67 -10.10 8.56 13.33
CA GLU A 67 -10.51 9.73 14.10
C GLU A 67 -9.85 11.00 13.55
N GLN A 68 -10.01 12.09 14.28
CA GLN A 68 -9.46 13.38 13.87
C GLN A 68 -7.94 13.37 13.86
N GLN A 69 -7.37 13.95 12.80
CA GLN A 69 -5.92 14.09 12.64
C GLN A 69 -5.19 12.76 12.52
N SER A 70 -5.84 11.76 11.96
CA SER A 70 -5.22 10.46 11.78
C SER A 70 -4.58 10.40 10.39
N ILE A 71 -3.43 9.75 10.29
CA ILE A 71 -2.74 9.64 9.02
C ILE A 71 -3.01 8.28 8.36
N VAL A 72 -3.32 8.32 7.08
CA VAL A 72 -3.61 7.12 6.30
C VAL A 72 -2.71 7.08 5.07
N HIS A 73 -2.39 5.88 4.61
CA HIS A 73 -1.54 5.73 3.45
C HIS A 73 -2.33 5.14 2.30
N ILE A 74 -2.46 5.91 1.24
CA ILE A 74 -3.18 5.47 0.07
C ILE A 74 -2.20 5.20 -1.05
N VAL A 75 -2.01 3.93 -1.36
CA VAL A 75 -1.09 3.55 -2.42
C VAL A 75 -1.80 2.76 -3.49
N GLN A 76 -1.25 2.79 -4.69
CA GLN A 76 -1.84 2.09 -5.82
C GLN A 76 -1.29 0.67 -5.90
N ARG A 77 -2.19 -0.29 -5.92
CA ARG A 77 -1.81 -1.69 -6.03
C ARG A 77 -2.26 -2.21 -7.38
N PRO A 78 -1.33 -2.33 -8.32
CA PRO A 78 -1.63 -2.80 -9.68
C PRO A 78 -2.13 -4.25 -9.70
N GLN A 79 -3.00 -4.54 -10.65
CA GLN A 79 -3.55 -5.88 -10.79
C GLN A 79 -3.21 -6.43 -12.16
N ARG A 80 -2.58 -7.60 -12.20
CA ARG A 80 -2.19 -8.21 -13.45
C ARG A 80 -3.27 -9.17 -13.94
N LYS A 81 -4.11 -8.67 -14.84
CA LYS A 81 -5.18 -9.48 -15.40
C LYS A 81 -4.87 -9.81 -16.85
N ASP B 10 25.23 -6.72 0.65
CA ASP B 10 25.62 -6.83 -0.78
C ASP B 10 24.44 -7.28 -1.64
N GLN B 11 23.58 -8.09 -1.05
CA GLN B 11 22.41 -8.61 -1.75
C GLN B 11 21.21 -7.69 -1.52
N PRO B 12 20.55 -7.25 -2.60
CA PRO B 12 19.36 -6.39 -2.51
C PRO B 12 18.30 -6.99 -1.58
N CYS B 13 17.80 -6.15 -0.68
CA CYS B 13 16.80 -6.59 0.28
C CYS B 13 15.84 -5.45 0.60
N CYS B 14 14.64 -5.78 1.06
CA CYS B 14 13.65 -4.77 1.38
C CYS B 14 12.97 -5.06 2.72
N ARG B 15 12.44 -4.01 3.33
CA ARG B 15 11.75 -4.10 4.60
C ARG B 15 10.24 -4.02 4.37
N ALA B 16 9.52 -5.02 4.84
CA ALA B 16 8.07 -5.05 4.69
C ALA B 16 7.43 -3.94 5.51
N LEU B 17 6.86 -2.97 4.81
CA LEU B 17 6.20 -1.84 5.46
C LEU B 17 4.79 -2.22 5.93
N TYR B 18 4.15 -3.10 5.18
CA TYR B 18 2.80 -3.55 5.51
C TYR B 18 2.67 -5.04 5.25
N ASP B 19 1.55 -5.61 5.67
CA ASP B 19 1.30 -7.03 5.48
C ASP B 19 0.70 -7.24 4.10
N PHE B 20 1.10 -8.29 3.42
CA PHE B 20 0.58 -8.57 2.09
C PHE B 20 0.11 -10.01 1.98
N GLU B 21 -1.20 -10.16 1.81
CA GLU B 21 -1.79 -11.47 1.67
C GLU B 21 -1.91 -11.81 0.18
N PRO B 22 -1.42 -12.98 -0.24
CA PRO B 22 -1.49 -13.39 -1.65
C PRO B 22 -2.93 -13.53 -2.13
N GLU B 23 -3.29 -12.73 -3.13
CA GLU B 23 -4.63 -12.77 -3.68
C GLU B 23 -4.62 -13.36 -5.08
N ASN B 24 -3.49 -13.24 -5.75
CA ASN B 24 -3.33 -13.76 -7.09
C ASN B 24 -2.34 -14.91 -7.08
N GLU B 25 -2.19 -15.58 -8.21
CA GLU B 25 -1.28 -16.71 -8.33
C GLU B 25 0.15 -16.25 -8.61
N GLY B 26 1.08 -16.63 -7.74
CA GLY B 26 2.47 -16.25 -7.94
C GLY B 26 2.89 -15.13 -7.01
N GLU B 27 1.96 -14.66 -6.20
CA GLU B 27 2.24 -13.59 -5.26
C GLU B 27 2.89 -14.13 -4.00
N LEU B 28 3.88 -13.40 -3.50
CA LEU B 28 4.61 -13.80 -2.32
C LEU B 28 4.00 -13.13 -1.09
N GLY B 29 3.62 -13.93 -0.12
CA GLY B 29 3.02 -13.41 1.09
C GLY B 29 4.06 -13.06 2.15
N PHE B 30 3.85 -11.95 2.84
CA PHE B 30 4.77 -11.50 3.89
C PHE B 30 4.05 -10.61 4.88
N LYS B 31 4.68 -10.40 6.03
CA LYS B 31 4.09 -9.56 7.08
C LYS B 31 5.01 -8.39 7.37
N GLU B 32 4.44 -7.33 7.94
CA GLU B 32 5.18 -6.11 8.26
C GLU B 32 6.37 -6.40 9.17
N GLY B 33 7.51 -5.79 8.86
CA GLY B 33 8.71 -5.98 9.65
C GLY B 33 9.60 -7.09 9.13
N ASP B 34 9.12 -7.84 8.16
CA ASP B 34 9.91 -8.93 7.60
C ASP B 34 10.82 -8.43 6.50
N ILE B 35 11.97 -9.08 6.36
CA ILE B 35 12.92 -8.70 5.32
C ILE B 35 12.80 -9.65 4.14
N ILE B 36 12.48 -9.11 2.98
CA ILE B 36 12.35 -9.91 1.77
C ILE B 36 13.59 -9.77 0.91
N THR B 37 14.12 -10.89 0.45
CA THR B 37 15.31 -10.88 -0.39
C THR B 37 14.95 -10.53 -1.83
N LEU B 38 15.26 -9.29 -2.19
CA LEU B 38 14.99 -8.77 -3.52
C LEU B 38 15.77 -9.57 -4.56
N THR B 39 15.05 -10.22 -5.47
CA THR B 39 15.68 -11.03 -6.49
C THR B 39 15.73 -10.33 -7.85
N ASN B 40 14.59 -9.83 -8.33
CA ASN B 40 14.54 -9.17 -9.63
C ASN B 40 13.35 -8.21 -9.68
N GLN B 41 13.23 -7.44 -10.77
CA GLN B 41 12.14 -6.48 -10.91
C GLN B 41 11.40 -6.71 -12.22
N ILE B 42 10.08 -6.75 -12.16
CA ILE B 42 9.27 -6.97 -13.36
C ILE B 42 8.99 -5.64 -14.05
N ASP B 43 8.26 -4.78 -13.37
CA ASP B 43 7.93 -3.47 -13.91
C ASP B 43 8.23 -2.38 -12.89
N GLU B 44 7.58 -1.24 -13.02
CA GLU B 44 7.82 -0.11 -12.13
C GLU B 44 7.10 -0.23 -10.78
N ASN B 45 6.33 -1.28 -10.58
CA ASN B 45 5.61 -1.45 -9.33
C ASN B 45 5.62 -2.91 -8.84
N TRP B 46 6.08 -3.83 -9.66
CA TRP B 46 6.13 -5.24 -9.25
C TRP B 46 7.57 -5.71 -9.05
N TYR B 47 7.85 -6.18 -7.85
CA TYR B 47 9.18 -6.66 -7.48
C TYR B 47 9.15 -8.16 -7.23
N GLU B 48 10.23 -8.84 -7.59
CA GLU B 48 10.35 -10.27 -7.38
C GLU B 48 11.25 -10.51 -6.16
N GLY B 49 10.82 -11.38 -5.26
CA GLY B 49 11.63 -11.63 -4.09
C GLY B 49 11.46 -13.03 -3.54
N MET B 50 12.30 -13.37 -2.57
CA MET B 50 12.26 -14.68 -1.93
C MET B 50 12.14 -14.52 -0.43
N LEU B 51 11.31 -15.37 0.18
CA LEU B 51 11.10 -15.34 1.62
C LEU B 51 10.78 -16.75 2.13
N HIS B 52 11.69 -17.30 2.93
CA HIS B 52 11.52 -18.63 3.52
C HIS B 52 11.43 -19.72 2.44
N GLY B 53 12.20 -19.54 1.36
CA GLY B 53 12.21 -20.50 0.28
C GLY B 53 11.16 -20.21 -0.78
N GLN B 54 10.13 -19.48 -0.38
CA GLN B 54 9.05 -19.13 -1.29
C GLN B 54 9.45 -17.95 -2.16
N SER B 55 9.23 -18.10 -3.46
CA SER B 55 9.56 -17.04 -4.41
C SER B 55 8.29 -16.53 -5.09
N GLY B 56 8.20 -15.23 -5.24
CA GLY B 56 7.04 -14.64 -5.88
C GLY B 56 7.23 -13.15 -6.10
N PHE B 57 6.18 -12.49 -6.58
CA PHE B 57 6.24 -11.06 -6.84
C PHE B 57 5.32 -10.30 -5.90
N PHE B 58 5.66 -9.03 -5.67
CA PHE B 58 4.88 -8.17 -4.80
C PHE B 58 5.10 -6.70 -5.17
N PRO B 59 4.18 -5.80 -4.77
CA PRO B 59 4.29 -4.37 -5.08
C PRO B 59 5.49 -3.68 -4.43
N ILE B 60 6.19 -2.86 -5.21
CA ILE B 60 7.37 -2.13 -4.74
C ILE B 60 7.00 -1.03 -3.75
N ASN B 61 5.84 -0.44 -3.92
CA ASN B 61 5.39 0.65 -3.05
C ASN B 61 4.79 0.12 -1.76
N TYR B 62 4.90 -1.17 -1.53
CA TYR B 62 4.38 -1.79 -0.33
C TYR B 62 5.53 -2.15 0.62
N VAL B 63 6.75 -1.96 0.13
CA VAL B 63 7.94 -2.28 0.91
C VAL B 63 8.95 -1.13 0.87
N GLU B 64 9.94 -1.21 1.75
CA GLU B 64 10.99 -0.21 1.85
C GLU B 64 12.31 -0.83 1.43
N ILE B 65 12.94 -0.26 0.42
CA ILE B 65 14.20 -0.79 -0.09
C ILE B 65 15.37 -0.48 0.84
N LEU B 66 16.04 -1.52 1.30
CA LEU B 66 17.20 -1.37 2.16
C LEU B 66 18.45 -1.27 1.31
N VAL B 67 18.71 -2.33 0.56
CA VAL B 67 19.84 -2.37 -0.35
C VAL B 67 19.31 -2.38 -1.77
N ALA B 68 19.60 -1.34 -2.52
CA ALA B 68 19.12 -1.20 -3.89
C ALA B 68 19.66 -2.27 -4.84
N LEU B 69 18.83 -2.61 -5.81
CA LEU B 69 19.17 -3.58 -6.83
C LEU B 69 19.92 -2.86 -7.96
N PRO B 70 20.91 -3.53 -8.58
CA PRO B 70 21.69 -2.94 -9.67
C PRO B 70 20.83 -2.25 -10.73
N HIS B 71 21.11 -0.98 -10.95
CA HIS B 71 20.37 -0.17 -11.91
C HIS B 71 21.32 0.79 -12.64
N MET A 6 -13.76 16.56 10.05
CA MET A 6 -12.58 15.82 10.56
C MET A 6 -11.45 15.86 9.55
N ILE A 7 -10.31 16.38 9.97
CA ILE A 7 -9.15 16.49 9.11
C ILE A 7 -8.32 15.21 9.17
N VAL A 8 -8.09 14.63 8.01
CA VAL A 8 -7.28 13.42 7.90
C VAL A 8 -6.14 13.68 6.92
N PHE A 9 -4.98 13.13 7.19
CA PHE A 9 -3.84 13.35 6.32
C PHE A 9 -3.72 12.21 5.31
N VAL A 10 -3.92 12.55 4.06
CA VAL A 10 -3.87 11.57 2.98
C VAL A 10 -2.50 11.58 2.32
N ARG A 11 -1.87 10.42 2.28
CA ARG A 11 -0.55 10.28 1.69
C ARG A 11 -0.63 9.32 0.50
N PHE A 12 -0.14 9.76 -0.65
CA PHE A 12 -0.16 8.93 -1.85
C PHE A 12 1.25 8.62 -2.33
N ASN A 13 1.77 7.47 -1.92
CA ASN A 13 3.10 7.01 -2.33
C ASN A 13 4.16 8.07 -2.07
N SER A 14 4.02 8.82 -0.99
CA SER A 14 4.96 9.89 -0.67
C SER A 14 5.42 9.80 0.79
N SER A 15 6.09 10.84 1.25
CA SER A 15 6.59 10.90 2.62
C SER A 15 5.58 11.58 3.52
N TYR A 16 5.09 12.74 3.09
CA TYR A 16 4.13 13.53 3.83
C TYR A 16 2.70 13.26 3.35
N GLY A 17 1.77 14.08 3.80
CA GLY A 17 0.39 13.91 3.40
C GLY A 17 -0.39 15.20 3.46
N PHE A 18 -1.36 15.34 2.57
CA PHE A 18 -2.20 16.54 2.52
C PHE A 18 -3.47 16.32 3.33
N PRO A 19 -3.85 17.32 4.14
CA PRO A 19 -5.05 17.25 4.98
C PRO A 19 -6.34 17.40 4.18
N VAL A 20 -7.23 16.43 4.34
CA VAL A 20 -8.52 16.44 3.66
C VAL A 20 -9.64 16.49 4.70
N GLU A 21 -10.64 17.33 4.45
CA GLU A 21 -11.76 17.46 5.36
C GLU A 21 -12.85 16.43 5.06
N VAL A 22 -13.02 15.49 5.99
CA VAL A 22 -14.02 14.45 5.83
C VAL A 22 -14.96 14.43 7.03
N ASP A 23 -16.02 13.63 6.95
CA ASP A 23 -16.97 13.53 8.05
C ASP A 23 -16.98 12.09 8.56
N SER A 24 -17.70 11.85 9.64
CA SER A 24 -17.77 10.52 10.24
C SER A 24 -18.41 9.48 9.31
N ASP A 25 -19.35 9.92 8.49
CA ASP A 25 -20.06 9.03 7.59
C ASP A 25 -19.31 8.80 6.27
N THR A 26 -18.19 9.48 6.10
CA THR A 26 -17.41 9.35 4.88
C THR A 26 -16.86 7.93 4.75
N SER A 27 -17.09 7.32 3.59
CA SER A 27 -16.64 5.96 3.33
C SER A 27 -15.20 5.97 2.80
N ILE A 28 -14.49 4.87 3.04
CA ILE A 28 -13.11 4.73 2.59
C ILE A 28 -13.01 4.89 1.08
N PHE A 29 -13.92 4.27 0.35
CA PHE A 29 -13.92 4.36 -1.11
C PHE A 29 -14.01 5.81 -1.59
N GLN A 30 -14.79 6.62 -0.87
CA GLN A 30 -14.95 8.04 -1.22
C GLN A 30 -13.62 8.77 -1.07
N LEU A 31 -12.93 8.51 0.04
CA LEU A 31 -11.63 9.11 0.30
C LEU A 31 -10.64 8.75 -0.81
N LYS A 32 -10.87 7.61 -1.43
CA LYS A 32 -10.03 7.14 -2.52
C LYS A 32 -10.35 7.93 -3.79
N GLU A 33 -11.63 8.22 -3.98
CA GLU A 33 -12.08 9.00 -5.13
C GLU A 33 -11.38 10.35 -5.18
N VAL A 34 -11.16 10.93 -4.02
CA VAL A 34 -10.49 12.22 -3.90
C VAL A 34 -9.09 12.15 -4.49
N VAL A 35 -8.42 11.03 -4.26
CA VAL A 35 -7.08 10.82 -4.78
C VAL A 35 -7.14 10.40 -6.25
N ALA A 36 -8.13 9.59 -6.59
CA ALA A 36 -8.30 9.10 -7.95
C ALA A 36 -8.47 10.25 -8.93
N LYS A 37 -9.35 11.20 -8.60
CA LYS A 37 -9.61 12.34 -9.47
C LYS A 37 -8.43 13.32 -9.48
N ARG A 38 -7.59 13.26 -8.46
CA ARG A 38 -6.45 14.15 -8.37
C ARG A 38 -5.23 13.61 -9.14
N GLN A 39 -5.02 12.30 -9.07
CA GLN A 39 -3.86 11.69 -9.73
C GLN A 39 -4.20 11.12 -11.10
N GLY A 40 -5.49 10.96 -11.38
CA GLY A 40 -5.90 10.41 -12.65
C GLY A 40 -5.64 8.93 -12.72
N VAL A 41 -5.98 8.23 -11.64
CA VAL A 41 -5.77 6.80 -11.55
C VAL A 41 -7.08 6.10 -11.18
N PRO A 42 -7.18 4.78 -11.42
CA PRO A 42 -8.39 4.02 -11.12
C PRO A 42 -8.59 3.85 -9.61
N ALA A 43 -9.78 4.21 -9.13
CA ALA A 43 -10.10 4.09 -7.71
C ALA A 43 -10.13 2.62 -7.29
N ASP A 44 -10.41 1.75 -8.26
CA ASP A 44 -10.46 0.31 -8.01
C ASP A 44 -9.06 -0.25 -7.72
N GLN A 45 -8.04 0.53 -8.07
CA GLN A 45 -6.66 0.10 -7.85
C GLN A 45 -6.02 0.89 -6.70
N LEU A 46 -6.83 1.60 -5.95
CA LEU A 46 -6.32 2.38 -4.83
C LEU A 46 -6.59 1.66 -3.52
N ARG A 47 -5.61 1.62 -2.64
CA ARG A 47 -5.77 0.97 -1.35
C ARG A 47 -5.42 1.92 -0.22
N VAL A 48 -6.16 1.83 0.88
CA VAL A 48 -5.93 2.71 2.03
C VAL A 48 -5.43 1.88 3.20
N ILE A 49 -4.26 2.22 3.70
CA ILE A 49 -3.66 1.50 4.81
C ILE A 49 -3.38 2.42 5.99
N PHE A 50 -3.74 1.97 7.17
CA PHE A 50 -3.54 2.73 8.39
C PHE A 50 -3.12 1.82 9.54
N ALA A 51 -2.03 2.16 10.21
CA ALA A 51 -1.52 1.39 11.34
C ALA A 51 -1.25 -0.05 10.94
N GLY A 52 -0.75 -0.25 9.72
CA GLY A 52 -0.44 -1.58 9.23
C GLY A 52 -1.69 -2.39 8.94
N LYS A 53 -2.81 -1.71 8.78
CA LYS A 53 -4.07 -2.38 8.49
C LYS A 53 -4.73 -1.77 7.25
N GLU A 54 -5.03 -2.61 6.28
CA GLU A 54 -5.69 -2.18 5.06
C GLU A 54 -7.18 -2.00 5.34
N LEU A 55 -7.67 -0.78 5.18
CA LEU A 55 -9.07 -0.49 5.45
C LEU A 55 -9.94 -0.92 4.28
N GLN A 56 -11.05 -1.58 4.59
CA GLN A 56 -11.98 -2.04 3.57
C GLN A 56 -12.78 -0.86 3.04
N ASN A 57 -12.95 -0.84 1.73
CA ASN A 57 -13.66 0.24 1.04
C ASN A 57 -15.09 0.44 1.53
N HIS A 58 -15.66 -0.57 2.15
CA HIS A 58 -17.04 -0.48 2.63
C HIS A 58 -17.12 0.09 4.04
N LEU A 59 -15.97 0.45 4.61
CA LEU A 59 -15.95 1.00 5.96
C LEU A 59 -16.03 2.52 5.94
N THR A 60 -16.48 3.10 7.03
CA THR A 60 -16.60 4.55 7.16
C THR A 60 -15.66 5.05 8.25
N VAL A 61 -15.45 6.36 8.30
CA VAL A 61 -14.58 6.96 9.30
C VAL A 61 -15.01 6.59 10.72
N GLN A 62 -16.32 6.65 10.97
CA GLN A 62 -16.86 6.31 12.30
C GLN A 62 -16.81 4.80 12.57
N ASN A 63 -16.45 4.02 11.57
CA ASN A 63 -16.39 2.57 11.74
C ASN A 63 -14.95 2.04 11.62
N CYS A 64 -13.98 2.90 11.87
CA CYS A 64 -12.59 2.50 11.81
C CYS A 64 -11.78 3.24 12.86
N ASP A 65 -10.48 2.94 12.92
CA ASP A 65 -9.59 3.58 13.90
C ASP A 65 -9.13 4.95 13.46
N LEU A 66 -9.96 5.65 12.70
CA LEU A 66 -9.61 6.98 12.21
C LEU A 66 -10.17 8.06 13.11
N GLU A 67 -9.32 8.99 13.52
CA GLU A 67 -9.73 10.09 14.38
C GLU A 67 -9.16 11.40 13.85
N GLN A 68 -9.32 12.48 14.60
CA GLN A 68 -8.83 13.78 14.21
C GLN A 68 -7.31 13.78 14.00
N GLN A 69 -6.88 14.27 12.84
CA GLN A 69 -5.46 14.40 12.49
C GLN A 69 -4.81 13.04 12.22
N SER A 70 -5.60 12.03 11.91
CA SER A 70 -5.07 10.72 11.61
C SER A 70 -4.44 10.71 10.22
N ILE A 71 -3.28 10.08 10.11
CA ILE A 71 -2.60 10.00 8.83
C ILE A 71 -2.80 8.62 8.21
N VAL A 72 -3.07 8.59 6.91
CA VAL A 72 -3.31 7.34 6.21
C VAL A 72 -2.45 7.28 4.95
N HIS A 73 -2.18 6.09 4.48
CA HIS A 73 -1.37 5.91 3.29
C HIS A 73 -2.18 5.22 2.21
N ILE A 74 -2.41 5.93 1.13
CA ILE A 74 -3.14 5.39 0.00
C ILE A 74 -2.18 5.15 -1.16
N VAL A 75 -1.95 3.90 -1.47
CA VAL A 75 -1.04 3.54 -2.53
C VAL A 75 -1.78 2.83 -3.65
N GLN A 76 -1.28 2.99 -4.86
CA GLN A 76 -1.87 2.36 -6.03
C GLN A 76 -1.42 0.91 -6.12
N ARG A 77 -2.36 -0.01 -6.07
CA ARG A 77 -2.06 -1.42 -6.14
C ARG A 77 -2.45 -1.96 -7.52
N PRO A 78 -1.45 -2.34 -8.31
CA PRO A 78 -1.68 -2.88 -9.66
C PRO A 78 -2.07 -4.35 -9.62
N GLN A 79 -2.63 -4.83 -10.72
CA GLN A 79 -3.04 -6.21 -10.82
C GLN A 79 -2.34 -6.88 -12.00
N ARG A 80 -1.66 -7.98 -11.76
CA ARG A 80 -0.95 -8.69 -12.80
C ARG A 80 -1.88 -9.66 -13.52
N LYS A 81 -2.17 -9.36 -14.78
CA LYS A 81 -3.05 -10.21 -15.57
C LYS A 81 -2.30 -10.81 -16.74
N ASP B 10 24.71 -7.00 2.45
CA ASP B 10 25.19 -6.69 1.09
C ASP B 10 24.17 -7.15 0.05
N GLN B 11 23.27 -8.04 0.45
CA GLN B 11 22.23 -8.54 -0.43
C GLN B 11 21.02 -7.64 -0.40
N PRO B 12 20.50 -7.24 -1.57
CA PRO B 12 19.32 -6.38 -1.66
C PRO B 12 18.16 -6.95 -0.86
N CYS B 13 17.62 -6.16 0.06
CA CYS B 13 16.53 -6.60 0.90
C CYS B 13 15.51 -5.49 1.09
N CYS B 14 14.28 -5.88 1.36
CA CYS B 14 13.20 -4.93 1.57
C CYS B 14 12.37 -5.33 2.78
N ARG B 15 11.76 -4.35 3.42
CA ARG B 15 10.93 -4.59 4.59
C ARG B 15 9.46 -4.44 4.23
N ALA B 16 8.65 -5.41 4.64
CA ALA B 16 7.22 -5.37 4.38
C ALA B 16 6.57 -4.22 5.13
N LEU B 17 6.01 -3.28 4.39
CA LEU B 17 5.36 -2.12 4.99
C LEU B 17 3.91 -2.42 5.34
N TYR B 18 3.27 -3.25 4.52
CA TYR B 18 1.88 -3.60 4.74
C TYR B 18 1.67 -5.10 4.59
N ASP B 19 0.48 -5.55 4.94
CA ASP B 19 0.12 -6.97 4.86
C ASP B 19 -0.35 -7.33 3.45
N PHE B 20 0.50 -8.02 2.70
CA PHE B 20 0.15 -8.43 1.35
C PHE B 20 -0.15 -9.92 1.31
N GLU B 21 -1.41 -10.25 1.07
CA GLU B 21 -1.84 -11.64 1.00
C GLU B 21 -1.92 -12.07 -0.46
N PRO B 22 -1.41 -13.28 -0.79
CA PRO B 22 -1.44 -13.78 -2.16
C PRO B 22 -2.84 -14.20 -2.60
N GLU B 23 -3.25 -13.66 -3.73
CA GLU B 23 -4.56 -13.98 -4.28
C GLU B 23 -4.41 -14.45 -5.73
N ASN B 24 -3.25 -14.16 -6.32
CA ASN B 24 -2.97 -14.56 -7.68
C ASN B 24 -1.75 -15.47 -7.72
N GLU B 25 -1.70 -16.34 -8.71
CA GLU B 25 -0.59 -17.29 -8.84
C GLU B 25 0.70 -16.55 -9.17
N GLY B 26 1.69 -16.70 -8.31
CA GLY B 26 2.96 -16.05 -8.52
C GLY B 26 3.21 -14.94 -7.51
N GLU B 27 2.18 -14.58 -6.75
CA GLU B 27 2.31 -13.53 -5.75
C GLU B 27 2.98 -14.06 -4.48
N LEU B 28 3.89 -13.27 -3.93
CA LEU B 28 4.58 -13.66 -2.72
C LEU B 28 3.93 -13.00 -1.51
N GLY B 29 3.32 -13.81 -0.67
CA GLY B 29 2.65 -13.29 0.51
C GLY B 29 3.59 -13.04 1.67
N PHE B 30 3.30 -12.01 2.45
CA PHE B 30 4.11 -11.66 3.60
C PHE B 30 3.32 -10.78 4.56
N LYS B 31 3.86 -10.59 5.74
CA LYS B 31 3.21 -9.76 6.76
C LYS B 31 4.09 -8.56 7.08
N GLU B 32 3.47 -7.49 7.56
CA GLU B 32 4.20 -6.26 7.92
C GLU B 32 5.36 -6.57 8.87
N GLY B 33 6.54 -6.06 8.54
CA GLY B 33 7.71 -6.27 9.37
C GLY B 33 8.62 -7.36 8.83
N ASP B 34 8.10 -8.19 7.95
CA ASP B 34 8.89 -9.28 7.37
C ASP B 34 9.91 -8.73 6.40
N ILE B 35 11.12 -9.29 6.41
CA ILE B 35 12.18 -8.86 5.52
C ILE B 35 12.24 -9.78 4.31
N ILE B 36 12.04 -9.22 3.13
CA ILE B 36 12.04 -9.99 1.90
C ILE B 36 13.35 -9.77 1.13
N THR B 37 13.91 -10.85 0.61
CA THR B 37 15.14 -10.77 -0.16
C THR B 37 14.86 -10.36 -1.60
N LEU B 38 15.25 -9.14 -1.95
CA LEU B 38 15.03 -8.61 -3.28
C LEU B 38 15.93 -9.33 -4.29
N THR B 39 15.34 -9.84 -5.37
CA THR B 39 16.11 -10.57 -6.37
C THR B 39 15.98 -9.99 -7.78
N ASN B 40 14.79 -9.52 -8.15
CA ASN B 40 14.60 -8.98 -9.50
C ASN B 40 13.44 -7.98 -9.55
N GLN B 41 13.35 -7.21 -10.63
CA GLN B 41 12.28 -6.25 -10.82
C GLN B 41 11.59 -6.52 -12.14
N ILE B 42 10.26 -6.54 -12.12
CA ILE B 42 9.49 -6.80 -13.34
C ILE B 42 9.28 -5.53 -14.14
N ASP B 43 8.41 -4.66 -13.64
CA ASP B 43 8.10 -3.42 -14.31
C ASP B 43 8.47 -2.20 -13.45
N GLU B 44 7.50 -1.36 -13.15
CA GLU B 44 7.76 -0.16 -12.37
C GLU B 44 7.03 -0.21 -11.03
N ASN B 45 6.22 -1.23 -10.83
CA ASN B 45 5.47 -1.36 -9.58
C ASN B 45 5.47 -2.79 -9.07
N TRP B 46 6.15 -3.69 -9.78
CA TRP B 46 6.22 -5.08 -9.36
C TRP B 46 7.66 -5.54 -9.13
N TYR B 47 7.90 -6.11 -7.96
CA TYR B 47 9.22 -6.60 -7.58
C TYR B 47 9.18 -8.11 -7.37
N GLU B 48 10.31 -8.78 -7.56
CA GLU B 48 10.40 -10.21 -7.37
C GLU B 48 11.44 -10.51 -6.31
N GLY B 49 11.14 -11.46 -5.42
CA GLY B 49 12.08 -11.78 -4.37
C GLY B 49 11.83 -13.15 -3.76
N MET B 50 12.63 -13.50 -2.77
CA MET B 50 12.51 -14.78 -2.09
C MET B 50 12.27 -14.58 -0.60
N LEU B 51 11.34 -15.34 -0.04
CA LEU B 51 11.02 -15.27 1.36
C LEU B 51 10.74 -16.67 1.90
N HIS B 52 11.63 -17.15 2.76
CA HIS B 52 11.51 -18.48 3.36
C HIS B 52 11.55 -19.55 2.26
N GLY B 53 12.30 -19.26 1.21
CA GLY B 53 12.43 -20.19 0.10
C GLY B 53 11.40 -19.92 -0.99
N GLN B 54 10.25 -19.41 -0.59
CA GLN B 54 9.17 -19.12 -1.52
C GLN B 54 9.54 -17.93 -2.39
N SER B 55 9.32 -18.07 -3.69
CA SER B 55 9.62 -17.02 -4.64
C SER B 55 8.34 -16.51 -5.29
N GLY B 56 8.25 -15.20 -5.48
CA GLY B 56 7.08 -14.62 -6.11
C GLY B 56 7.24 -13.12 -6.28
N PHE B 57 6.22 -12.49 -6.84
CA PHE B 57 6.26 -11.04 -7.06
C PHE B 57 5.35 -10.31 -6.07
N PHE B 58 5.69 -9.05 -5.83
CA PHE B 58 4.92 -8.21 -4.92
C PHE B 58 5.04 -6.74 -5.35
N PRO B 59 4.05 -5.91 -5.00
CA PRO B 59 4.07 -4.48 -5.37
C PRO B 59 5.24 -3.74 -4.69
N ILE B 60 5.93 -2.92 -5.48
CA ILE B 60 7.07 -2.15 -5.01
C ILE B 60 6.67 -1.14 -3.93
N ASN B 61 5.53 -0.49 -4.13
CA ASN B 61 5.05 0.52 -3.20
C ASN B 61 4.37 -0.10 -1.97
N TYR B 62 4.66 -1.38 -1.73
CA TYR B 62 4.12 -2.09 -0.59
C TYR B 62 5.25 -2.50 0.35
N VAL B 63 6.47 -2.19 -0.05
CA VAL B 63 7.65 -2.55 0.73
C VAL B 63 8.59 -1.36 0.90
N GLU B 64 9.47 -1.47 1.87
CA GLU B 64 10.46 -0.44 2.17
C GLU B 64 11.84 -0.97 1.79
N ILE B 65 12.49 -0.32 0.86
CA ILE B 65 13.80 -0.77 0.39
C ILE B 65 14.90 -0.50 1.41
N LEU B 66 15.60 -1.56 1.80
CA LEU B 66 16.71 -1.44 2.75
C LEU B 66 17.99 -1.33 1.93
N VAL B 67 18.22 -2.32 1.09
CA VAL B 67 19.38 -2.34 0.21
C VAL B 67 18.87 -2.40 -1.23
N ALA B 68 19.15 -1.36 -2.00
CA ALA B 68 18.67 -1.29 -3.38
C ALA B 68 19.48 -2.14 -4.35
N LEU B 69 18.87 -2.41 -5.49
CA LEU B 69 19.48 -3.19 -6.55
C LEU B 69 20.36 -2.27 -7.41
N PRO B 70 21.40 -2.83 -8.06
CA PRO B 70 22.29 -2.05 -8.92
C PRO B 70 21.57 -1.50 -10.14
N HIS B 71 21.35 -0.19 -10.14
CA HIS B 71 20.66 0.47 -11.24
C HIS B 71 21.65 1.25 -12.08
N MET A 6 -13.72 16.81 10.04
CA MET A 6 -12.62 15.96 10.54
C MET A 6 -11.42 16.04 9.59
N ILE A 7 -10.24 16.14 10.15
CA ILE A 7 -9.03 16.25 9.35
C ILE A 7 -8.20 14.98 9.41
N VAL A 8 -7.88 14.46 8.24
CA VAL A 8 -7.08 13.25 8.11
C VAL A 8 -5.93 13.52 7.14
N PHE A 9 -4.75 13.00 7.43
CA PHE A 9 -3.60 13.18 6.57
C PHE A 9 -3.51 12.05 5.56
N VAL A 10 -3.71 12.39 4.30
CA VAL A 10 -3.68 11.41 3.23
C VAL A 10 -2.30 11.36 2.57
N ARG A 11 -1.67 10.20 2.69
CA ARG A 11 -0.35 9.98 2.13
C ARG A 11 -0.48 9.14 0.86
N PHE A 12 -0.26 9.76 -0.29
CA PHE A 12 -0.39 9.05 -1.56
C PHE A 12 0.96 8.72 -2.17
N ASN A 13 1.44 7.52 -1.88
CA ASN A 13 2.72 7.03 -2.43
C ASN A 13 3.85 8.05 -2.23
N SER A 14 3.85 8.70 -1.07
CA SER A 14 4.85 9.70 -0.76
C SER A 14 5.34 9.49 0.67
N SER A 15 6.05 10.48 1.19
CA SER A 15 6.57 10.41 2.55
C SER A 15 5.60 11.10 3.52
N TYR A 16 5.14 12.28 3.12
CA TYR A 16 4.22 13.08 3.93
C TYR A 16 2.78 12.85 3.46
N GLY A 17 1.88 13.71 3.93
CA GLY A 17 0.48 13.58 3.55
C GLY A 17 -0.26 14.89 3.60
N PHE A 18 -1.29 15.02 2.78
CA PHE A 18 -2.08 16.24 2.74
C PHE A 18 -3.39 16.04 3.51
N PRO A 19 -3.76 17.02 4.35
CA PRO A 19 -4.98 16.94 5.15
C PRO A 19 -6.25 17.14 4.32
N VAL A 20 -7.15 16.17 4.41
CA VAL A 20 -8.42 16.23 3.71
C VAL A 20 -9.57 16.34 4.70
N GLU A 21 -10.46 17.30 4.46
CA GLU A 21 -11.60 17.52 5.34
C GLU A 21 -12.73 16.54 5.02
N VAL A 22 -12.99 15.66 5.96
CA VAL A 22 -14.04 14.66 5.82
C VAL A 22 -14.94 14.65 7.04
N ASP A 23 -15.90 13.73 7.07
CA ASP A 23 -16.83 13.62 8.19
C ASP A 23 -16.78 12.21 8.80
N SER A 24 -17.62 11.96 9.78
CA SER A 24 -17.66 10.66 10.44
C SER A 24 -18.29 9.57 9.56
N ASP A 25 -19.19 9.93 8.67
CA ASP A 25 -19.87 8.94 7.85
C ASP A 25 -19.28 8.85 6.44
N THR A 26 -18.11 9.44 6.23
CA THR A 26 -17.47 9.36 4.93
C THR A 26 -16.97 7.94 4.68
N SER A 27 -17.21 7.43 3.48
CA SER A 27 -16.78 6.09 3.11
C SER A 27 -15.38 6.13 2.52
N ILE A 28 -14.63 5.06 2.75
CA ILE A 28 -13.26 4.97 2.24
C ILE A 28 -13.21 5.11 0.72
N PHE A 29 -14.16 4.48 0.03
CA PHE A 29 -14.22 4.56 -1.43
C PHE A 29 -14.30 6.00 -1.92
N GLN A 30 -15.07 6.82 -1.22
CA GLN A 30 -15.23 8.23 -1.59
C GLN A 30 -13.91 8.97 -1.45
N LEU A 31 -13.29 8.84 -0.28
CA LEU A 31 -11.99 9.48 -0.01
C LEU A 31 -10.96 9.02 -1.03
N LYS A 32 -11.09 7.78 -1.46
CA LYS A 32 -10.19 7.18 -2.43
C LYS A 32 -10.33 7.88 -3.78
N GLU A 33 -11.58 8.08 -4.20
CA GLU A 33 -11.88 8.74 -5.46
C GLU A 33 -11.37 10.19 -5.47
N VAL A 34 -11.35 10.81 -4.30
CA VAL A 34 -10.88 12.19 -4.18
C VAL A 34 -9.43 12.29 -4.65
N VAL A 35 -8.63 11.32 -4.27
CA VAL A 35 -7.22 11.30 -4.66
C VAL A 35 -7.08 10.76 -6.08
N ALA A 36 -8.01 9.89 -6.47
CA ALA A 36 -8.00 9.29 -7.80
C ALA A 36 -8.06 10.36 -8.87
N LYS A 37 -8.98 11.30 -8.72
CA LYS A 37 -9.14 12.38 -9.70
C LYS A 37 -8.05 13.44 -9.54
N ARG A 38 -7.26 13.33 -8.48
CA ARG A 38 -6.19 14.29 -8.24
C ARG A 38 -4.98 13.97 -9.11
N GLN A 39 -4.63 12.69 -9.20
CA GLN A 39 -3.49 12.26 -9.99
C GLN A 39 -3.91 11.53 -11.26
N GLY A 40 -5.22 11.34 -11.42
CA GLY A 40 -5.74 10.66 -12.60
C GLY A 40 -5.41 9.18 -12.59
N VAL A 41 -5.71 8.52 -11.49
CA VAL A 41 -5.45 7.10 -11.35
C VAL A 41 -6.76 6.36 -11.06
N PRO A 42 -7.05 5.27 -11.81
CA PRO A 42 -8.27 4.47 -11.63
C PRO A 42 -8.51 4.12 -10.16
N ALA A 43 -9.71 4.43 -9.68
CA ALA A 43 -10.08 4.17 -8.29
C ALA A 43 -10.05 2.69 -7.95
N ASP A 44 -10.28 1.84 -8.95
CA ASP A 44 -10.30 0.39 -8.74
C ASP A 44 -8.90 -0.17 -8.47
N GLN A 45 -7.88 0.63 -8.75
CA GLN A 45 -6.51 0.19 -8.54
C GLN A 45 -5.91 0.82 -7.28
N LEU A 46 -6.68 1.65 -6.60
CA LEU A 46 -6.19 2.31 -5.40
C LEU A 46 -6.59 1.56 -4.13
N ARG A 47 -5.64 1.44 -3.21
CA ARG A 47 -5.87 0.75 -1.94
C ARG A 47 -5.58 1.72 -0.79
N VAL A 48 -6.21 1.51 0.35
CA VAL A 48 -6.01 2.38 1.51
C VAL A 48 -5.55 1.56 2.71
N ILE A 49 -4.40 1.91 3.27
CA ILE A 49 -3.87 1.19 4.41
C ILE A 49 -3.68 2.13 5.59
N PHE A 50 -4.24 1.76 6.73
CA PHE A 50 -4.14 2.57 7.94
C PHE A 50 -3.69 1.71 9.11
N ALA A 51 -2.52 2.06 9.66
CA ALA A 51 -1.93 1.35 10.80
C ALA A 51 -1.81 -0.15 10.56
N GLY A 52 -1.32 -0.52 9.38
CA GLY A 52 -1.14 -1.93 9.05
C GLY A 52 -2.45 -2.65 8.76
N LYS A 53 -3.50 -1.89 8.54
CA LYS A 53 -4.82 -2.45 8.25
C LYS A 53 -5.39 -1.84 6.99
N GLU A 54 -5.65 -2.66 5.98
CA GLU A 54 -6.23 -2.18 4.74
C GLU A 54 -7.70 -1.84 4.97
N LEU A 55 -8.01 -0.57 4.94
CA LEU A 55 -9.37 -0.11 5.16
C LEU A 55 -10.25 -0.45 3.98
N GLN A 56 -11.26 -1.29 4.23
CA GLN A 56 -12.18 -1.70 3.18
C GLN A 56 -12.87 -0.47 2.60
N ASN A 57 -12.89 -0.40 1.28
CA ASN A 57 -13.46 0.74 0.56
C ASN A 57 -14.92 1.01 0.96
N HIS A 58 -15.66 -0.01 1.35
CA HIS A 58 -17.06 0.17 1.71
C HIS A 58 -17.22 0.48 3.20
N LEU A 59 -16.13 0.70 3.90
CA LEU A 59 -16.18 1.04 5.32
C LEU A 59 -16.26 2.54 5.50
N THR A 60 -16.68 2.95 6.68
CA THR A 60 -16.81 4.36 7.01
C THR A 60 -15.85 4.74 8.13
N VAL A 61 -15.61 6.04 8.29
CA VAL A 61 -14.71 6.53 9.32
C VAL A 61 -15.15 6.04 10.70
N GLN A 62 -16.44 6.20 11.01
CA GLN A 62 -17.00 5.79 12.29
C GLN A 62 -17.17 4.27 12.40
N ASN A 63 -16.66 3.53 11.42
CA ASN A 63 -16.77 2.07 11.45
C ASN A 63 -15.39 1.44 11.61
N CYS A 64 -14.42 2.27 11.98
CA CYS A 64 -13.05 1.82 12.19
C CYS A 64 -12.38 2.68 13.25
N ASP A 65 -11.14 2.39 13.58
CA ASP A 65 -10.41 3.13 14.61
C ASP A 65 -9.79 4.42 14.04
N LEU A 66 -10.49 5.06 13.12
CA LEU A 66 -10.01 6.30 12.53
C LEU A 66 -10.45 7.48 13.38
N GLU A 67 -9.51 8.35 13.69
CA GLU A 67 -9.80 9.52 14.52
C GLU A 67 -9.19 10.79 13.90
N GLN A 68 -9.30 11.90 14.61
CA GLN A 68 -8.78 13.18 14.15
C GLN A 68 -7.25 13.17 14.09
N GLN A 69 -6.71 13.77 13.02
CA GLN A 69 -5.26 13.88 12.83
C GLN A 69 -4.61 12.54 12.50
N SER A 70 -5.39 11.58 12.06
CA SER A 70 -4.84 10.27 11.70
C SER A 70 -4.22 10.32 10.31
N ILE A 71 -3.21 9.51 10.07
CA ILE A 71 -2.56 9.45 8.78
C ILE A 71 -2.89 8.14 8.07
N VAL A 72 -3.27 8.24 6.81
CA VAL A 72 -3.62 7.08 6.03
C VAL A 72 -2.71 6.96 4.81
N HIS A 73 -2.36 5.74 4.45
CA HIS A 73 -1.49 5.52 3.32
C HIS A 73 -2.27 4.96 2.15
N ILE A 74 -2.49 5.79 1.14
CA ILE A 74 -3.22 5.37 -0.04
C ILE A 74 -2.24 5.10 -1.17
N VAL A 75 -2.09 3.85 -1.53
CA VAL A 75 -1.18 3.45 -2.58
C VAL A 75 -1.90 2.67 -3.66
N GLN A 76 -1.34 2.66 -4.85
CA GLN A 76 -1.92 1.96 -5.98
C GLN A 76 -1.40 0.53 -6.08
N ARG A 77 -2.31 -0.41 -6.26
CA ARG A 77 -1.95 -1.80 -6.42
C ARG A 77 -2.14 -2.16 -7.89
N PRO A 78 -1.08 -2.59 -8.58
CA PRO A 78 -1.17 -2.94 -9.98
C PRO A 78 -1.93 -4.23 -10.19
N GLN A 79 -2.99 -4.17 -10.98
CA GLN A 79 -3.77 -5.35 -11.26
C GLN A 79 -3.24 -6.02 -12.51
N ARG A 80 -2.40 -7.03 -12.33
CA ARG A 80 -1.80 -7.75 -13.44
C ARG A 80 -2.50 -9.07 -13.64
N LYS A 81 -3.19 -9.21 -14.75
CA LYS A 81 -3.90 -10.44 -15.06
C LYS A 81 -3.44 -10.98 -16.39
N ASP B 10 25.06 -5.30 0.67
CA ASP B 10 25.37 -6.68 0.22
C ASP B 10 24.22 -7.23 -0.62
N GLN B 11 23.51 -8.25 -0.12
CA GLN B 11 22.41 -8.85 -0.83
C GLN B 11 21.17 -7.96 -0.75
N PRO B 12 20.63 -7.55 -1.92
CA PRO B 12 19.43 -6.73 -2.00
C PRO B 12 18.28 -7.30 -1.17
N CYS B 13 17.65 -6.45 -0.36
CA CYS B 13 16.56 -6.88 0.48
C CYS B 13 15.66 -5.69 0.82
N CYS B 14 14.40 -5.96 1.09
CA CYS B 14 13.45 -4.91 1.44
C CYS B 14 12.72 -5.27 2.72
N ARG B 15 12.17 -4.25 3.37
CA ARG B 15 11.44 -4.43 4.61
C ARG B 15 9.97 -4.18 4.36
N ALA B 16 9.15 -5.17 4.61
CA ALA B 16 7.71 -5.05 4.42
C ALA B 16 7.12 -3.99 5.35
N LEU B 17 6.61 -2.92 4.77
CA LEU B 17 6.01 -1.84 5.53
C LEU B 17 4.62 -2.22 6.00
N TYR B 18 3.99 -3.11 5.25
CA TYR B 18 2.65 -3.58 5.55
C TYR B 18 2.54 -5.06 5.18
N ASP B 19 1.53 -5.73 5.73
CA ASP B 19 1.31 -7.13 5.45
C ASP B 19 0.74 -7.30 4.05
N PHE B 20 1.03 -8.42 3.42
CA PHE B 20 0.53 -8.69 2.08
C PHE B 20 0.00 -10.10 1.99
N GLU B 21 -1.32 -10.21 1.84
CA GLU B 21 -1.97 -11.49 1.71
C GLU B 21 -2.10 -11.86 0.24
N PRO B 22 -1.55 -13.02 -0.17
CA PRO B 22 -1.59 -13.47 -1.55
C PRO B 22 -3.02 -13.74 -2.03
N GLU B 23 -3.41 -13.05 -3.09
CA GLU B 23 -4.74 -13.21 -3.67
C GLU B 23 -4.62 -13.83 -5.06
N ASN B 24 -3.49 -13.58 -5.70
CA ASN B 24 -3.23 -14.10 -7.04
C ASN B 24 -2.16 -15.18 -6.96
N GLU B 25 -2.05 -15.97 -8.02
CA GLU B 25 -1.07 -17.04 -8.07
C GLU B 25 0.29 -16.49 -8.46
N GLY B 26 1.22 -16.56 -7.52
CA GLY B 26 2.56 -16.06 -7.76
C GLY B 26 2.90 -14.90 -6.85
N GLU B 27 1.90 -14.40 -6.14
CA GLU B 27 2.10 -13.29 -5.22
C GLU B 27 2.81 -13.77 -3.97
N LEU B 28 3.87 -13.09 -3.59
CA LEU B 28 4.63 -13.44 -2.41
C LEU B 28 4.00 -12.81 -1.17
N GLY B 29 3.45 -13.65 -0.31
CA GLY B 29 2.83 -13.16 0.90
C GLY B 29 3.84 -12.92 2.00
N PHE B 30 3.62 -11.87 2.79
CA PHE B 30 4.52 -11.53 3.88
C PHE B 30 3.79 -10.70 4.94
N LYS B 31 4.44 -10.47 6.06
CA LYS B 31 3.87 -9.69 7.14
C LYS B 31 4.69 -8.43 7.39
N GLU B 32 4.14 -7.51 8.17
CA GLU B 32 4.83 -6.26 8.47
C GLU B 32 6.13 -6.51 9.23
N GLY B 33 7.20 -5.88 8.77
CA GLY B 33 8.49 -6.02 9.41
C GLY B 33 9.33 -7.15 8.85
N ASP B 34 8.77 -7.90 7.91
CA ASP B 34 9.48 -9.02 7.31
C ASP B 34 10.46 -8.54 6.25
N ILE B 35 11.65 -9.12 6.27
CA ILE B 35 12.68 -8.78 5.30
C ILE B 35 12.61 -9.73 4.12
N ILE B 36 12.38 -9.19 2.94
CA ILE B 36 12.27 -9.98 1.73
C ILE B 36 13.54 -9.87 0.90
N THR B 37 14.10 -11.01 0.52
CA THR B 37 15.30 -11.01 -0.29
C THR B 37 14.97 -10.61 -1.71
N LEU B 38 15.27 -9.37 -2.05
CA LEU B 38 15.00 -8.82 -3.38
C LEU B 38 15.87 -9.52 -4.42
N THR B 39 15.23 -10.07 -5.45
CA THR B 39 15.96 -10.79 -6.48
C THR B 39 15.94 -10.06 -7.84
N ASN B 40 14.80 -9.47 -8.20
CA ASN B 40 14.67 -8.78 -9.48
C ASN B 40 13.46 -7.86 -9.48
N GLN B 41 13.32 -7.07 -10.55
CA GLN B 41 12.20 -6.17 -10.71
C GLN B 41 11.51 -6.46 -12.03
N ILE B 42 10.19 -6.60 -12.01
CA ILE B 42 9.44 -6.89 -13.23
C ILE B 42 9.23 -5.62 -14.03
N ASP B 43 8.35 -4.77 -13.53
CA ASP B 43 8.03 -3.52 -14.20
C ASP B 43 8.20 -2.35 -13.23
N GLU B 44 7.48 -1.27 -13.49
CA GLU B 44 7.57 -0.07 -12.66
C GLU B 44 6.72 -0.17 -11.38
N ASN B 45 6.08 -1.31 -11.14
CA ASN B 45 5.26 -1.45 -9.94
C ASN B 45 5.40 -2.82 -9.28
N TRP B 46 5.87 -3.81 -10.02
CA TRP B 46 6.04 -5.16 -9.48
C TRP B 46 7.51 -5.48 -9.17
N TYR B 47 7.75 -6.00 -7.97
CA TYR B 47 9.08 -6.39 -7.53
C TYR B 47 9.11 -7.89 -7.26
N GLU B 48 10.25 -8.52 -7.52
CA GLU B 48 10.41 -9.95 -7.31
C GLU B 48 11.30 -10.19 -6.09
N GLY B 49 10.91 -11.12 -5.23
CA GLY B 49 11.69 -11.40 -4.06
C GLY B 49 11.45 -12.79 -3.50
N MET B 50 12.17 -13.11 -2.45
CA MET B 50 12.07 -14.40 -1.79
C MET B 50 11.99 -14.23 -0.27
N LEU B 51 11.08 -14.96 0.35
CA LEU B 51 10.90 -14.91 1.80
C LEU B 51 10.92 -16.32 2.39
N HIS B 52 11.99 -16.64 3.10
CA HIS B 52 12.16 -17.94 3.75
C HIS B 52 12.09 -19.08 2.73
N GLY B 53 12.61 -18.82 1.54
CA GLY B 53 12.61 -19.82 0.50
C GLY B 53 11.52 -19.59 -0.52
N GLN B 54 10.33 -19.23 -0.05
CA GLN B 54 9.20 -18.97 -0.92
C GLN B 54 9.49 -17.73 -1.77
N SER B 55 9.34 -17.86 -3.08
CA SER B 55 9.61 -16.75 -3.99
C SER B 55 8.34 -16.35 -4.73
N GLY B 56 8.26 -15.07 -5.08
CA GLY B 56 7.11 -14.56 -5.81
C GLY B 56 7.23 -13.08 -6.06
N PHE B 57 6.20 -12.48 -6.63
CA PHE B 57 6.20 -11.06 -6.91
C PHE B 57 5.27 -10.30 -5.97
N PHE B 58 5.55 -9.02 -5.80
CA PHE B 58 4.75 -8.16 -4.93
C PHE B 58 4.91 -6.69 -5.37
N PRO B 59 3.99 -5.80 -4.96
CA PRO B 59 4.07 -4.38 -5.34
C PRO B 59 5.24 -3.66 -4.67
N ILE B 60 5.96 -2.88 -5.46
CA ILE B 60 7.12 -2.12 -4.98
C ILE B 60 6.74 -1.08 -3.92
N ASN B 61 5.57 -0.48 -4.08
CA ASN B 61 5.10 0.56 -3.17
C ASN B 61 4.44 -0.02 -1.92
N TYR B 62 4.82 -1.24 -1.56
CA TYR B 62 4.28 -1.89 -0.37
C TYR B 62 5.41 -2.25 0.59
N VAL B 63 6.65 -2.00 0.16
CA VAL B 63 7.81 -2.32 0.98
C VAL B 63 8.79 -1.16 1.05
N GLU B 64 9.72 -1.26 1.99
CA GLU B 64 10.77 -0.25 2.19
C GLU B 64 12.07 -0.81 1.64
N ILE B 65 12.75 -0.06 0.79
CA ILE B 65 13.99 -0.53 0.18
C ILE B 65 15.19 -0.29 1.10
N LEU B 66 15.84 -1.37 1.52
CA LEU B 66 17.02 -1.26 2.37
C LEU B 66 18.26 -1.37 1.49
N VAL B 67 18.35 -2.48 0.77
CA VAL B 67 19.43 -2.73 -0.15
C VAL B 67 18.84 -2.85 -1.55
N ALA B 68 19.02 -1.81 -2.35
CA ALA B 68 18.45 -1.73 -3.70
C ALA B 68 19.16 -2.64 -4.70
N LEU B 69 18.49 -2.81 -5.84
CA LEU B 69 19.00 -3.61 -6.95
C LEU B 69 19.98 -2.77 -7.76
N PRO B 70 21.12 -3.35 -8.17
CA PRO B 70 22.13 -2.64 -8.97
C PRO B 70 21.52 -1.94 -10.19
N HIS B 71 21.67 -0.62 -10.24
CA HIS B 71 21.15 0.17 -11.34
C HIS B 71 22.09 1.33 -11.64
N MET A 6 -13.80 16.41 9.69
CA MET A 6 -12.71 15.54 10.17
C MET A 6 -11.54 15.58 9.19
N ILE A 7 -10.40 16.03 9.66
CA ILE A 7 -9.21 16.12 8.82
C ILE A 7 -8.40 14.83 8.90
N VAL A 8 -8.06 14.29 7.74
CA VAL A 8 -7.25 13.08 7.66
C VAL A 8 -6.03 13.34 6.79
N PHE A 9 -4.89 12.83 7.19
CA PHE A 9 -3.66 13.03 6.43
C PHE A 9 -3.49 11.90 5.43
N VAL A 10 -3.62 12.22 4.16
CA VAL A 10 -3.50 11.24 3.10
C VAL A 10 -2.12 11.31 2.45
N ARG A 11 -1.41 10.20 2.53
CA ARG A 11 -0.07 10.11 1.96
C ARG A 11 -0.10 9.21 0.73
N PHE A 12 0.45 9.69 -0.39
CA PHE A 12 0.46 8.92 -1.62
C PHE A 12 1.89 8.63 -2.09
N ASN A 13 2.45 7.54 -1.59
CA ASN A 13 3.82 7.11 -1.95
C ASN A 13 4.87 8.19 -1.69
N SER A 14 4.54 9.16 -0.84
CA SER A 14 5.46 10.25 -0.54
C SER A 14 5.87 10.23 0.93
N SER A 15 6.48 11.31 1.40
CA SER A 15 6.91 11.41 2.79
C SER A 15 5.83 12.06 3.66
N TYR A 16 5.20 13.11 3.15
CA TYR A 16 4.17 13.83 3.89
C TYR A 16 2.76 13.37 3.49
N GLY A 17 1.77 14.10 3.98
CA GLY A 17 0.38 13.75 3.69
C GLY A 17 -0.51 14.97 3.66
N PHE A 18 -1.33 15.09 2.62
CA PHE A 18 -2.22 16.24 2.49
C PHE A 18 -3.50 15.99 3.29
N PRO A 19 -3.96 17.01 4.02
CA PRO A 19 -5.16 16.89 4.84
C PRO A 19 -6.46 17.03 4.05
N VAL A 20 -7.32 16.04 4.19
CA VAL A 20 -8.61 16.04 3.52
C VAL A 20 -9.73 16.09 4.55
N GLU A 21 -10.70 16.96 4.33
CA GLU A 21 -11.82 17.10 5.27
C GLU A 21 -12.93 16.11 4.91
N VAL A 22 -13.07 15.10 5.73
CA VAL A 22 -14.10 14.07 5.55
C VAL A 22 -14.99 14.02 6.78
N ASP A 23 -15.95 13.11 6.78
CA ASP A 23 -16.86 12.95 7.91
C ASP A 23 -16.87 11.50 8.38
N SER A 24 -17.58 11.23 9.46
CA SER A 24 -17.64 9.89 10.03
C SER A 24 -18.35 8.89 9.12
N ASP A 25 -19.27 9.37 8.31
CA ASP A 25 -20.04 8.52 7.40
C ASP A 25 -19.29 8.29 6.09
N THR A 26 -18.18 9.00 5.90
CA THR A 26 -17.39 8.88 4.69
C THR A 26 -16.85 7.45 4.54
N SER A 27 -17.02 6.92 3.34
CA SER A 27 -16.55 5.58 3.03
C SER A 27 -15.17 5.63 2.41
N ILE A 28 -14.40 4.56 2.57
CA ILE A 28 -13.06 4.47 2.02
C ILE A 28 -13.04 4.77 0.53
N PHE A 29 -14.06 4.29 -0.18
CA PHE A 29 -14.19 4.53 -1.62
C PHE A 29 -14.09 6.01 -1.95
N GLN A 30 -14.75 6.85 -1.16
CA GLN A 30 -14.74 8.30 -1.37
C GLN A 30 -13.32 8.84 -1.21
N LEU A 31 -12.68 8.48 -0.10
CA LEU A 31 -11.31 8.91 0.19
C LEU A 31 -10.36 8.50 -0.94
N LYS A 32 -10.61 7.33 -1.52
CA LYS A 32 -9.80 6.84 -2.63
C LYS A 32 -10.00 7.71 -3.86
N GLU A 33 -11.26 8.05 -4.11
CA GLU A 33 -11.61 8.88 -5.26
C GLU A 33 -10.94 10.25 -5.20
N VAL A 34 -10.75 10.78 -3.98
CA VAL A 34 -10.11 12.07 -3.80
C VAL A 34 -8.70 12.06 -4.39
N VAL A 35 -8.01 10.94 -4.22
CA VAL A 35 -6.66 10.79 -4.73
C VAL A 35 -6.70 10.39 -6.21
N ALA A 36 -7.72 9.60 -6.57
CA ALA A 36 -7.89 9.13 -7.93
C ALA A 36 -7.98 10.29 -8.92
N LYS A 37 -8.83 11.26 -8.63
CA LYS A 37 -9.01 12.41 -9.50
C LYS A 37 -7.83 13.38 -9.39
N ARG A 38 -7.05 13.24 -8.33
CA ARG A 38 -5.91 14.11 -8.10
C ARG A 38 -4.68 13.66 -8.88
N GLN A 39 -4.40 12.37 -8.85
CA GLN A 39 -3.23 11.83 -9.54
C GLN A 39 -3.59 11.24 -10.89
N GLY A 40 -4.89 11.14 -11.17
CA GLY A 40 -5.32 10.58 -12.44
C GLY A 40 -5.08 9.08 -12.50
N VAL A 41 -5.39 8.40 -11.40
CA VAL A 41 -5.19 6.97 -11.29
C VAL A 41 -6.49 6.30 -10.84
N PRO A 42 -6.89 5.19 -11.50
CA PRO A 42 -8.11 4.45 -11.15
C PRO A 42 -8.24 4.19 -9.65
N ALA A 43 -9.38 4.57 -9.09
CA ALA A 43 -9.64 4.39 -7.67
C ALA A 43 -9.67 2.91 -7.29
N ASP A 44 -10.04 2.06 -8.24
CA ASP A 44 -10.11 0.62 -8.00
C ASP A 44 -8.73 0.01 -7.85
N GLN A 45 -7.70 0.80 -8.12
CA GLN A 45 -6.33 0.33 -8.00
C GLN A 45 -5.65 0.98 -6.81
N LEU A 46 -6.41 1.75 -6.03
CA LEU A 46 -5.86 2.43 -4.87
C LEU A 46 -6.22 1.70 -3.57
N ARG A 47 -5.29 1.68 -2.63
CA ARG A 47 -5.51 1.02 -1.35
C ARG A 47 -5.26 1.99 -0.20
N VAL A 48 -5.97 1.81 0.89
CA VAL A 48 -5.81 2.67 2.06
C VAL A 48 -5.31 1.84 3.23
N ILE A 49 -4.15 2.21 3.77
CA ILE A 49 -3.57 1.48 4.88
C ILE A 49 -3.37 2.37 6.10
N PHE A 50 -3.91 1.93 7.23
CA PHE A 50 -3.79 2.66 8.48
C PHE A 50 -3.14 1.77 9.54
N ALA A 51 -1.97 2.18 10.01
CA ALA A 51 -1.24 1.43 11.04
C ALA A 51 -1.04 -0.03 10.65
N GLY A 52 -0.73 -0.27 9.38
CA GLY A 52 -0.51 -1.63 8.91
C GLY A 52 -1.80 -2.39 8.63
N LYS A 53 -2.93 -1.68 8.65
CA LYS A 53 -4.22 -2.30 8.39
C LYS A 53 -4.84 -1.76 7.11
N GLU A 54 -5.08 -2.66 6.15
CA GLU A 54 -5.71 -2.29 4.90
C GLU A 54 -7.21 -2.08 5.11
N LEU A 55 -7.70 -0.90 4.76
CA LEU A 55 -9.11 -0.59 4.93
C LEU A 55 -9.90 -0.98 3.69
N GLN A 56 -10.98 -1.73 3.91
CA GLN A 56 -11.83 -2.20 2.84
C GLN A 56 -12.59 -1.03 2.19
N ASN A 57 -12.72 -1.10 0.86
CA ASN A 57 -13.41 -0.09 0.06
C ASN A 57 -14.76 0.35 0.65
N HIS A 58 -15.53 -0.61 1.14
CA HIS A 58 -16.86 -0.31 1.67
C HIS A 58 -16.85 0.03 3.16
N LEU A 59 -15.68 0.25 3.74
CA LEU A 59 -15.60 0.60 5.15
C LEU A 59 -15.85 2.09 5.34
N THR A 60 -16.43 2.44 6.48
CA THR A 60 -16.72 3.83 6.79
C THR A 60 -15.85 4.29 7.95
N VAL A 61 -15.63 5.60 8.04
CA VAL A 61 -14.82 6.19 9.09
C VAL A 61 -15.28 5.74 10.48
N GLN A 62 -16.58 5.83 10.73
CA GLN A 62 -17.15 5.45 12.02
C GLN A 62 -17.15 3.94 12.25
N ASN A 63 -16.60 3.18 11.31
CA ASN A 63 -16.56 1.73 11.43
C ASN A 63 -15.12 1.22 11.35
N CYS A 64 -14.16 2.07 11.65
CA CYS A 64 -12.76 1.68 11.61
C CYS A 64 -11.93 2.59 12.51
N ASP A 65 -10.62 2.38 12.50
CA ASP A 65 -9.69 3.15 13.32
C ASP A 65 -9.39 4.51 12.69
N LEU A 66 -10.41 5.32 12.51
CA LEU A 66 -10.23 6.63 11.94
C LEU A 66 -10.84 7.71 12.83
N GLU A 67 -9.98 8.35 13.62
CA GLU A 67 -10.40 9.41 14.52
C GLU A 67 -9.98 10.76 13.94
N GLN A 68 -10.15 11.82 14.71
CA GLN A 68 -9.77 13.15 14.26
C GLN A 68 -8.27 13.27 14.03
N GLN A 69 -7.90 13.74 12.84
CA GLN A 69 -6.51 13.95 12.46
C GLN A 69 -5.72 12.64 12.41
N SER A 70 -6.26 11.66 11.70
CA SER A 70 -5.60 10.39 11.57
C SER A 70 -4.81 10.36 10.26
N ILE A 71 -3.67 9.67 10.27
CA ILE A 71 -2.84 9.59 9.08
C ILE A 71 -3.03 8.25 8.39
N VAL A 72 -3.24 8.28 7.08
CA VAL A 72 -3.43 7.08 6.30
C VAL A 72 -2.52 7.09 5.09
N HIS A 73 -2.06 5.93 4.70
CA HIS A 73 -1.19 5.83 3.53
C HIS A 73 -1.96 5.20 2.39
N ILE A 74 -2.29 6.02 1.41
CA ILE A 74 -3.02 5.56 0.25
C ILE A 74 -2.04 5.35 -0.89
N VAL A 75 -1.72 4.09 -1.13
CA VAL A 75 -0.81 3.75 -2.20
C VAL A 75 -1.53 2.95 -3.27
N GLN A 76 -0.99 3.00 -4.47
CA GLN A 76 -1.58 2.31 -5.60
C GLN A 76 -1.10 0.85 -5.64
N ARG A 77 -2.05 -0.07 -5.63
CA ARG A 77 -1.73 -1.49 -5.68
C ARG A 77 -2.25 -2.06 -6.99
N PRO A 78 -1.34 -2.29 -7.94
CA PRO A 78 -1.71 -2.82 -9.24
C PRO A 78 -2.08 -4.29 -9.14
N GLN A 79 -2.90 -4.75 -10.08
CA GLN A 79 -3.32 -6.13 -10.09
C GLN A 79 -2.90 -6.80 -11.39
N ARG A 80 -2.17 -7.90 -11.28
CA ARG A 80 -1.69 -8.62 -12.44
C ARG A 80 -2.61 -9.77 -12.77
N LYS A 81 -3.47 -9.58 -13.75
CA LYS A 81 -4.41 -10.61 -14.17
C LYS A 81 -4.54 -10.58 -15.69
N ASP B 10 25.11 -7.11 1.51
CA ASP B 10 25.21 -6.45 0.19
C ASP B 10 24.14 -6.94 -0.76
N GLN B 11 23.44 -8.01 -0.39
CA GLN B 11 22.36 -8.55 -1.24
C GLN B 11 21.10 -7.70 -1.11
N PRO B 12 20.56 -7.22 -2.24
CA PRO B 12 19.33 -6.42 -2.27
C PRO B 12 18.20 -7.05 -1.48
N CYS B 13 17.59 -6.26 -0.62
CA CYS B 13 16.49 -6.73 0.22
C CYS B 13 15.53 -5.60 0.53
N CYS B 14 14.27 -5.95 0.76
CA CYS B 14 13.24 -4.97 1.05
C CYS B 14 12.56 -5.29 2.38
N ARG B 15 12.06 -4.26 3.03
CA ARG B 15 11.39 -4.41 4.32
C ARG B 15 9.89 -4.15 4.15
N ALA B 16 9.07 -5.13 4.51
CA ALA B 16 7.63 -4.99 4.40
C ALA B 16 7.11 -3.86 5.29
N LEU B 17 6.52 -2.85 4.68
CA LEU B 17 6.00 -1.72 5.43
C LEU B 17 4.56 -1.97 5.84
N TYR B 18 3.86 -2.81 5.09
CA TYR B 18 2.47 -3.12 5.37
C TYR B 18 2.22 -4.60 5.18
N ASP B 19 1.06 -5.05 5.63
CA ASP B 19 0.67 -6.45 5.51
C ASP B 19 0.11 -6.70 4.11
N PHE B 20 0.73 -7.62 3.40
CA PHE B 20 0.28 -7.94 2.04
C PHE B 20 -0.23 -9.37 1.98
N GLU B 21 -1.55 -9.49 1.96
CA GLU B 21 -2.19 -10.78 1.89
C GLU B 21 -2.40 -11.19 0.43
N PRO B 22 -1.87 -12.35 0.03
CA PRO B 22 -1.99 -12.83 -1.35
C PRO B 22 -3.38 -13.32 -1.69
N GLU B 23 -3.92 -12.84 -2.80
CA GLU B 23 -5.25 -13.23 -3.24
C GLU B 23 -5.19 -13.79 -4.65
N ASN B 24 -4.03 -13.66 -5.28
CA ASN B 24 -3.83 -14.16 -6.63
C ASN B 24 -2.61 -15.08 -6.66
N GLU B 25 -2.66 -16.08 -7.52
CA GLU B 25 -1.57 -17.02 -7.65
C GLU B 25 -0.33 -16.37 -8.25
N GLY B 26 0.74 -16.36 -7.48
CA GLY B 26 1.99 -15.76 -7.92
C GLY B 26 2.39 -14.60 -7.04
N GLU B 27 1.45 -14.10 -6.24
CA GLU B 27 1.72 -13.00 -5.34
C GLU B 27 2.51 -13.48 -4.13
N LEU B 28 3.45 -12.68 -3.68
CA LEU B 28 4.24 -13.04 -2.51
C LEU B 28 3.67 -12.38 -1.27
N GLY B 29 3.11 -13.19 -0.39
CA GLY B 29 2.52 -12.67 0.83
C GLY B 29 3.56 -12.47 1.92
N PHE B 30 3.45 -11.37 2.63
CA PHE B 30 4.39 -11.07 3.70
C PHE B 30 3.72 -10.21 4.76
N LYS B 31 4.27 -10.21 5.96
CA LYS B 31 3.70 -9.45 7.05
C LYS B 31 4.52 -8.20 7.33
N GLU B 32 3.86 -7.20 7.88
CA GLU B 32 4.48 -5.92 8.22
C GLU B 32 5.73 -6.12 9.09
N GLY B 33 6.88 -5.72 8.56
CA GLY B 33 8.12 -5.84 9.29
C GLY B 33 9.03 -6.95 8.80
N ASP B 34 8.54 -7.77 7.87
CA ASP B 34 9.34 -8.88 7.35
C ASP B 34 10.34 -8.43 6.29
N ILE B 35 11.50 -9.07 6.29
CA ILE B 35 12.57 -8.76 5.34
C ILE B 35 12.49 -9.70 4.14
N ILE B 36 12.20 -9.14 2.97
CA ILE B 36 12.10 -9.93 1.76
C ILE B 36 13.35 -9.76 0.91
N THR B 37 13.82 -10.86 0.34
CA THR B 37 14.99 -10.83 -0.51
C THR B 37 14.61 -10.34 -1.91
N LEU B 38 15.16 -9.21 -2.32
CA LEU B 38 14.86 -8.65 -3.62
C LEU B 38 15.60 -9.41 -4.70
N THR B 39 14.85 -10.13 -5.52
CA THR B 39 15.43 -10.92 -6.59
C THR B 39 15.65 -10.10 -7.85
N ASN B 40 14.60 -9.39 -8.31
CA ASN B 40 14.70 -8.60 -9.53
C ASN B 40 13.47 -7.70 -9.71
N GLN B 41 13.60 -6.67 -10.53
CA GLN B 41 12.50 -5.76 -10.80
C GLN B 41 11.77 -6.20 -12.06
N ILE B 42 10.48 -6.49 -11.93
CA ILE B 42 9.69 -6.94 -13.07
C ILE B 42 9.28 -5.76 -13.94
N ASP B 43 8.42 -4.91 -13.41
CA ASP B 43 7.95 -3.75 -14.14
C ASP B 43 8.11 -2.49 -13.31
N GLU B 44 7.26 -1.50 -13.55
CA GLU B 44 7.33 -0.22 -12.85
C GLU B 44 6.63 -0.25 -11.51
N ASN B 45 5.98 -1.36 -11.17
CA ASN B 45 5.28 -1.45 -9.89
C ASN B 45 5.44 -2.80 -9.21
N TRP B 46 5.67 -3.86 -9.98
CA TRP B 46 5.82 -5.18 -9.41
C TRP B 46 7.29 -5.55 -9.19
N TYR B 47 7.56 -6.10 -8.01
CA TYR B 47 8.89 -6.51 -7.63
C TYR B 47 8.93 -8.03 -7.44
N GLU B 48 10.07 -8.62 -7.76
CA GLU B 48 10.26 -10.06 -7.62
C GLU B 48 11.09 -10.32 -6.37
N GLY B 49 10.62 -11.20 -5.50
CA GLY B 49 11.36 -11.47 -4.28
C GLY B 49 11.15 -12.86 -3.75
N MET B 50 11.96 -13.23 -2.77
CA MET B 50 11.89 -14.54 -2.14
C MET B 50 11.88 -14.39 -0.62
N LEU B 51 10.97 -15.07 0.03
CA LEU B 51 10.85 -15.02 1.48
C LEU B 51 10.50 -16.40 2.04
N HIS B 52 11.44 -16.97 2.80
CA HIS B 52 11.25 -18.28 3.43
C HIS B 52 10.98 -19.35 2.38
N GLY B 53 11.73 -19.29 1.28
CA GLY B 53 11.55 -20.25 0.20
C GLY B 53 10.49 -19.82 -0.78
N GLN B 54 9.42 -19.23 -0.27
CA GLN B 54 8.31 -18.75 -1.10
C GLN B 54 8.80 -17.63 -2.02
N SER B 55 8.62 -17.81 -3.31
CA SER B 55 9.02 -16.82 -4.29
C SER B 55 7.81 -16.32 -5.09
N GLY B 56 7.75 -15.02 -5.32
CA GLY B 56 6.64 -14.45 -6.07
C GLY B 56 6.83 -12.97 -6.32
N PHE B 57 5.78 -12.31 -6.79
CA PHE B 57 5.85 -10.88 -7.06
C PHE B 57 4.97 -10.09 -6.11
N PHE B 58 5.36 -8.84 -5.86
CA PHE B 58 4.63 -7.95 -4.96
C PHE B 58 4.87 -6.49 -5.36
N PRO B 59 3.98 -5.56 -4.97
CA PRO B 59 4.14 -4.14 -5.30
C PRO B 59 5.33 -3.49 -4.58
N ILE B 60 6.08 -2.68 -5.32
CA ILE B 60 7.26 -2.00 -4.78
C ILE B 60 6.89 -0.99 -3.70
N ASN B 61 5.75 -0.33 -3.87
CA ASN B 61 5.28 0.68 -2.93
C ASN B 61 4.71 0.07 -1.65
N TYR B 62 4.88 -1.24 -1.48
CA TYR B 62 4.40 -1.92 -0.28
C TYR B 62 5.57 -2.26 0.63
N VAL B 63 6.79 -2.04 0.12
CA VAL B 63 7.98 -2.36 0.89
C VAL B 63 8.98 -1.21 0.90
N GLU B 64 9.92 -1.29 1.81
CA GLU B 64 10.97 -0.29 1.96
C GLU B 64 12.29 -0.85 1.41
N ILE B 65 13.00 -0.04 0.67
CA ILE B 65 14.26 -0.48 0.07
C ILE B 65 15.42 -0.29 1.04
N LEU B 66 15.99 -1.40 1.48
CA LEU B 66 17.14 -1.36 2.38
C LEU B 66 18.41 -1.34 1.53
N VAL B 67 18.56 -2.39 0.74
CA VAL B 67 19.68 -2.51 -0.17
C VAL B 67 19.13 -2.51 -1.59
N ALA B 68 19.42 -1.45 -2.32
CA ALA B 68 18.91 -1.29 -3.68
C ALA B 68 19.57 -2.26 -4.67
N LEU B 69 18.83 -2.59 -5.71
CA LEU B 69 19.32 -3.46 -6.76
C LEU B 69 20.16 -2.65 -7.73
N PRO B 70 21.31 -3.19 -8.18
CA PRO B 70 22.20 -2.49 -9.13
C PRO B 70 21.46 -1.98 -10.35
N HIS B 71 21.44 -0.66 -10.51
CA HIS B 71 20.75 -0.03 -11.63
C HIS B 71 21.72 0.87 -12.39
N MET A 6 -14.26 16.37 9.90
CA MET A 6 -13.08 15.74 10.52
C MET A 6 -11.89 15.85 9.59
N ILE A 7 -10.71 16.07 10.17
CA ILE A 7 -9.49 16.20 9.39
C ILE A 7 -8.67 14.93 9.42
N VAL A 8 -8.29 14.46 8.24
CA VAL A 8 -7.48 13.26 8.10
C VAL A 8 -6.30 13.56 7.18
N PHE A 9 -5.18 12.91 7.44
CA PHE A 9 -3.99 13.13 6.63
C PHE A 9 -3.85 12.02 5.59
N VAL A 10 -3.95 12.39 4.32
CA VAL A 10 -3.85 11.42 3.25
C VAL A 10 -2.45 11.44 2.64
N ARG A 11 -1.84 10.28 2.56
CA ARG A 11 -0.51 10.16 1.99
C ARG A 11 -0.54 9.21 0.81
N PHE A 12 -0.04 9.68 -0.34
CA PHE A 12 -0.02 8.86 -1.55
C PHE A 12 1.41 8.54 -1.97
N ASN A 13 1.92 7.41 -1.47
CA ASN A 13 3.28 6.95 -1.78
C ASN A 13 4.31 8.05 -1.52
N SER A 14 4.05 8.88 -0.53
CA SER A 14 4.94 9.98 -0.20
C SER A 14 5.43 9.85 1.24
N SER A 15 6.06 10.89 1.74
CA SER A 15 6.56 10.91 3.09
C SER A 15 5.55 11.55 4.04
N TYR A 16 5.01 12.69 3.62
CA TYR A 16 4.05 13.45 4.43
C TYR A 16 2.61 13.13 4.02
N GLY A 17 1.67 13.87 4.60
CA GLY A 17 0.27 13.67 4.31
C GLY A 17 -0.49 14.97 4.30
N PHE A 18 -1.35 15.16 3.31
CA PHE A 18 -2.14 16.38 3.20
C PHE A 18 -3.48 16.21 3.92
N PRO A 19 -3.86 17.20 4.76
CA PRO A 19 -5.11 17.13 5.51
C PRO A 19 -6.34 17.39 4.63
N VAL A 20 -7.28 16.45 4.68
CA VAL A 20 -8.51 16.55 3.92
C VAL A 20 -9.70 16.61 4.87
N GLU A 21 -10.68 17.46 4.54
CA GLU A 21 -11.87 17.60 5.36
C GLU A 21 -12.93 16.60 4.93
N VAL A 22 -13.19 15.63 5.79
CA VAL A 22 -14.18 14.60 5.52
C VAL A 22 -15.16 14.49 6.67
N ASP A 23 -16.13 13.60 6.54
CA ASP A 23 -17.11 13.39 7.58
C ASP A 23 -17.12 11.94 8.03
N SER A 24 -17.84 11.66 9.10
CA SER A 24 -17.92 10.31 9.66
C SER A 24 -18.62 9.34 8.70
N ASP A 25 -19.50 9.88 7.86
CA ASP A 25 -20.26 9.07 6.92
C ASP A 25 -19.49 8.85 5.62
N THR A 26 -18.30 9.44 5.51
CA THR A 26 -17.48 9.29 4.32
C THR A 26 -16.99 7.86 4.16
N SER A 27 -17.14 7.33 2.95
CA SER A 27 -16.71 5.98 2.65
C SER A 27 -15.27 5.98 2.15
N ILE A 28 -14.60 4.85 2.34
CA ILE A 28 -13.22 4.70 1.89
C ILE A 28 -13.09 5.03 0.41
N PHE A 29 -14.06 4.59 -0.38
CA PHE A 29 -14.06 4.85 -1.82
C PHE A 29 -13.97 6.34 -2.10
N GLN A 30 -14.78 7.13 -1.39
CA GLN A 30 -14.79 8.58 -1.57
C GLN A 30 -13.41 9.18 -1.31
N LEU A 31 -12.81 8.81 -0.17
CA LEU A 31 -11.47 9.27 0.19
C LEU A 31 -10.45 8.89 -0.89
N LYS A 32 -10.71 7.79 -1.56
CA LYS A 32 -9.83 7.32 -2.62
C LYS A 32 -10.02 8.17 -3.86
N GLU A 33 -11.27 8.54 -4.14
CA GLU A 33 -11.61 9.39 -5.28
C GLU A 33 -10.85 10.70 -5.21
N VAL A 34 -10.68 11.20 -3.99
CA VAL A 34 -9.97 12.46 -3.74
C VAL A 34 -8.56 12.40 -4.33
N VAL A 35 -7.87 11.29 -4.11
CA VAL A 35 -6.52 11.11 -4.62
C VAL A 35 -6.55 10.75 -6.10
N ALA A 36 -7.56 9.99 -6.48
CA ALA A 36 -7.71 9.54 -7.87
C ALA A 36 -7.78 10.73 -8.83
N LYS A 37 -8.69 11.66 -8.57
CA LYS A 37 -8.86 12.83 -9.43
C LYS A 37 -7.69 13.81 -9.29
N ARG A 38 -6.93 13.68 -8.23
CA ARG A 38 -5.80 14.56 -7.99
C ARG A 38 -4.55 14.10 -8.73
N GLN A 39 -4.29 12.80 -8.70
CA GLN A 39 -3.09 12.24 -9.32
C GLN A 39 -3.37 11.70 -10.73
N GLY A 40 -4.63 11.46 -11.05
CA GLY A 40 -4.96 10.93 -12.35
C GLY A 40 -4.70 9.43 -12.40
N VAL A 41 -4.99 8.77 -11.28
CA VAL A 41 -4.80 7.34 -11.14
C VAL A 41 -6.11 6.67 -10.78
N PRO A 42 -6.46 5.54 -11.44
CA PRO A 42 -7.70 4.81 -11.17
C PRO A 42 -7.88 4.46 -9.69
N ALA A 43 -9.05 4.81 -9.15
CA ALA A 43 -9.37 4.57 -7.75
C ALA A 43 -9.52 3.08 -7.44
N ASP A 44 -9.78 2.28 -8.46
CA ASP A 44 -9.96 0.85 -8.27
C ASP A 44 -8.62 0.16 -7.98
N GLN A 45 -7.53 0.87 -8.27
CA GLN A 45 -6.20 0.33 -8.04
C GLN A 45 -5.60 0.89 -6.75
N LEU A 46 -6.27 1.86 -6.17
CA LEU A 46 -5.81 2.48 -4.93
C LEU A 46 -6.28 1.69 -3.70
N ARG A 47 -5.37 1.48 -2.76
CA ARG A 47 -5.68 0.76 -1.53
C ARG A 47 -5.35 1.66 -0.35
N VAL A 48 -6.06 1.50 0.76
CA VAL A 48 -5.83 2.33 1.93
C VAL A 48 -5.29 1.49 3.08
N ILE A 49 -4.11 1.85 3.56
CA ILE A 49 -3.48 1.14 4.65
C ILE A 49 -3.40 2.02 5.89
N PHE A 50 -4.12 1.64 6.94
CA PHE A 50 -4.12 2.38 8.18
C PHE A 50 -3.78 1.45 9.34
N ALA A 51 -2.71 1.77 10.07
CA ALA A 51 -2.28 0.98 11.21
C ALA A 51 -1.96 -0.46 10.81
N GLY A 52 -1.50 -0.62 9.58
CA GLY A 52 -1.17 -1.95 9.07
C GLY A 52 -2.41 -2.74 8.68
N LYS A 53 -3.52 -2.04 8.48
CA LYS A 53 -4.78 -2.67 8.11
C LYS A 53 -5.35 -2.05 6.84
N GLU A 54 -5.62 -2.89 5.85
CA GLU A 54 -6.20 -2.43 4.59
C GLU A 54 -7.69 -2.17 4.79
N LEU A 55 -8.08 -0.91 4.71
CA LEU A 55 -9.47 -0.52 4.89
C LEU A 55 -10.29 -0.87 3.66
N GLN A 56 -11.36 -1.62 3.87
CA GLN A 56 -12.24 -2.05 2.79
C GLN A 56 -12.93 -0.85 2.15
N ASN A 57 -12.99 -0.89 0.82
CA ASN A 57 -13.62 0.16 0.00
C ASN A 57 -15.04 0.51 0.44
N HIS A 58 -15.76 -0.48 0.97
CA HIS A 58 -17.14 -0.28 1.39
C HIS A 58 -17.25 0.24 2.83
N LEU A 59 -16.12 0.37 3.51
CA LEU A 59 -16.13 0.85 4.89
C LEU A 59 -16.26 2.36 4.95
N THR A 60 -16.77 2.85 6.07
CA THR A 60 -16.92 4.27 6.29
C THR A 60 -16.07 4.67 7.48
N VAL A 61 -15.85 5.97 7.67
CA VAL A 61 -15.05 6.46 8.79
C VAL A 61 -15.59 5.92 10.12
N GLN A 62 -16.89 6.04 10.31
CA GLN A 62 -17.56 5.57 11.52
C GLN A 62 -17.70 4.05 11.56
N ASN A 63 -17.07 3.36 10.62
CA ASN A 63 -17.15 1.91 10.55
C ASN A 63 -15.79 1.26 10.68
N CYS A 64 -14.76 2.08 10.82
CA CYS A 64 -13.39 1.57 10.93
C CYS A 64 -12.67 2.19 12.12
N ASP A 65 -11.34 2.14 12.10
CA ASP A 65 -10.51 2.68 13.17
C ASP A 65 -10.07 4.11 12.87
N LEU A 66 -10.89 4.86 12.14
CA LEU A 66 -10.52 6.22 11.80
C LEU A 66 -11.12 7.21 12.79
N GLU A 67 -10.28 8.07 13.34
CA GLU A 67 -10.71 9.09 14.29
C GLU A 67 -10.12 10.43 13.91
N GLN A 68 -10.44 11.47 14.66
CA GLN A 68 -9.94 12.81 14.40
C GLN A 68 -8.41 12.87 14.38
N GLN A 69 -7.87 13.51 13.34
CA GLN A 69 -6.42 13.68 13.18
C GLN A 69 -5.69 12.35 13.01
N SER A 70 -6.13 11.58 12.02
CA SER A 70 -5.49 10.30 11.73
C SER A 70 -4.87 10.32 10.34
N ILE A 71 -3.78 9.60 10.16
CA ILE A 71 -3.10 9.56 8.86
C ILE A 71 -3.34 8.22 8.17
N VAL A 72 -3.51 8.27 6.86
CA VAL A 72 -3.75 7.07 6.08
C VAL A 72 -2.79 7.01 4.90
N HIS A 73 -2.38 5.82 4.53
CA HIS A 73 -1.46 5.67 3.41
C HIS A 73 -2.18 5.02 2.25
N ILE A 74 -2.42 5.80 1.22
CA ILE A 74 -3.10 5.31 0.04
C ILE A 74 -2.08 5.07 -1.06
N VAL A 75 -1.82 3.81 -1.33
CA VAL A 75 -0.88 3.42 -2.36
C VAL A 75 -1.57 2.65 -3.46
N GLN A 76 -0.98 2.66 -4.64
CA GLN A 76 -1.56 1.97 -5.77
C GLN A 76 -1.09 0.52 -5.80
N ARG A 77 -2.02 -0.41 -5.66
CA ARG A 77 -1.69 -1.82 -5.69
C ARG A 77 -2.17 -2.42 -6.99
N PRO A 78 -1.25 -2.73 -7.90
CA PRO A 78 -1.60 -3.30 -9.20
C PRO A 78 -2.26 -4.67 -9.06
N GLN A 79 -3.17 -4.98 -9.95
CA GLN A 79 -3.86 -6.26 -9.93
C GLN A 79 -3.47 -7.08 -11.15
N ARG A 80 -2.46 -7.92 -10.96
CA ARG A 80 -1.98 -8.77 -12.03
C ARG A 80 -2.72 -10.09 -12.02
N LYS A 81 -3.74 -10.17 -12.87
CA LYS A 81 -4.56 -11.35 -12.98
C LYS A 81 -5.09 -11.48 -14.40
N ASP B 10 25.24 -6.35 1.10
CA ASP B 10 25.42 -6.42 -0.36
C ASP B 10 24.28 -7.15 -1.04
N GLN B 11 23.62 -8.04 -0.28
CA GLN B 11 22.50 -8.80 -0.81
C GLN B 11 21.27 -7.92 -0.97
N PRO B 12 20.75 -7.80 -2.21
CA PRO B 12 19.56 -7.01 -2.50
C PRO B 12 18.38 -7.48 -1.63
N CYS B 13 17.88 -6.59 -0.81
CA CYS B 13 16.77 -6.93 0.08
C CYS B 13 15.91 -5.72 0.37
N CYS B 14 14.67 -5.98 0.77
CA CYS B 14 13.74 -4.91 1.10
C CYS B 14 13.05 -5.20 2.43
N ARG B 15 12.64 -4.14 3.10
CA ARG B 15 11.98 -4.24 4.39
C ARG B 15 10.49 -4.01 4.24
N ALA B 16 9.70 -5.01 4.62
CA ALA B 16 8.25 -4.90 4.54
C ALA B 16 7.75 -3.93 5.60
N LEU B 17 7.11 -2.86 5.15
CA LEU B 17 6.60 -1.85 6.07
C LEU B 17 5.12 -2.04 6.36
N TYR B 18 4.48 -2.93 5.62
CA TYR B 18 3.05 -3.18 5.80
C TYR B 18 2.73 -4.66 5.64
N ASP B 19 1.50 -5.02 6.01
CA ASP B 19 1.04 -6.40 5.92
C ASP B 19 0.58 -6.69 4.49
N PHE B 20 1.08 -7.77 3.91
CA PHE B 20 0.71 -8.12 2.55
C PHE B 20 0.21 -9.55 2.45
N GLU B 21 -1.06 -9.70 2.10
CA GLU B 21 -1.66 -11.01 1.94
C GLU B 21 -1.73 -11.36 0.46
N PRO B 22 -1.31 -12.59 0.10
CA PRO B 22 -1.31 -13.05 -1.29
C PRO B 22 -2.71 -13.42 -1.78
N GLU B 23 -3.55 -12.41 -2.00
CA GLU B 23 -4.92 -12.63 -2.48
C GLU B 23 -4.92 -13.14 -3.91
N ASN B 24 -3.81 -12.96 -4.62
CA ASN B 24 -3.68 -13.42 -6.00
C ASN B 24 -2.57 -14.45 -6.10
N GLU B 25 -2.62 -15.29 -7.12
CA GLU B 25 -1.60 -16.32 -7.31
C GLU B 25 -0.31 -15.70 -7.79
N GLY B 26 0.80 -16.10 -7.18
CA GLY B 26 2.09 -15.56 -7.57
C GLY B 26 2.54 -14.47 -6.64
N GLU B 27 1.60 -13.94 -5.85
CA GLU B 27 1.90 -12.89 -4.90
C GLU B 27 2.69 -13.44 -3.72
N LEU B 28 3.72 -12.72 -3.32
CA LEU B 28 4.55 -13.12 -2.20
C LEU B 28 4.02 -12.49 -0.91
N GLY B 29 3.44 -13.32 -0.06
CA GLY B 29 2.88 -12.84 1.18
C GLY B 29 3.93 -12.60 2.24
N PHE B 30 3.82 -11.48 2.94
CA PHE B 30 4.77 -11.13 3.99
C PHE B 30 4.08 -10.30 5.07
N LYS B 31 4.76 -10.15 6.20
CA LYS B 31 4.21 -9.38 7.31
C LYS B 31 5.05 -8.14 7.58
N GLU B 32 4.54 -7.23 8.40
CA GLU B 32 5.24 -6.01 8.74
C GLU B 32 6.53 -6.30 9.49
N GLY B 33 7.64 -5.81 8.97
CA GLY B 33 8.94 -6.02 9.59
C GLY B 33 9.68 -7.21 8.99
N ASP B 34 9.16 -7.71 7.88
CA ASP B 34 9.75 -8.86 7.19
C ASP B 34 10.81 -8.41 6.19
N ILE B 35 11.93 -9.11 6.16
CA ILE B 35 13.00 -8.80 5.21
C ILE B 35 12.89 -9.74 4.02
N ILE B 36 12.62 -9.17 2.86
CA ILE B 36 12.48 -9.95 1.65
C ILE B 36 13.74 -9.89 0.81
N THR B 37 14.06 -10.98 0.14
CA THR B 37 15.24 -11.05 -0.69
C THR B 37 14.92 -10.66 -2.12
N LEU B 38 15.19 -9.39 -2.45
CA LEU B 38 14.91 -8.87 -3.80
C LEU B 38 15.72 -9.64 -4.84
N THR B 39 15.03 -10.22 -5.81
CA THR B 39 15.69 -11.01 -6.85
C THR B 39 15.64 -10.31 -8.21
N ASN B 40 14.50 -9.74 -8.55
CA ASN B 40 14.34 -9.08 -9.86
C ASN B 40 13.18 -8.08 -9.82
N GLN B 41 12.81 -7.57 -10.99
CA GLN B 41 11.73 -6.62 -11.13
C GLN B 41 10.96 -6.92 -12.41
N ILE B 42 9.63 -7.02 -12.32
CA ILE B 42 8.83 -7.33 -13.50
C ILE B 42 8.54 -6.07 -14.31
N ASP B 43 7.82 -5.14 -13.71
CA ASP B 43 7.47 -3.91 -14.40
C ASP B 43 7.80 -2.69 -13.52
N GLU B 44 7.00 -1.65 -13.63
CA GLU B 44 7.23 -0.43 -12.87
C GLU B 44 6.50 -0.44 -11.52
N ASN B 45 5.82 -1.54 -11.21
CA ASN B 45 5.08 -1.61 -9.96
C ASN B 45 5.29 -2.94 -9.24
N TRP B 46 5.66 -3.98 -9.97
CA TRP B 46 5.89 -5.30 -9.38
C TRP B 46 7.37 -5.60 -9.16
N TYR B 47 7.71 -5.98 -7.94
CA TYR B 47 9.07 -6.35 -7.59
C TYR B 47 9.11 -7.84 -7.28
N GLU B 48 10.20 -8.50 -7.66
CA GLU B 48 10.33 -9.93 -7.41
C GLU B 48 11.26 -10.19 -6.22
N GLY B 49 10.93 -11.19 -5.42
CA GLY B 49 11.75 -11.51 -4.28
C GLY B 49 11.48 -12.88 -3.71
N MET B 50 12.36 -13.31 -2.81
CA MET B 50 12.24 -14.60 -2.15
C MET B 50 12.07 -14.40 -0.65
N LEU B 51 11.25 -15.24 -0.04
CA LEU B 51 11.00 -15.15 1.40
C LEU B 51 10.88 -16.54 2.00
N HIS B 52 11.92 -16.99 2.68
CA HIS B 52 11.95 -18.31 3.32
C HIS B 52 11.58 -19.40 2.33
N GLY B 53 12.35 -19.51 1.25
CA GLY B 53 12.09 -20.52 0.25
C GLY B 53 11.07 -20.08 -0.79
N GLN B 54 9.97 -19.54 -0.33
CA GLN B 54 8.90 -19.07 -1.22
C GLN B 54 9.39 -17.93 -2.11
N SER B 55 8.94 -17.92 -3.35
CA SER B 55 9.33 -16.88 -4.29
C SER B 55 8.11 -16.35 -5.02
N GLY B 56 8.07 -15.05 -5.24
CA GLY B 56 6.94 -14.46 -5.93
C GLY B 56 7.14 -12.98 -6.17
N PHE B 57 6.06 -12.29 -6.51
CA PHE B 57 6.14 -10.86 -6.77
C PHE B 57 5.26 -10.08 -5.81
N PHE B 58 5.65 -8.84 -5.57
CA PHE B 58 4.92 -7.94 -4.69
C PHE B 58 5.07 -6.51 -5.18
N PRO B 59 4.12 -5.62 -4.86
CA PRO B 59 4.17 -4.23 -5.31
C PRO B 59 5.31 -3.46 -4.63
N ILE B 60 5.98 -2.63 -5.43
CA ILE B 60 7.10 -1.83 -4.95
C ILE B 60 6.71 -0.91 -3.80
N ASN B 61 5.57 -0.24 -3.93
CA ASN B 61 5.10 0.69 -2.90
C ASN B 61 4.46 -0.03 -1.72
N TYR B 62 5.15 -1.04 -1.22
CA TYR B 62 4.70 -1.81 -0.06
C TYR B 62 5.89 -2.15 0.83
N VAL B 63 7.09 -1.96 0.29
CA VAL B 63 8.31 -2.27 1.01
C VAL B 63 9.32 -1.14 0.89
N GLU B 64 10.33 -1.18 1.75
CA GLU B 64 11.40 -0.19 1.75
C GLU B 64 12.67 -0.85 1.23
N ILE B 65 13.28 -0.26 0.22
CA ILE B 65 14.50 -0.82 -0.35
C ILE B 65 15.70 -0.55 0.54
N LEU B 66 16.32 -1.61 1.02
CA LEU B 66 17.49 -1.50 1.87
C LEU B 66 18.74 -1.52 1.00
N VAL B 67 18.77 -2.49 0.09
CA VAL B 67 19.88 -2.62 -0.85
C VAL B 67 19.31 -2.54 -2.26
N ALA B 68 19.66 -1.47 -2.96
CA ALA B 68 19.16 -1.26 -4.32
C ALA B 68 19.75 -2.25 -5.32
N LEU B 69 18.92 -2.63 -6.28
CA LEU B 69 19.32 -3.55 -7.34
C LEU B 69 19.95 -2.74 -8.48
N PRO B 70 21.11 -3.17 -8.99
CA PRO B 70 21.79 -2.48 -10.10
C PRO B 70 20.85 -2.25 -11.28
N HIS B 71 20.73 -1.00 -11.71
CA HIS B 71 19.85 -0.64 -12.81
C HIS B 71 20.40 0.57 -13.54
#